data_5WK1
#
_entry.id   5WK1
#
loop_
_entity.id
_entity.type
_entity.pdbx_description
1 polymer 'Capsid Stabilizing Protein'
2 polymer 'Major Capsid Protein'
#
loop_
_entity_poly.entity_id
_entity_poly.type
_entity_poly.pdbx_seq_one_letter_code
_entity_poly.pdbx_strand_id
1 'polypeptide(L)'
;MANSKNSIFVGGAGRVKQTIEGLAQSAFKPGQLLARAAGDAIDVTAKASTTYGNEFLICDDQPQTLGGGTDVAVTAGDTV
QAISVLPGQYVLLSFAATQNVTTKGAAVASNGDGNFKLGNPATEQTFAVTEEIINVTTAGTLVLCRAI
;
X,L,Y,M,S,Z,K
2 'polypeptide(L)'
;MSIHFDFKNKQGKELLALNRQWNELSGYRAHAFNESVNMLNNVGETFGVNGANAMQTNMQRVDEMYRLVDSTGTGEDRDW
GNQTLLGRLLSQAQTVSIGKKVIESRRYSEAGRINRSMSGQTDIDMDKTKSSYQKMVIPVFDGAYGRDFRDYEAMRSEML
PALAEDSEEIEFTLLDDVNDYLWNGDAKLKVDTAVWGGLKADASVAAYSLGADLTTATEAQVVAELLALLDVLRITNKKS
GPFELYISPQIMSNWQKLAGANTNGFMNIMAAVRALIPEFSVVEADSALQGNQVLCSVVGTRGLHAKIGMMMSSYQVPRV
MHNDPYQFVKWFAAGFQSNNSFSGLKSTVYGS
;
A,B,C,D,E,F,G
#
# COMPACT_ATOMS: atom_id res chain seq x y z
N MET A 1 30.43 -16.20 91.35
CA MET A 1 30.37 -16.88 90.06
C MET A 1 29.69 -16.01 89.02
N ALA A 2 30.46 -15.56 88.03
CA ALA A 2 29.91 -14.70 86.99
C ALA A 2 29.06 -15.47 86.00
N ASN A 3 29.25 -16.79 85.89
CA ASN A 3 28.43 -17.62 85.02
C ASN A 3 27.42 -18.39 85.88
N SER A 4 26.32 -17.73 86.18
CA SER A 4 25.27 -18.36 86.97
C SER A 4 24.54 -19.39 86.13
N LYS A 5 24.34 -20.58 86.68
CA LYS A 5 23.82 -21.71 85.94
C LYS A 5 22.53 -22.23 86.54
N ASN A 6 21.60 -21.33 86.85
CA ASN A 6 20.36 -21.70 87.54
C ASN A 6 19.15 -21.66 86.62
N SER A 7 19.31 -22.02 85.36
CA SER A 7 18.21 -22.20 84.42
C SER A 7 18.74 -23.05 83.27
N ILE A 8 18.06 -24.15 82.97
CA ILE A 8 18.64 -25.12 82.05
C ILE A 8 18.42 -24.73 80.59
N PHE A 9 17.53 -23.80 80.31
CA PHE A 9 17.28 -23.34 78.95
C PHE A 9 17.70 -21.88 78.85
N VAL A 10 18.92 -21.65 78.40
CA VAL A 10 19.44 -20.32 78.14
C VAL A 10 19.84 -20.31 76.67
N GLY A 11 18.92 -19.94 75.80
CA GLY A 11 19.18 -20.10 74.38
C GLY A 11 18.75 -18.96 73.50
N GLY A 12 18.78 -17.75 74.03
CA GLY A 12 18.39 -16.58 73.27
C GLY A 12 17.27 -15.82 73.95
N ALA A 13 17.09 -14.58 73.55
CA ALA A 13 16.08 -13.72 74.14
C ALA A 13 14.81 -13.66 73.33
N GLY A 14 14.71 -14.43 72.25
CA GLY A 14 13.51 -14.39 71.45
C GLY A 14 13.03 -15.78 71.07
N ARG A 15 13.78 -16.79 71.48
CA ARG A 15 13.47 -18.17 71.12
C ARG A 15 12.80 -18.85 72.30
N VAL A 16 11.58 -19.32 72.09
CA VAL A 16 10.83 -20.05 73.10
C VAL A 16 11.13 -21.53 72.94
N LYS A 17 10.88 -22.29 74.00
CA LYS A 17 11.22 -23.70 74.02
C LYS A 17 10.03 -24.56 73.63
N GLN A 18 10.33 -25.79 73.24
CA GLN A 18 9.31 -26.77 72.88
C GLN A 18 9.25 -27.83 73.97
N THR A 19 8.07 -27.99 74.56
CA THR A 19 7.89 -28.77 75.78
C THR A 19 7.18 -30.08 75.47
N ILE A 20 7.70 -31.18 76.02
CA ILE A 20 7.11 -32.50 75.88
C ILE A 20 6.80 -32.99 77.28
N GLU A 21 5.53 -32.99 77.65
CA GLU A 21 5.14 -33.50 78.97
C GLU A 21 5.10 -35.02 78.96
N GLY A 22 4.94 -35.59 80.15
CA GLY A 22 4.89 -37.03 80.28
C GLY A 22 5.09 -37.45 81.71
N LEU A 23 4.96 -38.75 81.95
CA LEU A 23 5.06 -39.31 83.28
C LEU A 23 6.50 -39.71 83.59
N ALA A 24 6.80 -39.85 84.87
CA ALA A 24 8.13 -40.22 85.32
C ALA A 24 8.22 -41.72 85.56
N GLN A 25 9.45 -42.22 85.63
CA GLN A 25 9.71 -43.58 86.03
C GLN A 25 10.77 -43.66 87.12
N SER A 26 11.69 -42.70 87.14
CA SER A 26 12.77 -42.68 88.11
C SER A 26 12.92 -41.27 88.65
N ALA A 27 14.00 -40.99 89.35
CA ALA A 27 14.30 -39.66 89.87
C ALA A 27 15.62 -39.21 89.24
N PHE A 28 15.53 -38.58 88.07
CA PHE A 28 16.71 -38.07 87.39
C PHE A 28 16.90 -36.59 87.70
N LYS A 29 18.08 -36.09 87.39
CA LYS A 29 18.42 -34.70 87.62
C LYS A 29 18.23 -33.90 86.34
N PRO A 30 17.90 -32.61 86.45
CA PRO A 30 17.65 -31.80 85.24
C PRO A 30 18.92 -31.59 84.43
N GLY A 31 18.79 -31.75 83.12
CA GLY A 31 19.91 -31.64 82.22
C GLY A 31 20.43 -32.95 81.69
N GLN A 32 19.69 -34.04 81.85
CA GLN A 32 20.12 -35.35 81.38
C GLN A 32 19.30 -35.75 80.16
N LEU A 33 19.83 -36.71 79.41
CA LEU A 33 19.19 -37.17 78.19
C LEU A 33 18.07 -38.15 78.53
N LEU A 34 16.91 -37.96 77.92
CA LEU A 34 15.75 -38.79 78.19
C LEU A 34 15.35 -39.59 76.95
N ALA A 35 14.37 -40.47 77.12
CA ALA A 35 13.81 -41.24 76.02
C ALA A 35 12.42 -41.71 76.43
N ARG A 36 11.43 -41.41 75.60
CA ARG A 36 10.06 -41.80 75.91
C ARG A 36 9.86 -43.30 75.67
N ALA A 37 8.99 -43.89 76.49
CA ALA A 37 8.77 -45.34 76.46
C ALA A 37 7.30 -45.64 76.28
N ALA A 38 6.93 -46.91 76.49
CA ALA A 38 5.55 -47.34 76.32
C ALA A 38 4.66 -46.74 77.40
N GLY A 39 3.36 -46.71 77.12
CA GLY A 39 2.47 -45.92 77.94
C GLY A 39 2.67 -44.46 77.59
N ASP A 40 2.83 -43.62 78.63
CA ASP A 40 3.16 -42.22 78.42
C ASP A 40 4.20 -41.77 79.45
N ALA A 41 5.22 -42.59 79.66
CA ALA A 41 6.18 -42.36 80.72
C ALA A 41 7.56 -42.06 80.14
N ILE A 42 8.29 -41.16 80.81
CA ILE A 42 9.65 -40.79 80.43
C ILE A 42 10.60 -41.25 81.52
N ASP A 43 11.82 -41.58 81.12
CA ASP A 43 12.89 -41.90 82.05
C ASP A 43 14.23 -41.61 81.37
N VAL A 44 15.31 -42.11 81.97
CA VAL A 44 16.63 -41.97 81.35
C VAL A 44 16.70 -42.88 80.14
N THR A 45 17.62 -42.59 79.23
CA THR A 45 17.63 -43.23 77.92
C THR A 45 18.06 -44.69 78.00
N ALA A 46 19.26 -44.94 78.51
CA ALA A 46 19.87 -46.28 78.62
C ALA A 46 19.92 -47.01 77.28
N LYS A 47 20.17 -46.26 76.22
CA LYS A 47 20.52 -46.85 74.93
C LYS A 47 22.02 -46.79 74.75
N ALA A 48 22.50 -47.39 73.66
CA ALA A 48 23.94 -47.40 73.41
C ALA A 48 24.40 -46.04 72.91
N SER A 49 25.71 -45.81 73.00
CA SER A 49 26.28 -44.56 72.53
C SER A 49 26.37 -44.52 71.01
N THR A 50 26.46 -45.67 70.36
CA THR A 50 26.66 -45.75 68.92
C THR A 50 25.34 -46.01 68.18
N THR A 51 24.25 -45.44 68.66
CA THR A 51 22.95 -45.60 68.02
C THR A 51 22.43 -44.24 67.59
N TYR A 52 22.03 -44.15 66.32
CA TYR A 52 21.56 -42.90 65.75
C TYR A 52 20.04 -42.79 65.86
N GLY A 53 19.50 -41.69 65.35
CA GLY A 53 18.07 -41.52 65.29
C GLY A 53 17.39 -41.13 66.57
N ASN A 54 18.13 -40.86 67.63
CA ASN A 54 17.53 -40.46 68.89
C ASN A 54 17.14 -38.99 68.85
N GLU A 55 16.06 -38.66 69.54
CA GLU A 55 15.60 -37.29 69.60
C GLU A 55 16.30 -36.55 70.73
N PHE A 56 16.61 -35.28 70.48
CA PHE A 56 17.24 -34.43 71.48
C PHE A 56 16.19 -34.06 72.53
N LEU A 57 16.13 -34.84 73.60
CA LEU A 57 15.12 -34.65 74.64
C LEU A 57 15.82 -34.60 75.99
N ILE A 58 15.94 -33.40 76.56
CA ILE A 58 16.59 -33.21 77.85
C ILE A 58 15.52 -32.86 78.88
N CYS A 59 15.89 -33.00 80.14
CA CYS A 59 14.97 -32.74 81.25
C CYS A 59 15.10 -31.29 81.68
N ASP A 60 14.04 -30.52 81.47
CA ASP A 60 13.97 -29.15 81.94
C ASP A 60 13.92 -29.14 83.47
N ASP A 61 14.41 -28.05 84.05
CA ASP A 61 14.22 -27.84 85.48
C ASP A 61 12.75 -27.64 85.78
N GLN A 62 12.32 -28.15 86.93
CA GLN A 62 10.94 -28.04 87.32
C GLN A 62 10.62 -26.61 87.72
N PRO A 63 9.33 -26.24 87.76
CA PRO A 63 8.97 -24.87 88.15
C PRO A 63 9.41 -24.48 89.56
N GLN A 64 9.55 -23.17 89.76
CA GLN A 64 9.95 -22.64 91.06
C GLN A 64 8.89 -22.90 92.11
N THR A 65 7.62 -22.93 91.72
CA THR A 65 6.52 -23.15 92.65
C THR A 65 6.19 -24.62 92.80
N LEU A 66 7.14 -25.52 92.54
CA LEU A 66 6.98 -26.94 92.83
C LEU A 66 8.24 -27.52 93.44
N GLY A 67 9.16 -26.68 93.91
CA GLY A 67 10.41 -27.17 94.45
C GLY A 67 11.34 -27.66 93.37
N GLY A 68 11.65 -26.80 92.40
CA GLY A 68 12.49 -27.18 91.28
C GLY A 68 13.68 -26.26 91.13
N GLY A 69 14.81 -26.86 90.81
CA GLY A 69 16.01 -26.09 90.54
C GLY A 69 16.87 -26.81 89.52
N THR A 70 18.11 -26.40 89.40
CA THR A 70 19.05 -27.05 88.49
C THR A 70 19.81 -28.19 89.16
N ASP A 71 19.55 -28.46 90.43
CA ASP A 71 20.16 -29.59 91.12
C ASP A 71 19.15 -30.43 91.89
N VAL A 72 17.92 -29.96 92.04
CA VAL A 72 16.88 -30.73 92.71
C VAL A 72 16.36 -31.80 91.77
N ALA A 73 16.43 -33.05 92.20
CA ALA A 73 15.94 -34.15 91.37
C ALA A 73 14.42 -34.14 91.35
N VAL A 74 13.85 -34.77 90.32
CA VAL A 74 12.41 -34.80 90.15
C VAL A 74 11.81 -35.87 91.06
N THR A 75 10.52 -35.73 91.35
CA THR A 75 9.82 -36.72 92.13
C THR A 75 9.23 -37.78 91.21
N ALA A 76 9.40 -39.04 91.60
CA ALA A 76 9.05 -40.16 90.73
C ALA A 76 7.54 -40.32 90.60
N GLY A 77 7.11 -40.84 89.46
CA GLY A 77 5.70 -41.13 89.24
C GLY A 77 4.82 -39.92 89.03
N ASP A 78 5.37 -38.82 88.55
CA ASP A 78 4.62 -37.57 88.40
C ASP A 78 4.86 -37.02 86.99
N THR A 79 4.35 -35.81 86.76
CA THR A 79 4.49 -35.14 85.48
C THR A 79 5.83 -34.42 85.41
N VAL A 80 6.71 -34.89 84.55
CA VAL A 80 8.00 -34.27 84.33
C VAL A 80 7.92 -33.43 83.07
N GLN A 81 8.17 -32.13 83.20
CA GLN A 81 8.16 -31.21 82.08
C GLN A 81 9.54 -31.19 81.45
N ALA A 82 9.62 -31.61 80.18
CA ALA A 82 10.89 -31.77 79.50
C ALA A 82 11.01 -30.76 78.36
N ILE A 83 12.10 -30.87 77.60
CA ILE A 83 12.41 -29.93 76.53
C ILE A 83 12.89 -30.72 75.32
N SER A 84 12.26 -30.49 74.17
CA SER A 84 12.78 -30.92 72.88
C SER A 84 13.55 -29.76 72.27
N VAL A 85 14.80 -30.00 71.91
CA VAL A 85 15.72 -28.93 71.54
C VAL A 85 15.73 -28.78 70.03
N LEU A 86 15.36 -27.60 69.56
CA LEU A 86 15.49 -27.29 68.14
C LEU A 86 16.94 -27.00 67.80
N PRO A 87 17.35 -27.25 66.55
CA PRO A 87 18.72 -26.89 66.16
C PRO A 87 18.90 -25.38 66.12
N GLY A 88 19.94 -24.91 66.79
CA GLY A 88 20.22 -23.50 66.85
C GLY A 88 19.90 -22.83 68.17
N GLN A 89 19.85 -23.59 69.27
CA GLN A 89 19.61 -23.06 70.59
C GLN A 89 20.72 -23.50 71.53
N TYR A 90 20.96 -22.72 72.57
CA TYR A 90 21.93 -23.08 73.59
C TYR A 90 21.20 -23.68 74.78
N VAL A 91 21.71 -24.78 75.30
CA VAL A 91 21.14 -25.44 76.47
C VAL A 91 22.27 -25.90 77.38
N LEU A 92 21.98 -25.98 78.67
CA LEU A 92 22.94 -26.48 79.65
C LEU A 92 22.80 -27.99 79.74
N LEU A 93 23.80 -28.71 79.27
CA LEU A 93 23.80 -30.17 79.34
C LEU A 93 24.41 -30.62 80.66
N SER A 94 24.71 -31.91 80.78
CA SER A 94 25.36 -32.45 81.96
C SER A 94 26.35 -33.53 81.53
N PHE A 95 27.63 -33.27 81.72
CA PHE A 95 28.67 -34.16 81.23
C PHE A 95 29.02 -35.22 82.25
N ALA A 96 29.80 -36.20 81.80
CA ALA A 96 30.33 -37.26 82.65
C ALA A 96 31.66 -36.79 83.24
N ALA A 97 32.42 -37.71 83.83
CA ALA A 97 33.65 -37.36 84.50
C ALA A 97 34.87 -37.55 83.60
N THR A 98 35.95 -36.86 83.97
CA THR A 98 37.29 -36.97 83.38
C THR A 98 37.30 -36.67 81.88
N GLN A 99 36.93 -35.44 81.55
CA GLN A 99 37.08 -34.93 80.20
C GLN A 99 37.13 -33.41 80.26
N ASN A 100 38.08 -32.82 79.54
CA ASN A 100 38.24 -31.37 79.51
C ASN A 100 37.83 -30.83 78.16
N VAL A 101 37.16 -29.68 78.18
CA VAL A 101 36.70 -29.01 76.97
C VAL A 101 37.68 -27.88 76.69
N THR A 102 38.48 -28.04 75.63
CA THR A 102 39.51 -27.07 75.30
C THR A 102 39.04 -26.05 74.28
N THR A 103 38.50 -26.51 73.15
CA THR A 103 38.13 -25.63 72.06
C THR A 103 36.62 -25.50 71.98
N LYS A 104 36.15 -24.28 71.69
CA LYS A 104 34.73 -24.04 71.48
C LYS A 104 34.35 -24.59 70.11
N GLY A 105 33.62 -25.71 70.10
CA GLY A 105 33.18 -26.25 68.83
C GLY A 105 33.37 -27.73 68.63
N ALA A 106 33.70 -28.44 69.71
CA ALA A 106 33.86 -29.88 69.61
C ALA A 106 32.50 -30.57 69.52
N ALA A 107 32.52 -31.84 69.15
CA ALA A 107 31.29 -32.61 68.99
C ALA A 107 30.86 -33.20 70.33
N VAL A 108 29.56 -33.16 70.59
CA VAL A 108 28.99 -33.61 71.85
C VAL A 108 28.19 -34.86 71.57
N ALA A 109 28.71 -36.01 71.97
CA ALA A 109 28.01 -37.28 71.82
C ALA A 109 27.16 -37.53 73.06
N SER A 110 26.63 -38.74 73.20
CA SER A 110 25.80 -39.10 74.33
C SER A 110 26.34 -40.37 74.97
N ASN A 111 26.62 -40.31 76.26
CA ASN A 111 27.01 -41.49 77.00
C ASN A 111 25.77 -42.36 77.27
N GLY A 112 26.01 -43.62 77.62
CA GLY A 112 24.91 -44.53 77.83
C GLY A 112 24.14 -44.35 79.12
N ASP A 113 24.67 -43.56 80.05
CA ASP A 113 24.06 -43.42 81.37
C ASP A 113 23.11 -42.24 81.46
N GLY A 114 22.92 -41.49 80.38
CA GLY A 114 22.09 -40.31 80.42
C GLY A 114 22.86 -39.00 80.50
N ASN A 115 24.19 -39.06 80.48
CA ASN A 115 25.03 -37.87 80.43
C ASN A 115 25.68 -37.77 79.07
N PHE A 116 26.44 -36.69 78.86
CA PHE A 116 27.08 -36.43 77.58
C PHE A 116 28.58 -36.53 77.71
N LYS A 117 29.25 -36.66 76.56
CA LYS A 117 30.70 -36.80 76.53
C LYS A 117 31.21 -36.31 75.19
N LEU A 118 32.52 -36.04 75.14
CA LEU A 118 33.17 -35.66 73.90
C LEU A 118 33.62 -36.93 73.17
N GLY A 119 32.89 -37.30 72.13
CA GLY A 119 33.19 -38.50 71.38
C GLY A 119 33.64 -38.17 69.96
N ASN A 120 34.16 -39.19 69.29
CA ASN A 120 34.58 -39.01 67.91
C ASN A 120 33.35 -38.99 67.00
N PRO A 121 33.16 -37.95 66.19
CA PRO A 121 31.96 -37.85 65.36
C PRO A 121 32.04 -38.69 64.09
N ALA A 122 32.28 -39.98 64.24
CA ALA A 122 32.27 -40.91 63.13
C ALA A 122 31.54 -42.20 63.45
N THR A 123 31.23 -42.47 64.72
CA THR A 123 30.54 -43.68 65.11
C THR A 123 29.39 -43.42 66.09
N GLU A 124 29.10 -42.16 66.41
CA GLU A 124 28.03 -41.83 67.33
C GLU A 124 27.28 -40.61 66.82
N GLN A 125 26.05 -40.45 67.30
CA GLN A 125 25.21 -39.35 66.87
C GLN A 125 25.63 -38.07 67.57
N THR A 126 25.94 -37.04 66.79
CA THR A 126 26.35 -35.75 67.33
C THR A 126 25.13 -34.93 67.66
N PHE A 127 24.95 -34.60 68.93
CA PHE A 127 23.79 -33.84 69.37
C PHE A 127 24.06 -32.34 69.30
N ALA A 128 25.13 -31.88 69.94
CA ALA A 128 25.32 -30.46 70.15
C ALA A 128 26.79 -30.11 69.94
N VAL A 129 27.14 -28.88 70.28
CA VAL A 129 28.49 -28.35 70.07
C VAL A 129 28.83 -27.48 71.27
N THR A 130 30.04 -27.65 71.81
CA THR A 130 30.45 -26.99 73.04
C THR A 130 30.57 -25.49 72.86
N GLU A 131 30.32 -24.75 73.95
CA GLU A 131 30.35 -23.29 73.90
C GLU A 131 31.00 -22.68 75.13
N GLU A 132 31.74 -23.47 75.92
CA GLU A 132 32.36 -22.97 77.14
C GLU A 132 33.62 -23.78 77.39
N ILE A 133 34.70 -23.09 77.76
CA ILE A 133 35.99 -23.73 77.99
C ILE A 133 36.13 -23.92 79.49
N ILE A 134 35.75 -25.11 79.98
CA ILE A 134 35.95 -25.50 81.37
C ILE A 134 36.40 -26.95 81.40
N ASN A 135 36.90 -27.36 82.56
CA ASN A 135 37.32 -28.74 82.81
C ASN A 135 36.50 -29.29 83.95
N VAL A 136 35.87 -30.45 83.73
CA VAL A 136 35.00 -31.06 84.71
C VAL A 136 35.63 -32.35 85.23
N THR A 137 35.35 -32.65 86.50
CA THR A 137 35.87 -33.86 87.13
C THR A 137 34.79 -34.66 87.85
N THR A 138 33.72 -34.01 88.32
CA THR A 138 32.62 -34.69 88.96
C THR A 138 31.47 -34.83 87.98
N ALA A 139 30.91 -36.03 87.90
CA ALA A 139 29.85 -36.32 86.94
C ALA A 139 28.56 -35.62 87.36
N GLY A 140 28.08 -34.71 86.52
CA GLY A 140 26.86 -33.99 86.83
C GLY A 140 27.04 -32.48 86.83
N THR A 141 28.04 -32.00 86.09
CA THR A 141 28.29 -30.58 86.00
C THR A 141 27.67 -30.01 84.73
N LEU A 142 27.17 -28.78 84.83
CA LEU A 142 26.43 -28.15 83.75
C LEU A 142 27.39 -27.38 82.83
N VAL A 143 27.40 -27.74 81.55
CA VAL A 143 28.27 -27.13 80.55
C VAL A 143 27.38 -26.58 79.44
N LEU A 144 27.62 -25.32 79.05
CA LEU A 144 26.84 -24.70 78.01
C LEU A 144 27.18 -25.28 76.64
N CYS A 145 26.16 -25.59 75.84
CA CYS A 145 26.35 -26.16 74.52
C CYS A 145 25.28 -25.66 73.57
N ARG A 146 25.65 -25.46 72.31
CA ARG A 146 24.71 -25.07 71.26
C ARG A 146 24.27 -26.30 70.49
N ALA A 147 22.97 -26.40 70.23
CA ALA A 147 22.35 -27.66 69.83
C ALA A 147 22.53 -28.00 68.35
N ILE A 148 23.21 -27.16 67.58
CA ILE A 148 23.37 -27.46 66.16
C ILE A 148 24.42 -28.54 65.96
N MET B 1 -12.29 -24.51 6.89
CA MET B 1 -12.91 -25.76 6.52
C MET B 1 -14.38 -25.56 6.16
N ALA B 2 -14.70 -25.73 4.88
CA ALA B 2 -16.08 -25.55 4.43
C ALA B 2 -16.97 -26.71 4.83
N ASN B 3 -16.40 -27.88 5.12
CA ASN B 3 -17.17 -29.03 5.58
C ASN B 3 -16.96 -29.18 7.08
N SER B 4 -17.74 -28.42 7.85
CA SER B 4 -17.66 -28.50 9.30
C SER B 4 -18.27 -29.80 9.79
N LYS B 5 -17.57 -30.50 10.67
CA LYS B 5 -17.95 -31.84 11.09
C LYS B 5 -18.18 -31.90 12.59
N ASN B 6 -18.94 -30.96 13.13
CA ASN B 6 -19.14 -30.86 14.57
C ASN B 6 -20.54 -31.27 15.00
N SER B 7 -21.12 -32.26 14.33
CA SER B 7 -22.38 -32.88 14.73
C SER B 7 -22.47 -34.23 14.03
N ILE B 8 -22.65 -35.30 14.80
CA ILE B 8 -22.51 -36.63 14.22
C ILE B 8 -23.75 -37.08 13.47
N PHE B 9 -24.89 -36.41 13.66
CA PHE B 9 -26.12 -36.75 12.95
C PHE B 9 -26.49 -35.58 12.04
N VAL B 10 -26.08 -35.67 10.79
CA VAL B 10 -26.42 -34.70 9.76
C VAL B 10 -27.13 -35.49 8.68
N GLY B 11 -28.45 -35.62 8.77
CA GLY B 11 -29.15 -36.52 7.89
C GLY B 11 -30.45 -36.01 7.32
N GLY B 12 -30.56 -34.71 7.13
CA GLY B 12 -31.76 -34.12 6.59
C GLY B 12 -32.34 -33.08 7.54
N ALA B 13 -33.21 -32.25 6.99
CA ALA B 13 -33.81 -31.16 7.77
C ALA B 13 -35.19 -31.50 8.28
N GLY B 14 -35.66 -32.74 8.07
CA GLY B 14 -36.98 -33.10 8.54
C GLY B 14 -36.99 -34.45 9.22
N ARG B 15 -35.83 -35.11 9.23
CA ARG B 15 -35.72 -36.45 9.79
C ARG B 15 -35.12 -36.38 11.18
N VAL B 16 -35.88 -36.85 12.16
CA VAL B 16 -35.40 -36.90 13.54
C VAL B 16 -34.74 -38.25 13.77
N LYS B 17 -33.91 -38.30 14.81
CA LYS B 17 -33.12 -39.49 15.08
C LYS B 17 -33.82 -40.39 16.09
N GLN B 18 -33.39 -41.65 16.11
CA GLN B 18 -33.90 -42.63 17.06
C GLN B 18 -32.81 -42.95 18.07
N THR B 19 -33.13 -42.72 19.34
CA THR B 19 -32.14 -42.72 20.42
C THR B 19 -32.28 -43.98 21.28
N ILE B 20 -31.16 -44.62 21.57
CA ILE B 20 -31.11 -45.79 22.43
C ILE B 20 -30.20 -45.45 23.61
N GLU B 21 -30.79 -45.19 24.77
CA GLU B 21 -29.98 -44.91 25.94
C GLU B 21 -29.41 -46.20 26.54
N GLY B 22 -28.51 -46.05 27.49
CA GLY B 22 -27.89 -47.18 28.13
C GLY B 22 -26.65 -46.77 28.90
N LEU B 23 -26.08 -47.74 29.60
CA LEU B 23 -24.92 -47.49 30.44
C LEU B 23 -23.63 -47.72 29.65
N ALA B 24 -22.55 -47.16 30.17
CA ALA B 24 -21.25 -47.28 29.52
C ALA B 24 -20.44 -48.42 30.13
N GLN B 25 -19.41 -48.83 29.40
CA GLN B 25 -18.44 -49.79 29.93
C GLN B 25 -17.01 -49.30 29.72
N SER B 26 -16.79 -48.52 28.68
CA SER B 26 -15.46 -48.00 28.37
C SER B 26 -15.57 -46.53 28.02
N ALA B 27 -14.51 -45.96 27.47
CA ALA B 27 -14.50 -44.57 27.02
C ALA B 27 -14.23 -44.55 25.53
N PHE B 28 -15.30 -44.66 24.74
CA PHE B 28 -15.18 -44.63 23.29
C PHE B 28 -15.45 -43.22 22.77
N LYS B 29 -15.08 -43.00 21.53
CA LYS B 29 -15.25 -41.72 20.87
C LYS B 29 -16.52 -41.72 20.03
N PRO B 30 -17.18 -40.57 19.88
CA PRO B 30 -18.44 -40.52 19.12
C PRO B 30 -18.23 -40.82 17.65
N GLY B 31 -19.11 -41.65 17.12
CA GLY B 31 -19.03 -42.07 15.73
C GLY B 31 -18.52 -43.49 15.54
N GLN B 32 -18.47 -44.29 16.59
CA GLN B 32 -17.99 -45.67 16.49
C GLN B 32 -19.16 -46.64 16.62
N LEU B 33 -18.93 -47.87 16.16
CA LEU B 33 -19.97 -48.88 16.18
C LEU B 33 -20.09 -49.49 17.56
N LEU B 34 -21.31 -49.62 18.06
CA LEU B 34 -21.55 -50.14 19.39
C LEU B 34 -22.31 -51.46 19.31
N ALA B 35 -22.50 -52.07 20.48
CA ALA B 35 -23.27 -53.30 20.61
C ALA B 35 -23.71 -53.43 22.06
N ARG B 36 -25.01 -53.60 22.27
CA ARG B 36 -25.54 -53.72 23.62
C ARG B 36 -25.24 -55.09 24.20
N ALA B 37 -25.03 -55.14 25.51
CA ALA B 37 -24.63 -56.35 26.19
C ALA B 37 -25.59 -56.66 27.34
N ALA B 38 -25.20 -57.61 28.19
CA ALA B 38 -26.03 -58.03 29.31
C ALA B 38 -26.13 -56.90 30.34
N GLY B 39 -27.16 -56.99 31.17
CA GLY B 39 -27.50 -55.86 32.00
C GLY B 39 -28.18 -54.81 31.13
N ASP B 40 -27.73 -53.57 31.24
CA ASP B 40 -28.19 -52.50 30.37
C ASP B 40 -27.03 -51.60 29.97
N ALA B 41 -25.91 -52.21 29.60
CA ALA B 41 -24.68 -51.48 29.33
C ALA B 41 -24.29 -51.58 27.87
N ILE B 42 -23.73 -50.50 27.34
CA ILE B 42 -23.24 -50.43 25.97
C ILE B 42 -21.74 -50.26 25.99
N ASP B 43 -21.08 -50.79 24.97
CA ASP B 43 -19.65 -50.60 24.76
C ASP B 43 -19.35 -50.76 23.28
N VAL B 44 -18.07 -50.90 22.95
CA VAL B 44 -17.67 -51.15 21.58
C VAL B 44 -18.07 -52.58 21.21
N THR B 45 -18.18 -52.84 19.91
CA THR B 45 -18.77 -54.09 19.44
C THR B 45 -17.88 -55.29 19.71
N ALA B 46 -16.66 -55.27 19.14
CA ALA B 46 -15.68 -56.36 19.23
C ALA B 46 -16.24 -57.69 18.75
N LYS B 47 -17.06 -57.64 17.71
CA LYS B 47 -17.46 -58.83 16.98
C LYS B 47 -16.62 -58.94 15.70
N ALA B 48 -16.80 -60.03 14.98
CA ALA B 48 -16.03 -60.23 13.76
C ALA B 48 -16.59 -59.36 12.64
N SER B 49 -15.77 -59.17 11.60
CA SER B 49 -16.20 -58.38 10.47
C SER B 49 -17.15 -59.15 9.57
N THR B 50 -17.07 -60.49 9.58
CA THR B 50 -17.86 -61.33 8.70
C THR B 50 -19.08 -61.91 9.39
N THR B 51 -19.71 -61.14 10.27
CA THR B 51 -20.90 -61.57 10.99
C THR B 51 -22.05 -60.63 10.66
N TYR B 52 -23.18 -61.21 10.25
CA TYR B 52 -24.35 -60.45 9.84
C TYR B 52 -25.30 -60.26 11.03
N GLY B 53 -26.41 -59.58 10.76
CA GLY B 53 -27.45 -59.43 11.75
C GLY B 53 -27.20 -58.39 12.81
N ASN B 54 -26.12 -57.61 12.70
CA ASN B 54 -25.85 -56.59 13.69
C ASN B 54 -26.69 -55.36 13.43
N GLU B 55 -27.08 -54.67 14.50
CA GLU B 55 -27.87 -53.47 14.38
C GLU B 55 -26.97 -52.26 14.17
N PHE B 56 -27.42 -51.33 13.34
CA PHE B 56 -26.69 -50.10 13.08
C PHE B 56 -26.84 -49.20 14.30
N LEU B 57 -25.86 -49.27 15.20
CA LEU B 57 -25.91 -48.53 16.46
C LEU B 57 -24.59 -47.77 16.62
N ILE B 58 -24.61 -46.47 16.40
CA ILE B 58 -23.42 -45.65 16.53
C ILE B 58 -23.57 -44.75 17.75
N CYS B 59 -22.45 -44.21 18.20
CA CYS B 59 -22.42 -43.37 19.38
C CYS B 59 -22.62 -41.92 18.98
N ASP B 60 -23.75 -41.35 19.40
CA ASP B 60 -24.02 -39.93 19.21
C ASP B 60 -23.05 -39.10 20.04
N ASP B 61 -22.78 -37.88 19.58
CA ASP B 61 -22.05 -36.94 20.40
C ASP B 61 -22.88 -36.57 21.62
N GLN B 62 -22.21 -36.36 22.74
CA GLN B 62 -22.88 -36.02 23.97
C GLN B 62 -23.39 -34.58 23.90
N PRO B 63 -24.35 -34.21 24.76
CA PRO B 63 -24.86 -32.84 24.74
C PRO B 63 -23.80 -31.78 25.01
N GLN B 64 -24.10 -30.56 24.54
CA GLN B 64 -23.20 -29.43 24.73
C GLN B 64 -23.08 -29.05 26.20
N THR B 65 -24.15 -29.23 26.96
CA THR B 65 -24.17 -28.89 28.37
C THR B 65 -23.70 -30.05 29.26
N LEU B 66 -22.91 -30.97 28.72
CA LEU B 66 -22.27 -32.00 29.51
C LEU B 66 -20.83 -32.21 29.10
N GLY B 67 -20.26 -31.29 28.34
CA GLY B 67 -18.91 -31.44 27.84
C GLY B 67 -18.82 -32.47 26.74
N GLY B 68 -19.59 -32.28 25.68
CA GLY B 68 -19.63 -33.22 24.59
C GLY B 68 -19.32 -32.57 23.26
N GLY B 69 -18.56 -33.28 22.43
CA GLY B 69 -18.26 -32.81 21.09
C GLY B 69 -18.10 -33.99 20.17
N THR B 70 -17.53 -33.74 19.00
CA THR B 70 -17.27 -34.82 18.05
C THR B 70 -15.90 -35.45 18.24
N ASP B 71 -15.12 -34.98 19.21
CA ASP B 71 -13.84 -35.59 19.53
C ASP B 71 -13.65 -35.85 21.02
N VAL B 72 -14.54 -35.34 21.87
CA VAL B 72 -14.46 -35.58 23.30
C VAL B 72 -15.00 -36.97 23.59
N ALA B 73 -14.18 -37.81 24.21
CA ALA B 73 -14.62 -39.16 24.55
C ALA B 73 -15.62 -39.12 25.70
N VAL B 74 -16.41 -40.18 25.81
CA VAL B 74 -17.44 -40.25 26.84
C VAL B 74 -16.81 -40.65 28.17
N THR B 75 -17.51 -40.34 29.25
CA THR B 75 -17.06 -40.73 30.58
C THR B 75 -17.62 -42.09 30.92
N ALA B 76 -16.78 -42.96 31.47
CA ALA B 76 -17.14 -44.36 31.67
C ALA B 76 -18.13 -44.51 32.82
N GLY B 77 -18.95 -45.54 32.73
CA GLY B 77 -19.89 -45.87 33.79
C GLY B 77 -21.07 -44.92 33.92
N ASP B 78 -21.46 -44.27 32.83
CA ASP B 78 -22.53 -43.28 32.86
C ASP B 78 -23.51 -43.57 31.72
N THR B 79 -24.46 -42.66 31.55
CA THR B 79 -25.48 -42.79 30.52
C THR B 79 -24.95 -42.26 29.20
N VAL B 80 -24.76 -43.15 28.24
CA VAL B 80 -24.32 -42.78 26.90
C VAL B 80 -25.53 -42.74 25.99
N GLN B 81 -25.77 -41.59 25.39
CA GLN B 81 -26.88 -41.40 24.47
C GLN B 81 -26.41 -41.78 23.06
N ALA B 82 -27.02 -42.81 22.48
CA ALA B 82 -26.59 -43.36 21.21
C ALA B 82 -27.65 -43.11 20.14
N ILE B 83 -27.40 -43.65 18.94
CA ILE B 83 -28.27 -43.45 17.79
C ILE B 83 -28.45 -44.78 17.06
N SER B 84 -29.69 -45.18 16.86
CA SER B 84 -30.03 -46.24 15.93
C SER B 84 -30.39 -45.61 14.59
N VAL B 85 -29.72 -46.05 13.54
CA VAL B 85 -29.79 -45.38 12.24
C VAL B 85 -30.83 -46.06 11.38
N LEU B 86 -31.85 -45.31 10.97
CA LEU B 86 -32.81 -45.81 10.02
C LEU B 86 -32.20 -45.80 8.62
N PRO B 87 -32.66 -46.68 7.73
CA PRO B 87 -32.17 -46.64 6.35
C PRO B 87 -32.68 -45.41 5.63
N GLY B 88 -31.75 -44.67 5.03
CA GLY B 88 -32.08 -43.45 4.31
C GLY B 88 -31.68 -42.18 5.02
N GLN B 89 -30.70 -42.24 5.92
CA GLN B 89 -30.20 -41.06 6.62
C GLN B 89 -28.70 -40.98 6.44
N TYR B 90 -28.16 -39.76 6.51
CA TYR B 90 -26.73 -39.55 6.46
C TYR B 90 -26.18 -39.39 7.86
N VAL B 91 -25.08 -40.06 8.15
CA VAL B 91 -24.42 -39.97 9.46
C VAL B 91 -22.92 -39.91 9.25
N LEU B 92 -22.23 -39.27 10.19
CA LEU B 92 -20.78 -39.20 10.16
C LEU B 92 -20.21 -40.42 10.87
N LEU B 93 -19.59 -41.31 10.12
CA LEU B 93 -18.98 -42.50 10.70
C LEU B 93 -17.54 -42.20 11.10
N SER B 94 -16.76 -43.24 11.40
CA SER B 94 -15.35 -43.07 11.74
C SER B 94 -14.58 -44.25 11.16
N PHE B 95 -13.73 -43.98 10.18
CA PHE B 95 -13.03 -45.02 9.45
C PHE B 95 -11.71 -45.38 10.12
N ALA B 96 -11.13 -46.47 9.64
CA ALA B 96 -9.82 -46.92 10.08
C ALA B 96 -8.75 -46.26 9.21
N ALA B 97 -7.52 -46.75 9.28
CA ALA B 97 -6.41 -46.13 8.57
C ALA B 97 -6.14 -46.81 7.23
N THR B 98 -5.48 -46.06 6.35
CA THR B 98 -4.94 -46.51 5.06
C THR B 98 -6.04 -47.07 4.15
N GLN B 99 -6.98 -46.19 3.80
CA GLN B 99 -7.98 -46.48 2.77
C GLN B 99 -8.49 -45.17 2.21
N ASN B 100 -8.59 -45.09 0.88
CA ASN B 100 -9.06 -43.90 0.22
C ASN B 100 -10.43 -44.15 -0.39
N VAL B 101 -11.30 -43.15 -0.29
CA VAL B 101 -12.65 -43.20 -0.84
C VAL B 101 -12.64 -42.44 -2.15
N THR B 102 -12.75 -43.17 -3.26
CA THR B 102 -12.69 -42.56 -4.58
C THR B 102 -14.06 -42.24 -5.15
N THR B 103 -14.96 -43.21 -5.16
CA THR B 103 -16.27 -43.04 -5.78
C THR B 103 -17.34 -42.92 -4.71
N LYS B 104 -18.31 -42.04 -4.96
CA LYS B 104 -19.47 -41.90 -4.08
C LYS B 104 -20.40 -43.09 -4.31
N GLY B 105 -20.43 -44.02 -3.36
CA GLY B 105 -21.34 -45.13 -3.50
C GLY B 105 -20.76 -46.49 -3.20
N ALA B 106 -19.56 -46.54 -2.62
CA ALA B 106 -18.96 -47.81 -2.27
C ALA B 106 -19.63 -48.39 -1.02
N ALA B 107 -19.36 -49.66 -0.77
CA ALA B 107 -19.95 -50.35 0.37
C ALA B 107 -19.13 -50.12 1.62
N VAL B 108 -19.82 -49.90 2.74
CA VAL B 108 -19.18 -49.59 4.01
C VAL B 108 -19.40 -50.78 4.94
N ALA B 109 -18.34 -51.55 5.17
CA ALA B 109 -18.40 -52.67 6.09
C ALA B 109 -18.03 -52.19 7.49
N SER B 110 -17.82 -53.12 8.41
CA SER B 110 -17.47 -52.79 9.78
C SER B 110 -16.21 -53.53 10.19
N ASN B 111 -15.20 -52.80 10.63
CA ASN B 111 -14.00 -53.41 11.17
C ASN B 111 -14.28 -53.95 12.56
N GLY B 112 -13.41 -54.85 13.03
CA GLY B 112 -13.62 -55.48 14.32
C GLY B 112 -13.35 -54.60 15.52
N ASP B 113 -12.70 -53.46 15.33
CA ASP B 113 -12.29 -52.61 16.44
C ASP B 113 -13.31 -51.53 16.78
N GLY B 114 -14.43 -51.47 16.08
CA GLY B 114 -15.41 -50.43 16.29
C GLY B 114 -15.36 -49.31 15.27
N ASN B 115 -14.50 -49.41 14.27
CA ASN B 115 -14.45 -48.46 13.17
C ASN B 115 -14.96 -49.13 11.90
N PHE B 116 -15.03 -48.35 10.83
CA PHE B 116 -15.56 -48.83 9.56
C PHE B 116 -14.46 -48.90 8.51
N LYS B 117 -14.73 -49.65 7.45
CA LYS B 117 -13.76 -49.83 6.37
C LYS B 117 -14.50 -50.15 5.08
N LEU B 118 -13.80 -50.00 3.97
CA LEU B 118 -14.34 -50.36 2.66
C LEU B 118 -14.02 -51.83 2.41
N GLY B 119 -15.04 -52.68 2.53
CA GLY B 119 -14.87 -54.10 2.35
C GLY B 119 -15.64 -54.60 1.14
N ASN B 120 -15.34 -55.84 0.76
CA ASN B 120 -16.04 -56.44 -0.36
C ASN B 120 -17.44 -56.87 0.08
N PRO B 121 -18.49 -56.43 -0.59
CA PRO B 121 -19.86 -56.74 -0.14
C PRO B 121 -20.31 -58.14 -0.59
N ALA B 122 -19.55 -59.15 -0.21
CA ALA B 122 -19.92 -60.53 -0.44
C ALA B 122 -19.68 -61.43 0.75
N THR B 123 -18.94 -60.96 1.76
CA THR B 123 -18.66 -61.75 2.94
C THR B 123 -18.87 -60.96 4.24
N GLU B 124 -19.31 -59.72 4.17
CA GLU B 124 -19.55 -58.91 5.37
C GLU B 124 -20.84 -58.14 5.21
N GLN B 125 -21.39 -57.71 6.35
CA GLN B 125 -22.65 -56.98 6.35
C GLN B 125 -22.42 -55.54 5.93
N THR B 126 -23.13 -55.10 4.91
CA THR B 126 -23.00 -53.74 4.41
C THR B 126 -23.91 -52.82 5.21
N PHE B 127 -23.32 -51.86 5.91
CA PHE B 127 -24.08 -50.94 6.74
C PHE B 127 -24.54 -49.72 5.96
N ALA B 128 -23.61 -49.03 5.31
CA ALA B 128 -23.90 -47.72 4.75
C ALA B 128 -23.22 -47.59 3.39
N VAL B 129 -23.25 -46.37 2.85
CA VAL B 129 -22.74 -46.09 1.51
C VAL B 129 -22.06 -44.72 1.57
N THR B 130 -20.86 -44.62 1.01
CA THR B 130 -20.05 -43.41 1.10
C THR B 130 -20.69 -42.24 0.36
N GLU B 131 -20.41 -41.04 0.85
CA GLU B 131 -20.99 -39.83 0.27
C GLU B 131 -20.01 -38.68 0.21
N GLU B 132 -18.71 -38.94 0.36
CA GLU B 132 -17.70 -37.89 0.34
C GLU B 132 -16.41 -38.48 -0.18
N ILE B 133 -15.74 -37.74 -1.06
CA ILE B 133 -14.50 -38.20 -1.69
C ILE B 133 -13.36 -37.56 -0.92
N ILE B 134 -12.83 -38.28 0.07
CA ILE B 134 -11.62 -37.87 0.80
C ILE B 134 -10.74 -39.10 1.00
N ASN B 135 -9.50 -38.84 1.39
CA ASN B 135 -8.53 -39.88 1.70
C ASN B 135 -8.09 -39.71 3.15
N VAL B 136 -8.18 -40.78 3.93
CA VAL B 136 -7.87 -40.74 5.35
C VAL B 136 -6.63 -41.57 5.60
N THR B 137 -5.85 -41.14 6.60
CA THR B 137 -4.64 -41.83 7.00
C THR B 137 -4.54 -42.09 8.49
N THR B 138 -5.18 -41.26 9.31
CA THR B 138 -5.20 -41.45 10.75
C THR B 138 -6.54 -42.06 11.16
N ALA B 139 -6.48 -43.09 11.99
CA ALA B 139 -7.68 -43.81 12.39
C ALA B 139 -8.50 -42.96 13.34
N GLY B 140 -9.73 -42.63 12.93
CA GLY B 140 -10.59 -41.81 13.75
C GLY B 140 -11.07 -40.56 13.06
N THR B 141 -11.10 -40.57 11.73
CA THR B 141 -11.56 -39.42 10.96
C THR B 141 -13.01 -39.61 10.56
N LEU B 142 -13.75 -38.51 10.53
CA LEU B 142 -15.19 -38.53 10.28
C LEU B 142 -15.47 -38.40 8.80
N VAL B 143 -16.15 -39.39 8.23
CA VAL B 143 -16.49 -39.43 6.82
C VAL B 143 -18.00 -39.55 6.69
N LEU B 144 -18.59 -38.70 5.85
CA LEU B 144 -20.04 -38.70 5.65
C LEU B 144 -20.47 -39.94 4.88
N CYS B 145 -21.53 -40.59 5.35
CA CYS B 145 -22.05 -41.80 4.71
C CYS B 145 -23.56 -41.85 4.85
N ARG B 146 -24.23 -42.36 3.81
CA ARG B 146 -25.68 -42.56 3.82
C ARG B 146 -25.98 -44.00 4.20
N ALA B 147 -26.95 -44.18 5.10
CA ALA B 147 -27.13 -45.44 5.81
C ALA B 147 -27.84 -46.52 5.02
N ILE B 148 -28.24 -46.26 3.79
CA ILE B 148 -28.95 -47.27 3.02
C ILE B 148 -27.98 -48.32 2.49
N MET C 1 22.93 -8.25 34.98
CA MET C 1 22.77 -9.47 35.77
C MET C 1 21.51 -9.38 36.62
N ALA C 2 20.52 -10.21 36.30
CA ALA C 2 19.28 -10.22 37.05
C ALA C 2 19.42 -10.89 38.40
N ASN C 3 20.42 -11.75 38.58
CA ASN C 3 20.67 -12.40 39.86
C ASN C 3 21.86 -11.70 40.51
N SER C 4 21.59 -10.60 41.19
CA SER C 4 22.64 -9.87 41.89
C SER C 4 23.07 -10.65 43.13
N LYS C 5 24.38 -10.79 43.31
CA LYS C 5 24.93 -11.65 44.35
C LYS C 5 25.81 -10.87 45.31
N ASN C 6 25.31 -9.72 45.79
CA ASN C 6 26.11 -8.84 46.62
C ASN C 6 25.66 -8.84 48.09
N SER C 7 25.22 -10.00 48.58
CA SER C 7 24.93 -10.20 50.00
C SER C 7 24.92 -11.69 50.25
N ILE C 8 25.73 -12.15 51.21
CA ILE C 8 25.95 -13.59 51.34
C ILE C 8 24.82 -14.29 52.08
N PHE C 9 23.97 -13.55 52.79
CA PHE C 9 22.84 -14.14 53.51
C PHE C 9 21.55 -13.63 52.86
N VAL C 10 21.02 -14.43 51.95
CA VAL C 10 19.73 -14.15 51.31
C VAL C 10 18.86 -15.36 51.63
N GLY C 11 18.13 -15.32 52.74
CA GLY C 11 17.45 -16.51 53.19
C GLY C 11 16.04 -16.31 53.69
N GLY C 12 15.35 -15.32 53.16
CA GLY C 12 13.99 -15.03 53.58
C GLY C 12 13.86 -13.61 54.07
N ALA C 13 12.62 -13.15 54.15
CA ALA C 13 12.33 -11.79 54.56
C ALA C 13 11.92 -11.69 56.01
N GLY C 14 11.96 -12.79 56.76
CA GLY C 14 11.56 -12.74 58.14
C GLY C 14 12.53 -13.49 59.03
N ARG C 15 13.53 -14.12 58.42
CA ARG C 15 14.48 -14.94 59.15
C ARG C 15 15.77 -14.16 59.37
N VAL C 16 16.12 -13.95 60.63
CA VAL C 16 17.36 -13.27 60.97
C VAL C 16 18.46 -14.31 61.12
N LYS C 17 19.70 -13.85 61.04
CA LYS C 17 20.84 -14.74 61.04
C LYS C 17 21.42 -14.89 62.43
N GLN C 18 22.18 -15.96 62.63
CA GLN C 18 22.87 -16.21 63.88
C GLN C 18 24.36 -15.99 63.68
N THR C 19 24.92 -15.09 64.48
CA THR C 19 26.26 -14.57 64.27
C THR C 19 27.24 -15.12 65.31
N ILE C 20 28.40 -15.58 64.86
CA ILE C 20 29.45 -16.08 65.72
C ILE C 20 30.68 -15.21 65.47
N GLU C 21 30.99 -14.32 66.41
CA GLU C 21 32.18 -13.50 66.27
C GLU C 21 33.42 -14.29 66.65
N GLY C 22 34.58 -13.70 66.37
CA GLY C 22 35.84 -14.33 66.68
C GLY C 22 36.98 -13.66 65.95
N LEU C 23 38.19 -14.12 66.25
CA LEU C 23 39.39 -13.54 65.70
C LEU C 23 39.78 -14.25 64.40
N ALA C 24 40.60 -13.58 63.60
CA ALA C 24 41.04 -14.13 62.33
C ALA C 24 42.40 -14.79 62.47
N GLN C 25 42.74 -15.61 61.48
CA GLN C 25 44.08 -16.19 61.39
C GLN C 25 44.67 -16.00 60.00
N SER C 26 43.82 -15.92 58.98
CA SER C 26 44.26 -15.77 57.61
C SER C 26 43.38 -14.72 56.93
N ALA C 27 43.48 -14.63 55.61
CA ALA C 27 42.66 -13.72 54.83
C ALA C 27 41.82 -14.55 53.86
N PHE C 28 40.66 -15.00 54.32
CA PHE C 28 39.75 -15.78 53.50
C PHE C 28 38.70 -14.87 52.87
N LYS C 29 38.02 -15.40 51.87
CA LYS C 29 36.98 -14.68 51.15
C LYS C 29 35.60 -15.05 51.71
N PRO C 30 34.64 -14.13 51.68
CA PRO C 30 33.31 -14.42 52.24
C PRO C 30 32.57 -15.49 51.46
N GLY C 31 31.98 -16.41 52.19
CA GLY C 31 31.28 -17.54 51.60
C GLY C 31 32.02 -18.85 51.68
N GLN C 32 33.07 -18.95 52.48
CA GLN C 32 33.82 -20.17 52.62
C GLN C 32 33.54 -20.83 53.97
N LEU C 33 33.85 -22.12 54.04
CA LEU C 33 33.60 -22.88 55.26
C LEU C 33 34.69 -22.63 56.29
N LEU C 34 34.28 -22.37 57.53
CA LEU C 34 35.20 -22.05 58.60
C LEU C 34 35.19 -23.14 59.67
N ALA C 35 36.08 -23.00 60.64
CA ALA C 35 36.15 -23.89 61.79
C ALA C 35 36.87 -23.18 62.91
N ARG C 36 36.24 -23.10 64.08
CA ARG C 36 36.85 -22.42 65.21
C ARG C 36 37.96 -23.28 65.82
N ALA C 37 38.98 -22.60 66.35
CA ALA C 37 40.17 -23.27 66.87
C ALA C 37 40.44 -22.82 68.29
N ALA C 38 41.62 -23.17 68.80
CA ALA C 38 41.99 -22.85 70.17
C ALA C 38 42.19 -21.34 70.33
N GLY C 39 42.11 -20.88 71.56
CA GLY C 39 42.00 -19.46 71.80
C GLY C 39 40.59 -19.01 71.45
N ASP C 40 40.48 -17.95 70.67
CA ASP C 40 39.19 -17.50 70.16
C ASP C 40 39.32 -17.07 68.70
N ALA C 41 40.02 -17.86 67.90
CA ALA C 41 40.35 -17.48 66.55
C ALA C 41 39.66 -18.39 65.55
N ILE C 42 39.25 -17.83 64.41
CA ILE C 42 38.61 -18.56 63.33
C ILE C 42 39.53 -18.51 62.12
N ASP C 43 39.47 -19.56 61.30
CA ASP C 43 40.19 -19.61 60.03
C ASP C 43 39.45 -20.59 59.12
N VAL C 44 40.09 -20.97 58.03
CA VAL C 44 39.54 -21.97 57.13
C VAL C 44 39.59 -23.33 57.82
N THR C 45 38.75 -24.26 57.35
CA THR C 45 38.53 -25.51 58.07
C THR C 45 39.75 -26.43 57.99
N ALA C 46 40.14 -26.81 56.77
CA ALA C 46 41.25 -27.73 56.48
C ALA C 46 41.09 -29.07 57.21
N LYS C 47 39.85 -29.54 57.29
CA LYS C 47 39.57 -30.90 57.71
C LYS C 47 39.30 -31.75 56.46
N ALA C 48 39.13 -33.05 56.67
CA ALA C 48 38.88 -33.93 55.55
C ALA C 48 37.44 -33.80 55.06
N SER C 49 37.20 -34.26 53.84
CA SER C 49 35.86 -34.20 53.28
C SER C 49 34.95 -35.28 53.86
N THR C 50 35.54 -36.37 54.34
CA THR C 50 34.77 -37.51 54.83
C THR C 50 34.66 -37.52 56.35
N THR C 51 34.56 -36.34 56.97
CA THR C 51 34.44 -36.23 58.42
C THR C 51 33.12 -35.55 58.76
N TYR C 52 32.35 -36.18 59.64
CA TYR C 52 31.05 -35.69 60.03
C TYR C 52 31.15 -34.82 61.28
N GLY C 53 30.01 -34.32 61.73
CA GLY C 53 29.93 -33.57 62.97
C GLY C 53 30.41 -32.14 62.89
N ASN C 54 30.72 -31.63 61.70
CA ASN C 54 31.16 -30.25 61.58
C ASN C 54 29.96 -29.31 61.61
N GLU C 55 30.18 -28.12 62.17
CA GLU C 55 29.12 -27.13 62.23
C GLU C 55 29.09 -26.31 60.96
N PHE C 56 27.89 -25.96 60.52
CA PHE C 56 27.71 -25.12 59.33
C PHE C 56 28.08 -23.69 59.70
N LEU C 57 29.33 -23.32 59.44
CA LEU C 57 29.85 -22.02 59.81
C LEU C 57 30.52 -21.40 58.58
N ILE C 58 29.84 -20.43 57.97
CA ILE C 58 30.37 -19.76 56.79
C ILE C 58 30.74 -18.34 57.17
N CYS C 59 31.56 -17.71 56.32
CA CYS C 59 32.04 -16.36 56.56
C CYS C 59 31.08 -15.36 55.93
N ASP C 60 30.42 -14.58 56.78
CA ASP C 60 29.58 -13.49 56.32
C ASP C 60 30.42 -12.41 55.68
N ASP C 61 29.83 -11.67 54.76
CA ASP C 61 30.48 -10.48 54.23
C ASP C 61 30.61 -9.44 55.32
N GLN C 62 31.71 -8.70 55.30
CA GLN C 62 31.97 -7.69 56.30
C GLN C 62 31.04 -6.50 56.08
N PRO C 63 30.86 -5.65 57.09
CA PRO C 63 29.99 -4.48 56.93
C PRO C 63 30.44 -3.52 55.83
N GLN C 64 29.46 -2.75 55.34
CA GLN C 64 29.73 -1.76 54.29
C GLN C 64 30.63 -0.66 54.80
N THR C 65 30.53 -0.31 56.07
CA THR C 65 31.33 0.75 56.66
C THR C 65 32.66 0.25 57.21
N LEU C 66 33.16 -0.87 56.70
CA LEU C 66 34.50 -1.34 57.02
C LEU C 66 35.22 -1.85 55.78
N GLY C 67 34.73 -1.53 54.60
CA GLY C 67 35.32 -2.04 53.38
C GLY C 67 35.04 -3.51 53.17
N GLY C 68 33.77 -3.87 53.14
CA GLY C 68 33.37 -5.25 53.00
C GLY C 68 32.44 -5.46 51.83
N GLY C 69 32.65 -6.56 51.12
CA GLY C 69 31.77 -6.94 50.03
C GLY C 69 31.71 -8.44 49.91
N THR C 70 31.20 -8.91 48.78
CA THR C 70 31.15 -10.34 48.52
C THR C 70 32.39 -10.86 47.83
N ASP C 71 33.36 -10.00 47.54
CA ASP C 71 34.63 -10.42 46.95
C ASP C 71 35.83 -9.82 47.67
N VAL C 72 35.64 -8.88 48.57
CA VAL C 72 36.73 -8.30 49.33
C VAL C 72 37.12 -9.27 50.45
N ALA C 73 38.38 -9.66 50.47
CA ALA C 73 38.85 -10.56 51.51
C ALA C 73 38.96 -9.83 52.84
N VAL C 74 38.93 -10.60 53.92
CA VAL C 74 38.99 -10.02 55.26
C VAL C 74 40.43 -9.66 55.60
N THR C 75 40.58 -8.76 56.56
CA THR C 75 41.90 -8.38 57.05
C THR C 75 42.29 -9.30 58.20
N ALA C 76 43.54 -9.77 58.16
CA ALA C 76 43.98 -10.80 59.10
C ALA C 76 44.17 -10.23 60.50
N GLY C 77 43.98 -11.08 61.50
CA GLY C 77 44.21 -10.70 62.88
C GLY C 77 43.18 -9.76 63.47
N ASP C 78 41.95 -9.79 62.96
CA ASP C 78 40.91 -8.87 63.40
C ASP C 78 39.64 -9.66 63.70
N THR C 79 38.56 -8.94 63.98
CA THR C 79 37.27 -9.54 64.29
C THR C 79 36.54 -9.86 63.00
N VAL C 80 36.35 -11.15 62.73
CA VAL C 80 35.61 -11.60 61.56
C VAL C 80 34.22 -11.99 62.02
N GLN C 81 33.21 -11.34 61.45
CA GLN C 81 31.81 -11.62 61.75
C GLN C 81 31.33 -12.73 60.84
N ALA C 82 30.96 -13.87 61.43
CA ALA C 82 30.59 -15.06 60.66
C ALA C 82 29.10 -15.37 60.84
N ILE C 83 28.68 -16.49 60.26
CA ILE C 83 27.27 -16.89 60.27
C ILE C 83 27.19 -18.38 60.57
N SER C 84 26.41 -18.74 61.58
CA SER C 84 25.99 -20.11 61.79
C SER C 84 24.63 -20.29 61.14
N VAL C 85 24.52 -21.30 60.27
CA VAL C 85 23.36 -21.44 59.40
C VAL C 85 22.38 -22.41 60.04
N LEU C 86 21.17 -21.94 60.31
CA LEU C 86 20.11 -22.81 60.77
C LEU C 86 19.56 -23.61 59.60
N PRO C 87 19.02 -24.81 59.85
CA PRO C 87 18.39 -25.56 58.76
C PRO C 87 17.11 -24.89 58.29
N GLY C 88 17.02 -24.68 56.98
CA GLY C 88 15.87 -24.02 56.39
C GLY C 88 16.10 -22.61 55.94
N GLN C 89 17.35 -22.23 55.65
CA GLN C 89 17.68 -20.91 55.17
C GLN C 89 18.49 -21.04 53.89
N TYR C 90 18.41 -20.03 53.03
CA TYR C 90 19.20 -20.00 51.81
C TYR C 90 20.43 -19.12 52.05
N VAL C 91 21.59 -19.60 51.61
CA VAL C 91 22.84 -18.85 51.73
C VAL C 91 23.64 -19.02 50.44
N LEU C 92 24.46 -18.03 50.14
CA LEU C 92 25.35 -18.09 48.99
C LEU C 92 26.65 -18.75 49.40
N LEU C 93 26.89 -19.95 48.90
CA LEU C 93 28.12 -20.66 49.20
C LEU C 93 29.19 -20.29 48.17
N SER C 94 30.28 -21.04 48.15
CA SER C 94 31.35 -20.82 47.17
C SER C 94 31.91 -22.17 46.76
N PHE C 95 31.70 -22.55 45.49
CA PHE C 95 32.06 -23.86 45.01
C PHE C 95 33.49 -23.90 44.49
N ALA C 96 33.97 -25.10 44.23
CA ALA C 96 35.27 -25.33 43.63
C ALA C 96 35.12 -25.33 42.10
N ALA C 97 36.13 -25.79 41.39
CA ALA C 97 36.13 -25.74 39.94
C ALA C 97 35.67 -27.06 39.34
N THR C 98 35.23 -26.97 38.08
CA THR C 98 34.88 -28.10 37.19
C THR C 98 33.79 -28.99 37.80
N GLN C 99 32.61 -28.38 37.99
CA GLN C 99 31.41 -29.12 38.35
C GLN C 99 30.20 -28.30 37.95
N ASN C 100 29.23 -28.96 37.32
CA ASN C 100 28.02 -28.29 36.87
C ASN C 100 26.84 -28.74 37.72
N VAL C 101 25.96 -27.79 38.03
CA VAL C 101 24.76 -28.05 38.81
C VAL C 101 23.59 -28.12 37.84
N THR C 102 23.07 -29.33 37.65
CA THR C 102 21.99 -29.56 36.69
C THR C 102 20.62 -29.50 37.33
N THR C 103 20.40 -30.26 38.40
CA THR C 103 19.10 -30.36 39.03
C THR C 103 19.06 -29.60 40.34
N LYS C 104 17.95 -28.94 40.60
CA LYS C 104 17.75 -28.26 41.87
C LYS C 104 17.46 -29.30 42.95
N GLY C 105 18.42 -29.54 43.82
CA GLY C 105 18.18 -30.49 44.89
C GLY C 105 19.27 -31.51 45.14
N ALA C 106 20.43 -31.31 44.54
CA ALA C 106 21.54 -32.21 44.76
C ALA C 106 22.17 -31.95 46.12
N ALA C 107 23.01 -32.89 46.56
CA ALA C 107 23.65 -32.81 47.87
C ALA C 107 24.92 -31.98 47.78
N VAL C 108 25.14 -31.14 48.78
CA VAL C 108 26.28 -30.23 48.81
C VAL C 108 27.22 -30.69 49.91
N ALA C 109 28.34 -31.28 49.52
CA ALA C 109 29.34 -31.70 50.48
C ALA C 109 30.32 -30.55 50.71
N SER C 110 31.44 -30.84 51.39
CA SER C 110 32.45 -29.83 51.67
C SER C 110 33.80 -30.33 51.21
N ASN C 111 34.46 -29.54 50.37
CA ASN C 111 35.83 -29.84 49.96
C ASN C 111 36.78 -29.50 51.11
N GLY C 112 37.99 -30.04 51.02
CA GLY C 112 38.95 -29.85 52.09
C GLY C 112 39.59 -28.48 52.14
N ASP C 113 39.44 -27.67 51.08
CA ASP C 113 40.12 -26.39 51.00
C ASP C 113 39.28 -25.23 51.52
N GLY C 114 38.07 -25.49 52.00
CA GLY C 114 37.19 -24.43 52.44
C GLY C 114 36.11 -24.07 51.44
N ASN C 115 36.03 -24.76 50.32
CA ASN C 115 34.96 -24.58 49.34
C ASN C 115 34.05 -25.79 49.36
N PHE C 116 32.99 -25.74 48.57
CA PHE C 116 31.99 -26.80 48.53
C PHE C 116 32.03 -27.51 47.19
N LYS C 117 31.43 -28.70 47.15
CA LYS C 117 31.41 -29.51 45.94
C LYS C 117 30.20 -30.43 45.99
N LEU C 118 29.84 -30.97 44.83
CA LEU C 118 28.77 -31.95 44.71
C LEU C 118 29.37 -33.34 44.93
N GLY C 119 29.13 -33.90 46.12
CA GLY C 119 29.67 -35.20 46.46
C GLY C 119 28.57 -36.22 46.64
N ASN C 120 28.98 -37.48 46.72
CA ASN C 120 28.01 -38.55 46.93
C ASN C 120 27.58 -38.57 48.38
N PRO C 121 26.30 -38.48 48.68
CA PRO C 121 25.84 -38.42 50.07
C PRO C 121 25.79 -39.78 50.75
N ALA C 122 26.92 -40.48 50.77
CA ALA C 122 27.05 -41.73 51.48
C ALA C 122 28.35 -41.83 52.26
N THR C 123 29.31 -40.94 52.01
CA THR C 123 30.58 -40.96 52.71
C THR C 123 31.01 -39.59 53.21
N GLU C 124 30.19 -38.56 53.03
CA GLU C 124 30.54 -37.21 53.48
C GLU C 124 29.31 -36.56 54.08
N GLN C 125 29.54 -35.54 54.91
CA GLN C 125 28.46 -34.84 55.59
C GLN C 125 27.78 -33.89 54.62
N THR C 126 26.47 -34.04 54.48
CA THR C 126 25.69 -33.19 53.58
C THR C 126 25.30 -31.91 54.32
N PHE C 127 25.78 -30.78 53.83
CA PHE C 127 25.48 -29.50 54.47
C PHE C 127 24.20 -28.89 53.94
N ALA C 128 24.09 -28.73 52.62
CA ALA C 128 23.03 -27.93 52.04
C ALA C 128 22.51 -28.62 50.78
N VAL C 129 21.66 -27.90 50.05
CA VAL C 129 20.99 -28.42 48.87
C VAL C 129 20.93 -27.30 47.84
N THR C 130 21.28 -27.63 46.59
CA THR C 130 21.40 -26.63 45.53
C THR C 130 20.05 -26.01 45.19
N GLU C 131 20.08 -24.76 44.75
CA GLU C 131 18.87 -24.03 44.42
C GLU C 131 19.01 -23.18 43.17
N GLU C 132 20.04 -23.40 42.36
CA GLU C 132 20.27 -22.61 41.16
C GLU C 132 20.97 -23.47 40.14
N ILE C 133 20.53 -23.39 38.88
CA ILE C 133 21.07 -24.21 37.81
C ILE C 133 22.08 -23.33 37.06
N ILE C 134 23.35 -23.44 37.43
CA ILE C 134 24.45 -22.77 36.72
C ILE C 134 25.62 -23.74 36.64
N ASN C 135 26.57 -23.40 35.78
CA ASN C 135 27.80 -24.16 35.61
C ASN C 135 28.97 -23.26 35.94
N VAL C 136 29.84 -23.73 36.83
CA VAL C 136 30.97 -22.93 37.29
C VAL C 136 32.27 -23.56 36.79
N THR C 137 33.26 -22.72 36.53
CA THR C 137 34.56 -23.16 36.07
C THR C 137 35.72 -22.56 36.86
N THR C 138 35.54 -21.37 37.42
CA THR C 138 36.55 -20.73 38.25
C THR C 138 36.21 -20.92 39.72
N ALA C 139 37.19 -21.33 40.51
CA ALA C 139 36.97 -21.63 41.92
C ALA C 139 36.75 -20.34 42.69
N GLY C 140 35.57 -20.20 43.28
CA GLY C 140 35.24 -19.00 44.03
C GLY C 140 33.99 -18.30 43.55
N THR C 141 33.10 -19.04 42.91
CA THR C 141 31.86 -18.48 42.42
C THR C 141 30.73 -18.75 43.40
N LEU C 142 29.81 -17.80 43.51
CA LEU C 142 28.74 -17.85 44.50
C LEU C 142 27.52 -18.54 43.90
N VAL C 143 27.09 -19.62 44.54
CA VAL C 143 25.95 -20.42 44.10
C VAL C 143 24.94 -20.48 45.24
N LEU C 144 23.68 -20.19 44.94
CA LEU C 144 22.62 -20.20 45.94
C LEU C 144 22.30 -21.62 46.38
N CYS C 145 22.20 -21.83 47.69
CA CYS C 145 21.91 -23.15 48.25
C CYS C 145 21.05 -23.01 49.50
N ARG C 146 20.13 -23.96 49.69
CA ARG C 146 19.29 -24.01 50.89
C ARG C 146 19.90 -24.99 51.88
N ALA C 147 19.94 -24.57 53.15
CA ALA C 147 20.80 -25.22 54.14
C ALA C 147 20.22 -26.50 54.72
N ILE C 148 19.05 -26.94 54.30
CA ILE C 148 18.48 -28.15 54.86
C ILE C 148 19.15 -29.38 54.27
N MET D 1 -49.91 -56.09 36.28
CA MET D 1 -48.93 -56.12 35.20
C MET D 1 -48.64 -54.72 34.69
N ALA D 2 -47.42 -54.24 34.94
CA ALA D 2 -47.03 -52.91 34.51
C ALA D 2 -46.77 -52.84 33.01
N ASN D 3 -46.48 -53.97 32.37
CA ASN D 3 -46.28 -54.02 30.93
C ASN D 3 -47.52 -54.63 30.29
N SER D 4 -48.52 -53.77 30.06
CA SER D 4 -49.76 -54.22 29.42
C SER D 4 -49.50 -54.48 27.94
N LYS D 5 -49.96 -55.63 27.46
CA LYS D 5 -49.65 -56.09 26.12
C LYS D 5 -50.92 -56.27 25.28
N ASN D 6 -51.81 -55.29 25.31
CA ASN D 6 -53.09 -55.41 24.64
C ASN D 6 -53.19 -54.56 23.38
N SER D 7 -52.08 -54.42 22.64
CA SER D 7 -52.07 -53.79 21.32
C SER D 7 -50.79 -54.24 20.63
N ILE D 8 -50.93 -54.80 19.44
CA ILE D 8 -49.79 -55.47 18.82
C ILE D 8 -48.83 -54.49 18.15
N PHE D 9 -49.26 -53.25 17.91
CA PHE D 9 -48.41 -52.24 17.29
C PHE D 9 -48.17 -51.13 18.30
N VAL D 10 -47.06 -51.22 19.01
CA VAL D 10 -46.62 -50.20 19.95
C VAL D 10 -45.26 -49.76 19.47
N GLY D 11 -45.20 -48.76 18.60
CA GLY D 11 -43.95 -48.44 17.95
C GLY D 11 -43.63 -46.96 17.84
N GLY D 12 -44.10 -46.17 18.79
CA GLY D 12 -43.86 -44.74 18.77
C GLY D 12 -45.15 -43.96 18.78
N ALA D 13 -45.04 -42.68 19.11
CA ALA D 13 -46.20 -41.82 19.22
C ALA D 13 -46.40 -40.97 17.98
N GLY D 14 -45.60 -41.16 16.95
CA GLY D 14 -45.76 -40.36 15.75
C GLY D 14 -45.68 -41.19 14.50
N ARG D 15 -45.44 -42.48 14.67
CA ARG D 15 -45.26 -43.39 13.53
C ARG D 15 -46.55 -44.17 13.30
N VAL D 16 -47.13 -44.02 12.13
CA VAL D 16 -48.33 -44.75 11.76
C VAL D 16 -47.91 -46.05 11.08
N LYS D 17 -48.83 -47.00 11.03
CA LYS D 17 -48.53 -48.32 10.52
C LYS D 17 -48.93 -48.44 9.06
N GLN D 18 -48.36 -49.43 8.39
CA GLN D 18 -48.68 -49.72 7.01
C GLN D 18 -49.47 -51.02 6.95
N THR D 19 -50.66 -50.95 6.37
CA THR D 19 -51.65 -52.02 6.46
C THR D 19 -51.79 -52.73 5.13
N ILE D 20 -51.78 -54.06 5.16
CA ILE D 20 -51.97 -54.89 3.99
C ILE D 20 -53.21 -55.74 4.23
N GLU D 21 -54.31 -55.41 3.57
CA GLU D 21 -55.52 -56.20 3.71
C GLU D 21 -55.43 -57.46 2.86
N GLY D 22 -56.39 -58.35 3.06
CA GLY D 22 -56.43 -59.59 2.31
C GLY D 22 -57.37 -60.58 2.96
N LEU D 23 -57.54 -61.72 2.28
CA LEU D 23 -58.45 -62.75 2.74
C LEU D 23 -57.73 -63.75 3.63
N ALA D 24 -58.51 -64.48 4.41
CA ALA D 24 -57.97 -65.47 5.33
C ALA D 24 -57.98 -66.86 4.72
N GLN D 25 -57.21 -67.76 5.30
CA GLN D 25 -57.26 -69.17 4.93
C GLN D 25 -57.39 -70.06 6.16
N SER D 26 -56.89 -69.60 7.30
CA SER D 26 -56.94 -70.38 8.53
C SER D 26 -57.35 -69.45 9.66
N ALA D 27 -57.21 -69.92 10.90
CA ALA D 27 -57.50 -69.12 12.09
C ALA D 27 -56.22 -68.98 12.89
N PHE D 28 -55.43 -67.96 12.57
CA PHE D 28 -54.18 -67.71 13.29
C PHE D 28 -54.40 -66.66 14.36
N LYS D 29 -53.45 -66.56 15.26
CA LYS D 29 -53.49 -65.61 16.37
C LYS D 29 -52.69 -64.36 16.02
N PRO D 30 -53.08 -63.20 16.54
CA PRO D 30 -52.38 -61.96 16.20
C PRO D 30 -50.97 -61.93 16.74
N GLY D 31 -50.04 -61.50 15.89
CA GLY D 31 -48.64 -61.48 16.24
C GLY D 31 -47.81 -62.56 15.61
N GLN D 32 -48.33 -63.26 14.61
CA GLN D 32 -47.60 -64.33 13.95
C GLN D 32 -47.17 -63.90 12.55
N LEU D 33 -46.19 -64.59 12.01
CA LEU D 33 -45.64 -64.26 10.70
C LEU D 33 -46.55 -64.79 9.60
N LEU D 34 -46.85 -63.96 8.61
CA LEU D 34 -47.73 -64.32 7.53
C LEU D 34 -46.98 -64.35 6.20
N ALA D 35 -47.69 -64.79 5.16
CA ALA D 35 -47.15 -64.80 3.81
C ALA D 35 -48.32 -64.82 2.84
N ARG D 36 -48.35 -63.88 1.90
CA ARG D 36 -49.44 -63.82 0.94
C ARG D 36 -49.29 -64.90 -0.12
N ALA D 37 -50.42 -65.40 -0.60
CA ALA D 37 -50.44 -66.51 -1.54
C ALA D 37 -51.23 -66.14 -2.78
N ALA D 38 -51.54 -67.15 -3.61
CA ALA D 38 -52.26 -66.92 -4.85
C ALA D 38 -53.70 -66.51 -4.56
N GLY D 39 -54.32 -65.89 -5.56
CA GLY D 39 -55.58 -65.21 -5.30
C GLY D 39 -55.30 -63.93 -4.55
N ASP D 40 -56.02 -63.69 -3.48
CA ASP D 40 -55.77 -62.55 -2.60
C ASP D 40 -55.91 -62.98 -1.14
N ALA D 41 -55.36 -64.13 -0.80
CA ALA D 41 -55.56 -64.72 0.53
C ALA D 41 -54.25 -64.75 1.30
N ILE D 42 -54.36 -64.54 2.62
CA ILE D 42 -53.22 -64.59 3.53
C ILE D 42 -53.41 -65.76 4.47
N ASP D 43 -52.30 -66.34 4.92
CA ASP D 43 -52.30 -67.38 5.93
C ASP D 43 -50.95 -67.37 6.63
N VAL D 44 -50.66 -68.42 7.39
CA VAL D 44 -49.36 -68.56 8.02
C VAL D 44 -48.32 -68.88 6.95
N THR D 45 -47.05 -68.62 7.27
CA THR D 45 -46.00 -68.64 6.26
C THR D 45 -45.70 -70.06 5.79
N ALA D 46 -45.29 -70.93 6.72
CA ALA D 46 -44.89 -72.32 6.47
C ALA D 46 -43.78 -72.43 5.42
N LYS D 47 -42.86 -71.47 5.44
CA LYS D 47 -41.62 -71.58 4.69
C LYS D 47 -40.51 -72.03 5.64
N ALA D 48 -39.33 -72.28 5.08
CA ALA D 48 -38.22 -72.73 5.89
C ALA D 48 -37.63 -71.57 6.69
N SER D 49 -36.87 -71.91 7.72
CA SER D 49 -36.24 -70.88 8.54
C SER D 49 -35.03 -70.28 7.86
N THR D 50 -34.39 -71.03 6.95
CA THR D 50 -33.16 -70.61 6.30
C THR D 50 -33.42 -70.04 4.91
N THR D 51 -34.52 -69.34 4.71
CA THR D 51 -34.87 -68.73 3.44
C THR D 51 -34.97 -67.23 3.61
N TYR D 52 -34.27 -66.49 2.75
CA TYR D 52 -34.23 -65.05 2.82
C TYR D 52 -35.29 -64.43 1.92
N GLY D 53 -35.32 -63.10 1.88
CA GLY D 53 -36.21 -62.39 0.99
C GLY D 53 -37.65 -62.32 1.40
N ASN D 54 -38.00 -62.78 2.60
CA ASN D 54 -39.38 -62.73 3.05
C ASN D 54 -39.71 -61.34 3.57
N GLU D 55 -40.94 -60.92 3.37
CA GLU D 55 -41.39 -59.61 3.84
C GLU D 55 -41.85 -59.70 5.28
N PHE D 56 -41.55 -58.66 6.05
CA PHE D 56 -41.98 -58.59 7.44
C PHE D 56 -43.46 -58.29 7.47
N LEU D 57 -44.27 -59.33 7.57
CA LEU D 57 -45.73 -59.21 7.53
C LEU D 57 -46.30 -59.96 8.72
N ILE D 58 -46.75 -59.23 9.73
CA ILE D 58 -47.33 -59.83 10.92
C ILE D 58 -48.82 -59.53 10.94
N CYS D 59 -49.54 -60.28 11.76
CA CYS D 59 -50.99 -60.16 11.86
C CYS D 59 -51.34 -59.16 12.94
N ASP D 60 -51.91 -58.03 12.54
CA ASP D 60 -52.43 -57.05 13.47
C ASP D 60 -53.61 -57.62 14.23
N ASP D 61 -53.82 -57.11 15.44
CA ASP D 61 -55.04 -57.44 16.17
C ASP D 61 -56.23 -56.84 15.45
N GLN D 62 -57.34 -57.56 15.47
CA GLN D 62 -58.55 -57.11 14.81
C GLN D 62 -59.16 -55.94 15.58
N PRO D 63 -60.04 -55.15 14.94
CA PRO D 63 -60.67 -54.02 15.64
C PRO D 63 -61.48 -54.43 16.86
N GLN D 64 -61.64 -53.46 17.76
CA GLN D 64 -62.42 -53.67 18.98
C GLN D 64 -63.88 -53.92 18.67
N THR D 65 -64.40 -53.29 17.62
CA THR D 65 -65.80 -53.44 17.24
C THR D 65 -66.02 -54.61 16.30
N LEU D 66 -65.16 -55.61 16.32
CA LEU D 66 -65.38 -56.85 15.59
C LEU D 66 -64.99 -58.06 16.43
N GLY D 67 -64.82 -57.89 17.73
CA GLY D 67 -64.39 -58.98 18.58
C GLY D 67 -62.92 -59.31 18.38
N GLY D 68 -62.05 -58.34 18.55
CA GLY D 68 -60.63 -58.52 18.33
C GLY D 68 -59.81 -58.13 19.55
N GLY D 69 -58.79 -58.94 19.83
CA GLY D 69 -57.87 -58.64 20.91
C GLY D 69 -56.50 -59.16 20.56
N THR D 70 -55.63 -59.24 21.56
CA THR D 70 -54.30 -59.78 21.36
C THR D 70 -54.24 -61.28 21.59
N ASP D 71 -55.35 -61.91 21.93
CA ASP D 71 -55.41 -63.36 22.07
C ASP D 71 -56.58 -63.99 21.35
N VAL D 72 -57.52 -63.20 20.85
CA VAL D 72 -58.66 -63.71 20.09
C VAL D 72 -58.19 -64.04 18.68
N ALA D 73 -58.38 -65.29 18.27
CA ALA D 73 -57.99 -65.69 16.93
C ALA D 73 -58.96 -65.11 15.90
N VAL D 74 -58.48 -65.02 14.66
CA VAL D 74 -59.29 -64.44 13.59
C VAL D 74 -60.28 -65.47 13.09
N THR D 75 -61.34 -64.98 12.44
CA THR D 75 -62.33 -65.86 11.84
C THR D 75 -61.92 -66.17 10.41
N ALA D 76 -62.03 -67.43 10.03
CA ALA D 76 -61.51 -67.89 8.75
C ALA D 76 -62.37 -67.42 7.60
N GLY D 77 -61.74 -67.24 6.44
CA GLY D 77 -62.46 -66.86 5.23
C GLY D 77 -62.95 -65.44 5.19
N ASP D 78 -62.31 -64.53 5.91
CA ASP D 78 -62.76 -63.15 6.00
C ASP D 78 -61.58 -62.22 5.74
N THR D 79 -61.81 -60.92 5.94
CA THR D 79 -60.79 -59.91 5.73
C THR D 79 -59.93 -59.78 6.98
N VAL D 80 -58.67 -60.16 6.87
CA VAL D 80 -57.71 -60.04 7.96
C VAL D 80 -56.87 -58.81 7.70
N GLN D 81 -56.90 -57.87 8.64
CA GLN D 81 -56.12 -56.64 8.55
C GLN D 81 -54.75 -56.90 9.16
N ALA D 82 -53.70 -56.78 8.35
CA ALA D 82 -52.35 -57.13 8.75
C ALA D 82 -51.48 -55.88 8.80
N ILE D 83 -50.19 -56.08 9.07
CA ILE D 83 -49.23 -54.99 9.24
C ILE D 83 -47.95 -55.35 8.51
N SER D 84 -47.50 -54.46 7.63
CA SER D 84 -46.15 -54.51 7.08
C SER D 84 -45.27 -53.58 7.91
N VAL D 85 -44.17 -54.12 8.43
CA VAL D 85 -43.38 -53.42 9.43
C VAL D 85 -42.23 -52.70 8.74
N LEU D 86 -42.18 -51.39 8.89
CA LEU D 86 -41.05 -50.61 8.41
C LEU D 86 -39.88 -50.79 9.37
N PRO D 87 -38.64 -50.66 8.88
CA PRO D 87 -37.49 -50.71 9.77
C PRO D 87 -37.44 -49.50 10.69
N GLY D 88 -37.32 -49.75 11.98
CA GLY D 88 -37.29 -48.70 12.96
C GLY D 88 -38.55 -48.56 13.78
N GLN D 89 -39.35 -49.60 13.90
CA GLN D 89 -40.57 -49.58 14.71
C GLN D 89 -40.54 -50.74 15.68
N TYR D 90 -41.22 -50.58 16.81
CA TYR D 90 -41.35 -51.65 17.78
C TYR D 90 -42.70 -52.34 17.58
N VAL D 91 -42.69 -53.68 17.60
CA VAL D 91 -43.89 -54.47 17.46
C VAL D 91 -43.83 -55.64 18.43
N LEU D 92 -45.00 -56.11 18.86
CA LEU D 92 -45.10 -57.27 19.72
C LEU D 92 -45.15 -58.52 18.86
N LEU D 93 -44.09 -59.32 18.90
CA LEU D 93 -44.04 -60.56 18.14
C LEU D 93 -44.63 -61.70 18.99
N SER D 94 -44.43 -62.94 18.56
CA SER D 94 -44.88 -64.10 19.31
C SER D 94 -43.84 -65.20 19.16
N PHE D 95 -43.17 -65.54 20.25
CA PHE D 95 -42.06 -66.49 20.22
C PHE D 95 -42.54 -67.92 20.40
N ALA D 96 -41.63 -68.85 20.17
CA ALA D 96 -41.86 -70.27 20.37
C ALA D 96 -41.50 -70.61 21.82
N ALA D 97 -41.38 -71.90 22.13
CA ALA D 97 -41.14 -72.34 23.49
C ALA D 97 -39.65 -72.60 23.74
N THR D 98 -39.29 -72.57 25.02
CA THR D 98 -37.97 -72.94 25.56
C THR D 98 -36.84 -72.10 24.95
N GLN D 99 -36.91 -70.79 25.20
CA GLN D 99 -35.81 -69.88 24.89
C GLN D 99 -35.94 -68.65 25.77
N ASN D 100 -34.82 -68.22 26.35
CA ASN D 100 -34.80 -67.07 27.22
C ASN D 100 -34.07 -65.92 26.55
N VAL D 101 -34.60 -64.71 26.73
CA VAL D 101 -34.02 -63.50 26.18
C VAL D 101 -33.25 -62.81 27.29
N THR D 102 -31.92 -62.83 27.20
CA THR D 102 -31.07 -62.28 28.24
C THR D 102 -30.67 -60.84 27.96
N THR D 103 -30.12 -60.57 26.77
CA THR D 103 -29.60 -59.27 26.43
C THR D 103 -30.51 -58.56 25.46
N LYS D 104 -30.68 -57.25 25.65
CA LYS D 104 -31.45 -56.43 24.72
C LYS D 104 -30.62 -56.21 23.47
N GLY D 105 -30.99 -56.87 22.38
CA GLY D 105 -30.27 -56.65 21.14
C GLY D 105 -29.90 -57.90 20.37
N ALA D 106 -30.44 -59.04 20.75
CA ALA D 106 -30.17 -60.27 20.03
C ALA D 106 -30.93 -60.30 18.71
N ALA D 107 -30.55 -61.23 17.85
CA ALA D 107 -31.16 -61.35 16.53
C ALA D 107 -32.42 -62.21 16.61
N VAL D 108 -33.45 -61.79 15.90
CA VAL D 108 -34.75 -62.45 15.92
C VAL D 108 -34.96 -63.09 14.55
N ALA D 109 -34.85 -64.41 14.49
CA ALA D 109 -35.10 -65.14 13.27
C ALA D 109 -36.57 -65.53 13.20
N SER D 110 -36.93 -66.39 12.26
CA SER D 110 -38.31 -66.84 12.10
C SER D 110 -38.36 -68.36 12.09
N ASN D 111 -39.16 -68.91 12.98
CA ASN D 111 -39.40 -70.35 12.98
C ASN D 111 -40.34 -70.71 11.83
N GLY D 112 -40.36 -72.00 11.49
CA GLY D 112 -41.16 -72.44 10.36
C GLY D 112 -42.65 -72.50 10.61
N ASP D 113 -43.08 -72.41 11.87
CA ASP D 113 -44.48 -72.58 12.21
C ASP D 113 -45.25 -71.27 12.26
N GLY D 114 -44.60 -70.15 11.99
CA GLY D 114 -45.24 -68.86 12.09
C GLY D 114 -44.91 -68.09 13.35
N ASN D 115 -44.04 -68.62 14.20
CA ASN D 115 -43.54 -67.93 15.37
C ASN D 115 -42.09 -67.55 15.17
N PHE D 116 -41.52 -66.85 16.15
CA PHE D 116 -40.15 -66.35 16.06
C PHE D 116 -39.27 -67.07 17.07
N LYS D 117 -37.96 -66.96 16.86
CA LYS D 117 -37.00 -67.62 17.74
C LYS D 117 -35.67 -66.86 17.65
N LEU D 118 -34.82 -67.11 18.64
CA LEU D 118 -33.47 -66.55 18.65
C LEU D 118 -32.55 -67.49 17.89
N GLY D 119 -32.19 -67.12 16.67
CA GLY D 119 -31.34 -67.94 15.84
C GLY D 119 -30.00 -67.28 15.58
N ASN D 120 -29.08 -68.06 15.04
CA ASN D 120 -27.76 -67.52 14.70
C ASN D 120 -27.87 -66.69 13.43
N PRO D 121 -27.44 -65.43 13.46
CA PRO D 121 -27.60 -64.57 12.27
C PRO D 121 -26.51 -64.79 11.23
N ALA D 122 -26.38 -66.03 10.77
CA ALA D 122 -25.47 -66.36 9.69
C ALA D 122 -26.10 -67.30 8.66
N THR D 123 -27.24 -67.91 8.98
CA THR D 123 -27.91 -68.81 8.06
C THR D 123 -29.40 -68.55 7.93
N GLU D 124 -29.92 -67.52 8.59
CA GLU D 124 -31.35 -67.20 8.52
C GLU D 124 -31.52 -65.69 8.42
N GLN D 125 -32.68 -65.29 7.92
CA GLN D 125 -32.98 -63.87 7.74
C GLN D 125 -33.33 -63.24 9.07
N THR D 126 -32.61 -62.19 9.43
CA THR D 126 -32.85 -61.48 10.68
C THR D 126 -33.95 -60.45 10.47
N PHE D 127 -35.06 -60.62 11.19
CA PHE D 127 -36.18 -59.71 11.05
C PHE D 127 -36.07 -58.52 12.01
N ALA D 128 -35.91 -58.79 13.29
CA ALA D 128 -36.03 -57.75 14.30
C ALA D 128 -34.95 -57.94 15.36
N VAL D 129 -35.07 -57.17 16.44
CA VAL D 129 -34.09 -57.14 17.51
C VAL D 129 -34.84 -57.01 18.83
N THR D 130 -34.47 -57.83 19.81
CA THR D 130 -35.18 -57.92 21.08
C THR D 130 -35.07 -56.62 21.87
N GLU D 131 -36.11 -56.34 22.66
CA GLU D 131 -36.16 -55.12 23.45
C GLU D 131 -36.73 -55.33 24.84
N GLU D 132 -36.81 -56.57 25.31
CA GLU D 132 -37.36 -56.88 26.62
C GLU D 132 -36.69 -58.13 27.16
N ILE D 133 -36.33 -58.10 28.44
CA ILE D 133 -35.63 -59.21 29.07
C ILE D 133 -36.67 -60.02 29.83
N ILE D 134 -37.20 -61.06 29.19
CA ILE D 134 -38.10 -62.01 29.82
C ILE D 134 -37.74 -63.41 29.36
N ASN D 135 -38.27 -64.41 30.07
CA ASN D 135 -38.09 -65.81 29.73
C ASN D 135 -39.46 -66.42 29.46
N VAL D 136 -39.60 -67.08 28.31
CA VAL D 136 -40.87 -67.64 27.90
C VAL D 136 -40.77 -69.16 27.89
N THR D 137 -41.89 -69.81 28.19
CA THR D 137 -41.96 -71.26 28.21
C THR D 137 -43.15 -71.82 27.43
N THR D 138 -44.23 -71.05 27.31
CA THR D 138 -45.39 -71.47 26.54
C THR D 138 -45.37 -70.76 25.19
N ALA D 139 -45.59 -71.53 24.12
CA ALA D 139 -45.51 -70.99 22.76
C ALA D 139 -46.71 -70.10 22.50
N GLY D 140 -46.45 -68.82 22.23
CA GLY D 140 -47.52 -67.87 21.98
C GLY D 140 -47.50 -66.68 22.90
N THR D 141 -46.34 -66.36 23.45
CA THR D 141 -46.20 -65.22 24.35
C THR D 141 -45.67 -64.02 23.58
N LEU D 142 -46.15 -62.83 23.96
CA LEU D 142 -45.85 -61.59 23.26
C LEU D 142 -44.60 -60.95 23.84
N VAL D 143 -43.59 -60.76 23.00
CA VAL D 143 -42.31 -60.18 23.40
C VAL D 143 -42.05 -58.95 22.53
N LEU D 144 -41.71 -57.83 23.18
CA LEU D 144 -41.45 -56.59 22.44
C LEU D 144 -40.15 -56.67 21.67
N CYS D 145 -40.18 -56.24 20.41
CA CYS D 145 -39.01 -56.27 19.54
C CYS D 145 -39.01 -55.08 18.61
N ARG D 146 -37.83 -54.54 18.32
CA ARG D 146 -37.65 -53.45 17.38
C ARG D 146 -37.27 -54.01 16.02
N ALA D 147 -37.90 -53.51 14.96
CA ALA D 147 -37.89 -54.17 13.66
C ALA D 147 -36.63 -53.93 12.84
N ILE D 148 -35.66 -53.18 13.34
CA ILE D 148 -34.46 -52.94 12.56
C ILE D 148 -33.55 -54.15 12.59
N MET E 1 43.47 52.70 -26.26
CA MET E 1 44.85 53.12 -26.37
C MET E 1 45.17 54.19 -25.33
N ALA E 2 46.01 53.83 -24.36
CA ALA E 2 46.39 54.78 -23.31
C ALA E 2 47.36 55.83 -23.79
N ASN E 3 48.09 55.57 -24.87
CA ASN E 3 49.01 56.54 -25.45
C ASN E 3 48.36 57.13 -26.70
N SER E 4 47.52 58.13 -26.50
CA SER E 4 46.86 58.81 -27.61
C SER E 4 47.87 59.66 -28.35
N LYS E 5 47.88 59.55 -29.68
CA LYS E 5 48.89 60.19 -30.51
C LYS E 5 48.26 61.15 -31.51
N ASN E 6 47.37 62.01 -31.05
CA ASN E 6 46.63 62.91 -31.93
C ASN E 6 47.08 64.36 -31.80
N SER E 7 48.37 64.58 -31.57
CA SER E 7 48.97 65.91 -31.62
C SER E 7 50.47 65.72 -31.78
N ILE E 8 51.05 66.34 -32.81
CA ILE E 8 52.42 66.01 -33.17
C ILE E 8 53.44 66.73 -32.29
N PHE E 9 53.03 67.76 -31.54
CA PHE E 9 53.94 68.49 -30.65
C PHE E 9 53.46 68.26 -29.23
N VAL E 10 54.06 67.28 -28.57
CA VAL E 10 53.81 67.00 -27.15
C VAL E 10 55.16 67.11 -26.47
N GLY E 11 55.50 68.30 -26.00
CA GLY E 11 56.86 68.51 -25.52
C GLY E 11 56.98 69.32 -24.25
N GLY E 12 55.99 69.22 -23.38
CA GLY E 12 56.02 69.95 -22.13
C GLY E 12 54.80 70.84 -21.99
N ALA E 13 54.55 71.27 -20.76
CA ALA E 13 53.40 72.10 -20.47
C ALA E 13 53.74 73.57 -20.38
N GLY E 14 54.97 73.95 -20.66
CA GLY E 14 55.35 75.34 -20.58
C GLY E 14 56.16 75.78 -21.76
N ARG E 15 56.47 74.85 -22.65
CA ARG E 15 57.30 75.13 -23.80
C ARG E 15 56.44 75.31 -25.04
N VAL E 16 56.53 76.49 -25.65
CA VAL E 16 55.80 76.78 -26.87
C VAL E 16 56.68 76.41 -28.05
N LYS E 17 56.05 76.24 -29.21
CA LYS E 17 56.74 75.77 -30.39
C LYS E 17 57.18 76.93 -31.27
N GLN E 18 58.14 76.67 -32.14
CA GLN E 18 58.62 77.65 -33.10
C GLN E 18 58.16 77.25 -34.49
N THR E 19 57.43 78.15 -35.14
CA THR E 19 56.69 77.84 -36.35
C THR E 19 57.35 78.49 -37.56
N ILE E 20 57.52 77.71 -38.63
CA ILE E 20 58.08 78.18 -39.89
C ILE E 20 57.02 77.97 -40.96
N GLU E 21 56.37 79.05 -41.39
CA GLU E 21 55.39 78.93 -42.45
C GLU E 21 56.07 78.83 -43.82
N GLY E 22 55.27 78.52 -44.83
CA GLY E 22 55.79 78.39 -46.17
C GLY E 22 54.80 77.69 -47.07
N LEU E 23 55.16 77.62 -48.35
CA LEU E 23 54.29 77.03 -49.35
C LEU E 23 54.58 75.54 -49.51
N ALA E 24 53.63 74.83 -50.08
CA ALA E 24 53.75 73.40 -50.28
C ALA E 24 54.24 73.08 -51.68
N GLN E 25 54.72 71.86 -51.87
CA GLN E 25 55.06 71.36 -53.19
C GLN E 25 54.44 70.00 -53.44
N SER E 26 54.22 69.21 -52.39
CA SER E 26 53.66 67.89 -52.51
C SER E 26 52.60 67.70 -51.43
N ALA E 27 52.15 66.47 -51.23
CA ALA E 27 51.18 66.15 -50.18
C ALA E 27 51.84 65.16 -49.24
N PHE E 28 52.55 65.68 -48.23
CA PHE E 28 53.20 64.85 -47.23
C PHE E 28 52.32 64.71 -46.01
N LYS E 29 52.66 63.76 -45.16
CA LYS E 29 51.92 63.49 -43.94
C LYS E 29 52.61 64.15 -42.75
N PRO E 30 51.85 64.56 -41.74
CA PRO E 30 52.45 65.26 -40.59
C PRO E 30 53.37 64.35 -39.79
N GLY E 31 54.54 64.90 -39.44
CA GLY E 31 55.53 64.16 -38.73
C GLY E 31 56.72 63.71 -39.55
N GLN E 32 56.88 64.25 -40.76
CA GLN E 32 57.99 63.90 -41.63
C GLN E 32 59.00 65.02 -41.70
N LEU E 33 60.21 64.68 -42.12
CA LEU E 33 61.29 65.65 -42.19
C LEU E 33 61.17 66.49 -43.46
N LEU E 34 61.30 67.80 -43.31
CA LEU E 34 61.15 68.72 -44.42
C LEU E 34 62.48 69.43 -44.71
N ALA E 35 62.47 70.22 -45.79
CA ALA E 35 63.61 71.03 -46.16
C ALA E 35 63.12 72.16 -47.06
N ARG E 36 63.44 73.39 -46.70
CA ARG E 36 63.01 74.54 -47.49
C ARG E 36 63.82 74.66 -48.76
N ALA E 37 63.18 75.15 -49.81
CA ALA E 37 63.79 75.23 -51.14
C ALA E 37 63.70 76.66 -51.67
N ALA E 38 64.01 76.81 -52.95
CA ALA E 38 64.00 78.12 -53.59
C ALA E 38 62.58 78.66 -53.69
N GLY E 39 62.48 79.97 -53.85
CA GLY E 39 61.18 80.61 -53.68
C GLY E 39 60.86 80.67 -52.20
N ASP E 40 59.66 80.26 -51.83
CA ASP E 40 59.28 80.15 -50.43
C ASP E 40 58.47 78.88 -50.21
N ALA E 41 58.91 77.77 -50.79
CA ALA E 41 58.15 76.54 -50.78
C ALA E 41 58.86 75.46 -49.97
N ILE E 42 58.07 74.64 -49.28
CA ILE E 42 58.57 73.53 -48.48
C ILE E 42 58.09 72.23 -49.10
N ASP E 43 58.90 71.18 -48.96
CA ASP E 43 58.51 69.84 -49.37
C ASP E 43 59.31 68.85 -48.54
N VAL E 44 59.30 67.58 -48.97
CA VAL E 44 60.10 66.56 -48.30
C VAL E 44 61.57 66.81 -48.61
N THR E 45 62.45 66.26 -47.77
CA THR E 45 63.87 66.63 -47.82
C THR E 45 64.56 66.07 -49.05
N ALA E 46 64.55 64.74 -49.20
CA ALA E 46 65.20 64.01 -50.29
C ALA E 46 66.69 64.33 -50.40
N LYS E 47 67.33 64.51 -49.24
CA LYS E 47 68.78 64.57 -49.17
C LYS E 47 69.30 63.21 -48.70
N ALA E 48 70.62 63.08 -48.69
CA ALA E 48 71.21 61.81 -48.27
C ALA E 48 71.15 61.66 -46.76
N SER E 49 71.30 60.42 -46.30
CA SER E 49 71.29 60.17 -44.87
C SER E 49 72.59 60.58 -44.20
N THR E 50 73.68 60.61 -44.95
CA THR E 50 75.00 60.89 -44.41
C THR E 50 75.43 62.34 -44.63
N THR E 51 74.47 63.27 -44.57
CA THR E 51 74.76 64.68 -44.76
C THR E 51 74.38 65.44 -43.49
N TYR E 52 75.31 66.25 -42.99
CA TYR E 52 75.12 66.99 -41.76
C TYR E 52 74.60 68.39 -42.06
N GLY E 53 74.40 69.17 -41.00
CA GLY E 53 74.01 70.55 -41.15
C GLY E 53 72.56 70.80 -41.48
N ASN E 54 71.72 69.78 -41.48
CA ASN E 54 70.31 69.96 -41.78
C ASN E 54 69.58 70.48 -40.55
N GLU E 55 68.57 71.30 -40.78
CA GLU E 55 67.78 71.85 -39.68
C GLU E 55 66.66 70.88 -39.31
N PHE E 56 66.37 70.80 -38.02
CA PHE E 56 65.29 69.94 -37.53
C PHE E 56 63.98 70.62 -37.85
N LEU E 57 63.38 70.26 -38.99
CA LEU E 57 62.16 70.88 -39.47
C LEU E 57 61.16 69.77 -39.79
N ILE E 58 60.17 69.59 -38.94
CA ILE E 58 59.14 68.58 -39.14
C ILE E 58 57.83 69.27 -39.47
N CYS E 59 56.91 68.49 -40.02
CA CYS E 59 55.61 69.01 -40.44
C CYS E 59 54.61 68.88 -39.30
N ASP E 60 54.18 70.02 -38.77
CA ASP E 60 53.14 70.06 -37.77
C ASP E 60 51.81 69.60 -38.37
N ASP E 61 50.95 69.05 -37.52
CA ASP E 61 49.59 68.77 -37.96
C ASP E 61 48.86 70.08 -38.24
N GLN E 62 48.00 70.05 -39.25
CA GLN E 62 47.27 71.23 -39.63
C GLN E 62 46.19 71.54 -38.58
N PRO E 63 45.66 72.76 -38.56
CA PRO E 63 44.62 73.10 -37.58
C PRO E 63 43.37 72.26 -37.70
N GLN E 64 42.63 72.19 -36.59
CA GLN E 64 41.38 71.44 -36.55
C GLN E 64 40.33 72.05 -37.45
N THR E 65 40.34 73.38 -37.59
CA THR E 65 39.37 74.08 -38.42
C THR E 65 39.82 74.20 -39.87
N LEU E 66 40.69 73.32 -40.34
CA LEU E 66 41.04 73.24 -41.75
C LEU E 66 41.10 71.80 -42.22
N GLY E 67 40.56 70.87 -41.46
CA GLY E 67 40.64 69.46 -41.82
C GLY E 67 42.03 68.90 -41.61
N GLY E 68 42.55 69.01 -40.39
CA GLY E 68 43.88 68.56 -40.09
C GLY E 68 43.91 67.57 -38.94
N GLY E 69 44.74 66.56 -39.08
CA GLY E 69 44.93 65.59 -38.02
C GLY E 69 46.34 65.06 -38.06
N THR E 70 46.57 63.96 -37.35
CA THR E 70 47.88 63.32 -37.36
C THR E 70 48.03 62.29 -38.46
N ASP E 71 47.00 62.07 -39.26
CA ASP E 71 47.08 61.18 -40.41
C ASP E 71 46.53 61.79 -41.69
N VAL E 72 45.88 62.94 -41.62
CA VAL E 72 45.37 63.62 -42.80
C VAL E 72 46.53 64.31 -43.49
N ALA E 73 46.76 64.00 -44.76
CA ALA E 73 47.83 64.63 -45.51
C ALA E 73 47.46 66.07 -45.85
N VAL E 74 48.48 66.88 -46.12
CA VAL E 74 48.26 68.29 -46.41
C VAL E 74 47.82 68.44 -47.87
N THR E 75 47.19 69.57 -48.15
CA THR E 75 46.78 69.89 -49.51
C THR E 75 47.89 70.64 -50.22
N ALA E 76 48.17 70.25 -51.45
CA ALA E 76 49.33 70.76 -52.17
C ALA E 76 49.12 72.19 -52.62
N GLY E 77 50.22 72.93 -52.71
CA GLY E 77 50.19 74.29 -53.21
C GLY E 77 49.58 75.30 -52.26
N ASP E 78 49.65 75.05 -50.95
CA ASP E 78 49.04 75.91 -49.96
C ASP E 78 50.03 76.21 -48.85
N THR E 79 49.55 76.88 -47.80
CA THR E 79 50.39 77.24 -46.67
C THR E 79 50.46 76.07 -45.70
N VAL E 80 51.64 75.48 -45.56
CA VAL E 80 51.88 74.40 -44.62
C VAL E 80 52.55 74.98 -43.40
N GLN E 81 51.93 74.81 -42.24
CA GLN E 81 52.46 75.28 -40.97
C GLN E 81 53.35 74.19 -40.39
N ALA E 82 54.63 74.49 -40.24
CA ALA E 82 55.63 73.51 -39.82
C ALA E 82 56.17 73.87 -38.44
N ILE E 83 57.15 73.08 -37.98
CA ILE E 83 57.73 73.23 -36.65
C ILE E 83 59.24 73.11 -36.76
N SER E 84 59.95 74.11 -36.24
CA SER E 84 61.38 74.00 -35.99
C SER E 84 61.57 73.59 -34.53
N VAL E 85 62.31 72.51 -34.31
CA VAL E 85 62.38 71.87 -33.01
C VAL E 85 63.61 72.38 -32.27
N LEU E 86 63.39 72.98 -31.11
CA LEU E 86 64.49 73.37 -30.26
C LEU E 86 65.02 72.14 -29.53
N PRO E 87 66.30 72.14 -29.15
CA PRO E 87 66.83 71.01 -28.37
C PRO E 87 66.24 71.00 -26.96
N GLY E 88 65.72 69.85 -26.58
CA GLY E 88 65.09 69.69 -25.29
C GLY E 88 63.59 69.63 -25.30
N GLN E 89 62.99 69.24 -26.42
CA GLN E 89 61.55 69.09 -26.53
C GLN E 89 61.23 67.69 -27.05
N TYR E 90 60.05 67.19 -26.71
CA TYR E 90 59.58 65.91 -27.22
C TYR E 90 58.64 66.15 -28.38
N VAL E 91 58.83 65.38 -29.46
CA VAL E 91 57.98 65.48 -30.64
C VAL E 91 57.70 64.07 -31.15
N LEU E 92 56.55 63.91 -31.81
CA LEU E 92 56.19 62.64 -32.43
C LEU E 92 56.76 62.60 -33.83
N LEU E 93 57.74 61.75 -34.06
CA LEU E 93 58.34 61.60 -35.37
C LEU E 93 57.57 60.54 -36.16
N SER E 94 58.13 60.10 -37.29
CA SER E 94 57.51 59.04 -38.09
C SER E 94 58.63 58.16 -38.65
N PHE E 95 58.68 56.91 -38.21
CA PHE E 95 59.77 56.02 -38.55
C PHE E 95 59.46 55.25 -39.84
N ALA E 96 60.49 54.57 -40.34
CA ALA E 96 60.37 53.70 -41.49
C ALA E 96 60.00 52.30 -41.02
N ALA E 97 60.11 51.31 -41.89
CA ALA E 97 59.68 49.96 -41.57
C ALA E 97 60.85 49.09 -41.10
N THR E 98 60.50 48.02 -40.38
CA THR E 98 61.39 46.94 -39.94
C THR E 98 62.55 47.46 -39.08
N GLN E 99 62.18 48.04 -37.93
CA GLN E 99 63.14 48.39 -36.90
C GLN E 99 62.42 48.46 -35.57
N ASN E 100 63.01 47.87 -34.53
CA ASN E 100 62.43 47.86 -33.21
C ASN E 100 63.23 48.75 -32.28
N VAL E 101 62.52 49.47 -31.43
CA VAL E 101 63.14 50.37 -30.44
C VAL E 101 63.12 49.64 -29.10
N THR E 102 64.29 49.23 -28.65
CA THR E 102 64.41 48.45 -27.42
C THR E 102 64.71 49.33 -26.20
N THR E 103 65.74 50.16 -26.29
CA THR E 103 66.19 50.96 -25.16
C THR E 103 65.80 52.42 -25.35
N LYS E 104 65.38 53.06 -24.27
CA LYS E 104 65.08 54.50 -24.30
C LYS E 104 66.40 55.26 -24.32
N GLY E 105 66.74 55.83 -25.47
CA GLY E 105 67.96 56.62 -25.54
C GLY E 105 68.83 56.36 -26.75
N ALA E 106 68.33 55.63 -27.73
CA ALA E 106 69.11 55.38 -28.93
C ALA E 106 69.14 56.62 -29.82
N ALA E 107 70.03 56.61 -30.80
CA ALA E 107 70.20 57.74 -31.69
C ALA E 107 69.22 57.64 -32.85
N VAL E 108 68.64 58.79 -33.21
CA VAL E 108 67.62 58.86 -34.25
C VAL E 108 68.22 59.60 -35.44
N ALA E 109 68.53 58.87 -36.50
CA ALA E 109 69.05 59.45 -37.72
C ALA E 109 67.89 59.81 -38.63
N SER E 110 68.18 60.16 -39.89
CA SER E 110 67.16 60.53 -40.84
C SER E 110 67.33 59.70 -42.11
N ASN E 111 66.26 59.01 -42.51
CA ASN E 111 66.26 58.29 -43.76
C ASN E 111 66.10 59.28 -44.92
N GLY E 112 66.43 58.82 -46.12
CA GLY E 112 66.40 59.71 -47.27
C GLY E 112 65.01 60.01 -47.79
N ASP E 113 63.99 59.28 -47.35
CA ASP E 113 62.65 59.44 -47.89
C ASP E 113 61.79 60.41 -47.09
N GLY E 114 62.33 61.01 -46.05
CA GLY E 114 61.55 61.89 -45.19
C GLY E 114 61.09 61.26 -43.90
N ASN E 115 61.47 60.01 -43.64
CA ASN E 115 61.19 59.35 -42.38
C ASN E 115 62.48 59.20 -41.59
N PHE E 116 62.36 58.66 -40.38
CA PHE E 116 63.50 58.51 -39.48
C PHE E 116 63.83 57.03 -39.28
N LYS E 117 65.03 56.78 -38.79
CA LYS E 117 65.49 55.41 -38.56
C LYS E 117 66.55 55.43 -37.47
N LEU E 118 66.81 54.24 -36.92
CA LEU E 118 67.86 54.06 -35.94
C LEU E 118 69.17 53.77 -36.67
N GLY E 119 70.04 54.77 -36.74
CA GLY E 119 71.30 54.61 -37.44
C GLY E 119 72.48 54.70 -36.49
N ASN E 120 73.65 54.34 -37.00
CA ASN E 120 74.85 54.42 -36.19
C ASN E 120 75.31 55.86 -36.09
N PRO E 121 75.48 56.40 -34.90
CA PRO E 121 75.84 57.82 -34.74
C PRO E 121 77.33 58.08 -34.96
N ALA E 122 77.84 57.69 -36.12
CA ALA E 122 79.21 57.98 -36.50
C ALA E 122 79.33 58.44 -37.94
N THR E 123 78.29 58.28 -38.75
CA THR E 123 78.32 58.70 -40.14
C THR E 123 77.07 59.47 -40.56
N GLU E 124 76.15 59.74 -39.65
CA GLU E 124 74.94 60.49 -39.96
C GLU E 124 74.63 61.47 -38.85
N GLN E 125 73.85 62.49 -39.18
CA GLN E 125 73.50 63.53 -38.22
C GLN E 125 72.44 63.02 -37.27
N THR E 126 72.71 63.09 -35.97
CA THR E 126 71.78 62.63 -34.96
C THR E 126 70.81 63.76 -34.63
N PHE E 127 69.53 63.53 -34.89
CA PHE E 127 68.52 64.55 -34.65
C PHE E 127 67.96 64.46 -33.23
N ALA E 128 67.48 63.29 -32.84
CA ALA E 128 66.71 63.17 -31.61
C ALA E 128 67.11 61.88 -30.89
N VAL E 129 66.35 61.55 -29.85
CA VAL E 129 66.63 60.42 -28.98
C VAL E 129 65.31 59.78 -28.61
N THR E 130 65.24 58.46 -28.71
CA THR E 130 63.99 57.72 -28.52
C THR E 130 63.49 57.81 -27.08
N GLU E 131 62.18 57.75 -26.92
CA GLU E 131 61.56 57.87 -25.61
C GLU E 131 60.40 56.91 -25.40
N GLU E 132 60.26 55.90 -26.25
CA GLU E 132 59.16 54.95 -26.14
C GLU E 132 59.63 53.61 -26.68
N ILE E 133 59.28 52.54 -25.98
CA ILE E 133 59.71 51.19 -26.33
C ILE E 133 58.54 50.54 -27.07
N ILE E 134 58.56 50.63 -28.40
CA ILE E 134 57.60 49.95 -29.26
C ILE E 134 58.34 49.38 -30.46
N ASN E 135 57.67 48.48 -31.17
CA ASN E 135 58.18 47.88 -32.40
C ASN E 135 57.25 48.23 -33.54
N VAL E 136 57.80 48.77 -34.61
CA VAL E 136 57.01 49.22 -35.75
C VAL E 136 57.31 48.33 -36.95
N THR E 137 56.29 48.14 -37.79
CA THR E 137 56.43 47.34 -39.01
C THR E 137 55.89 48.04 -40.24
N THR E 138 54.93 48.94 -40.09
CA THR E 138 54.40 49.70 -41.22
C THR E 138 55.01 51.10 -41.21
N ALA E 139 55.47 51.54 -42.37
CA ALA E 139 56.15 52.83 -42.49
C ALA E 139 55.15 53.96 -42.34
N GLY E 140 55.33 54.78 -41.30
CA GLY E 140 54.43 55.88 -41.06
C GLY E 140 53.81 55.86 -39.69
N THR E 141 54.47 55.21 -38.74
CA THR E 141 53.97 55.14 -37.36
C THR E 141 54.64 56.20 -36.51
N LEU E 142 53.88 56.74 -35.57
CA LEU E 142 54.33 57.86 -34.74
C LEU E 142 55.01 57.33 -33.47
N VAL E 143 56.27 57.71 -33.28
CA VAL E 143 57.06 57.28 -32.14
C VAL E 143 57.56 58.52 -31.41
N LEU E 144 57.37 58.55 -30.09
CA LEU E 144 57.79 59.69 -29.29
C LEU E 144 59.31 59.76 -29.18
N CYS E 145 59.87 60.96 -29.37
CA CYS E 145 61.31 61.16 -29.32
C CYS E 145 61.62 62.53 -28.74
N ARG E 146 62.70 62.62 -27.96
CA ARG E 146 63.18 63.87 -27.41
C ARG E 146 64.27 64.43 -28.30
N ALA E 147 64.22 65.73 -28.59
CA ALA E 147 64.97 66.33 -29.68
C ALA E 147 66.43 66.62 -29.35
N ILE E 148 66.89 66.31 -28.15
CA ILE E 148 68.28 66.61 -27.81
C ILE E 148 69.21 65.58 -28.44
N MET F 1 -14.79 -39.21 64.90
CA MET F 1 -13.34 -39.22 64.98
C MET F 1 -12.82 -37.97 65.66
N ALA F 2 -12.26 -38.13 66.86
CA ALA F 2 -11.74 -36.99 67.61
C ALA F 2 -10.42 -36.49 67.04
N ASN F 3 -9.69 -37.32 66.30
CA ASN F 3 -8.44 -36.92 65.65
C ASN F 3 -8.71 -36.69 64.17
N SER F 4 -9.21 -35.50 63.84
CA SER F 4 -9.47 -35.16 62.46
C SER F 4 -8.17 -34.94 61.72
N LYS F 5 -8.04 -35.55 60.54
CA LYS F 5 -6.79 -35.55 59.81
C LYS F 5 -6.94 -34.92 58.44
N ASN F 6 -7.56 -33.73 58.38
CA ASN F 6 -7.85 -33.09 57.12
C ASN F 6 -6.98 -31.87 56.85
N SER F 7 -5.72 -31.91 57.28
CA SER F 7 -4.72 -30.90 56.95
C SER F 7 -3.35 -31.51 57.20
N ILE F 8 -2.49 -31.50 56.19
CA ILE F 8 -1.27 -32.28 56.27
C ILE F 8 -0.18 -31.57 57.08
N PHE F 9 -0.32 -30.28 57.34
CA PHE F 9 0.65 -29.53 58.13
C PHE F 9 -0.03 -29.07 59.41
N VAL F 10 0.13 -29.85 60.46
CA VAL F 10 -0.36 -29.49 61.79
C VAL F 10 0.86 -29.48 62.69
N GLY F 11 1.52 -28.33 62.81
CA GLY F 11 2.80 -28.32 63.48
C GLY F 11 3.03 -27.16 64.43
N GLY F 12 1.97 -26.65 65.03
CA GLY F 12 2.07 -25.54 65.95
C GLY F 12 1.21 -24.38 65.51
N ALA F 13 0.96 -23.47 66.45
CA ALA F 13 0.11 -22.34 66.19
C ALA F 13 0.89 -21.07 65.87
N GLY F 14 2.21 -21.16 65.78
CA GLY F 14 3.00 -19.99 65.47
C GLY F 14 4.05 -20.26 64.43
N ARG F 15 4.14 -21.50 63.98
CA ARG F 15 5.16 -21.91 63.03
C ARG F 15 4.55 -21.99 61.64
N VAL F 16 5.08 -21.19 60.72
CA VAL F 16 4.64 -21.20 59.33
C VAL F 16 5.49 -22.21 58.56
N LYS F 17 4.97 -22.64 57.42
CA LYS F 17 5.61 -23.68 56.65
C LYS F 17 6.50 -23.08 55.56
N GLN F 18 7.42 -23.90 55.06
CA GLN F 18 8.30 -23.52 53.98
C GLN F 18 7.90 -24.28 52.72
N THR F 19 7.59 -23.53 51.66
CA THR F 19 6.93 -24.08 50.48
C THR F 19 7.92 -24.13 49.32
N ILE F 20 7.94 -25.27 48.62
CA ILE F 20 8.77 -25.47 47.44
C ILE F 20 7.84 -25.79 46.28
N GLU F 21 7.62 -24.83 45.40
CA GLU F 21 6.79 -25.07 44.23
C GLU F 21 7.56 -25.85 43.17
N GLY F 22 6.84 -26.30 42.16
CA GLY F 22 7.44 -27.06 41.08
C GLY F 22 6.39 -27.77 40.26
N LEU F 23 6.85 -28.41 39.19
CA LEU F 23 5.97 -29.09 38.26
C LEU F 23 5.78 -30.55 38.68
N ALA F 24 4.70 -31.15 38.17
CA ALA F 24 4.38 -32.53 38.48
C ALA F 24 4.92 -33.47 37.40
N GLN F 25 4.99 -34.74 37.73
CA GLN F 25 5.31 -35.79 36.76
C GLN F 25 4.31 -36.93 36.82
N SER F 26 3.73 -37.17 37.99
CA SER F 26 2.78 -38.25 38.18
C SER F 26 1.61 -37.73 39.00
N ALA F 27 0.77 -38.64 39.48
CA ALA F 27 -0.37 -38.28 40.33
C ALA F 27 -0.18 -38.97 41.67
N PHE F 28 0.53 -38.31 42.57
CA PHE F 28 0.76 -38.84 43.91
C PHE F 28 -0.27 -38.26 44.88
N LYS F 29 -0.35 -38.89 46.05
CA LYS F 29 -1.28 -38.48 47.09
C LYS F 29 -0.55 -37.61 48.12
N PRO F 30 -1.26 -36.66 48.75
CA PRO F 30 -0.60 -35.77 49.70
C PRO F 30 -0.12 -36.50 50.94
N GLY F 31 1.10 -36.19 51.36
CA GLY F 31 1.72 -36.84 52.48
C GLY F 31 2.78 -37.86 52.13
N GLN F 32 3.25 -37.87 50.89
CA GLN F 32 4.28 -38.81 50.46
C GLN F 32 5.60 -38.09 50.26
N LEU F 33 6.68 -38.87 50.26
CA LEU F 33 8.02 -38.31 50.12
C LEU F 33 8.32 -38.01 48.66
N LEU F 34 8.85 -36.82 48.41
CA LEU F 34 9.14 -36.38 47.04
C LEU F 34 10.64 -36.20 46.85
N ALA F 35 11.02 -35.91 45.60
CA ALA F 35 12.40 -35.63 45.25
C ALA F 35 12.41 -34.84 43.96
N ARG F 36 13.06 -33.69 43.96
CA ARG F 36 13.11 -32.84 42.77
C ARG F 36 14.08 -33.43 41.74
N ALA F 37 13.76 -33.23 40.47
CA ALA F 37 14.51 -33.81 39.37
C ALA F 37 14.95 -32.73 38.40
N ALA F 38 15.45 -33.15 37.23
CA ALA F 38 15.94 -32.23 36.22
C ALA F 38 14.78 -31.42 35.64
N GLY F 39 15.13 -30.29 35.04
CA GLY F 39 14.10 -29.32 34.70
C GLY F 39 13.65 -28.62 35.96
N ASP F 40 12.34 -28.55 36.16
CA ASP F 40 11.78 -28.01 37.39
C ASP F 40 10.58 -28.84 37.83
N ALA F 41 10.71 -30.16 37.76
CA ALA F 41 9.60 -31.06 37.99
C ALA F 41 9.82 -31.89 39.25
N ILE F 42 8.73 -32.16 39.96
CA ILE F 42 8.75 -32.98 41.17
C ILE F 42 7.95 -34.24 40.91
N ASP F 43 8.35 -35.33 41.56
CA ASP F 43 7.60 -36.58 41.53
C ASP F 43 7.93 -37.36 42.81
N VAL F 44 7.57 -38.64 42.83
CA VAL F 44 7.91 -39.51 43.95
C VAL F 44 9.41 -39.78 43.91
N THR F 45 9.95 -40.17 45.07
CA THR F 45 11.41 -40.23 45.23
C THR F 45 12.03 -41.37 44.43
N ALA F 46 11.60 -42.61 44.72
CA ALA F 46 12.12 -43.85 44.11
C ALA F 46 13.63 -43.97 44.25
N LYS F 47 14.15 -43.54 45.38
CA LYS F 47 15.52 -43.84 45.77
C LYS F 47 15.52 -45.01 46.75
N ALA F 48 16.71 -45.47 47.12
CA ALA F 48 16.81 -46.59 48.04
C ALA F 48 16.52 -46.12 49.46
N SER F 49 16.21 -47.10 50.33
CA SER F 49 15.94 -46.78 51.72
C SER F 49 17.22 -46.49 52.49
N THR F 50 18.34 -47.04 52.04
CA THR F 50 19.61 -46.92 52.76
C THR F 50 20.50 -45.82 52.17
N THR F 51 19.90 -44.73 51.71
CA THR F 51 20.65 -43.61 51.14
C THR F 51 20.39 -42.36 51.97
N TYR F 52 21.47 -41.70 52.39
CA TYR F 52 21.38 -40.53 53.23
C TYR F 52 21.38 -39.26 52.37
N GLY F 53 21.31 -38.11 53.05
CA GLY F 53 21.42 -36.83 52.38
C GLY F 53 20.17 -36.37 51.67
N ASN F 54 19.06 -37.06 51.81
CA ASN F 54 17.82 -36.64 51.16
C ASN F 54 17.16 -35.54 51.96
N GLU F 55 16.50 -34.63 51.24
CA GLU F 55 15.81 -33.53 51.89
C GLU F 55 14.40 -33.96 52.29
N PHE F 56 13.95 -33.47 53.43
CA PHE F 56 12.61 -33.76 53.92
C PHE F 56 11.63 -32.94 53.10
N LEU F 57 11.08 -33.54 52.05
CA LEU F 57 10.19 -32.85 51.13
C LEU F 57 8.94 -33.70 50.95
N ILE F 58 7.84 -33.28 51.58
CA ILE F 58 6.58 -34.00 51.49
C ILE F 58 5.61 -33.18 50.66
N CYS F 59 4.55 -33.83 50.20
CA CYS F 59 3.56 -33.19 49.35
C CYS F 59 2.44 -32.62 50.21
N ASP F 60 2.35 -31.29 50.23
CA ASP F 60 1.25 -30.61 50.90
C ASP F 60 -0.06 -30.91 50.20
N ASP F 61 -1.15 -30.85 50.95
CA ASP F 61 -2.47 -30.91 50.35
C ASP F 61 -2.69 -29.67 49.49
N GLN F 62 -3.39 -29.85 48.38
CA GLN F 62 -3.65 -28.75 47.47
C GLN F 62 -4.69 -27.81 48.10
N PRO F 63 -4.79 -26.58 47.60
CA PRO F 63 -5.77 -25.64 48.14
C PRO F 63 -7.22 -26.11 48.02
N GLN F 64 -8.06 -25.56 48.91
CA GLN F 64 -9.48 -25.89 48.90
C GLN F 64 -10.17 -25.40 47.64
N THR F 65 -9.71 -24.29 47.08
CA THR F 65 -10.30 -23.73 45.87
C THR F 65 -9.66 -24.27 44.60
N LEU F 66 -9.08 -25.47 44.66
CA LEU F 66 -8.60 -26.17 43.47
C LEU F 66 -8.95 -27.65 43.51
N GLY F 67 -9.85 -28.05 44.39
CA GLY F 67 -10.19 -29.44 44.55
C GLY F 67 -9.10 -30.22 45.22
N GLY F 68 -8.72 -29.80 46.42
CA GLY F 68 -7.64 -30.44 47.15
C GLY F 68 -8.08 -30.89 48.53
N GLY F 69 -7.60 -32.06 48.93
CA GLY F 69 -7.86 -32.56 50.26
C GLY F 69 -6.70 -33.42 50.71
N THR F 70 -6.93 -34.18 51.77
CA THR F 70 -5.90 -35.09 52.26
C THR F 70 -5.96 -36.46 51.63
N ASP F 71 -6.91 -36.70 50.72
CA ASP F 71 -6.99 -37.95 49.99
C ASP F 71 -7.15 -37.74 48.49
N VAL F 72 -7.39 -36.52 48.03
CA VAL F 72 -7.52 -36.24 46.60
C VAL F 72 -6.11 -36.18 46.00
N ALA F 73 -5.86 -37.00 45.00
CA ALA F 73 -4.57 -37.00 44.34
C ALA F 73 -4.40 -35.74 43.48
N VAL F 74 -3.15 -35.40 43.21
CA VAL F 74 -2.87 -34.20 42.43
C VAL F 74 -3.06 -34.49 40.95
N THR F 75 -3.26 -33.43 40.18
CA THR F 75 -3.38 -33.56 38.73
C THR F 75 -2.01 -33.45 38.10
N ALA F 76 -1.73 -34.34 37.15
CA ALA F 76 -0.38 -34.45 36.59
C ALA F 76 -0.07 -33.28 35.66
N GLY F 77 1.22 -32.96 35.58
CA GLY F 77 1.68 -31.92 34.69
C GLY F 77 1.33 -30.51 35.09
N ASP F 78 1.15 -30.26 36.38
CA ASP F 78 0.74 -28.95 36.87
C ASP F 78 1.64 -28.53 38.02
N THR F 79 1.28 -27.42 38.67
CA THR F 79 2.05 -26.88 39.78
C THR F 79 1.62 -27.57 41.06
N VAL F 80 2.53 -28.35 41.65
CA VAL F 80 2.29 -29.02 42.92
C VAL F 80 2.96 -28.22 44.01
N GLN F 81 2.18 -27.76 44.98
CA GLN F 81 2.68 -27.00 46.10
C GLN F 81 3.10 -27.98 47.20
N ALA F 82 4.39 -27.99 47.53
CA ALA F 82 4.95 -28.96 48.46
C ALA F 82 5.41 -28.27 49.74
N ILE F 83 6.02 -29.03 50.63
CA ILE F 83 6.46 -28.55 51.94
C ILE F 83 7.85 -29.09 52.23
N SER F 84 8.79 -28.19 52.54
CA SER F 84 10.06 -28.56 53.13
C SER F 84 9.94 -28.43 54.64
N VAL F 85 10.25 -29.50 55.36
CA VAL F 85 9.96 -29.60 56.79
C VAL F 85 11.19 -29.18 57.58
N LEU F 86 11.04 -28.15 58.38
CA LEU F 86 12.09 -27.76 59.31
C LEU F 86 12.12 -28.72 60.49
N PRO F 87 13.27 -28.91 61.13
CA PRO F 87 13.31 -29.75 62.34
C PRO F 87 12.59 -29.07 63.49
N GLY F 88 11.67 -29.81 64.10
CA GLY F 88 10.89 -29.30 65.20
C GLY F 88 9.45 -28.98 64.87
N GLN F 89 8.89 -29.60 63.82
CA GLN F 89 7.51 -29.40 63.45
C GLN F 89 6.82 -30.76 63.35
N TYR F 90 5.51 -30.76 63.56
CA TYR F 90 4.72 -31.97 63.40
C TYR F 90 4.05 -31.96 62.03
N VAL F 91 4.11 -33.10 61.34
CA VAL F 91 3.48 -33.25 60.03
C VAL F 91 2.83 -34.61 59.95
N LEU F 92 1.77 -34.71 59.14
CA LEU F 92 1.09 -35.98 58.90
C LEU F 92 1.78 -36.69 57.75
N LEU F 93 2.46 -37.79 58.05
CA LEU F 93 3.12 -38.57 57.02
C LEU F 93 2.16 -39.62 56.47
N SER F 94 2.67 -40.58 55.71
CA SER F 94 1.86 -41.66 55.17
C SER F 94 2.68 -42.94 55.20
N PHE F 95 2.27 -43.89 56.03
CA PHE F 95 3.04 -45.11 56.24
C PHE F 95 2.66 -46.20 55.24
N ALA F 96 3.47 -47.25 55.23
CA ALA F 96 3.20 -48.43 54.42
C ALA F 96 2.35 -49.40 55.24
N ALA F 97 2.24 -50.64 54.78
CA ALA F 97 1.36 -51.61 55.42
C ALA F 97 2.13 -52.51 56.39
N THR F 98 1.36 -53.09 57.32
CA THR F 98 1.80 -54.12 58.28
C THR F 98 2.95 -53.63 59.17
N GLN F 99 2.65 -52.59 59.95
CA GLN F 99 3.54 -52.14 61.01
C GLN F 99 2.74 -51.38 62.04
N ASN F 100 2.98 -51.67 63.30
CA ASN F 100 2.26 -51.03 64.40
C ASN F 100 3.21 -50.09 65.14
N VAL F 101 2.68 -48.94 65.54
CA VAL F 101 3.42 -47.94 66.29
C VAL F 101 3.02 -48.07 67.75
N THR F 102 3.93 -48.57 68.57
CA THR F 102 3.64 -48.82 69.98
C THR F 102 4.06 -47.66 70.87
N THR F 103 5.30 -47.22 70.76
CA THR F 103 5.84 -46.20 71.64
C THR F 103 5.98 -44.87 70.90
N LYS F 104 5.67 -43.78 71.59
CA LYS F 104 5.85 -42.45 71.04
C LYS F 104 7.34 -42.12 71.06
N GLY F 105 7.99 -42.13 69.90
CA GLY F 105 9.38 -41.77 69.86
C GLY F 105 10.27 -42.68 69.04
N ALA F 106 9.67 -43.57 68.26
CA ALA F 106 10.47 -44.45 67.41
C ALA F 106 11.00 -43.69 66.20
N ALA F 107 11.95 -44.30 65.51
CA ALA F 107 12.59 -43.68 64.35
C ALA F 107 11.77 -43.94 63.10
N VAL F 108 11.63 -42.91 62.26
CA VAL F 108 10.83 -42.98 61.06
C VAL F 108 11.77 -42.93 59.86
N ALA F 109 11.95 -44.06 59.20
CA ALA F 109 12.77 -44.13 58.00
C ALA F 109 11.90 -43.86 56.78
N SER F 110 12.43 -44.10 55.59
CA SER F 110 11.70 -43.86 54.35
C SER F 110 11.75 -45.13 53.49
N ASN F 111 10.57 -45.61 53.12
CA ASN F 111 10.48 -46.73 52.19
C ASN F 111 10.79 -46.24 50.78
N GLY F 112 11.11 -47.19 49.91
CA GLY F 112 11.48 -46.84 48.55
C GLY F 112 10.34 -46.40 47.65
N ASP F 113 9.10 -46.62 48.06
CA ASP F 113 7.95 -46.34 47.22
C ASP F 113 7.36 -44.95 47.43
N GLY F 114 7.95 -44.16 48.33
CA GLY F 114 7.40 -42.86 48.64
C GLY F 114 6.61 -42.81 49.92
N ASN F 115 6.53 -43.91 50.67
CA ASN F 115 5.90 -43.95 51.98
C ASN F 115 6.97 -44.12 53.05
N PHE F 116 6.55 -44.12 54.30
CA PHE F 116 7.45 -44.21 55.43
C PHE F 116 7.27 -45.52 56.16
N LYS F 117 8.25 -45.88 56.97
CA LYS F 117 8.22 -47.11 57.73
C LYS F 117 9.09 -46.97 58.97
N LEU F 118 8.89 -47.89 59.91
CA LEU F 118 9.71 -47.94 61.12
C LEU F 118 10.91 -48.82 60.83
N GLY F 119 12.07 -48.19 60.65
CA GLY F 119 13.29 -48.91 60.34
C GLY F 119 14.31 -48.78 61.45
N ASN F 120 15.35 -49.59 61.36
CA ASN F 120 16.42 -49.53 62.36
C ASN F 120 17.29 -48.33 62.08
N PRO F 121 17.49 -47.43 63.05
CA PRO F 121 18.27 -46.21 62.80
C PRO F 121 19.77 -46.44 62.87
N ALA F 122 20.27 -47.36 62.05
CA ALA F 122 21.70 -47.60 61.91
C ALA F 122 22.12 -47.77 60.47
N THR F 123 21.19 -47.96 59.54
CA THR F 123 21.52 -48.11 58.13
C THR F 123 20.65 -47.26 57.21
N GLU F 124 19.76 -46.44 57.75
CA GLU F 124 18.91 -45.57 56.94
C GLU F 124 18.80 -44.21 57.58
N GLN F 125 18.43 -43.23 56.77
CA GLN F 125 18.32 -41.84 57.23
C GLN F 125 17.04 -41.67 58.03
N THR F 126 17.18 -41.19 59.26
CA THR F 126 16.04 -40.97 60.13
C THR F 126 15.44 -39.59 59.84
N PHE F 127 14.20 -39.57 59.38
CA PHE F 127 13.55 -38.30 59.05
C PHE F 127 12.83 -37.71 60.25
N ALA F 128 11.95 -38.47 60.88
CA ALA F 128 11.05 -37.92 61.87
C ALA F 128 10.92 -38.89 63.04
N VAL F 129 9.99 -38.59 63.94
CA VAL F 129 9.78 -39.35 65.16
C VAL F 129 8.28 -39.43 65.41
N THR F 130 7.80 -40.63 65.74
CA THR F 130 6.37 -40.89 65.86
C THR F 130 5.77 -40.14 67.05
N GLU F 131 4.48 -39.79 66.91
CA GLU F 131 3.79 -39.02 67.94
C GLU F 131 2.37 -39.50 68.17
N GLU F 132 2.01 -40.69 67.69
CA GLU F 132 0.66 -41.21 67.85
C GLU F 132 0.72 -42.72 67.89
N ILE F 133 -0.02 -43.32 68.82
CA ILE F 133 -0.02 -44.77 69.01
C ILE F 133 -1.24 -45.31 68.27
N ILE F 134 -1.03 -45.75 67.03
CA ILE F 134 -2.05 -46.43 66.25
C ILE F 134 -1.40 -47.58 65.50
N ASN F 135 -2.25 -48.48 64.98
CA ASN F 135 -1.80 -49.61 64.18
C ASN F 135 -2.44 -49.49 62.80
N VAL F 136 -1.61 -49.55 61.76
CA VAL F 136 -2.08 -49.38 60.39
C VAL F 136 -1.94 -50.70 59.65
N THR F 137 -2.86 -50.92 58.71
CA THR F 137 -2.84 -52.13 57.88
C THR F 137 -2.98 -51.84 56.39
N THR F 138 -3.60 -50.73 56.02
CA THR F 138 -3.73 -50.33 54.62
C THR F 138 -2.70 -49.25 54.31
N ALA F 139 -1.99 -49.42 53.21
CA ALA F 139 -0.91 -48.50 52.84
C ALA F 139 -1.52 -47.17 52.39
N GLY F 140 -1.20 -46.10 53.10
CA GLY F 140 -1.72 -44.80 52.77
C GLY F 140 -2.47 -44.14 53.90
N THR F 141 -2.18 -44.52 55.13
CA THR F 141 -2.82 -43.94 56.30
C THR F 141 -1.96 -42.85 56.90
N LEU F 142 -2.60 -41.81 57.42
CA LEU F 142 -1.91 -40.62 57.91
C LEU F 142 -1.60 -40.79 59.40
N VAL F 143 -0.33 -40.71 59.74
CA VAL F 143 0.15 -40.87 61.11
C VAL F 143 0.93 -39.61 61.49
N LEU F 144 0.61 -39.05 62.65
CA LEU F 144 1.28 -37.83 63.11
C LEU F 144 2.71 -38.11 63.53
N CYS F 145 3.64 -37.27 63.09
CA CYS F 145 5.05 -37.44 63.40
C CYS F 145 5.72 -36.08 63.55
N ARG F 146 6.67 -36.00 64.49
CA ARG F 146 7.47 -34.79 64.69
C ARG F 146 8.79 -34.91 63.95
N ALA F 147 9.17 -33.85 63.25
CA ALA F 147 10.20 -33.93 62.22
C ALA F 147 11.63 -33.93 62.76
N ILE F 148 11.83 -33.86 64.07
CA ILE F 148 13.18 -33.83 64.62
C ILE F 148 13.79 -35.22 64.58
N MET G 1 -57.07 -48.15 -20.04
CA MET G 1 -56.17 -48.73 -19.05
C MET G 1 -56.45 -48.15 -17.67
N ALA G 2 -56.98 -48.99 -16.78
CA ALA G 2 -57.29 -48.55 -15.42
C ALA G 2 -56.04 -48.38 -14.57
N ASN G 3 -54.94 -49.02 -14.92
CA ASN G 3 -53.69 -48.87 -14.19
C ASN G 3 -52.76 -47.97 -15.02
N SER G 4 -52.95 -46.66 -14.87
CA SER G 4 -52.12 -45.70 -15.57
C SER G 4 -50.72 -45.68 -14.95
N LYS G 5 -49.70 -45.75 -15.80
CA LYS G 5 -48.33 -45.91 -15.36
C LYS G 5 -47.46 -44.75 -15.81
N ASN G 6 -47.93 -43.52 -15.61
CA ASN G 6 -47.22 -42.34 -16.10
C ASN G 6 -46.56 -41.54 -15.00
N SER G 7 -46.06 -42.21 -13.96
CA SER G 7 -45.24 -41.60 -12.92
C SER G 7 -44.48 -42.71 -12.22
N ILE G 8 -43.16 -42.59 -12.15
CA ILE G 8 -42.35 -43.72 -11.72
C ILE G 8 -42.32 -43.87 -10.21
N PHE G 9 -42.72 -42.84 -9.46
CA PHE G 9 -42.73 -42.90 -8.00
C PHE G 9 -44.18 -42.80 -7.54
N VAL G 10 -44.80 -43.94 -7.32
CA VAL G 10 -46.15 -44.02 -6.78
C VAL G 10 -46.03 -44.84 -5.50
N GLY G 11 -45.79 -44.16 -4.37
CA GLY G 11 -45.46 -44.91 -3.17
C GLY G 11 -46.13 -44.41 -1.90
N GLY G 12 -47.32 -43.85 -2.02
CA GLY G 12 -48.04 -43.35 -0.87
C GLY G 12 -48.38 -41.88 -1.04
N ALA G 13 -49.31 -41.43 -0.23
CA ALA G 13 -49.78 -40.05 -0.30
C ALA G 13 -49.14 -39.16 0.74
N GLY G 14 -48.20 -39.67 1.51
CA GLY G 14 -47.57 -38.86 2.54
C GLY G 14 -46.07 -39.03 2.54
N ARG G 15 -45.56 -39.91 1.69
CA ARG G 15 -44.15 -40.23 1.66
C ARG G 15 -43.49 -39.49 0.50
N VAL G 16 -42.53 -38.64 0.81
CA VAL G 16 -41.78 -37.92 -0.20
C VAL G 16 -40.55 -38.74 -0.58
N LYS G 17 -39.99 -38.44 -1.73
CA LYS G 17 -38.90 -39.22 -2.28
C LYS G 17 -37.56 -38.59 -1.93
N GLN G 18 -36.51 -39.40 -2.01
CA GLN G 18 -35.15 -38.94 -1.78
C GLN G 18 -34.40 -38.91 -3.10
N THR G 19 -33.88 -37.74 -3.45
CA THR G 19 -33.36 -37.46 -4.78
C THR G 19 -31.85 -37.38 -4.76
N ILE G 20 -31.21 -38.05 -5.71
CA ILE G 20 -29.76 -38.02 -5.88
C ILE G 20 -29.47 -37.47 -7.27
N GLU G 21 -29.02 -36.22 -7.34
CA GLU G 21 -28.68 -35.64 -8.63
C GLU G 21 -27.31 -36.13 -9.08
N GLY G 22 -26.99 -35.82 -10.34
CA GLY G 22 -25.71 -36.22 -10.90
C GLY G 22 -25.72 -36.09 -12.41
N LEU G 23 -24.56 -36.35 -12.99
CA LEU G 23 -24.38 -36.20 -14.43
C LEU G 23 -24.68 -37.52 -15.13
N ALA G 24 -24.94 -37.42 -16.43
CA ALA G 24 -25.26 -38.58 -17.24
C ALA G 24 -24.02 -39.11 -17.95
N GLN G 25 -24.12 -40.34 -18.43
CA GLN G 25 -23.08 -40.92 -19.28
C GLN G 25 -23.67 -41.53 -20.54
N SER G 26 -24.92 -42.01 -20.45
CA SER G 26 -25.58 -42.65 -21.57
C SER G 26 -27.01 -42.12 -21.65
N ALA G 27 -27.84 -42.77 -22.46
CA ALA G 27 -29.26 -42.41 -22.58
C ALA G 27 -30.08 -43.62 -22.14
N PHE G 28 -30.35 -43.69 -20.85
CA PHE G 28 -31.16 -44.78 -20.31
C PHE G 28 -32.62 -44.33 -20.17
N LYS G 29 -33.49 -45.31 -19.97
CA LYS G 29 -34.91 -45.06 -19.82
C LYS G 29 -35.28 -45.02 -18.35
N PRO G 30 -36.31 -44.24 -17.98
CA PRO G 30 -36.68 -44.14 -16.55
C PRO G 30 -37.23 -45.45 -16.00
N GLY G 31 -36.76 -45.79 -14.81
CA GLY G 31 -37.15 -47.03 -14.18
C GLY G 31 -36.10 -48.11 -14.21
N GLN G 32 -34.85 -47.79 -14.54
CA GLN G 32 -33.78 -48.76 -14.60
C GLN G 32 -32.82 -48.56 -13.42
N LEU G 33 -32.05 -49.60 -13.14
CA LEU G 33 -31.12 -49.57 -12.02
C LEU G 33 -29.85 -48.81 -12.40
N LEU G 34 -29.42 -47.91 -11.53
CA LEU G 34 -28.25 -47.09 -11.79
C LEU G 34 -27.13 -47.40 -10.81
N ALA G 35 -25.99 -46.78 -11.03
CA ALA G 35 -24.83 -46.90 -10.14
C ALA G 35 -23.93 -45.71 -10.38
N ARG G 36 -23.60 -44.99 -9.31
CA ARG G 36 -22.75 -43.82 -9.43
C ARG G 36 -21.30 -44.23 -9.63
N ALA G 37 -20.57 -43.40 -10.38
CA ALA G 37 -19.21 -43.72 -10.77
C ALA G 37 -18.27 -42.57 -10.38
N ALA G 38 -17.04 -42.61 -10.89
CA ALA G 38 -16.05 -41.60 -10.58
C ALA G 38 -16.43 -40.26 -11.21
N GLY G 39 -15.86 -39.20 -10.66
CA GLY G 39 -16.35 -37.88 -10.98
C GLY G 39 -17.66 -37.66 -10.26
N ASP G 40 -18.68 -37.20 -10.98
CA ASP G 40 -20.02 -37.06 -10.43
C ASP G 40 -21.06 -37.50 -11.45
N ALA G 41 -20.80 -38.62 -12.12
CA ALA G 41 -21.63 -39.06 -13.24
C ALA G 41 -22.35 -40.35 -12.90
N ILE G 42 -23.57 -40.48 -13.40
CA ILE G 42 -24.39 -41.67 -13.21
C ILE G 42 -24.61 -42.33 -14.57
N ASP G 43 -24.75 -43.65 -14.55
CA ASP G 43 -25.10 -44.40 -15.75
C ASP G 43 -25.77 -45.69 -15.31
N VAL G 44 -25.90 -46.64 -16.23
CA VAL G 44 -26.45 -47.95 -15.90
C VAL G 44 -25.42 -48.72 -15.08
N THR G 45 -25.89 -49.73 -14.34
CA THR G 45 -25.06 -50.36 -13.33
C THR G 45 -23.96 -51.21 -13.95
N ALA G 46 -24.33 -52.21 -14.75
CA ALA G 46 -23.43 -53.17 -15.40
C ALA G 46 -22.53 -53.89 -14.40
N LYS G 47 -23.08 -54.19 -13.23
CA LYS G 47 -22.45 -55.10 -12.29
C LYS G 47 -23.09 -56.47 -12.42
N ALA G 48 -22.55 -57.44 -11.70
CA ALA G 48 -23.07 -58.80 -11.78
C ALA G 48 -24.37 -58.90 -10.98
N SER G 49 -25.13 -59.95 -11.28
CA SER G 49 -26.39 -60.18 -10.57
C SER G 49 -26.15 -60.72 -9.17
N THR G 50 -25.04 -61.40 -8.94
CA THR G 50 -24.75 -62.06 -7.68
C THR G 50 -23.83 -61.23 -6.79
N THR G 51 -23.96 -59.90 -6.83
CA THR G 51 -23.15 -59.02 -6.01
C THR G 51 -24.06 -58.22 -5.08
N TYR G 52 -23.72 -58.23 -3.79
CA TYR G 52 -24.52 -57.57 -2.77
C TYR G 52 -23.99 -56.16 -2.52
N GLY G 53 -24.64 -55.47 -1.60
CA GLY G 53 -24.18 -54.16 -1.17
C GLY G 53 -24.51 -53.02 -2.10
N ASN G 54 -25.28 -53.25 -3.16
CA ASN G 54 -25.63 -52.18 -4.07
C ASN G 54 -26.77 -51.34 -3.51
N GLU G 55 -26.74 -50.06 -3.81
CA GLU G 55 -27.78 -49.16 -3.34
C GLU G 55 -28.96 -49.16 -4.30
N PHE G 56 -30.16 -49.08 -3.74
CA PHE G 56 -31.38 -49.03 -4.55
C PHE G 56 -31.48 -47.65 -5.17
N LEU G 57 -30.99 -47.52 -6.39
CA LEU G 57 -30.94 -46.23 -7.09
C LEU G 57 -31.56 -46.41 -8.46
N ILE G 58 -32.78 -45.92 -8.64
CA ILE G 58 -33.47 -46.02 -9.91
C ILE G 58 -33.57 -44.63 -10.53
N CYS G 59 -33.85 -44.60 -11.83
CA CYS G 59 -33.92 -43.35 -12.58
C CYS G 59 -35.35 -42.83 -12.56
N ASP G 60 -35.54 -41.69 -11.89
CA ASP G 60 -36.82 -41.01 -11.90
C ASP G 60 -37.12 -40.48 -13.29
N ASP G 61 -38.41 -40.35 -13.60
CA ASP G 61 -38.80 -39.68 -14.82
C ASP G 61 -38.43 -38.21 -14.72
N GLN G 62 -38.03 -37.64 -15.85
CA GLN G 62 -37.62 -36.25 -15.90
C GLN G 62 -38.85 -35.35 -15.75
N PRO G 63 -38.65 -34.07 -15.40
CA PRO G 63 -39.79 -33.16 -15.26
C PRO G 63 -40.60 -32.98 -16.53
N GLN G 64 -41.86 -32.58 -16.34
CA GLN G 64 -42.77 -32.33 -17.46
C GLN G 64 -42.30 -31.16 -18.30
N THR G 65 -41.68 -30.17 -17.68
CA THR G 65 -41.20 -28.98 -18.37
C THR G 65 -39.79 -29.14 -18.91
N LEU G 66 -39.35 -30.37 -19.15
CA LEU G 66 -38.08 -30.62 -19.82
C LEU G 66 -38.21 -31.75 -20.83
N GLY G 67 -39.43 -32.12 -21.20
CA GLY G 67 -39.63 -33.22 -22.11
C GLY G 67 -39.36 -34.55 -21.46
N GLY G 68 -40.05 -34.85 -20.36
CA GLY G 68 -39.84 -36.06 -19.62
C GLY G 68 -41.12 -36.85 -19.44
N GLY G 69 -41.00 -38.16 -19.57
CA GLY G 69 -42.13 -39.05 -19.34
C GLY G 69 -41.64 -40.37 -18.79
N THR G 70 -42.51 -41.38 -18.83
CA THR G 70 -42.13 -42.71 -18.38
C THR G 70 -41.57 -43.56 -19.51
N ASP G 71 -41.48 -43.03 -20.72
CA ASP G 71 -40.88 -43.73 -21.84
C ASP G 71 -39.87 -42.89 -22.60
N VAL G 72 -39.80 -41.59 -22.33
CA VAL G 72 -38.83 -40.72 -22.98
C VAL G 72 -37.47 -40.93 -22.33
N ALA G 73 -36.47 -41.28 -23.14
CA ALA G 73 -35.13 -41.48 -22.60
C ALA G 73 -34.50 -40.14 -22.25
N VAL G 74 -33.50 -40.19 -21.38
CA VAL G 74 -32.83 -38.98 -20.94
C VAL G 74 -31.82 -38.53 -21.98
N THR G 75 -31.46 -37.25 -21.93
CA THR G 75 -30.45 -36.71 -22.82
C THR G 75 -29.08 -36.86 -22.18
N ALA G 76 -28.11 -37.31 -22.96
CA ALA G 76 -26.81 -37.66 -22.42
C ALA G 76 -26.01 -36.42 -22.05
N GLY G 77 -25.13 -36.58 -21.06
CA GLY G 77 -24.24 -35.52 -20.64
C GLY G 77 -24.90 -34.38 -19.89
N ASP G 78 -26.02 -34.64 -19.22
CA ASP G 78 -26.78 -33.61 -18.53
C ASP G 78 -27.09 -34.06 -17.11
N THR G 79 -27.89 -33.27 -16.41
CA THR G 79 -28.28 -33.58 -15.04
C THR G 79 -29.46 -34.53 -15.04
N VAL G 80 -29.23 -35.74 -14.56
CA VAL G 80 -30.28 -36.74 -14.44
C VAL G 80 -30.73 -36.77 -12.99
N GLN G 81 -32.02 -36.52 -12.77
CA GLN G 81 -32.60 -36.53 -11.44
C GLN G 81 -33.06 -37.95 -11.14
N ALA G 82 -32.47 -38.57 -10.12
CA ALA G 82 -32.71 -39.97 -9.80
C ALA G 82 -33.44 -40.09 -8.46
N ILE G 83 -33.63 -41.33 -8.01
CA ILE G 83 -34.38 -41.62 -6.79
C ILE G 83 -33.63 -42.70 -6.01
N SER G 84 -33.34 -42.42 -4.75
CA SER G 84 -32.92 -43.44 -3.80
C SER G 84 -34.15 -43.91 -3.03
N VAL G 85 -34.38 -45.22 -3.04
CA VAL G 85 -35.63 -45.78 -2.56
C VAL G 85 -35.45 -46.21 -1.11
N LEU G 86 -36.26 -45.64 -0.23
CA LEU G 86 -36.30 -46.08 1.15
C LEU G 86 -37.09 -47.38 1.26
N PRO G 87 -36.79 -48.23 2.24
CA PRO G 87 -37.59 -49.44 2.43
C PRO G 87 -38.99 -49.10 2.91
N GLY G 88 -39.99 -49.63 2.21
CA GLY G 88 -41.37 -49.38 2.53
C GLY G 88 -42.09 -48.44 1.58
N GLN G 89 -41.62 -48.33 0.35
CA GLN G 89 -42.26 -47.50 -0.66
C GLN G 89 -42.51 -48.34 -1.91
N TYR G 90 -43.53 -47.96 -2.67
CA TYR G 90 -43.81 -48.62 -3.93
C TYR G 90 -43.22 -47.80 -5.08
N VAL G 91 -42.57 -48.47 -6.02
CA VAL G 91 -41.98 -47.81 -7.18
C VAL G 91 -42.23 -48.68 -8.40
N LEU G 92 -42.30 -48.04 -9.56
CA LEU G 92 -42.45 -48.75 -10.82
C LEU G 92 -41.08 -49.12 -11.35
N LEU G 93 -40.76 -50.41 -11.35
CA LEU G 93 -39.48 -50.87 -11.87
C LEU G 93 -39.61 -51.16 -13.36
N SER G 94 -38.62 -51.83 -13.94
CA SER G 94 -38.65 -52.21 -15.34
C SER G 94 -38.01 -53.59 -15.48
N PHE G 95 -38.82 -54.58 -15.85
CA PHE G 95 -38.37 -55.96 -15.89
C PHE G 95 -37.77 -56.32 -17.25
N ALA G 96 -37.14 -57.48 -17.29
CA ALA G 96 -36.60 -58.04 -18.52
C ALA G 96 -37.68 -58.88 -19.20
N ALA G 97 -37.31 -59.68 -20.19
CA ALA G 97 -38.27 -60.43 -20.98
C ALA G 97 -38.43 -61.85 -20.45
N THR G 98 -39.57 -62.45 -20.80
CA THR G 98 -39.91 -63.87 -20.59
C THR G 98 -39.86 -64.25 -19.10
N GLN G 99 -40.74 -63.60 -18.32
CA GLN G 99 -40.99 -63.99 -16.94
C GLN G 99 -42.36 -63.49 -16.54
N ASN G 100 -43.14 -64.36 -15.89
CA ASN G 100 -44.47 -64.01 -15.45
C ASN G 100 -44.51 -63.88 -13.94
N VAL G 101 -45.25 -62.89 -13.46
CA VAL G 101 -45.41 -62.64 -12.03
C VAL G 101 -46.76 -63.20 -11.62
N THR G 102 -46.74 -64.30 -10.87
CA THR G 102 -47.97 -64.98 -10.47
C THR G 102 -48.47 -64.54 -9.10
N THR G 103 -47.61 -64.59 -8.09
CA THR G 103 -48.01 -64.30 -6.72
C THR G 103 -47.48 -62.93 -6.29
N LYS G 104 -48.29 -62.20 -5.55
CA LYS G 104 -47.88 -60.93 -4.98
C LYS G 104 -46.95 -61.21 -3.81
N GLY G 105 -45.66 -60.96 -3.98
CA GLY G 105 -44.74 -61.15 -2.88
C GLY G 105 -43.46 -61.90 -3.22
N ALA G 106 -43.18 -62.10 -4.50
CA ALA G 106 -41.96 -62.76 -4.88
C ALA G 106 -40.77 -61.82 -4.74
N ALA G 107 -39.57 -62.38 -4.79
CA ALA G 107 -38.34 -61.62 -4.62
C ALA G 107 -37.91 -61.02 -5.96
N VAL G 108 -37.46 -59.77 -5.91
CA VAL G 108 -37.08 -59.02 -7.10
C VAL G 108 -35.57 -58.83 -7.05
N ALA G 109 -34.86 -59.56 -7.90
CA ALA G 109 -33.41 -59.43 -8.00
C ALA G 109 -33.10 -58.37 -9.05
N SER G 110 -31.83 -58.27 -9.44
CA SER G 110 -31.39 -57.30 -10.44
C SER G 110 -30.62 -58.01 -11.53
N ASN G 111 -31.05 -57.83 -12.77
CA ASN G 111 -30.31 -58.34 -13.92
C ASN G 111 -29.09 -57.47 -14.18
N GLY G 112 -28.15 -58.00 -14.93
CA GLY G 112 -26.92 -57.28 -15.19
C GLY G 112 -27.03 -56.13 -16.15
N ASP G 113 -28.13 -56.03 -16.89
CA ASP G 113 -28.27 -55.03 -17.93
C ASP G 113 -28.94 -53.75 -17.45
N GLY G 114 -29.30 -53.66 -16.18
CA GLY G 114 -30.01 -52.52 -15.66
C GLY G 114 -31.49 -52.72 -15.51
N ASN G 115 -32.01 -53.92 -15.78
CA ASN G 115 -33.39 -54.26 -15.55
C ASN G 115 -33.49 -55.24 -14.38
N PHE G 116 -34.70 -55.60 -14.02
CA PHE G 116 -34.95 -56.48 -12.88
C PHE G 116 -35.51 -57.82 -13.36
N LYS G 117 -35.44 -58.81 -12.48
CA LYS G 117 -35.91 -60.15 -12.79
C LYS G 117 -36.29 -60.85 -11.50
N LEU G 118 -37.06 -61.94 -11.64
CA LEU G 118 -37.42 -62.78 -10.51
C LEU G 118 -36.34 -63.84 -10.34
N GLY G 119 -35.50 -63.65 -9.32
CA GLY G 119 -34.41 -64.57 -9.07
C GLY G 119 -34.59 -65.29 -7.75
N ASN G 120 -33.77 -66.32 -7.55
CA ASN G 120 -33.82 -67.07 -6.30
C ASN G 120 -33.14 -66.27 -5.20
N PRO G 121 -33.82 -66.00 -4.09
CA PRO G 121 -33.24 -65.16 -3.04
C PRO G 121 -32.28 -65.93 -2.13
N ALA G 122 -31.26 -66.53 -2.72
CA ALA G 122 -30.20 -67.19 -1.98
C ALA G 122 -28.82 -66.89 -2.52
N THR G 123 -28.72 -66.31 -3.72
CA THR G 123 -27.43 -65.98 -4.31
C THR G 123 -27.39 -64.57 -4.90
N GLU G 124 -28.45 -63.78 -4.76
CA GLU G 124 -28.47 -62.43 -5.27
C GLU G 124 -29.14 -61.51 -4.26
N GLN G 125 -28.86 -60.21 -4.39
CA GLN G 125 -29.41 -59.23 -3.47
C GLN G 125 -30.86 -58.94 -3.81
N THR G 126 -31.74 -59.11 -2.83
CA THR G 126 -33.16 -58.86 -3.02
C THR G 126 -33.45 -57.38 -2.81
N PHE G 127 -33.92 -56.72 -3.86
CA PHE G 127 -34.21 -55.29 -3.77
C PHE G 127 -35.63 -55.03 -3.31
N ALA G 128 -36.61 -55.62 -3.98
CA ALA G 128 -38.00 -55.24 -3.77
C ALA G 128 -38.88 -56.48 -3.78
N VAL G 129 -40.19 -56.26 -3.78
CA VAL G 129 -41.17 -57.33 -3.70
C VAL G 129 -42.33 -56.96 -4.62
N THR G 130 -42.79 -57.92 -5.43
CA THR G 130 -43.79 -57.66 -6.44
C THR G 130 -45.14 -57.31 -5.83
N GLU G 131 -45.91 -56.50 -6.56
CA GLU G 131 -47.20 -56.03 -6.07
C GLU G 131 -48.27 -56.01 -7.16
N GLU G 132 -48.03 -56.67 -8.29
CA GLU G 132 -48.98 -56.67 -9.39
C GLU G 132 -48.85 -57.98 -10.14
N ILE G 133 -49.98 -58.58 -10.49
CA ILE G 133 -49.99 -59.88 -11.18
C ILE G 133 -50.19 -59.58 -12.66
N ILE G 134 -49.08 -59.51 -13.41
CA ILE G 134 -49.10 -59.38 -14.85
C ILE G 134 -48.01 -60.26 -15.44
N ASN G 135 -48.09 -60.48 -16.74
CA ASN G 135 -47.09 -61.25 -17.49
C ASN G 135 -46.49 -60.34 -18.55
N VAL G 136 -45.16 -60.26 -18.57
CA VAL G 136 -44.46 -59.39 -19.49
C VAL G 136 -43.69 -60.23 -20.50
N THR G 137 -43.56 -59.69 -21.71
CA THR G 137 -42.83 -60.35 -22.77
C THR G 137 -41.82 -59.45 -23.47
N THR G 138 -42.05 -58.14 -23.48
CA THR G 138 -41.12 -57.18 -24.05
C THR G 138 -40.32 -56.53 -22.94
N ALA G 139 -38.99 -56.47 -23.13
CA ALA G 139 -38.11 -55.93 -22.11
C ALA G 139 -38.27 -54.42 -22.01
N GLY G 140 -38.70 -53.94 -20.84
CA GLY G 140 -38.91 -52.52 -20.65
C GLY G 140 -40.30 -52.17 -20.21
N THR G 141 -41.00 -53.12 -19.59
CA THR G 141 -42.35 -52.88 -19.11
C THR G 141 -42.33 -52.53 -17.62
N LEU G 142 -43.24 -51.65 -17.22
CA LEU G 142 -43.27 -51.12 -15.87
C LEU G 142 -44.17 -51.98 -14.99
N VAL G 143 -43.59 -52.53 -13.92
CA VAL G 143 -44.29 -53.40 -12.99
C VAL G 143 -44.18 -52.79 -11.60
N LEU G 144 -45.31 -52.69 -10.90
CA LEU G 144 -45.33 -52.11 -9.57
C LEU G 144 -44.69 -53.05 -8.55
N CYS G 145 -43.82 -52.50 -7.70
CA CYS G 145 -43.11 -53.29 -6.69
C CYS G 145 -42.91 -52.46 -5.44
N ARG G 146 -42.99 -53.12 -4.28
CA ARG G 146 -42.74 -52.49 -2.99
C ARG G 146 -41.31 -52.77 -2.56
N ALA G 147 -40.63 -51.74 -2.08
CA ALA G 147 -39.17 -51.75 -1.97
C ALA G 147 -38.65 -52.49 -0.75
N ILE G 148 -39.51 -53.05 0.09
CA ILE G 148 -39.02 -53.73 1.28
C ILE G 148 -38.48 -55.11 0.91
N MET H 59 -87.72 9.84 -70.21
CA MET H 59 -86.95 8.75 -69.66
C MET H 59 -87.11 7.53 -70.55
N GLN H 60 -87.99 7.66 -71.53
CA GLN H 60 -88.27 6.60 -72.48
C GLN H 60 -88.56 7.21 -73.85
N ARG H 61 -88.41 6.39 -74.88
CA ARG H 61 -88.81 6.80 -76.21
C ARG H 61 -90.33 6.69 -76.36
N VAL H 62 -90.85 7.09 -77.53
CA VAL H 62 -92.25 6.86 -77.83
C VAL H 62 -92.46 5.59 -78.63
N ASP H 63 -91.40 4.95 -79.10
CA ASP H 63 -91.49 3.62 -79.68
C ASP H 63 -91.28 2.53 -78.65
N GLU H 64 -91.08 2.89 -77.40
CA GLU H 64 -90.84 1.94 -76.31
C GLU H 64 -91.62 2.33 -75.08
N MET H 65 -92.85 2.80 -75.25
CA MET H 65 -93.71 3.09 -74.12
C MET H 65 -94.48 1.88 -73.65
N TYR H 66 -94.65 0.87 -74.50
CA TYR H 66 -95.30 -0.36 -74.10
C TYR H 66 -94.43 -1.21 -73.19
N ARG H 67 -93.13 -1.00 -73.22
CA ARG H 67 -92.16 -1.81 -72.49
C ARG H 67 -92.00 -1.28 -71.07
N LEU H 68 -91.84 -2.19 -70.11
CA LEU H 68 -91.77 -1.85 -68.69
C LEU H 68 -90.63 -2.64 -68.02
N VAL H 69 -89.42 -2.50 -68.56
CA VAL H 69 -88.21 -3.10 -68.00
C VAL H 69 -88.07 -2.73 -66.54
N ASP H 70 -88.07 -3.75 -65.68
CA ASP H 70 -88.02 -3.57 -64.24
C ASP H 70 -86.69 -4.03 -63.70
N SER H 71 -86.15 -3.27 -62.76
CA SER H 71 -84.88 -3.60 -62.13
C SER H 71 -85.12 -4.61 -61.00
N THR H 72 -84.10 -4.79 -60.16
CA THR H 72 -84.06 -5.77 -59.07
C THR H 72 -84.32 -7.19 -59.58
N GLY H 73 -83.39 -7.66 -60.40
CA GLY H 73 -83.47 -8.99 -60.97
C GLY H 73 -83.07 -10.07 -59.97
N THR H 74 -82.79 -11.24 -60.52
CA THR H 74 -82.38 -12.38 -59.71
C THR H 74 -81.12 -13.00 -60.30
N GLY H 75 -80.29 -13.56 -59.41
CA GLY H 75 -79.05 -14.17 -59.82
C GLY H 75 -79.27 -15.63 -60.18
N GLU H 76 -78.64 -16.53 -59.44
CA GLU H 76 -78.87 -17.96 -59.61
C GLU H 76 -79.14 -18.59 -58.26
N ASP H 77 -80.10 -19.51 -58.24
CA ASP H 77 -80.36 -20.27 -57.03
C ASP H 77 -79.18 -21.18 -56.74
N ARG H 78 -78.82 -21.28 -55.46
CA ARG H 78 -77.50 -21.76 -55.05
C ARG H 78 -77.22 -23.20 -55.41
N ASP H 79 -77.87 -24.13 -54.71
CA ASP H 79 -77.82 -25.58 -54.90
C ASP H 79 -78.73 -26.19 -53.86
N TRP H 80 -78.91 -27.50 -53.94
CA TRP H 80 -79.66 -28.26 -52.95
C TRP H 80 -78.70 -28.68 -51.85
N GLY H 81 -78.64 -27.90 -50.77
CA GLY H 81 -77.72 -28.29 -49.72
C GLY H 81 -76.31 -27.84 -50.00
N ASN H 82 -76.11 -26.54 -50.23
CA ASN H 82 -74.82 -26.06 -50.71
C ASN H 82 -73.79 -26.02 -49.59
N GLN H 83 -74.04 -25.25 -48.55
CA GLN H 83 -73.06 -24.98 -47.51
C GLN H 83 -73.61 -25.32 -46.14
N THR H 84 -74.18 -26.52 -46.01
CA THR H 84 -74.81 -26.90 -44.74
C THR H 84 -73.76 -27.24 -43.69
N LEU H 85 -72.68 -27.91 -44.08
CA LEU H 85 -71.64 -28.26 -43.10
C LEU H 85 -70.83 -27.04 -42.71
N LEU H 86 -70.40 -26.24 -43.69
CA LEU H 86 -69.60 -25.06 -43.42
C LEU H 86 -70.40 -24.00 -42.68
N GLY H 87 -71.72 -23.98 -42.84
CA GLY H 87 -72.54 -23.07 -42.06
C GLY H 87 -72.60 -23.43 -40.59
N ARG H 88 -72.30 -24.67 -40.24
CA ARG H 88 -72.27 -25.07 -38.83
C ARG H 88 -70.89 -24.90 -38.22
N LEU H 89 -69.84 -25.10 -39.01
CA LEU H 89 -68.48 -24.96 -38.48
C LEU H 89 -68.14 -23.51 -38.20
N LEU H 90 -68.49 -22.61 -39.12
CA LEU H 90 -68.16 -21.21 -38.96
C LEU H 90 -69.07 -20.48 -37.98
N SER H 91 -70.08 -21.16 -37.44
CA SER H 91 -70.90 -20.56 -36.40
C SER H 91 -70.47 -20.97 -35.00
N GLN H 92 -69.67 -22.03 -34.88
CA GLN H 92 -69.13 -22.47 -33.61
C GLN H 92 -67.64 -22.23 -33.50
N ALA H 93 -67.09 -21.40 -34.38
CA ALA H 93 -65.65 -21.28 -34.49
C ALA H 93 -65.07 -20.38 -33.40
N GLN H 94 -63.83 -20.67 -33.03
CA GLN H 94 -63.07 -19.83 -32.11
C GLN H 94 -62.28 -18.81 -32.92
N THR H 95 -62.24 -17.58 -32.41
CA THR H 95 -61.57 -16.49 -33.10
C THR H 95 -60.19 -16.27 -32.50
N VAL H 96 -59.16 -16.41 -33.32
CA VAL H 96 -57.79 -16.16 -32.90
C VAL H 96 -57.29 -14.90 -33.60
N SER H 97 -56.12 -14.43 -33.20
CA SER H 97 -55.56 -13.25 -33.80
C SER H 97 -54.88 -13.59 -35.12
N ILE H 98 -54.84 -12.60 -36.01
CA ILE H 98 -54.16 -12.74 -37.29
C ILE H 98 -52.65 -12.79 -37.07
N GLY H 99 -51.97 -13.56 -37.92
CA GLY H 99 -50.54 -13.74 -37.80
C GLY H 99 -50.17 -15.09 -37.23
N LYS H 100 -51.00 -15.64 -36.36
CA LYS H 100 -50.79 -16.98 -35.83
C LYS H 100 -51.05 -17.99 -36.93
N LYS H 101 -49.99 -18.48 -37.56
CA LYS H 101 -50.15 -19.38 -38.68
C LYS H 101 -50.46 -20.80 -38.26
N VAL H 102 -49.89 -21.26 -37.15
CA VAL H 102 -50.06 -22.63 -36.67
C VAL H 102 -50.66 -22.56 -35.27
N ILE H 103 -51.71 -23.33 -35.05
CA ILE H 103 -52.44 -23.31 -33.80
C ILE H 103 -52.26 -24.70 -33.20
N GLU H 104 -51.23 -24.87 -32.40
CA GLU H 104 -50.96 -26.13 -31.75
C GLU H 104 -51.82 -26.23 -30.50
N SER H 105 -52.55 -27.33 -30.37
CA SER H 105 -53.45 -27.55 -29.25
C SER H 105 -52.99 -28.77 -28.48
N ARG H 106 -53.30 -28.80 -27.19
CA ARG H 106 -52.81 -29.85 -26.30
C ARG H 106 -53.89 -30.89 -26.04
N ARG H 107 -53.45 -32.15 -25.92
CA ARG H 107 -54.34 -33.30 -25.73
C ARG H 107 -53.76 -34.15 -24.62
N TYR H 108 -54.22 -33.96 -23.39
CA TYR H 108 -53.66 -34.73 -22.28
C TYR H 108 -54.26 -36.13 -22.25
N SER H 109 -53.72 -36.97 -21.37
CA SER H 109 -54.13 -38.36 -21.24
C SER H 109 -55.05 -38.55 -20.06
N GLU H 110 -55.43 -39.81 -19.82
CA GLU H 110 -56.15 -40.21 -18.62
C GLU H 110 -55.17 -40.80 -17.62
N ALA H 111 -55.58 -40.86 -16.37
CA ALA H 111 -54.65 -41.15 -15.28
C ALA H 111 -55.38 -41.90 -14.19
N GLY H 112 -54.65 -42.21 -13.11
CA GLY H 112 -55.25 -42.69 -11.89
C GLY H 112 -55.13 -44.17 -11.63
N ARG H 113 -54.51 -44.53 -10.52
CA ARG H 113 -54.53 -45.89 -10.00
C ARG H 113 -55.29 -45.88 -8.69
N ILE H 114 -56.29 -46.73 -8.55
CA ILE H 114 -57.10 -46.80 -7.34
C ILE H 114 -56.87 -48.15 -6.66
N ASN H 115 -57.32 -48.23 -5.42
CA ASN H 115 -57.16 -49.44 -4.61
C ASN H 115 -58.27 -49.49 -3.59
N ARG H 116 -58.91 -50.65 -3.47
CA ARG H 116 -60.04 -50.83 -2.57
C ARG H 116 -59.57 -51.43 -1.24
N SER H 117 -60.32 -51.14 -0.19
CA SER H 117 -60.00 -51.65 1.14
C SER H 117 -61.25 -51.61 2.01
N MET H 118 -61.20 -52.38 3.10
CA MET H 118 -62.25 -52.34 4.11
C MET H 118 -61.91 -51.41 5.27
N SER H 119 -60.65 -51.37 5.69
CA SER H 119 -60.26 -50.44 6.74
C SER H 119 -59.93 -49.07 6.20
N GLY H 120 -59.52 -48.98 4.94
CA GLY H 120 -59.36 -47.71 4.27
C GLY H 120 -57.96 -47.14 4.32
N GLN H 121 -57.05 -47.75 5.08
CA GLN H 121 -55.70 -47.23 5.22
C GLN H 121 -54.73 -48.19 4.51
N THR H 122 -54.60 -48.03 3.20
CA THR H 122 -53.78 -48.96 2.44
C THR H 122 -52.82 -48.23 1.51
N ASP H 123 -52.35 -47.05 1.94
CA ASP H 123 -51.37 -46.23 1.23
C ASP H 123 -51.86 -45.84 -0.16
N ILE H 124 -52.84 -44.92 -0.14
CA ILE H 124 -53.37 -44.21 -1.29
C ILE H 124 -52.25 -43.73 -2.20
N ASP H 125 -52.42 -43.91 -3.49
CA ASP H 125 -51.30 -43.88 -4.43
C ASP H 125 -51.63 -42.99 -5.62
N MET H 126 -50.62 -42.27 -6.11
CA MET H 126 -50.81 -41.03 -6.87
C MET H 126 -50.47 -41.19 -8.35
N ASP H 127 -50.85 -40.18 -9.13
CA ASP H 127 -50.54 -40.17 -10.56
C ASP H 127 -50.66 -38.75 -11.10
N LYS H 128 -50.35 -38.60 -12.39
CA LYS H 128 -50.44 -37.33 -13.09
C LYS H 128 -50.76 -37.61 -14.56
N THR H 129 -50.77 -36.57 -15.38
CA THR H 129 -51.15 -36.67 -16.78
C THR H 129 -49.99 -36.25 -17.69
N LYS H 130 -49.81 -36.97 -18.80
CA LYS H 130 -48.83 -36.60 -19.81
C LYS H 130 -49.49 -35.65 -20.82
N SER H 131 -48.76 -35.32 -21.90
CA SER H 131 -49.30 -34.39 -22.88
C SER H 131 -48.64 -34.62 -24.23
N SER H 132 -49.35 -34.20 -25.28
CA SER H 132 -48.83 -34.15 -26.64
C SER H 132 -49.68 -33.18 -27.44
N TYR H 133 -49.17 -32.76 -28.60
CA TYR H 133 -49.73 -31.64 -29.33
C TYR H 133 -50.08 -32.04 -30.76
N GLN H 134 -51.11 -31.39 -31.29
CA GLN H 134 -51.60 -31.62 -32.65
C GLN H 134 -51.90 -30.27 -33.29
N LYS H 135 -51.39 -30.06 -34.50
CA LYS H 135 -51.36 -28.73 -35.08
C LYS H 135 -52.16 -28.64 -36.38
N MET H 136 -52.65 -27.44 -36.64
CA MET H 136 -53.46 -27.02 -37.78
C MET H 136 -52.77 -25.83 -38.45
N VAL H 137 -53.45 -25.20 -39.41
CA VAL H 137 -52.86 -24.11 -40.18
C VAL H 137 -53.96 -23.13 -40.56
N ILE H 138 -53.59 -21.86 -40.69
CA ILE H 138 -54.53 -20.79 -40.99
C ILE H 138 -54.12 -20.05 -42.26
N PRO H 139 -54.71 -20.36 -43.40
CA PRO H 139 -54.41 -19.59 -44.61
C PRO H 139 -55.38 -18.44 -44.85
N VAL H 140 -55.13 -17.61 -45.87
CA VAL H 140 -55.89 -16.41 -46.15
C VAL H 140 -56.48 -16.49 -47.55
N PHE H 141 -57.78 -16.24 -47.66
CA PHE H 141 -58.49 -16.20 -48.94
C PHE H 141 -58.85 -14.75 -49.25
N ASP H 142 -58.94 -14.43 -50.54
CA ASP H 142 -59.26 -13.06 -50.96
C ASP H 142 -59.84 -13.05 -52.36
N GLY H 143 -60.57 -11.98 -52.68
CA GLY H 143 -61.14 -11.79 -53.99
C GLY H 143 -61.57 -10.36 -54.19
N ALA H 144 -61.68 -9.96 -55.46
CA ALA H 144 -61.96 -8.57 -55.79
C ALA H 144 -62.84 -8.49 -57.03
N TYR H 145 -63.33 -7.27 -57.30
CA TYR H 145 -64.19 -7.01 -58.45
C TYR H 145 -64.12 -5.52 -58.76
N GLY H 146 -64.39 -5.18 -60.02
CA GLY H 146 -64.35 -3.78 -60.41
C GLY H 146 -64.73 -3.43 -61.83
N ARG H 147 -65.24 -2.21 -62.02
CA ARG H 147 -65.67 -1.69 -63.31
C ARG H 147 -64.88 -0.45 -63.66
N ASP H 148 -65.11 0.07 -64.87
CA ASP H 148 -64.39 1.23 -65.36
C ASP H 148 -65.08 2.52 -64.95
N PHE H 149 -64.66 3.64 -65.53
CA PHE H 149 -65.15 4.95 -65.14
C PHE H 149 -66.33 5.42 -66.00
N ARG H 150 -66.23 5.26 -67.31
CA ARG H 150 -67.29 5.72 -68.19
C ARG H 150 -68.54 4.85 -68.07
N ASP H 151 -68.36 3.57 -67.73
CA ASP H 151 -69.51 2.67 -67.61
C ASP H 151 -70.32 2.96 -66.37
N TYR H 152 -69.66 3.05 -65.21
CA TYR H 152 -70.39 3.16 -63.95
C TYR H 152 -71.09 4.50 -63.81
N GLU H 153 -70.55 5.56 -64.42
CA GLU H 153 -71.27 6.82 -64.43
C GLU H 153 -72.46 6.77 -65.39
N ALA H 154 -72.41 5.90 -66.40
CA ALA H 154 -73.57 5.73 -67.26
C ALA H 154 -74.65 4.92 -66.57
N MET H 155 -74.27 3.85 -65.87
CA MET H 155 -75.24 3.01 -65.20
C MET H 155 -75.75 3.63 -63.91
N ARG H 156 -75.10 4.64 -63.35
CA ARG H 156 -75.58 5.17 -62.07
C ARG H 156 -76.71 6.16 -62.23
N SER H 157 -76.95 6.66 -63.44
CA SER H 157 -77.95 7.70 -63.65
C SER H 157 -79.38 7.20 -63.51
N GLU H 158 -79.59 5.88 -63.43
CA GLU H 158 -80.91 5.32 -63.23
C GLU H 158 -81.08 4.68 -61.85
N MET H 159 -80.06 4.78 -60.99
CA MET H 159 -80.04 4.23 -59.63
C MET H 159 -80.33 2.73 -59.63
N LEU H 160 -79.46 1.99 -60.29
CA LEU H 160 -79.47 0.54 -60.34
C LEU H 160 -78.56 -0.01 -59.26
N PRO H 161 -79.02 -0.95 -58.43
CA PRO H 161 -78.14 -1.47 -57.35
C PRO H 161 -77.13 -2.49 -57.87
N ALA H 162 -76.17 -2.01 -58.65
CA ALA H 162 -75.19 -2.89 -59.27
C ALA H 162 -74.13 -3.37 -58.29
N LEU H 163 -73.97 -2.68 -57.15
CA LEU H 163 -73.03 -3.17 -56.14
C LEU H 163 -73.63 -4.35 -55.39
N ALA H 164 -74.90 -4.27 -55.03
CA ALA H 164 -75.55 -5.35 -54.30
C ALA H 164 -75.83 -6.58 -55.15
N GLU H 165 -75.73 -6.47 -56.48
CA GLU H 165 -75.73 -7.65 -57.33
C GLU H 165 -74.32 -8.09 -57.70
N ASP H 166 -73.31 -7.56 -57.02
CA ASP H 166 -71.94 -8.02 -57.20
C ASP H 166 -71.27 -8.42 -55.90
N SER H 167 -71.51 -7.67 -54.81
CA SER H 167 -70.91 -8.07 -53.54
C SER H 167 -71.64 -9.23 -52.90
N GLU H 168 -72.77 -9.66 -53.44
CA GLU H 168 -73.40 -10.90 -53.03
C GLU H 168 -73.05 -12.07 -53.94
N GLU H 169 -72.52 -11.80 -55.13
CA GLU H 169 -72.13 -12.84 -56.07
C GLU H 169 -70.62 -12.97 -56.21
N ILE H 170 -69.86 -12.34 -55.33
CA ILE H 170 -68.43 -12.59 -55.19
C ILE H 170 -68.13 -13.16 -53.80
N GLU H 171 -68.80 -12.62 -52.78
CA GLU H 171 -68.76 -13.20 -51.45
C GLU H 171 -69.30 -14.62 -51.43
N PHE H 172 -70.28 -14.92 -52.28
CA PHE H 172 -70.79 -16.29 -52.37
C PHE H 172 -69.77 -17.23 -52.98
N THR H 173 -69.09 -16.83 -54.05
CA THR H 173 -68.05 -17.69 -54.59
C THR H 173 -66.75 -17.57 -53.82
N LEU H 174 -66.66 -16.64 -52.86
CA LEU H 174 -65.54 -16.67 -51.93
C LEU H 174 -65.69 -17.83 -50.96
N LEU H 175 -66.88 -18.00 -50.39
CA LEU H 175 -67.14 -19.15 -49.54
C LEU H 175 -67.16 -20.45 -50.34
N ASP H 176 -67.50 -20.38 -51.63
CA ASP H 176 -67.54 -21.57 -52.47
C ASP H 176 -66.15 -22.08 -52.84
N ASP H 177 -65.09 -21.30 -52.59
CA ASP H 177 -63.74 -21.83 -52.67
C ASP H 177 -63.25 -22.33 -51.33
N VAL H 178 -63.74 -21.73 -50.24
CA VAL H 178 -63.50 -22.27 -48.90
C VAL H 178 -64.16 -23.63 -48.76
N ASN H 179 -65.34 -23.80 -49.38
CA ASN H 179 -66.03 -25.09 -49.38
C ASN H 179 -65.26 -26.14 -50.17
N ASP H 180 -64.47 -25.71 -51.16
CA ASP H 180 -63.60 -26.65 -51.85
C ASP H 180 -62.39 -27.02 -51.01
N TYR H 181 -61.88 -26.06 -50.23
CA TYR H 181 -60.75 -26.33 -49.35
C TYR H 181 -61.12 -27.24 -48.18
N LEU H 182 -62.40 -27.32 -47.84
CA LEU H 182 -62.82 -28.18 -46.75
C LEU H 182 -62.74 -29.65 -47.14
N TRP H 183 -63.15 -29.98 -48.36
CA TRP H 183 -63.23 -31.37 -48.79
C TRP H 183 -62.03 -31.83 -49.62
N ASN H 184 -61.46 -30.95 -50.44
CA ASN H 184 -60.36 -31.29 -51.33
C ASN H 184 -59.20 -30.34 -51.13
N GLY H 185 -58.79 -30.18 -49.87
CA GLY H 185 -57.88 -29.10 -49.51
C GLY H 185 -56.50 -29.25 -50.12
N ASP H 186 -55.93 -28.12 -50.50
CA ASP H 186 -54.73 -28.09 -51.31
C ASP H 186 -53.51 -28.40 -50.47
N ALA H 187 -52.53 -29.05 -51.08
CA ALA H 187 -51.26 -29.34 -50.43
C ALA H 187 -50.21 -28.29 -50.69
N LYS H 188 -50.63 -27.04 -50.92
CA LYS H 188 -49.73 -25.94 -51.23
C LYS H 188 -49.45 -25.06 -50.03
N LEU H 189 -50.14 -25.29 -48.92
CA LEU H 189 -50.07 -24.44 -47.72
C LEU H 189 -49.62 -25.31 -46.55
N LYS H 190 -48.32 -25.35 -46.32
CA LYS H 190 -47.73 -26.19 -45.28
C LYS H 190 -46.64 -25.41 -44.57
N VAL H 191 -46.73 -25.30 -43.25
CA VAL H 191 -45.73 -24.54 -42.51
C VAL H 191 -44.59 -25.43 -42.06
N ASP H 192 -44.86 -26.39 -41.17
CA ASP H 192 -43.87 -27.38 -40.80
C ASP H 192 -44.33 -28.79 -41.17
N THR H 193 -45.45 -29.23 -40.61
CA THR H 193 -46.09 -30.48 -40.97
C THR H 193 -47.60 -30.34 -40.99
N ALA H 194 -48.12 -29.11 -40.95
CA ALA H 194 -49.55 -28.88 -40.79
C ALA H 194 -50.22 -28.65 -42.14
N VAL H 195 -50.24 -29.71 -42.94
CA VAL H 195 -51.07 -29.75 -44.13
C VAL H 195 -52.50 -30.00 -43.71
N TRP H 196 -53.45 -29.83 -44.63
CA TRP H 196 -54.81 -30.26 -44.35
C TRP H 196 -55.26 -31.41 -45.23
N GLY H 197 -55.01 -31.36 -46.53
CA GLY H 197 -55.25 -32.52 -47.37
C GLY H 197 -56.68 -32.72 -47.84
N GLY H 198 -57.66 -32.31 -47.04
CA GLY H 198 -59.04 -32.44 -47.43
C GLY H 198 -59.77 -33.53 -46.67
N LEU H 199 -61.09 -33.37 -46.55
CA LEU H 199 -61.92 -34.29 -45.78
C LEU H 199 -62.08 -35.64 -46.42
N LYS H 200 -61.59 -35.85 -47.64
CA LYS H 200 -61.67 -37.17 -48.27
C LYS H 200 -60.31 -37.70 -48.68
N ALA H 201 -59.21 -37.10 -48.19
CA ALA H 201 -57.89 -37.66 -48.44
C ALA H 201 -56.95 -37.53 -47.25
N ASP H 202 -57.40 -37.01 -46.11
CA ASP H 202 -56.51 -36.74 -45.00
C ASP H 202 -56.16 -38.03 -44.26
N ALA H 203 -55.05 -37.98 -43.53
CA ALA H 203 -54.66 -39.04 -42.62
C ALA H 203 -55.27 -38.87 -41.24
N SER H 204 -56.04 -37.81 -41.02
CA SER H 204 -56.78 -37.62 -39.78
C SER H 204 -58.25 -37.98 -39.95
N VAL H 205 -58.61 -38.68 -41.02
CA VAL H 205 -59.98 -39.04 -41.33
C VAL H 205 -60.01 -40.54 -41.59
N ALA H 206 -60.89 -41.25 -40.89
CA ALA H 206 -60.98 -42.70 -41.03
C ALA H 206 -61.64 -43.07 -42.34
N ALA H 207 -60.94 -43.84 -43.16
CA ALA H 207 -61.45 -44.28 -44.45
C ALA H 207 -62.17 -45.61 -44.30
N TYR H 208 -63.41 -45.67 -44.77
CA TYR H 208 -64.21 -46.87 -44.70
C TYR H 208 -64.89 -47.10 -46.04
N SER H 209 -64.69 -48.27 -46.62
CA SER H 209 -65.22 -48.59 -47.94
C SER H 209 -66.61 -49.20 -47.80
N LEU H 210 -67.58 -48.62 -48.51
CA LEU H 210 -68.92 -49.17 -48.55
C LEU H 210 -68.96 -50.38 -49.48
N GLY H 211 -69.81 -51.34 -49.15
CA GLY H 211 -69.94 -52.53 -49.95
C GLY H 211 -71.13 -52.49 -50.89
N ALA H 212 -72.28 -52.06 -50.39
CA ALA H 212 -73.49 -52.01 -51.18
C ALA H 212 -73.76 -50.58 -51.63
N ASP H 213 -74.20 -50.44 -52.88
CA ASP H 213 -74.50 -49.13 -53.44
C ASP H 213 -75.75 -48.57 -52.80
N LEU H 214 -75.65 -47.40 -52.17
CA LEU H 214 -76.75 -46.80 -51.44
C LEU H 214 -77.74 -46.06 -52.34
N THR H 215 -77.54 -46.09 -53.66
CA THR H 215 -78.47 -45.46 -54.58
C THR H 215 -79.49 -46.44 -55.14
N THR H 216 -79.21 -47.74 -55.08
CA THR H 216 -80.10 -48.75 -55.64
C THR H 216 -80.55 -49.78 -54.62
N ALA H 217 -80.05 -49.71 -53.39
CA ALA H 217 -80.36 -50.73 -52.40
C ALA H 217 -81.76 -50.53 -51.83
N THR H 218 -82.24 -51.56 -51.13
CA THR H 218 -83.57 -51.55 -50.54
C THR H 218 -83.54 -50.83 -49.20
N GLU H 219 -84.64 -50.96 -48.46
CA GLU H 219 -84.77 -50.42 -47.13
C GLU H 219 -83.89 -51.13 -46.11
N ALA H 220 -83.69 -52.45 -46.27
CA ALA H 220 -83.01 -53.26 -45.29
C ALA H 220 -81.50 -53.15 -45.38
N GLN H 221 -80.96 -53.03 -46.60
CA GLN H 221 -79.52 -52.92 -46.75
C GLN H 221 -79.00 -51.54 -46.41
N VAL H 222 -79.88 -50.55 -46.23
CA VAL H 222 -79.43 -49.22 -45.84
C VAL H 222 -79.03 -49.20 -44.37
N VAL H 223 -79.93 -49.66 -43.50
CA VAL H 223 -79.63 -49.66 -42.06
C VAL H 223 -78.60 -50.72 -41.72
N ALA H 224 -78.49 -51.77 -42.52
CA ALA H 224 -77.45 -52.76 -42.32
C ALA H 224 -76.07 -52.26 -42.72
N GLU H 225 -76.00 -51.23 -43.56
CA GLU H 225 -74.73 -50.65 -43.94
C GLU H 225 -74.58 -49.20 -43.50
N LEU H 226 -75.48 -48.72 -42.65
CA LEU H 226 -75.27 -47.47 -41.94
C LEU H 226 -74.76 -47.70 -40.53
N LEU H 227 -75.07 -48.84 -39.93
CA LEU H 227 -74.50 -49.20 -38.64
C LEU H 227 -73.07 -49.66 -38.78
N ALA H 228 -72.70 -50.26 -39.91
CA ALA H 228 -71.31 -50.63 -40.14
C ALA H 228 -70.43 -49.41 -40.38
N LEU H 229 -71.01 -48.26 -40.70
CA LEU H 229 -70.28 -47.00 -40.74
C LEU H 229 -70.17 -46.37 -39.36
N LEU H 230 -71.23 -46.42 -38.57
CA LEU H 230 -71.21 -45.81 -37.24
C LEU H 230 -70.34 -46.58 -36.27
N ASP H 231 -70.09 -47.86 -36.53
CA ASP H 231 -69.25 -48.66 -35.65
C ASP H 231 -67.77 -48.53 -35.96
N VAL H 232 -67.38 -47.58 -36.80
CA VAL H 232 -66.00 -47.14 -36.88
C VAL H 232 -65.82 -45.87 -36.05
N LEU H 233 -66.79 -45.57 -35.19
CA LEU H 233 -66.68 -44.49 -34.22
C LEU H 233 -67.02 -44.93 -32.82
N ARG H 234 -67.82 -45.98 -32.65
CA ARG H 234 -68.16 -46.48 -31.32
C ARG H 234 -67.32 -47.67 -30.91
N ILE H 235 -66.76 -48.42 -31.85
CA ILE H 235 -66.08 -49.67 -31.51
C ILE H 235 -64.59 -49.54 -31.71
N THR H 236 -64.16 -49.33 -32.95
CA THR H 236 -62.73 -49.34 -33.24
C THR H 236 -62.07 -47.99 -33.06
N ASN H 237 -62.80 -46.98 -32.60
CA ASN H 237 -62.21 -45.67 -32.33
C ASN H 237 -62.70 -45.06 -31.04
N LYS H 238 -63.60 -45.72 -30.31
CA LYS H 238 -63.96 -45.44 -28.91
C LYS H 238 -64.59 -44.07 -28.69
N LYS H 239 -65.02 -43.39 -29.74
CA LYS H 239 -65.59 -42.06 -29.57
C LYS H 239 -67.05 -42.16 -29.15
N SER H 240 -67.53 -41.11 -28.51
CA SER H 240 -68.90 -41.06 -28.02
C SER H 240 -69.51 -39.70 -28.35
N GLY H 241 -70.70 -39.43 -27.82
CA GLY H 241 -71.28 -38.11 -27.94
C GLY H 241 -72.14 -37.95 -29.18
N PRO H 242 -72.65 -36.73 -29.40
CA PRO H 242 -73.61 -36.51 -30.50
C PRO H 242 -72.90 -36.46 -31.84
N PHE H 243 -73.30 -37.34 -32.75
CA PHE H 243 -72.74 -37.35 -34.10
C PHE H 243 -73.70 -36.67 -35.07
N GLU H 244 -73.28 -36.59 -36.33
CA GLU H 244 -74.19 -36.21 -37.40
C GLU H 244 -73.69 -36.84 -38.69
N LEU H 245 -74.56 -36.83 -39.70
CA LEU H 245 -74.41 -37.66 -40.89
C LEU H 245 -74.66 -36.82 -42.12
N TYR H 246 -73.75 -36.89 -43.09
CA TYR H 246 -73.83 -36.07 -44.28
C TYR H 246 -73.82 -36.97 -45.51
N ILE H 247 -74.87 -36.85 -46.32
CA ILE H 247 -75.19 -37.77 -47.41
C ILE H 247 -74.94 -37.06 -48.73
N SER H 248 -74.60 -37.81 -49.77
CA SER H 248 -74.65 -37.27 -51.13
C SER H 248 -76.10 -37.22 -51.60
N PRO H 249 -76.45 -36.24 -52.45
CA PRO H 249 -77.86 -36.10 -52.88
C PRO H 249 -78.38 -37.26 -53.72
N GLN H 250 -77.51 -38.02 -54.38
CA GLN H 250 -77.99 -39.16 -55.15
C GLN H 250 -78.43 -40.30 -54.25
N ILE H 251 -77.86 -40.39 -53.05
CA ILE H 251 -78.31 -41.38 -52.09
C ILE H 251 -79.61 -40.94 -51.42
N MET H 252 -79.71 -39.65 -51.07
CA MET H 252 -80.93 -39.15 -50.44
C MET H 252 -82.11 -39.13 -51.40
N SER H 253 -81.86 -39.06 -52.70
CA SER H 253 -82.93 -39.25 -53.67
C SER H 253 -83.35 -40.71 -53.78
N ASN H 254 -82.51 -41.63 -53.31
CA ASN H 254 -82.86 -43.05 -53.27
C ASN H 254 -83.51 -43.46 -51.96
N TRP H 255 -82.98 -42.96 -50.85
CA TRP H 255 -83.53 -43.27 -49.53
C TRP H 255 -84.92 -42.68 -49.33
N GLN H 256 -85.35 -41.75 -50.18
CA GLN H 256 -86.73 -41.31 -50.22
C GLN H 256 -87.50 -41.88 -51.40
N LYS H 257 -86.82 -42.50 -52.36
CA LYS H 257 -87.52 -43.14 -53.47
C LYS H 257 -88.28 -44.37 -52.97
N LEU H 258 -87.54 -45.35 -52.48
CA LEU H 258 -88.09 -46.37 -51.61
C LEU H 258 -87.80 -45.97 -50.17
N ALA H 259 -88.37 -46.74 -49.24
CA ALA H 259 -88.20 -46.59 -47.78
C ALA H 259 -88.57 -45.18 -47.32
N GLY H 260 -89.85 -44.88 -47.51
CA GLY H 260 -90.35 -43.54 -47.29
C GLY H 260 -91.30 -43.19 -48.40
N ALA H 261 -92.53 -42.80 -48.02
CA ALA H 261 -93.70 -42.62 -48.89
C ALA H 261 -94.06 -43.90 -49.68
N ASN H 262 -93.54 -45.05 -49.27
CA ASN H 262 -93.96 -46.35 -49.79
C ASN H 262 -94.16 -47.39 -48.70
N THR H 263 -93.53 -47.24 -47.53
CA THR H 263 -93.73 -48.12 -46.39
C THR H 263 -93.89 -47.22 -45.16
N ASN H 264 -95.14 -46.80 -44.92
CA ASN H 264 -95.65 -46.16 -43.70
C ASN H 264 -95.16 -44.72 -43.48
N GLY H 265 -94.18 -44.27 -44.25
CA GLY H 265 -93.62 -42.93 -44.12
C GLY H 265 -93.02 -42.59 -42.76
N PHE H 266 -93.68 -41.66 -42.06
CA PHE H 266 -93.36 -41.22 -40.69
C PHE H 266 -91.95 -40.62 -40.60
N MET H 267 -91.81 -39.45 -41.26
CA MET H 267 -90.74 -38.43 -41.10
C MET H 267 -89.34 -39.03 -41.17
N ASN H 268 -89.00 -39.54 -42.37
CA ASN H 268 -87.79 -40.32 -42.57
C ASN H 268 -86.51 -39.54 -42.30
N ILE H 269 -86.55 -38.22 -42.44
CA ILE H 269 -85.43 -37.38 -41.99
C ILE H 269 -85.31 -37.47 -40.47
N MET H 270 -86.41 -37.31 -39.76
CA MET H 270 -86.42 -37.26 -38.31
C MET H 270 -86.79 -38.60 -37.67
N ALA H 271 -86.92 -39.66 -38.47
CA ALA H 271 -87.14 -41.01 -37.92
C ALA H 271 -85.86 -41.62 -37.36
N ALA H 272 -84.72 -41.00 -37.61
CA ALA H 272 -83.44 -41.40 -37.04
C ALA H 272 -82.78 -40.21 -36.37
N VAL H 273 -83.57 -39.34 -35.75
CA VAL H 273 -83.07 -38.13 -35.10
C VAL H 273 -83.43 -38.10 -33.61
N ARG H 274 -84.71 -38.31 -33.30
CA ARG H 274 -85.14 -38.29 -31.91
C ARG H 274 -86.05 -39.46 -31.55
N ALA H 275 -86.23 -40.43 -32.44
CA ALA H 275 -87.09 -41.58 -32.15
C ALA H 275 -86.30 -42.87 -32.07
N LEU H 276 -85.55 -43.23 -33.11
CA LEU H 276 -84.80 -44.48 -33.13
C LEU H 276 -83.32 -44.28 -32.86
N ILE H 277 -82.70 -43.31 -33.51
CA ILE H 277 -81.29 -43.01 -33.29
C ILE H 277 -81.17 -41.59 -32.75
N PRO H 278 -81.15 -41.39 -31.42
CA PRO H 278 -80.90 -40.06 -30.88
C PRO H 278 -79.48 -39.57 -31.09
N GLU H 279 -78.53 -40.48 -31.39
CA GLU H 279 -77.15 -40.08 -31.59
C GLU H 279 -76.97 -39.34 -32.90
N PHE H 280 -77.67 -39.75 -33.95
CA PHE H 280 -77.69 -39.01 -35.21
C PHE H 280 -78.49 -37.74 -35.01
N SER H 281 -77.80 -36.62 -34.81
CA SER H 281 -78.49 -35.36 -34.57
C SER H 281 -79.09 -34.80 -35.86
N VAL H 282 -78.25 -34.53 -36.86
CA VAL H 282 -78.70 -34.01 -38.14
C VAL H 282 -78.29 -34.99 -39.23
N VAL H 283 -79.23 -35.31 -40.10
CA VAL H 283 -78.97 -36.16 -41.27
C VAL H 283 -79.37 -35.33 -42.48
N GLU H 284 -78.40 -34.65 -43.09
CA GLU H 284 -78.68 -33.78 -44.23
C GLU H 284 -77.81 -34.18 -45.41
N ALA H 285 -78.12 -33.58 -46.55
CA ALA H 285 -77.37 -33.79 -47.77
C ALA H 285 -76.31 -32.72 -47.94
N ASP H 286 -75.36 -32.97 -48.85
CA ASP H 286 -74.32 -32.01 -49.14
C ASP H 286 -73.83 -32.25 -50.56
N SER H 287 -73.75 -31.18 -51.35
CA SER H 287 -73.42 -31.31 -52.76
C SER H 287 -71.94 -31.61 -53.01
N ALA H 288 -71.08 -31.47 -51.99
CA ALA H 288 -69.67 -31.78 -52.18
C ALA H 288 -69.44 -33.28 -52.30
N LEU H 289 -70.32 -34.09 -51.74
CA LEU H 289 -70.31 -35.52 -52.00
C LEU H 289 -71.24 -35.77 -53.19
N GLN H 290 -70.72 -36.43 -54.22
CA GLN H 290 -71.47 -36.68 -55.44
C GLN H 290 -71.51 -38.18 -55.70
N GLY H 291 -72.69 -38.77 -55.68
CA GLY H 291 -72.79 -40.18 -56.00
C GLY H 291 -72.97 -41.05 -54.78
N ASN H 292 -72.16 -42.09 -54.67
CA ASN H 292 -72.23 -43.04 -53.56
C ASN H 292 -71.13 -42.71 -52.56
N GLN H 293 -71.35 -41.67 -51.77
CA GLN H 293 -70.40 -41.30 -50.71
C GLN H 293 -71.11 -40.53 -49.62
N VAL H 294 -70.78 -40.87 -48.37
CA VAL H 294 -71.35 -40.24 -47.18
C VAL H 294 -70.22 -39.88 -46.23
N LEU H 295 -70.58 -39.19 -45.15
CA LEU H 295 -69.61 -38.78 -44.14
C LEU H 295 -70.32 -38.63 -42.79
N CYS H 296 -69.78 -39.29 -41.77
CA CYS H 296 -70.30 -39.21 -40.42
C CYS H 296 -69.18 -38.83 -39.47
N SER H 297 -69.44 -37.87 -38.59
CA SER H 297 -68.42 -37.36 -37.70
C SER H 297 -69.07 -36.62 -36.54
N VAL H 298 -68.24 -36.11 -35.64
CA VAL H 298 -68.64 -35.27 -34.54
C VAL H 298 -68.30 -33.83 -34.89
N VAL H 299 -69.15 -32.89 -34.50
CA VAL H 299 -68.83 -31.48 -34.60
C VAL H 299 -68.75 -30.91 -33.20
N GLY H 300 -68.09 -29.77 -33.09
CA GLY H 300 -67.78 -29.16 -31.81
C GLY H 300 -66.29 -29.13 -31.57
N THR H 301 -65.93 -28.69 -30.37
CA THR H 301 -64.52 -28.52 -30.03
C THR H 301 -63.80 -29.84 -29.82
N ARG H 302 -64.53 -30.94 -29.61
CA ARG H 302 -63.93 -32.24 -29.41
C ARG H 302 -63.82 -33.03 -30.69
N GLY H 303 -64.29 -32.48 -31.81
CA GLY H 303 -64.26 -33.21 -33.07
C GLY H 303 -63.83 -32.33 -34.22
N LEU H 304 -64.62 -32.31 -35.30
CA LEU H 304 -64.34 -31.43 -36.42
C LEU H 304 -64.65 -30.00 -36.03
N HIS H 305 -63.65 -29.12 -36.11
CA HIS H 305 -63.80 -27.75 -35.66
C HIS H 305 -63.04 -26.83 -36.59
N ALA H 306 -63.33 -25.53 -36.47
CA ALA H 306 -62.72 -24.52 -37.30
C ALA H 306 -62.29 -23.34 -36.44
N LYS H 307 -61.23 -22.68 -36.86
CA LYS H 307 -60.72 -21.50 -36.16
C LYS H 307 -60.57 -20.37 -37.15
N ILE H 308 -61.23 -19.26 -36.86
CA ILE H 308 -61.29 -18.11 -37.77
C ILE H 308 -60.13 -17.17 -37.45
N GLY H 309 -59.30 -16.90 -38.44
CA GLY H 309 -58.24 -15.93 -38.27
C GLY H 309 -58.78 -14.52 -38.30
N MET H 310 -59.31 -14.10 -39.44
CA MET H 310 -59.94 -12.80 -39.59
C MET H 310 -61.30 -12.99 -40.22
N MET H 311 -62.33 -12.37 -39.64
CA MET H 311 -63.68 -12.47 -40.17
C MET H 311 -63.78 -11.75 -41.51
N MET H 312 -64.86 -12.03 -42.23
CA MET H 312 -65.00 -11.54 -43.61
C MET H 312 -65.26 -10.05 -43.61
N SER H 313 -64.32 -9.29 -44.16
CA SER H 313 -64.42 -7.84 -44.22
C SER H 313 -64.19 -7.37 -45.65
N SER H 314 -64.63 -6.14 -45.93
CA SER H 314 -64.57 -5.59 -47.27
C SER H 314 -64.27 -4.10 -47.18
N TYR H 315 -63.58 -3.59 -48.21
CA TYR H 315 -63.21 -2.19 -48.26
C TYR H 315 -63.08 -1.79 -49.73
N GLN H 316 -62.91 -0.49 -49.95
CA GLN H 316 -62.82 0.07 -51.29
C GLN H 316 -61.46 0.70 -51.49
N VAL H 317 -60.80 0.34 -52.59
CA VAL H 317 -59.56 0.99 -52.98
C VAL H 317 -59.86 2.44 -53.35
N PRO H 318 -59.24 3.42 -52.71
CA PRO H 318 -59.63 4.80 -52.92
C PRO H 318 -59.18 5.34 -54.28
N ARG H 319 -59.97 6.25 -54.81
CA ARG H 319 -59.74 6.82 -56.14
C ARG H 319 -58.95 8.11 -56.01
N VAL H 320 -57.85 8.20 -56.76
CA VAL H 320 -56.96 9.34 -56.68
C VAL H 320 -57.30 10.38 -57.74
N MET H 321 -57.22 10.00 -59.01
CA MET H 321 -57.49 10.89 -60.12
C MET H 321 -58.98 10.96 -60.39
N HIS H 322 -59.38 11.52 -61.53
CA HIS H 322 -60.79 11.58 -61.90
C HIS H 322 -61.23 10.37 -62.71
N ASN H 323 -60.30 9.63 -63.29
CA ASN H 323 -60.63 8.46 -64.09
C ASN H 323 -60.05 7.19 -63.48
N ASP H 324 -59.99 7.12 -62.17
CA ASP H 324 -59.58 5.88 -61.52
C ASP H 324 -60.77 4.93 -61.49
N PRO H 325 -60.57 3.67 -61.92
CA PRO H 325 -61.68 2.72 -61.92
C PRO H 325 -62.08 2.33 -60.50
N TYR H 326 -63.35 1.96 -60.36
CA TYR H 326 -63.89 1.55 -59.07
C TYR H 326 -63.45 0.13 -58.79
N GLN H 327 -62.98 -0.12 -57.56
CA GLN H 327 -62.48 -1.43 -57.18
C GLN H 327 -62.81 -1.70 -55.72
N PHE H 328 -63.17 -2.94 -55.42
CA PHE H 328 -63.50 -3.37 -54.07
C PHE H 328 -62.85 -4.72 -53.82
N VAL H 329 -62.51 -4.98 -52.56
CA VAL H 329 -61.74 -6.16 -52.16
C VAL H 329 -62.42 -6.82 -50.97
N LYS H 330 -62.62 -8.14 -51.05
CA LYS H 330 -63.09 -8.93 -49.92
C LYS H 330 -62.07 -10.02 -49.60
N TRP H 331 -61.82 -10.23 -48.30
CA TRP H 331 -60.80 -11.17 -47.86
C TRP H 331 -61.26 -11.89 -46.60
N PHE H 332 -60.64 -13.02 -46.31
CA PHE H 332 -61.12 -13.96 -45.30
C PHE H 332 -60.02 -14.95 -44.95
N ALA H 333 -60.00 -15.42 -43.71
CA ALA H 333 -58.94 -16.32 -43.26
C ALA H 333 -59.43 -17.22 -42.13
N ALA H 334 -59.35 -18.54 -42.35
CA ALA H 334 -59.74 -19.53 -41.36
C ALA H 334 -59.11 -20.88 -41.71
N GLY H 335 -59.19 -21.81 -40.78
CA GLY H 335 -58.57 -23.12 -40.97
C GLY H 335 -59.34 -24.22 -40.28
N PHE H 336 -59.08 -25.46 -40.71
CA PHE H 336 -59.84 -26.62 -40.27
C PHE H 336 -58.92 -27.73 -39.77
N GLN H 337 -59.43 -28.52 -38.81
CA GLN H 337 -58.73 -29.69 -38.31
C GLN H 337 -59.73 -30.58 -37.59
N SER H 338 -59.58 -31.89 -37.76
CA SER H 338 -60.38 -32.88 -37.04
C SER H 338 -59.57 -33.42 -35.86
N ASN H 339 -60.25 -33.59 -34.73
CA ASN H 339 -59.59 -33.85 -33.46
C ASN H 339 -59.11 -35.29 -33.37
N ASN H 340 -57.88 -35.47 -32.92
CA ASN H 340 -57.37 -36.77 -32.51
C ASN H 340 -57.13 -36.76 -31.01
N SER H 341 -57.29 -37.92 -30.39
CA SER H 341 -57.03 -38.01 -28.96
C SER H 341 -55.54 -38.23 -28.71
N PHE H 342 -55.16 -38.26 -27.44
CA PHE H 342 -53.78 -38.55 -27.08
C PHE H 342 -53.42 -40.00 -27.42
N SER H 343 -54.39 -40.90 -27.33
CA SER H 343 -54.15 -42.31 -27.58
C SER H 343 -54.27 -42.68 -29.06
N GLY H 344 -54.49 -41.70 -29.93
CA GLY H 344 -54.60 -41.98 -31.35
C GLY H 344 -55.94 -42.58 -31.73
N LEU H 345 -57.02 -41.87 -31.42
CA LEU H 345 -58.38 -42.31 -31.74
C LEU H 345 -59.01 -41.27 -32.65
N LYS H 346 -59.20 -41.61 -33.92
CA LYS H 346 -59.72 -40.66 -34.90
C LYS H 346 -61.20 -40.41 -34.65
N SER H 347 -61.76 -39.39 -35.32
CA SER H 347 -63.08 -38.93 -34.95
C SER H 347 -64.01 -38.65 -36.13
N THR H 348 -63.54 -38.78 -37.36
CA THR H 348 -64.37 -38.57 -38.54
C THR H 348 -64.23 -39.78 -39.46
N VAL H 349 -65.36 -40.19 -40.06
CA VAL H 349 -65.36 -41.30 -41.02
C VAL H 349 -65.93 -40.78 -42.33
N TYR H 350 -65.20 -41.02 -43.42
CA TYR H 350 -65.62 -40.67 -44.76
C TYR H 350 -65.99 -41.94 -45.51
N GLY H 351 -67.25 -42.08 -45.87
CA GLY H 351 -67.73 -43.29 -46.51
C GLY H 351 -67.47 -43.33 -48.01
N SER H 352 -66.54 -44.20 -48.41
CA SER H 352 -66.15 -44.44 -49.79
C SER H 352 -65.70 -43.19 -50.54
N MET I 59 -49.34 -19.01 -25.05
CA MET I 59 -47.90 -18.85 -24.97
C MET I 59 -47.29 -20.02 -24.22
N GLN I 60 -46.00 -20.30 -24.51
CA GLN I 60 -45.18 -21.22 -23.75
C GLN I 60 -45.73 -22.64 -23.72
N ARG I 61 -45.63 -23.34 -24.85
CA ARG I 61 -45.89 -24.77 -24.98
C ARG I 61 -45.35 -25.58 -23.81
N VAL I 62 -46.22 -26.42 -23.22
CA VAL I 62 -45.93 -27.09 -21.96
C VAL I 62 -44.82 -28.13 -22.05
N ASP I 63 -44.34 -28.44 -23.25
CA ASP I 63 -43.12 -29.20 -23.39
C ASP I 63 -41.93 -28.40 -22.85
N GLU I 64 -41.89 -27.10 -23.12
CA GLU I 64 -40.81 -26.33 -22.53
C GLU I 64 -41.20 -25.65 -21.24
N MET I 65 -41.98 -24.57 -21.30
CA MET I 65 -42.53 -23.82 -20.15
C MET I 65 -41.50 -23.46 -19.06
N TYR I 66 -40.21 -23.48 -19.38
CA TYR I 66 -39.14 -23.29 -18.39
C TYR I 66 -38.25 -22.13 -18.75
N ARG I 67 -38.59 -21.36 -19.79
CA ARG I 67 -37.74 -20.31 -20.30
C ARG I 67 -38.47 -18.98 -20.18
N LEU I 68 -38.02 -18.15 -19.25
CA LEU I 68 -38.52 -16.77 -19.20
C LEU I 68 -37.82 -16.01 -20.31
N VAL I 69 -38.42 -16.01 -21.47
CA VAL I 69 -37.87 -15.29 -22.61
C VAL I 69 -38.27 -13.83 -22.49
N ASP I 70 -37.29 -12.95 -22.51
CA ASP I 70 -37.52 -11.53 -22.32
C ASP I 70 -37.46 -10.79 -23.64
N SER I 71 -38.12 -9.64 -23.67
CA SER I 71 -38.31 -8.86 -24.89
C SER I 71 -37.89 -7.41 -24.68
N THR I 72 -36.70 -7.20 -24.13
CA THR I 72 -36.19 -5.86 -23.92
C THR I 72 -35.34 -5.40 -25.10
N GLY I 73 -34.24 -6.11 -25.36
CA GLY I 73 -33.42 -5.84 -26.54
C GLY I 73 -31.97 -5.54 -26.25
N THR I 74 -31.72 -4.73 -25.22
CA THR I 74 -30.39 -4.35 -24.72
C THR I 74 -29.48 -3.77 -25.81
N GLY I 75 -30.08 -3.11 -26.79
CA GLY I 75 -29.57 -2.20 -27.80
C GLY I 75 -28.27 -2.60 -28.46
N GLU I 76 -27.49 -1.58 -28.79
CA GLU I 76 -26.15 -1.71 -29.33
C GLU I 76 -25.42 -0.43 -28.99
N ASP I 77 -24.21 -0.56 -28.45
CA ASP I 77 -23.47 0.57 -27.94
C ASP I 77 -22.88 1.40 -29.07
N ARG I 78 -22.55 2.64 -28.75
CA ARG I 78 -21.89 3.53 -29.70
C ARG I 78 -20.39 3.26 -29.67
N ASP I 79 -19.62 4.05 -30.41
CA ASP I 79 -18.19 4.11 -30.20
C ASP I 79 -17.90 5.18 -29.16
N TRP I 80 -16.64 5.27 -28.78
CA TRP I 80 -16.22 6.30 -27.83
C TRP I 80 -16.24 7.67 -28.50
N GLY I 81 -15.53 7.81 -29.59
CA GLY I 81 -15.33 9.05 -30.31
C GLY I 81 -15.86 8.98 -31.73
N ASN I 82 -17.14 8.64 -31.88
CA ASN I 82 -17.68 8.36 -33.20
C ASN I 82 -17.91 9.64 -34.01
N GLN I 83 -18.75 10.53 -33.51
CA GLN I 83 -19.19 11.70 -34.26
C GLN I 83 -18.93 12.97 -33.48
N THR I 84 -17.70 13.12 -32.97
CA THR I 84 -17.39 14.29 -32.16
C THR I 84 -17.25 15.54 -33.01
N LEU I 85 -16.63 15.43 -34.18
CA LEU I 85 -16.45 16.60 -35.03
C LEU I 85 -17.78 17.00 -35.68
N LEU I 86 -18.51 16.03 -36.23
CA LEU I 86 -19.77 16.32 -36.89
C LEU I 86 -20.83 16.80 -35.91
N GLY I 87 -20.72 16.41 -34.64
CA GLY I 87 -21.62 16.93 -33.63
C GLY I 87 -21.40 18.38 -33.32
N ARG I 88 -20.22 18.92 -33.62
CA ARG I 88 -19.96 20.33 -33.42
C ARG I 88 -20.29 21.16 -34.65
N LEU I 89 -20.11 20.60 -35.85
CA LEU I 89 -20.41 21.34 -37.06
C LEU I 89 -21.91 21.53 -37.24
N LEU I 90 -22.69 20.47 -37.02
CA LEU I 90 -24.12 20.54 -37.22
C LEU I 90 -24.85 21.27 -36.10
N SER I 91 -24.15 21.68 -35.05
CA SER I 91 -24.77 22.49 -34.01
C SER I 91 -24.52 23.98 -34.21
N GLN I 92 -23.54 24.35 -35.01
CA GLN I 92 -23.27 25.74 -35.34
C GLN I 92 -23.63 26.08 -36.78
N ALA I 93 -24.43 25.24 -37.43
CA ALA I 93 -24.67 25.37 -38.85
C ALA I 93 -25.69 26.45 -39.16
N GLN I 94 -25.55 27.08 -40.32
CA GLN I 94 -26.53 28.01 -40.84
C GLN I 94 -27.53 27.26 -41.70
N THR I 95 -28.81 27.63 -41.56
CA THR I 95 -29.89 26.96 -42.27
C THR I 95 -30.27 27.78 -43.50
N VAL I 96 -30.14 27.18 -44.67
CA VAL I 96 -30.53 27.81 -45.92
C VAL I 96 -31.77 27.08 -46.45
N SER I 97 -32.36 27.64 -47.50
CA SER I 97 -33.54 27.02 -48.09
C SER I 97 -33.14 25.89 -49.02
N ILE I 98 -34.04 24.93 -49.17
CA ILE I 98 -33.80 23.80 -50.07
C ILE I 98 -33.85 24.33 -51.49
N GLY I 99 -33.16 23.67 -52.39
CA GLY I 99 -33.11 24.06 -53.78
C GLY I 99 -31.85 24.83 -54.13
N LYS I 100 -31.31 25.58 -53.19
CA LYS I 100 -30.05 26.29 -53.38
C LYS I 100 -28.93 25.26 -53.40
N LYS I 101 -28.47 24.89 -54.59
CA LYS I 101 -27.46 23.85 -54.69
C LYS I 101 -26.06 24.37 -54.41
N VAL I 102 -25.75 25.60 -54.79
CA VAL I 102 -24.43 26.18 -54.62
C VAL I 102 -24.57 27.43 -53.76
N ILE I 103 -23.65 27.66 -52.83
CA ILE I 103 -23.67 28.86 -52.00
C ILE I 103 -22.37 29.61 -52.22
N GLU I 104 -22.46 30.88 -52.59
CA GLU I 104 -21.29 31.67 -52.96
C GLU I 104 -20.95 32.69 -51.88
N SER I 105 -19.86 33.41 -52.12
CA SER I 105 -19.16 34.19 -51.10
C SER I 105 -18.60 35.43 -51.77
N ARG I 106 -17.61 36.06 -51.13
CA ARG I 106 -16.85 37.14 -51.78
C ARG I 106 -15.46 37.18 -51.16
N ARG I 107 -14.47 36.74 -51.91
CA ARG I 107 -13.09 36.93 -51.48
C ARG I 107 -12.59 38.26 -52.01
N TYR I 108 -11.49 38.73 -51.41
CA TYR I 108 -11.03 40.11 -51.57
C TYR I 108 -9.52 40.09 -51.71
N SER I 109 -9.03 40.36 -52.92
CA SER I 109 -7.60 40.22 -53.18
C SER I 109 -6.83 41.43 -52.64
N GLU I 110 -5.54 41.48 -52.98
CA GLU I 110 -4.64 42.49 -52.45
C GLU I 110 -3.55 42.76 -53.48
N ALA I 111 -3.33 44.04 -53.79
CA ALA I 111 -2.35 44.39 -54.80
C ALA I 111 -1.91 45.82 -54.62
N GLY I 112 -0.63 46.07 -54.90
CA GLY I 112 -0.07 47.41 -54.88
C GLY I 112 1.13 47.45 -55.78
N ARG I 113 1.68 48.65 -55.96
CA ARG I 113 2.88 48.82 -56.79
C ARG I 113 3.59 50.09 -56.33
N ILE I 114 4.68 49.93 -55.58
CA ILE I 114 5.38 51.03 -54.94
C ILE I 114 6.77 51.13 -55.55
N ASN I 115 7.19 52.35 -55.88
CA ASN I 115 8.48 52.60 -56.50
C ASN I 115 9.20 53.73 -55.77
N ARG I 116 10.37 53.44 -55.21
CA ARG I 116 11.11 54.43 -54.45
C ARG I 116 12.17 55.10 -55.31
N SER I 117 12.45 56.36 -55.00
CA SER I 117 13.42 57.13 -55.77
C SER I 117 13.98 58.25 -54.91
N MET I 118 15.13 58.76 -55.34
CA MET I 118 15.82 59.80 -54.59
C MET I 118 15.35 61.19 -55.00
N SER I 119 15.07 61.40 -56.28
CA SER I 119 14.69 62.71 -56.77
C SER I 119 13.27 63.06 -56.36
N GLY I 120 12.30 62.26 -56.81
CA GLY I 120 10.89 62.57 -56.64
C GLY I 120 10.18 62.89 -57.93
N GLN I 121 10.90 62.93 -59.05
CA GLN I 121 10.32 63.25 -60.34
C GLN I 121 9.89 62.00 -61.11
N THR I 122 10.07 60.82 -60.53
CA THR I 122 9.80 59.59 -61.25
C THR I 122 8.28 59.36 -61.38
N ASP I 123 7.92 58.51 -62.33
CA ASP I 123 6.52 58.30 -62.68
C ASP I 123 5.87 57.33 -61.70
N ILE I 124 4.82 57.78 -61.02
CA ILE I 124 4.12 56.96 -60.04
C ILE I 124 3.26 55.93 -60.76
N ASP I 125 3.31 54.69 -60.29
CA ASP I 125 2.52 53.59 -60.83
C ASP I 125 1.27 53.38 -59.99
N MET I 126 0.27 52.72 -60.59
CA MET I 126 -0.99 52.48 -59.90
C MET I 126 -1.49 51.07 -60.21
N ASP I 127 -2.26 50.52 -59.28
CA ASP I 127 -2.77 49.17 -59.38
C ASP I 127 -4.01 49.06 -58.51
N LYS I 128 -4.94 48.23 -58.95
CA LYS I 128 -6.25 48.12 -58.32
C LYS I 128 -6.36 46.77 -57.61
N THR I 129 -7.55 46.50 -57.05
CA THR I 129 -7.82 45.27 -56.32
C THR I 129 -8.68 44.35 -57.17
N LYS I 130 -8.12 43.21 -57.55
CA LYS I 130 -8.89 42.17 -58.20
C LYS I 130 -9.86 41.52 -57.19
N SER I 131 -10.79 40.72 -57.71
CA SER I 131 -11.75 40.08 -56.82
C SER I 131 -12.25 38.79 -57.44
N SER I 132 -12.55 37.81 -56.60
CA SER I 132 -13.21 36.57 -56.99
C SER I 132 -13.91 36.02 -55.76
N TYR I 133 -14.50 34.83 -55.91
CA TYR I 133 -15.18 34.20 -54.79
C TYR I 133 -15.20 32.68 -54.98
N GLN I 134 -15.40 31.99 -53.86
CA GLN I 134 -15.43 30.53 -53.83
C GLN I 134 -16.79 30.05 -53.35
N LYS I 135 -17.00 28.74 -53.44
CA LYS I 135 -18.33 28.19 -53.28
C LYS I 135 -18.26 26.77 -52.71
N MET I 136 -19.44 26.25 -52.40
CA MET I 136 -19.68 24.94 -51.80
C MET I 136 -20.86 24.29 -52.51
N VAL I 137 -21.34 23.16 -51.98
CA VAL I 137 -22.40 22.40 -52.64
C VAL I 137 -23.26 21.73 -51.56
N ILE I 138 -24.54 21.53 -51.87
CA ILE I 138 -25.49 20.96 -50.92
C ILE I 138 -26.14 19.72 -51.52
N PRO I 139 -25.68 18.52 -51.17
CA PRO I 139 -26.36 17.30 -51.64
C PRO I 139 -27.40 16.79 -50.66
N VAL I 140 -28.15 15.75 -51.05
CA VAL I 140 -29.26 15.22 -50.27
C VAL I 140 -28.99 13.75 -49.96
N PHE I 141 -29.13 13.37 -48.69
CA PHE I 141 -28.99 12.01 -48.23
C PHE I 141 -30.37 11.46 -47.83
N ASP I 142 -30.57 10.15 -47.97
CA ASP I 142 -31.85 9.56 -47.65
C ASP I 142 -31.69 8.07 -47.35
N GLY I 143 -32.66 7.53 -46.63
CA GLY I 143 -32.69 6.11 -46.29
C GLY I 143 -34.06 5.69 -45.81
N ALA I 144 -34.33 4.39 -45.91
CA ALA I 144 -35.66 3.88 -45.61
C ALA I 144 -35.55 2.51 -44.97
N TYR I 145 -36.69 2.02 -44.46
CA TYR I 145 -36.78 0.71 -43.82
C TYR I 145 -38.23 0.26 -43.84
N GLY I 146 -38.43 -1.05 -43.79
CA GLY I 146 -39.79 -1.57 -43.82
C GLY I 146 -39.98 -3.07 -43.69
N ARG I 147 -41.12 -3.47 -43.14
CA ARG I 147 -41.48 -4.86 -42.92
C ARG I 147 -42.76 -5.19 -43.69
N ASP I 148 -43.15 -6.47 -43.65
CA ASP I 148 -44.31 -6.94 -44.39
C ASP I 148 -45.56 -6.80 -43.53
N PHE I 149 -46.67 -7.41 -43.98
CA PHE I 149 -47.96 -7.26 -43.34
C PHE I 149 -48.25 -8.35 -42.33
N ARG I 150 -47.97 -9.60 -42.68
CA ARG I 150 -48.26 -10.71 -41.77
C ARG I 150 -47.31 -10.72 -40.59
N ASP I 151 -46.09 -10.23 -40.78
CA ASP I 151 -45.12 -10.21 -39.68
C ASP I 151 -45.45 -9.17 -38.63
N TYR I 152 -45.69 -7.93 -39.06
CA TYR I 152 -45.85 -6.84 -38.11
C TYR I 152 -47.14 -6.98 -37.31
N GLU I 153 -48.17 -7.58 -37.88
CA GLU I 153 -49.36 -7.86 -37.09
C GLU I 153 -49.14 -9.00 -36.11
N ALA I 154 -48.18 -9.89 -36.40
CA ALA I 154 -47.83 -10.92 -35.44
C ALA I 154 -47.00 -10.35 -34.30
N MET I 155 -46.05 -9.49 -34.62
CA MET I 155 -45.19 -8.92 -33.59
C MET I 155 -45.87 -7.81 -32.81
N ARG I 156 -47.03 -7.34 -33.27
CA ARG I 156 -47.88 -6.49 -32.46
C ARG I 156 -48.60 -7.27 -31.37
N SER I 157 -48.76 -8.58 -31.54
CA SER I 157 -49.47 -9.37 -30.55
C SER I 157 -48.63 -9.60 -29.31
N GLU I 158 -47.34 -9.88 -29.49
CA GLU I 158 -46.44 -10.12 -28.37
C GLU I 158 -45.89 -8.84 -27.76
N MET I 159 -46.31 -7.67 -28.27
CA MET I 159 -45.85 -6.34 -27.84
C MET I 159 -44.34 -6.21 -27.97
N LEU I 160 -43.77 -6.82 -28.99
CA LEU I 160 -42.35 -6.68 -29.28
C LEU I 160 -42.15 -5.45 -30.14
N PRO I 161 -41.43 -4.43 -29.67
CA PRO I 161 -41.16 -3.28 -30.53
C PRO I 161 -40.13 -3.65 -31.59
N ALA I 162 -40.48 -3.44 -32.84
CA ALA I 162 -39.59 -3.74 -33.95
C ALA I 162 -39.42 -2.57 -34.92
N LEU I 163 -40.40 -1.69 -35.04
CA LEU I 163 -40.19 -0.45 -35.76
C LEU I 163 -39.48 0.58 -34.90
N ALA I 164 -39.67 0.52 -33.58
CA ALA I 164 -38.97 1.42 -32.67
C ALA I 164 -37.49 1.11 -32.60
N GLU I 165 -37.09 -0.12 -32.89
CA GLU I 165 -35.68 -0.47 -32.99
C GLU I 165 -35.13 -0.24 -34.39
N ASP I 166 -35.84 0.51 -35.21
CA ASP I 166 -35.36 0.92 -36.53
C ASP I 166 -35.31 2.42 -36.70
N SER I 167 -36.14 3.18 -35.99
CA SER I 167 -36.02 4.62 -36.00
C SER I 167 -34.73 5.07 -35.36
N GLU I 168 -34.32 4.40 -34.28
CA GLU I 168 -33.05 4.68 -33.64
C GLU I 168 -31.93 3.79 -34.16
N GLU I 169 -32.08 3.23 -35.35
CA GLU I 169 -30.97 2.55 -36.00
C GLU I 169 -30.74 3.01 -37.43
N ILE I 170 -31.66 3.78 -38.01
CA ILE I 170 -31.39 4.48 -39.26
C ILE I 170 -30.86 5.87 -38.99
N GLU I 171 -31.45 6.55 -38.01
CA GLU I 171 -30.99 7.86 -37.58
C GLU I 171 -29.55 7.85 -37.09
N PHE I 172 -29.09 6.73 -36.53
CA PHE I 172 -27.66 6.60 -36.28
C PHE I 172 -26.89 6.40 -37.57
N THR I 173 -27.42 5.60 -38.50
CA THR I 173 -26.68 5.35 -39.72
C THR I 173 -26.78 6.53 -40.69
N LEU I 174 -27.83 7.33 -40.60
CA LEU I 174 -27.94 8.48 -41.48
C LEU I 174 -26.96 9.58 -41.09
N LEU I 175 -26.72 9.75 -39.79
CA LEU I 175 -25.67 10.64 -39.32
C LEU I 175 -24.31 9.99 -39.34
N ASP I 176 -24.16 8.84 -39.99
CA ASP I 176 -22.88 8.18 -40.17
C ASP I 176 -22.36 8.27 -41.59
N ASP I 177 -23.24 8.31 -42.59
CA ASP I 177 -22.81 8.50 -43.96
C ASP I 177 -22.93 9.94 -44.42
N VAL I 178 -23.41 10.83 -43.55
CA VAL I 178 -23.06 12.24 -43.66
C VAL I 178 -21.76 12.52 -42.92
N ASN I 179 -21.29 11.56 -42.13
CA ASN I 179 -19.95 11.61 -41.58
C ASN I 179 -18.92 10.98 -42.49
N ASP I 180 -19.33 10.12 -43.41
CA ASP I 180 -18.42 9.63 -44.43
C ASP I 180 -18.26 10.61 -45.57
N TYR I 181 -19.18 11.56 -45.71
CA TYR I 181 -19.03 12.60 -46.71
C TYR I 181 -18.11 13.70 -46.22
N LEU I 182 -18.00 13.87 -44.90
CA LEU I 182 -17.10 14.89 -44.37
C LEU I 182 -15.65 14.45 -44.47
N TRP I 183 -15.35 13.20 -44.14
CA TRP I 183 -13.98 12.72 -44.07
C TRP I 183 -13.53 12.01 -45.34
N ASN I 184 -14.40 11.79 -46.30
CA ASN I 184 -13.95 11.18 -47.55
C ASN I 184 -14.52 11.81 -48.80
N GLY I 185 -15.58 12.62 -48.70
CA GLY I 185 -16.09 13.36 -49.84
C GLY I 185 -16.78 12.48 -50.86
N ASP I 186 -17.21 13.12 -51.94
CA ASP I 186 -17.79 12.42 -53.07
C ASP I 186 -17.56 13.25 -54.32
N ALA I 187 -16.81 12.70 -55.27
CA ALA I 187 -16.53 13.40 -56.51
C ALA I 187 -17.70 13.38 -57.47
N LYS I 188 -18.72 12.58 -57.21
CA LYS I 188 -19.85 12.44 -58.11
C LYS I 188 -20.91 13.51 -57.90
N LEU I 189 -20.68 14.46 -57.00
CA LEU I 189 -21.63 15.56 -56.80
C LEU I 189 -20.91 16.87 -57.07
N LYS I 190 -21.00 17.34 -58.32
CA LYS I 190 -20.30 18.55 -58.75
C LYS I 190 -21.24 19.36 -59.64
N VAL I 191 -21.46 20.62 -59.30
CA VAL I 191 -22.37 21.45 -60.09
C VAL I 191 -21.61 22.19 -61.18
N ASP I 192 -20.72 23.10 -60.80
CA ASP I 192 -19.85 23.75 -61.77
C ASP I 192 -18.38 23.45 -61.48
N THR I 193 -17.91 23.85 -60.31
CA THR I 193 -16.57 23.51 -59.83
C THR I 193 -16.59 23.20 -58.35
N ALA I 194 -17.76 23.01 -57.76
CA ALA I 194 -17.90 22.90 -56.30
C ALA I 194 -17.94 21.44 -55.89
N VAL I 195 -16.81 20.75 -56.08
CA VAL I 195 -16.61 19.44 -55.50
C VAL I 195 -16.26 19.63 -54.02
N TRP I 196 -16.27 18.54 -53.26
CA TRP I 196 -15.76 18.61 -51.89
C TRP I 196 -14.50 17.80 -51.70
N GLY I 197 -14.45 16.56 -52.19
CA GLY I 197 -13.22 15.81 -52.18
C GLY I 197 -12.86 15.13 -50.88
N GLY I 198 -13.24 15.69 -49.74
CA GLY I 198 -12.97 15.06 -48.47
C GLY I 198 -11.90 15.79 -47.69
N LEU I 199 -11.96 15.66 -46.36
CA LEU I 199 -11.05 16.36 -45.46
C LEU I 199 -9.62 15.84 -45.51
N LYS I 200 -9.34 14.75 -46.24
CA LYS I 200 -7.98 14.27 -46.36
C LYS I 200 -7.52 14.17 -47.82
N ALA I 201 -8.25 14.77 -48.75
CA ALA I 201 -7.79 14.83 -50.13
C ALA I 201 -8.11 16.15 -50.83
N ASP I 202 -8.68 17.13 -50.13
CA ASP I 202 -9.12 18.35 -50.78
C ASP I 202 -7.94 19.27 -51.07
N ALA I 203 -8.15 20.17 -52.02
CA ALA I 203 -7.21 21.25 -52.31
C ALA I 203 -7.46 22.47 -51.43
N SER I 204 -8.47 22.44 -50.57
CA SER I 204 -8.70 23.49 -49.60
C SER I 204 -8.22 23.11 -48.21
N VAL I 205 -7.39 22.06 -48.11
CA VAL I 205 -6.89 21.55 -46.85
C VAL I 205 -5.37 21.45 -46.96
N ALA I 206 -4.66 22.05 -46.02
CA ALA I 206 -3.20 22.05 -46.06
C ALA I 206 -2.67 20.69 -45.67
N ALA I 207 -1.88 20.09 -46.55
CA ALA I 207 -1.29 18.78 -46.33
C ALA I 207 0.07 18.94 -45.69
N TYR I 208 0.28 18.27 -44.56
CA TYR I 208 1.54 18.31 -43.83
C TYR I 208 1.94 16.90 -43.43
N SER I 209 3.14 16.50 -43.82
CA SER I 209 3.62 15.15 -43.56
C SER I 209 4.33 15.10 -42.22
N LEU I 210 3.90 14.17 -41.37
CA LEU I 210 4.56 13.95 -40.10
C LEU I 210 5.85 13.15 -40.31
N GLY I 211 6.84 13.43 -39.47
CA GLY I 211 8.11 12.74 -39.58
C GLY I 211 8.25 11.60 -38.59
N ALA I 212 7.88 11.85 -37.34
CA ALA I 212 7.99 10.85 -36.28
C ALA I 212 6.64 10.21 -36.01
N ASP I 213 6.66 8.90 -35.81
CA ASP I 213 5.43 8.16 -35.54
C ASP I 213 4.92 8.50 -34.14
N LEU I 214 3.70 9.01 -34.06
CA LEU I 214 3.14 9.46 -32.80
C LEU I 214 2.56 8.33 -31.96
N THR I 215 2.68 7.08 -32.40
CA THR I 215 2.23 5.95 -31.61
C THR I 215 3.33 5.32 -30.78
N THR I 216 4.60 5.56 -31.13
CA THR I 216 5.73 4.95 -30.42
C THR I 216 6.69 5.99 -29.87
N ALA I 217 6.47 7.27 -30.12
CA ALA I 217 7.42 8.29 -29.71
C ALA I 217 7.28 8.57 -28.21
N THR I 218 8.27 9.28 -27.68
CA THR I 218 8.33 9.62 -26.27
C THR I 218 7.48 10.86 -25.99
N GLU I 219 7.64 11.46 -24.81
CA GLU I 219 6.88 12.67 -24.51
C GLU I 219 7.53 13.91 -25.12
N ALA I 220 8.83 13.86 -25.39
CA ALA I 220 9.50 15.03 -25.94
C ALA I 220 9.28 15.19 -27.43
N GLN I 221 9.22 14.09 -28.18
CA GLN I 221 9.01 14.19 -29.61
C GLN I 221 7.56 14.48 -29.97
N VAL I 222 6.64 14.40 -29.01
CA VAL I 222 5.25 14.72 -29.29
C VAL I 222 5.06 16.22 -29.41
N VAL I 223 5.51 16.97 -28.39
CA VAL I 223 5.36 18.42 -28.42
C VAL I 223 6.29 19.05 -29.43
N ALA I 224 7.40 18.39 -29.76
CA ALA I 224 8.28 18.89 -30.80
C ALA I 224 7.70 18.68 -32.19
N GLU I 225 6.75 17.77 -32.35
CA GLU I 225 6.10 17.56 -33.64
C GLU I 225 4.61 17.88 -33.60
N LEU I 226 4.14 18.50 -32.52
CA LEU I 226 2.81 19.10 -32.53
C LEU I 226 2.86 20.59 -32.79
N LEU I 227 3.97 21.23 -32.43
CA LEU I 227 4.16 22.64 -32.78
C LEU I 227 4.52 22.82 -34.24
N ALA I 228 5.18 21.83 -34.85
CA ALA I 228 5.45 21.89 -36.27
C ALA I 228 4.20 21.69 -37.11
N LEU I 229 3.13 21.15 -36.52
CA LEU I 229 1.82 21.11 -37.16
C LEU I 229 1.06 22.42 -36.97
N LEU I 230 1.12 23.00 -35.77
CA LEU I 230 0.40 24.25 -35.51
C LEU I 230 1.00 25.43 -36.24
N ASP I 231 2.28 25.35 -36.61
CA ASP I 231 2.92 26.45 -37.33
C ASP I 231 2.69 26.40 -38.83
N VAL I 232 1.79 25.54 -39.31
CA VAL I 232 1.24 25.67 -40.64
C VAL I 232 -0.10 26.38 -40.59
N LEU I 233 -0.40 27.02 -39.46
CA LEU I 233 -1.56 27.87 -39.30
C LEU I 233 -1.23 29.23 -38.74
N ARG I 234 -0.13 29.36 -37.98
CA ARG I 234 0.27 30.65 -37.44
C ARG I 234 1.34 31.34 -38.27
N ILE I 235 2.13 30.58 -39.04
CA ILE I 235 3.28 31.17 -39.72
C ILE I 235 3.05 31.23 -41.22
N THR I 236 2.90 30.08 -41.86
CA THR I 236 2.83 30.05 -43.32
C THR I 236 1.41 30.20 -43.84
N ASN I 237 0.44 30.42 -42.96
CA ASN I 237 -0.93 30.64 -43.41
C ASN I 237 -1.63 31.77 -42.64
N LYS I 238 -0.96 32.39 -41.67
CA LYS I 238 -1.33 33.66 -41.04
C LYS I 238 -2.65 33.62 -40.29
N LYS I 239 -3.21 32.44 -40.02
CA LYS I 239 -4.50 32.37 -39.35
C LYS I 239 -4.31 32.52 -37.85
N SER I 240 -5.36 32.96 -37.18
CA SER I 240 -5.35 33.18 -35.74
C SER I 240 -6.61 32.61 -35.12
N GLY I 241 -6.77 32.88 -33.83
CA GLY I 241 -7.88 32.37 -33.08
C GLY I 241 -7.55 31.04 -32.45
N PRO I 242 -8.36 30.61 -31.48
CA PRO I 242 -8.12 29.33 -30.81
C PRO I 242 -8.43 28.17 -31.73
N PHE I 243 -7.42 27.36 -32.00
CA PHE I 243 -7.54 26.21 -32.88
C PHE I 243 -8.10 25.01 -32.10
N GLU I 244 -8.52 23.99 -32.83
CA GLU I 244 -9.12 22.81 -32.24
C GLU I 244 -8.44 21.58 -32.83
N LEU I 245 -8.03 20.66 -31.97
CA LEU I 245 -7.28 19.48 -32.36
C LEU I 245 -8.11 18.23 -32.12
N TYR I 246 -8.01 17.25 -33.02
CA TYR I 246 -8.78 16.01 -32.93
C TYR I 246 -7.84 14.83 -33.09
N ILE I 247 -7.89 13.93 -32.12
CA ILE I 247 -6.88 12.88 -31.93
C ILE I 247 -7.49 11.53 -32.27
N SER I 248 -6.72 10.68 -32.93
CA SER I 248 -7.13 9.30 -33.14
C SER I 248 -7.22 8.58 -31.79
N PRO I 249 -8.21 7.69 -31.60
CA PRO I 249 -8.38 7.05 -30.29
C PRO I 249 -7.28 6.08 -29.93
N GLN I 250 -6.48 5.65 -30.90
CA GLN I 250 -5.27 4.88 -30.57
C GLN I 250 -4.28 5.71 -29.79
N ILE I 251 -4.22 7.03 -30.04
CA ILE I 251 -3.30 7.90 -29.33
C ILE I 251 -4.03 8.92 -28.48
N MET I 252 -5.24 8.61 -28.04
CA MET I 252 -5.82 9.37 -26.94
C MET I 252 -5.57 8.67 -25.61
N SER I 253 -5.52 7.34 -25.62
CA SER I 253 -5.14 6.60 -24.43
C SER I 253 -3.63 6.59 -24.21
N ASN I 254 -2.85 6.77 -25.27
CA ASN I 254 -1.40 6.84 -25.12
C ASN I 254 -0.98 8.12 -24.40
N TRP I 255 -1.74 9.19 -24.54
CA TRP I 255 -1.47 10.43 -23.85
C TRP I 255 -2.04 10.44 -22.44
N GLN I 256 -2.46 9.31 -21.91
CA GLN I 256 -2.92 9.22 -20.53
C GLN I 256 -1.94 8.46 -19.64
N LYS I 257 -0.70 8.31 -20.10
CA LYS I 257 0.35 7.73 -19.27
C LYS I 257 0.87 8.78 -18.30
N LEU I 258 1.95 8.45 -17.59
CA LEU I 258 2.60 9.41 -16.72
C LEU I 258 3.61 10.21 -17.52
N ALA I 259 3.72 11.50 -17.21
CA ALA I 259 4.65 12.38 -17.91
C ALA I 259 6.09 12.02 -17.58
N GLY I 260 6.46 12.09 -16.30
CA GLY I 260 7.81 11.84 -15.87
C GLY I 260 8.65 13.08 -15.75
N ALA I 261 8.34 14.14 -16.50
CA ALA I 261 9.07 15.38 -16.37
C ALA I 261 8.70 16.09 -15.07
N ASN I 262 7.43 16.44 -14.92
CA ASN I 262 6.99 17.17 -13.73
C ASN I 262 6.91 16.25 -12.53
N THR I 263 7.46 16.71 -11.39
CA THR I 263 7.34 16.01 -10.11
C THR I 263 6.74 16.99 -9.10
N ASN I 264 5.42 17.13 -9.13
CA ASN I 264 4.68 17.84 -8.10
C ASN I 264 3.35 17.16 -7.82
N GLY I 265 3.32 15.84 -7.96
CA GLY I 265 2.08 15.10 -7.99
C GLY I 265 2.13 14.13 -9.16
N PHE I 266 1.01 13.92 -9.84
CA PHE I 266 0.97 13.05 -11.00
C PHE I 266 0.21 13.76 -12.11
N MET I 267 0.86 14.00 -13.22
CA MET I 267 0.25 14.66 -14.37
C MET I 267 0.50 13.84 -15.62
N ASN I 268 -0.49 13.84 -16.51
CA ASN I 268 -0.46 13.06 -17.73
C ASN I 268 0.02 13.92 -18.90
N ILE I 269 0.31 13.25 -20.02
CA ILE I 269 0.77 13.93 -21.21
C ILE I 269 -0.32 14.82 -21.80
N MET I 270 -1.58 14.44 -21.62
CA MET I 270 -2.70 15.24 -22.10
C MET I 270 -2.77 16.58 -21.39
N ALA I 271 -2.39 16.64 -20.12
CA ALA I 271 -2.36 17.91 -19.40
C ALA I 271 -1.13 18.73 -19.72
N ALA I 272 -0.11 18.13 -20.33
CA ALA I 272 1.05 18.91 -20.74
C ALA I 272 0.73 19.80 -21.94
N VAL I 273 0.08 19.22 -22.96
CA VAL I 273 -0.29 19.95 -24.17
C VAL I 273 -1.35 20.99 -23.87
N ARG I 274 -2.19 20.75 -22.86
CA ARG I 274 -3.09 21.78 -22.37
C ARG I 274 -2.33 22.95 -21.74
N ALA I 275 -1.14 22.70 -21.21
CA ALA I 275 -0.38 23.74 -20.52
C ALA I 275 0.54 24.51 -21.46
N LEU I 276 1.28 23.81 -22.33
CA LEU I 276 2.26 24.48 -23.17
C LEU I 276 1.62 25.27 -24.30
N ILE I 277 0.47 24.83 -24.79
CA ILE I 277 -0.18 25.46 -25.92
C ILE I 277 -1.53 26.01 -25.46
N PRO I 278 -1.62 27.28 -25.07
CA PRO I 278 -2.94 27.81 -24.68
C PRO I 278 -3.73 28.33 -25.86
N GLU I 279 -3.75 27.58 -26.94
CA GLU I 279 -4.53 27.89 -28.13
C GLU I 279 -5.39 26.73 -28.58
N PHE I 280 -5.00 25.50 -28.28
CA PHE I 280 -5.89 24.37 -28.48
C PHE I 280 -6.99 24.48 -27.45
N SER I 281 -8.09 25.12 -27.83
CA SER I 281 -9.15 25.41 -26.87
C SER I 281 -9.91 24.14 -26.48
N VAL I 282 -10.19 23.28 -27.46
CA VAL I 282 -10.88 22.03 -27.22
C VAL I 282 -10.07 20.91 -27.87
N VAL I 283 -9.56 19.99 -27.05
CA VAL I 283 -8.89 18.79 -27.53
C VAL I 283 -9.75 17.60 -27.15
N GLU I 284 -10.39 16.98 -28.15
CA GLU I 284 -11.15 15.76 -27.96
C GLU I 284 -10.77 14.79 -29.08
N ALA I 285 -11.34 13.60 -29.06
CA ALA I 285 -10.95 12.55 -29.98
C ALA I 285 -12.04 12.29 -31.02
N ASP I 286 -11.65 11.66 -32.13
CA ASP I 286 -12.60 11.34 -33.19
C ASP I 286 -12.14 10.09 -33.92
N SER I 287 -13.03 9.09 -33.99
CA SER I 287 -12.65 7.77 -34.49
C SER I 287 -12.56 7.68 -36.00
N ALA I 288 -12.81 8.76 -36.73
CA ALA I 288 -12.58 8.72 -38.17
C ALA I 288 -11.10 8.63 -38.50
N LEU I 289 -10.25 9.07 -37.58
CA LEU I 289 -8.81 8.92 -37.70
C LEU I 289 -8.38 7.54 -37.21
N GLN I 290 -7.56 6.88 -38.02
CA GLN I 290 -7.08 5.54 -37.67
C GLN I 290 -5.62 5.43 -38.05
N GLY I 291 -4.80 5.21 -37.05
CA GLY I 291 -3.37 5.03 -37.11
C GLY I 291 -2.59 6.29 -36.76
N ASN I 292 -1.63 6.63 -37.60
CA ASN I 292 -0.79 7.81 -37.38
C ASN I 292 -1.30 8.95 -38.26
N GLN I 293 -2.39 9.58 -37.82
CA GLN I 293 -2.93 10.73 -38.53
C GLN I 293 -3.72 11.61 -37.58
N VAL I 294 -3.53 12.93 -37.69
CA VAL I 294 -4.21 13.91 -36.87
C VAL I 294 -4.76 15.01 -37.78
N LEU I 295 -5.51 15.93 -37.18
CA LEU I 295 -6.09 17.05 -37.90
C LEU I 295 -6.30 18.23 -36.96
N CYS I 296 -5.79 19.39 -37.33
CA CYS I 296 -5.95 20.61 -36.57
C CYS I 296 -6.50 21.71 -37.47
N SER I 297 -7.51 22.41 -36.98
CA SER I 297 -8.18 23.42 -37.79
C SER I 297 -8.97 24.36 -36.87
N VAL I 298 -9.62 25.33 -37.50
CA VAL I 298 -10.53 26.25 -36.83
C VAL I 298 -11.95 25.81 -37.14
N VAL I 299 -12.84 25.94 -36.17
CA VAL I 299 -14.26 25.75 -36.42
C VAL I 299 -14.96 27.09 -36.20
N GLY I 300 -16.16 27.19 -36.75
CA GLY I 300 -16.90 28.44 -36.77
C GLY I 300 -17.08 28.94 -38.19
N THR I 301 -17.65 30.13 -38.29
CA THR I 301 -17.98 30.70 -39.59
C THR I 301 -16.74 31.17 -40.34
N ARG I 302 -15.63 31.40 -39.68
CA ARG I 302 -14.43 31.80 -40.42
C ARG I 302 -13.47 30.65 -40.67
N GLY I 303 -13.90 29.41 -40.42
CA GLY I 303 -13.07 28.25 -40.72
C GLY I 303 -13.87 27.11 -41.31
N LEU I 304 -13.73 25.92 -40.73
CA LEU I 304 -14.52 24.78 -41.16
C LEU I 304 -15.96 24.96 -40.69
N HIS I 305 -16.89 24.97 -41.62
CA HIS I 305 -18.29 25.24 -41.31
C HIS I 305 -19.19 24.37 -42.16
N ALA I 306 -20.45 24.29 -41.76
CA ALA I 306 -21.43 23.48 -42.45
C ALA I 306 -22.72 24.28 -42.64
N LYS I 307 -23.43 24.00 -43.71
CA LYS I 307 -24.69 24.65 -44.01
C LYS I 307 -25.76 23.59 -44.26
N ILE I 308 -26.83 23.63 -43.49
CA ILE I 308 -27.87 22.62 -43.54
C ILE I 308 -28.94 23.05 -44.53
N GLY I 309 -29.18 22.20 -45.53
CA GLY I 309 -30.25 22.45 -46.47
C GLY I 309 -31.60 22.17 -45.84
N MET I 310 -31.87 20.91 -45.52
CA MET I 310 -33.10 20.53 -44.84
C MET I 310 -32.73 19.68 -43.63
N MET I 311 -33.27 20.00 -42.47
CA MET I 311 -32.90 19.21 -41.30
C MET I 311 -33.72 17.93 -41.25
N MET I 312 -33.21 16.98 -40.47
CA MET I 312 -33.55 15.57 -40.55
C MET I 312 -35.02 15.34 -40.19
N SER I 313 -35.81 14.91 -41.17
CA SER I 313 -37.23 14.68 -40.98
C SER I 313 -37.58 13.26 -41.45
N SER I 314 -38.73 12.79 -40.99
CA SER I 314 -39.17 11.43 -41.26
C SER I 314 -40.68 11.41 -41.45
N TYR I 315 -41.15 10.49 -42.27
CA TYR I 315 -42.56 10.35 -42.57
C TYR I 315 -42.84 8.91 -42.95
N GLN I 316 -44.13 8.57 -43.06
CA GLN I 316 -44.57 7.22 -43.36
C GLN I 316 -45.28 7.21 -44.69
N VAL I 317 -44.89 6.29 -45.57
CA VAL I 317 -45.59 6.06 -46.82
C VAL I 317 -46.97 5.49 -46.49
N PRO I 318 -48.06 6.13 -46.93
CA PRO I 318 -49.39 5.70 -46.48
C PRO I 318 -49.82 4.40 -47.15
N ARG I 319 -50.62 3.64 -46.41
CA ARG I 319 -51.08 2.33 -46.85
C ARG I 319 -52.44 2.46 -47.51
N VAL I 320 -52.55 1.91 -48.72
CA VAL I 320 -53.77 2.03 -49.52
C VAL I 320 -54.67 0.83 -49.30
N MET I 321 -54.18 -0.37 -49.65
CA MET I 321 -54.95 -1.59 -49.54
C MET I 321 -54.86 -2.12 -48.10
N HIS I 322 -55.29 -3.37 -47.91
CA HIS I 322 -55.19 -3.99 -46.59
C HIS I 322 -53.89 -4.74 -46.38
N ASN I 323 -53.17 -5.06 -47.45
CA ASN I 323 -51.91 -5.79 -47.36
C ASN I 323 -50.75 -4.95 -47.89
N ASP I 324 -50.81 -3.64 -47.72
CA ASP I 324 -49.68 -2.81 -48.06
C ASP I 324 -48.63 -2.90 -46.97
N PRO I 325 -47.36 -3.14 -47.32
CA PRO I 325 -46.32 -3.24 -46.30
C PRO I 325 -46.03 -1.89 -45.66
N TYR I 326 -45.58 -1.95 -44.42
CA TYR I 326 -45.25 -0.74 -43.68
C TYR I 326 -43.89 -0.23 -44.15
N GLN I 327 -43.79 1.08 -44.39
CA GLN I 327 -42.57 1.68 -44.90
C GLN I 327 -42.41 3.07 -44.32
N PHE I 328 -41.17 3.43 -43.99
CA PHE I 328 -40.84 4.73 -43.44
C PHE I 328 -39.58 5.25 -44.12
N VAL I 329 -39.46 6.57 -44.24
CA VAL I 329 -38.39 7.21 -45.00
C VAL I 329 -37.79 8.33 -44.14
N LYS I 330 -36.46 8.36 -44.06
CA LYS I 330 -35.73 9.46 -43.43
C LYS I 330 -34.77 10.07 -44.44
N TRP I 331 -34.69 11.40 -44.47
CA TRP I 331 -33.88 12.11 -45.44
C TRP I 331 -33.26 13.34 -44.79
N PHE I 332 -32.20 13.84 -45.43
CA PHE I 332 -31.33 14.85 -44.83
C PHE I 332 -30.47 15.49 -45.91
N ALA I 333 -30.11 16.76 -45.72
CA ALA I 333 -29.36 17.49 -46.74
C ALA I 333 -28.52 18.59 -46.11
N ALA I 334 -27.19 18.53 -46.31
CA ALA I 334 -26.27 19.53 -45.80
C ALA I 334 -24.96 19.44 -46.58
N GLY I 335 -24.10 20.44 -46.39
CA GLY I 335 -22.84 20.50 -47.11
C GLY I 335 -21.74 21.15 -46.31
N PHE I 336 -20.50 20.91 -46.72
CA PHE I 336 -19.31 21.32 -45.97
C PHE I 336 -18.35 22.10 -46.85
N GLN I 337 -17.62 23.02 -46.22
CA GLN I 337 -16.61 23.85 -46.87
C GLN I 337 -15.65 24.42 -45.85
N SER I 338 -14.34 24.30 -46.11
CA SER I 338 -13.33 24.95 -45.29
C SER I 338 -13.02 26.32 -45.86
N ASN I 339 -12.87 27.31 -44.99
CA ASN I 339 -12.72 28.69 -45.41
C ASN I 339 -11.36 28.90 -46.06
N ASN I 340 -11.29 29.86 -46.99
CA ASN I 340 -10.09 30.10 -47.78
C ASN I 340 -9.90 31.60 -47.93
N SER I 341 -9.00 31.97 -48.85
CA SER I 341 -8.80 33.36 -49.25
C SER I 341 -8.37 33.36 -50.71
N PHE I 342 -7.93 34.53 -51.19
CA PHE I 342 -7.74 34.71 -52.62
C PHE I 342 -6.47 34.03 -53.12
N SER I 343 -5.39 34.08 -52.35
CA SER I 343 -4.11 33.62 -52.87
C SER I 343 -4.01 32.09 -52.87
N GLY I 344 -4.65 31.44 -51.91
CA GLY I 344 -4.43 30.03 -51.70
C GLY I 344 -4.14 29.76 -50.24
N LEU I 345 -4.38 30.77 -49.41
CA LEU I 345 -4.23 30.63 -47.97
C LEU I 345 -5.33 29.74 -47.42
N LYS I 346 -4.95 28.78 -46.59
CA LYS I 346 -5.88 27.79 -46.08
C LYS I 346 -6.09 28.00 -44.59
N SER I 347 -6.94 27.15 -44.01
CA SER I 347 -7.32 27.23 -42.60
C SER I 347 -7.42 25.88 -41.90
N THR I 348 -7.21 24.76 -42.60
CA THR I 348 -7.24 23.44 -41.99
C THR I 348 -5.97 22.70 -42.37
N VAL I 349 -5.40 21.96 -41.41
CA VAL I 349 -4.23 21.13 -41.66
C VAL I 349 -4.57 19.69 -41.32
N TYR I 350 -4.30 18.78 -42.25
CA TYR I 350 -4.49 17.35 -42.05
C TYR I 350 -3.13 16.69 -41.93
N GLY I 351 -2.85 16.12 -40.76
CA GLY I 351 -1.56 15.53 -40.49
C GLY I 351 -1.41 14.13 -41.03
N SER I 352 -0.59 14.00 -42.07
CA SER I 352 -0.25 12.73 -42.73
C SER I 352 -1.46 11.94 -43.23
N MET J 59 -25.25 -20.20 42.01
CA MET J 59 -23.90 -19.90 42.46
C MET J 59 -22.92 -20.96 41.95
N GLN J 60 -21.68 -20.87 42.40
CA GLN J 60 -20.64 -21.83 42.06
C GLN J 60 -20.34 -22.72 43.24
N ARG J 61 -19.56 -23.77 42.99
CA ARG J 61 -19.13 -24.67 44.06
C ARG J 61 -17.96 -24.08 44.83
N VAL J 62 -17.29 -24.89 45.64
CA VAL J 62 -16.09 -24.43 46.34
C VAL J 62 -14.82 -24.85 45.62
N ASP J 63 -14.88 -25.81 44.70
CA ASP J 63 -13.74 -26.16 43.87
C ASP J 63 -13.67 -25.33 42.60
N GLU J 64 -14.46 -24.26 42.52
CA GLU J 64 -14.50 -23.38 41.35
C GLU J 64 -14.54 -21.92 41.78
N MET J 65 -14.04 -21.62 42.98
CA MET J 65 -13.95 -20.25 43.43
C MET J 65 -12.63 -19.61 43.02
N TYR J 66 -11.77 -20.33 42.31
CA TYR J 66 -10.51 -19.78 41.84
C TYR J 66 -10.61 -19.18 40.44
N ARG J 67 -11.72 -19.34 39.75
CA ARG J 67 -11.83 -18.82 38.39
C ARG J 67 -13.11 -18.02 38.24
N LEU J 68 -13.03 -16.89 37.56
CA LEU J 68 -14.19 -16.15 37.12
C LEU J 68 -14.24 -16.21 35.60
N VAL J 69 -15.45 -16.32 35.06
CA VAL J 69 -15.65 -16.54 33.63
C VAL J 69 -16.50 -15.41 33.08
N ASP J 70 -16.54 -15.32 31.76
CA ASP J 70 -17.42 -14.38 31.06
C ASP J 70 -17.66 -14.97 29.68
N SER J 71 -18.83 -15.56 29.48
CA SER J 71 -19.16 -16.23 28.22
C SER J 71 -19.86 -15.30 27.25
N THR J 72 -19.28 -14.12 27.02
CA THR J 72 -19.86 -13.18 26.07
C THR J 72 -19.67 -13.64 24.64
N GLY J 73 -18.55 -14.30 24.35
CA GLY J 73 -18.38 -14.94 23.06
C GLY J 73 -17.95 -14.00 21.96
N THR J 74 -16.99 -14.42 21.14
CA THR J 74 -16.51 -13.63 20.03
C THR J 74 -16.04 -14.56 18.94
N GLY J 75 -16.67 -14.49 17.78
CA GLY J 75 -16.38 -15.44 16.72
C GLY J 75 -15.14 -15.08 15.92
N GLU J 76 -15.25 -15.13 14.61
CA GLU J 76 -14.12 -14.81 13.75
C GLU J 76 -14.46 -13.60 12.88
N ASP J 77 -13.42 -12.94 12.39
CA ASP J 77 -13.60 -11.89 11.40
C ASP J 77 -13.46 -12.48 10.01
N ARG J 78 -14.26 -11.96 9.08
CA ARG J 78 -14.48 -12.69 7.84
C ARG J 78 -13.28 -12.62 6.90
N ASP J 79 -13.03 -11.44 6.34
CA ASP J 79 -11.92 -11.17 5.41
C ASP J 79 -11.86 -9.66 5.20
N TRP J 80 -11.13 -9.25 4.18
CA TRP J 80 -10.88 -7.84 3.88
C TRP J 80 -11.32 -7.59 2.43
N GLY J 81 -12.44 -6.85 2.23
CA GLY J 81 -13.02 -6.82 0.91
C GLY J 81 -13.65 -8.14 0.54
N ASN J 82 -14.57 -8.63 1.37
CA ASN J 82 -15.08 -9.99 1.18
C ASN J 82 -16.07 -10.08 0.02
N GLN J 83 -17.16 -9.33 0.09
CA GLN J 83 -18.27 -9.47 -0.86
C GLN J 83 -18.59 -8.13 -1.48
N THR J 84 -17.56 -7.43 -1.97
CA THR J 84 -17.78 -6.11 -2.54
C THR J 84 -18.45 -6.18 -3.90
N LEU J 85 -18.06 -7.15 -4.73
CA LEU J 85 -18.66 -7.27 -6.06
C LEU J 85 -20.08 -7.82 -5.96
N LEU J 86 -20.27 -8.89 -5.19
CA LEU J 86 -21.58 -9.50 -5.04
C LEU J 86 -22.56 -8.58 -4.33
N GLY J 87 -22.07 -7.68 -3.48
CA GLY J 87 -22.93 -6.69 -2.87
C GLY J 87 -23.46 -5.66 -3.85
N ARG J 88 -22.80 -5.48 -4.99
CA ARG J 88 -23.29 -4.56 -5.99
C ARG J 88 -24.20 -5.25 -7.00
N LEU J 89 -23.94 -6.53 -7.30
CA LEU J 89 -24.77 -7.23 -8.27
C LEU J 89 -26.15 -7.53 -7.70
N LEU J 90 -26.22 -7.98 -6.45
CA LEU J 90 -27.49 -8.34 -5.85
C LEU J 90 -28.30 -7.13 -5.40
N SER J 91 -27.77 -5.92 -5.54
CA SER J 91 -28.54 -4.73 -5.26
C SER J 91 -29.15 -4.12 -6.51
N GLN J 92 -28.66 -4.48 -7.69
CA GLN J 92 -29.21 -4.03 -8.95
C GLN J 92 -29.92 -5.13 -9.71
N ALA J 93 -30.24 -6.23 -9.03
CA ALA J 93 -30.73 -7.42 -9.71
C ALA J 93 -32.20 -7.29 -10.06
N GLN J 94 -32.59 -7.96 -11.15
CA GLN J 94 -33.98 -8.08 -11.54
C GLN J 94 -34.57 -9.34 -10.92
N THR J 95 -35.80 -9.23 -10.44
CA THR J 95 -36.47 -10.34 -9.77
C THR J 95 -37.41 -11.03 -10.74
N VAL J 96 -37.17 -12.32 -10.97
CA VAL J 96 -38.03 -13.13 -11.81
C VAL J 96 -38.75 -14.13 -10.94
N SER J 97 -39.71 -14.85 -11.53
CA SER J 97 -40.47 -15.84 -10.78
C SER J 97 -39.67 -17.14 -10.66
N ILE J 98 -39.90 -17.87 -9.58
CA ILE J 98 -39.19 -19.12 -9.44
C ILE J 98 -39.86 -20.17 -10.32
N GLY J 99 -39.05 -21.12 -10.79
CA GLY J 99 -39.44 -22.10 -11.78
C GLY J 99 -38.84 -21.83 -13.15
N LYS J 100 -38.63 -20.56 -13.48
CA LYS J 100 -37.98 -20.19 -14.72
C LYS J 100 -36.50 -20.54 -14.61
N LYS J 101 -36.12 -21.67 -15.19
CA LYS J 101 -34.74 -22.13 -15.05
C LYS J 101 -33.80 -21.42 -16.01
N VAL J 102 -34.24 -21.08 -17.21
CA VAL J 102 -33.41 -20.43 -18.22
C VAL J 102 -34.05 -19.11 -18.59
N ILE J 103 -33.24 -18.08 -18.67
CA ILE J 103 -33.73 -16.74 -18.99
C ILE J 103 -33.04 -16.29 -20.27
N GLU J 104 -33.83 -16.17 -21.32
CA GLU J 104 -33.34 -15.76 -22.62
C GLU J 104 -33.49 -14.26 -22.79
N SER J 105 -32.39 -13.60 -23.14
CA SER J 105 -32.43 -12.18 -23.44
C SER J 105 -32.08 -11.99 -24.92
N ARG J 106 -32.83 -11.13 -25.58
CA ARG J 106 -32.64 -10.90 -27.00
C ARG J 106 -31.69 -9.74 -27.23
N ARG J 107 -30.90 -9.86 -28.30
CA ARG J 107 -30.00 -8.80 -28.75
C ARG J 107 -30.24 -8.58 -30.23
N TYR J 108 -30.34 -7.32 -30.64
CA TYR J 108 -30.58 -7.02 -32.05
C TYR J 108 -29.35 -6.36 -32.65
N SER J 109 -29.48 -5.94 -33.91
CA SER J 109 -28.35 -5.54 -34.74
C SER J 109 -28.44 -4.08 -35.13
N GLU J 110 -27.50 -3.68 -35.98
CA GLU J 110 -27.55 -2.39 -36.66
C GLU J 110 -27.71 -2.64 -38.16
N ALA J 111 -28.44 -1.76 -38.82
CA ALA J 111 -28.77 -1.97 -40.22
C ALA J 111 -29.09 -0.64 -40.88
N GLY J 112 -28.77 -0.55 -42.16
CA GLY J 112 -29.11 0.64 -42.92
C GLY J 112 -28.42 0.75 -44.26
N ARG J 113 -29.07 1.44 -45.20
CA ARG J 113 -28.47 1.81 -46.48
C ARG J 113 -28.83 3.26 -46.75
N ILE J 114 -27.88 4.03 -47.26
CA ILE J 114 -28.08 5.45 -47.52
C ILE J 114 -27.62 5.77 -48.93
N ASN J 115 -28.53 6.33 -49.73
CA ASN J 115 -28.21 6.81 -51.06
C ASN J 115 -28.15 8.34 -51.06
N ARG J 116 -27.42 8.90 -52.02
CA ARG J 116 -27.24 10.34 -52.03
C ARG J 116 -27.18 10.87 -53.46
N SER J 117 -27.84 12.01 -53.69
CA SER J 117 -27.77 12.72 -54.96
C SER J 117 -27.99 14.20 -54.72
N MET J 118 -27.85 14.99 -55.78
CA MET J 118 -27.91 16.44 -55.66
C MET J 118 -29.32 17.01 -55.81
N SER J 119 -30.24 16.25 -56.38
CA SER J 119 -31.59 16.74 -56.64
C SER J 119 -32.61 16.25 -55.62
N GLY J 120 -32.56 14.97 -55.26
CA GLY J 120 -33.48 14.42 -54.29
C GLY J 120 -34.48 13.44 -54.85
N GLN J 121 -34.40 13.12 -56.14
CA GLN J 121 -35.31 12.16 -56.74
C GLN J 121 -34.50 10.94 -57.18
N THR J 122 -34.33 10.00 -56.26
CA THR J 122 -33.68 8.74 -56.56
C THR J 122 -34.39 7.65 -55.77
N ASP J 123 -34.17 6.40 -56.19
CA ASP J 123 -34.81 5.28 -55.52
C ASP J 123 -34.17 5.07 -54.15
N ILE J 124 -34.96 5.19 -53.10
CA ILE J 124 -34.48 5.08 -51.73
C ILE J 124 -34.53 3.62 -51.29
N ASP J 125 -33.41 3.10 -50.82
CA ASP J 125 -33.28 1.69 -50.49
C ASP J 125 -33.70 1.42 -49.06
N MET J 126 -33.85 0.14 -48.71
CA MET J 126 -34.33 -0.23 -47.40
C MET J 126 -33.63 -1.48 -46.87
N ASP J 127 -33.66 -1.62 -45.55
CA ASP J 127 -33.09 -2.77 -44.84
C ASP J 127 -33.74 -2.82 -43.46
N LYS J 128 -33.53 -3.93 -42.76
CA LYS J 128 -34.11 -4.12 -41.44
C LYS J 128 -33.13 -4.89 -40.57
N THR J 129 -33.45 -4.98 -39.27
CA THR J 129 -32.56 -5.54 -38.28
C THR J 129 -32.90 -6.99 -37.96
N LYS J 130 -31.87 -7.78 -37.66
CA LYS J 130 -32.03 -9.17 -37.27
C LYS J 130 -32.14 -9.25 -35.75
N SER J 131 -32.05 -10.48 -35.21
CA SER J 131 -32.07 -10.69 -33.76
C SER J 131 -31.38 -12.00 -33.43
N SER J 132 -30.92 -12.09 -32.19
CA SER J 132 -30.34 -13.32 -31.66
C SER J 132 -30.58 -13.35 -30.15
N TYR J 133 -30.16 -14.44 -29.51
CA TYR J 133 -30.53 -14.66 -28.12
C TYR J 133 -29.34 -15.15 -27.31
N GLN J 134 -29.46 -15.00 -25.99
CA GLN J 134 -28.41 -15.35 -25.05
C GLN J 134 -29.03 -15.98 -23.81
N LYS J 135 -28.30 -16.92 -23.20
CA LYS J 135 -28.85 -17.82 -22.20
C LYS J 135 -28.15 -17.70 -20.86
N MET J 136 -28.93 -17.74 -19.78
CA MET J 136 -28.35 -17.92 -18.45
C MET J 136 -29.11 -19.03 -17.74
N VAL J 137 -28.83 -19.22 -16.44
CA VAL J 137 -29.43 -20.31 -15.69
C VAL J 137 -29.62 -19.86 -14.24
N ILE J 138 -30.63 -20.42 -13.58
CA ILE J 138 -31.00 -20.04 -12.21
C ILE J 138 -30.97 -21.27 -11.32
N PRO J 139 -29.90 -21.50 -10.56
CA PRO J 139 -29.92 -22.61 -9.59
C PRO J 139 -30.36 -22.18 -8.19
N VAL J 140 -30.50 -23.15 -7.29
CA VAL J 140 -31.03 -22.92 -5.95
C VAL J 140 -29.99 -23.35 -4.91
N PHE J 141 -29.71 -22.46 -3.96
CA PHE J 141 -28.82 -22.74 -2.85
C PHE J 141 -29.62 -22.87 -1.56
N ASP J 142 -29.12 -23.68 -0.62
CA ASP J 142 -29.84 -23.89 0.63
C ASP J 142 -28.87 -24.34 1.72
N GLY J 143 -29.29 -24.15 2.97
CA GLY J 143 -28.51 -24.56 4.12
C GLY J 143 -29.36 -24.58 5.37
N ALA J 144 -28.93 -25.36 6.36
CA ALA J 144 -29.72 -25.56 7.56
C ALA J 144 -28.81 -25.69 8.78
N TYR J 145 -29.43 -25.66 9.96
CA TYR J 145 -28.73 -25.77 11.23
C TYR J 145 -29.71 -26.24 12.29
N GLY J 146 -29.18 -26.89 13.33
CA GLY J 146 -30.05 -27.37 14.39
C GLY J 146 -29.41 -28.04 15.59
N ARG J 147 -30.06 -27.94 16.74
CA ARG J 147 -29.60 -28.50 18.00
C ARG J 147 -30.62 -29.52 18.52
N ASP J 148 -30.26 -30.18 19.62
CA ASP J 148 -31.11 -31.21 20.20
C ASP J 148 -32.10 -30.60 21.19
N PHE J 149 -32.77 -31.46 21.96
CA PHE J 149 -33.84 -31.03 22.85
C PHE J 149 -33.34 -30.75 24.26
N ARG J 150 -32.51 -31.63 24.82
CA ARG J 150 -32.04 -31.45 26.17
C ARG J 150 -31.04 -30.30 26.27
N ASP J 151 -30.31 -30.03 25.19
CA ASP J 151 -29.33 -28.95 25.21
C ASP J 151 -29.99 -27.59 25.19
N TYR J 152 -30.91 -27.37 24.25
CA TYR J 152 -31.47 -26.04 24.06
C TYR J 152 -32.35 -25.61 25.22
N GLU J 153 -32.99 -26.57 25.90
CA GLU J 153 -33.71 -26.21 27.11
C GLU J 153 -32.77 -25.91 28.26
N ALA J 154 -31.55 -26.45 28.23
CA ALA J 154 -30.57 -26.09 29.25
C ALA J 154 -29.99 -24.71 28.98
N MET J 155 -29.70 -24.41 27.72
CA MET J 155 -29.12 -23.12 27.38
C MET J 155 -30.15 -22.00 27.37
N ARG J 156 -31.45 -22.30 27.44
CA ARG J 156 -32.41 -21.22 27.58
C ARG J 156 -32.33 -20.56 28.95
N SER J 157 -31.98 -21.34 29.98
CA SER J 157 -31.93 -20.82 31.34
C SER J 157 -30.72 -19.91 31.56
N GLU J 158 -29.57 -20.28 31.00
CA GLU J 158 -28.34 -19.51 31.22
C GLU J 158 -28.28 -18.23 30.40
N MET J 159 -29.22 -18.01 29.49
CA MET J 159 -29.32 -16.88 28.57
C MET J 159 -28.13 -16.80 27.59
N LEU J 160 -27.32 -17.84 27.49
CA LEU J 160 -26.45 -18.00 26.34
C LEU J 160 -27.33 -18.23 25.13
N PRO J 161 -27.26 -17.40 24.09
CA PRO J 161 -28.22 -17.50 22.98
C PRO J 161 -28.13 -18.78 22.17
N ALA J 162 -26.96 -19.01 21.55
CA ALA J 162 -26.59 -20.24 20.84
C ALA J 162 -27.49 -20.65 19.66
N LEU J 163 -28.54 -19.87 19.37
CA LEU J 163 -29.37 -20.08 18.20
C LEU J 163 -29.35 -18.88 17.27
N ALA J 164 -29.61 -17.69 17.81
CA ALA J 164 -29.50 -16.47 17.03
C ALA J 164 -28.07 -16.18 16.64
N GLU J 165 -27.10 -16.70 17.39
CA GLU J 165 -25.70 -16.65 16.99
C GLU J 165 -25.31 -17.81 16.10
N ASP J 166 -26.28 -18.58 15.61
CA ASP J 166 -26.08 -19.51 14.50
C ASP J 166 -26.75 -19.05 13.22
N SER J 167 -27.91 -18.39 13.32
CA SER J 167 -28.56 -17.82 12.15
C SER J 167 -27.72 -16.72 11.52
N GLU J 168 -26.93 -16.01 12.33
CA GLU J 168 -25.96 -15.05 11.83
C GLU J 168 -24.65 -15.69 11.43
N GLU J 169 -24.61 -17.01 11.30
CA GLU J 169 -23.34 -17.68 11.02
C GLU J 169 -23.47 -18.60 9.82
N ILE J 170 -24.62 -19.25 9.65
CA ILE J 170 -24.83 -20.06 8.46
C ILE J 170 -25.06 -19.15 7.26
N GLU J 171 -25.69 -17.99 7.50
CA GLU J 171 -25.99 -17.02 6.45
C GLU J 171 -24.71 -16.47 5.81
N PHE J 172 -23.62 -16.42 6.56
CA PHE J 172 -22.34 -16.07 5.95
C PHE J 172 -21.80 -17.22 5.12
N THR J 173 -21.91 -18.46 5.60
CA THR J 173 -21.42 -19.58 4.83
C THR J 173 -22.31 -19.89 3.64
N LEU J 174 -23.56 -19.46 3.67
CA LEU J 174 -24.45 -19.63 2.52
C LEU J 174 -23.98 -18.78 1.36
N LEU J 175 -23.69 -17.50 1.61
CA LEU J 175 -23.22 -16.62 0.57
C LEU J 175 -21.79 -16.90 0.14
N ASP J 176 -21.05 -17.72 0.89
CA ASP J 176 -19.68 -18.03 0.48
C ASP J 176 -19.67 -18.99 -0.71
N ASP J 177 -20.63 -19.91 -0.79
CA ASP J 177 -20.65 -20.81 -1.93
C ASP J 177 -21.24 -20.15 -3.16
N VAL J 178 -22.14 -19.19 -2.99
CA VAL J 178 -22.54 -18.34 -4.10
C VAL J 178 -21.35 -17.52 -4.58
N ASN J 179 -20.58 -16.98 -3.63
CA ASN J 179 -19.32 -16.32 -3.96
C ASN J 179 -18.31 -17.30 -4.55
N ASP J 180 -18.39 -18.58 -4.17
CA ASP J 180 -17.59 -19.58 -4.87
C ASP J 180 -18.13 -19.84 -6.26
N TYR J 181 -19.46 -19.82 -6.41
CA TYR J 181 -20.08 -20.11 -7.70
C TYR J 181 -19.80 -19.01 -8.71
N LEU J 182 -19.78 -17.77 -8.25
CA LEU J 182 -19.56 -16.61 -9.11
C LEU J 182 -18.15 -16.61 -9.70
N TRP J 183 -17.17 -17.07 -8.94
CA TRP J 183 -15.80 -17.10 -9.42
C TRP J 183 -15.36 -18.48 -9.88
N ASN J 184 -16.11 -19.53 -9.53
CA ASN J 184 -15.83 -20.87 -10.03
C ASN J 184 -17.18 -21.55 -10.26
N GLY J 185 -17.56 -21.67 -11.53
CA GLY J 185 -18.83 -22.29 -11.87
C GLY J 185 -18.66 -23.80 -11.93
N ASP J 186 -19.44 -24.50 -11.14
CA ASP J 186 -19.41 -25.96 -11.14
C ASP J 186 -20.07 -26.47 -12.42
N ALA J 187 -19.39 -27.37 -13.11
CA ALA J 187 -19.88 -27.92 -14.37
C ALA J 187 -20.88 -29.04 -14.14
N LYS J 188 -21.90 -28.78 -13.31
CA LYS J 188 -23.00 -29.71 -13.16
C LYS J 188 -24.35 -29.03 -12.97
N LEU J 189 -24.50 -27.73 -13.27
CA LEU J 189 -25.83 -27.16 -13.43
C LEU J 189 -25.96 -26.64 -14.85
N LYS J 190 -26.49 -27.48 -15.74
CA LYS J 190 -26.61 -27.14 -17.16
C LYS J 190 -27.95 -27.64 -17.67
N VAL J 191 -28.75 -26.75 -18.26
CA VAL J 191 -30.06 -27.15 -18.74
C VAL J 191 -29.98 -27.60 -20.19
N ASP J 192 -29.66 -26.69 -21.11
CA ASP J 192 -29.42 -27.06 -22.50
C ASP J 192 -27.99 -26.74 -22.91
N THR J 193 -27.61 -25.46 -22.85
CA THR J 193 -26.24 -25.03 -23.09
C THR J 193 -25.87 -23.91 -22.13
N ALA J 194 -26.66 -23.68 -21.08
CA ALA J 194 -26.48 -22.52 -20.21
C ALA J 194 -25.68 -22.89 -18.97
N VAL J 195 -24.42 -23.23 -19.19
CA VAL J 195 -23.46 -23.35 -18.10
C VAL J 195 -23.05 -21.95 -17.68
N TRP J 196 -22.37 -21.84 -16.55
CA TRP J 196 -21.77 -20.56 -16.19
C TRP J 196 -20.25 -20.60 -16.19
N GLY J 197 -19.65 -21.63 -15.60
CA GLY J 197 -18.21 -21.82 -15.72
C GLY J 197 -17.34 -20.98 -14.80
N GLY J 198 -17.78 -19.80 -14.41
CA GLY J 198 -17.03 -18.98 -13.50
C GLY J 198 -16.39 -17.78 -14.18
N LEU J 199 -16.16 -16.72 -13.40
CA LEU J 199 -15.64 -15.46 -13.91
C LEU J 199 -14.17 -15.55 -14.32
N LYS J 200 -13.49 -16.67 -14.08
CA LYS J 200 -12.12 -16.81 -14.52
C LYS J 200 -11.90 -18.02 -15.41
N ALA J 201 -12.98 -18.63 -15.91
CA ALA J 201 -12.84 -19.71 -16.88
C ALA J 201 -13.90 -19.71 -17.97
N ASP J 202 -14.79 -18.72 -18.00
CA ASP J 202 -15.90 -18.73 -18.93
C ASP J 202 -15.43 -18.34 -20.33
N ALA J 203 -16.23 -18.73 -21.33
CA ALA J 203 -16.05 -18.29 -22.69
C ALA J 203 -16.75 -16.98 -22.98
N SER J 204 -17.45 -16.41 -22.00
CA SER J 204 -18.05 -15.09 -22.12
C SER J 204 -17.23 -14.03 -21.42
N VAL J 205 -15.98 -14.33 -21.09
CA VAL J 205 -15.08 -13.43 -20.37
C VAL J 205 -13.79 -13.35 -21.15
N ALA J 206 -13.35 -12.13 -21.47
CA ALA J 206 -12.14 -11.95 -22.25
C ALA J 206 -10.92 -12.21 -21.40
N ALA J 207 -10.08 -13.14 -21.85
CA ALA J 207 -8.87 -13.51 -21.13
C ALA J 207 -7.71 -12.67 -21.64
N TYR J 208 -7.01 -12.02 -20.72
CA TYR J 208 -5.86 -11.19 -21.06
C TYR J 208 -4.72 -11.48 -20.10
N SER J 209 -3.57 -11.84 -20.64
CA SER J 209 -2.42 -12.21 -19.84
C SER J 209 -1.59 -10.99 -19.50
N LEU J 210 -1.33 -10.78 -18.21
CA LEU J 210 -0.46 -9.71 -17.78
C LEU J 210 1.00 -10.09 -18.00
N GLY J 211 1.81 -9.08 -18.30
CA GLY J 211 3.23 -9.32 -18.54
C GLY J 211 4.09 -9.02 -17.33
N ALA J 212 3.85 -7.89 -16.69
CA ALA J 212 4.63 -7.46 -15.54
C ALA J 212 3.87 -7.77 -14.26
N ASP J 213 4.60 -8.24 -13.25
CA ASP J 213 4.00 -8.56 -11.96
C ASP J 213 3.62 -7.27 -11.24
N LEU J 214 2.34 -7.15 -10.91
CA LEU J 214 1.83 -5.92 -10.30
C LEU J 214 2.07 -5.86 -8.79
N THR J 215 2.76 -6.84 -8.22
CA THR J 215 3.09 -6.80 -6.80
C THR J 215 4.48 -6.23 -6.54
N THR J 216 5.37 -6.22 -7.54
CA THR J 216 6.73 -5.75 -7.36
C THR J 216 7.09 -4.61 -8.30
N ALA J 217 6.19 -4.21 -9.20
CA ALA J 217 6.51 -3.21 -10.20
C ALA J 217 6.48 -1.82 -9.58
N THR J 218 7.03 -0.86 -10.34
CA THR J 218 7.11 0.52 -9.88
C THR J 218 5.81 1.24 -10.17
N GLU J 219 5.81 2.57 -10.07
CA GLU J 219 4.61 3.34 -10.37
C GLU J 219 4.39 3.49 -11.87
N ALA J 220 5.45 3.45 -12.66
CA ALA J 220 5.31 3.67 -14.09
C ALA J 220 4.81 2.45 -14.82
N GLN J 221 5.22 1.26 -14.40
CA GLN J 221 4.77 0.04 -15.06
C GLN J 221 3.35 -0.33 -14.68
N VAL J 222 2.77 0.30 -13.67
CA VAL J 222 1.39 0.00 -13.30
C VAL J 222 0.43 0.64 -14.30
N VAL J 223 0.57 1.94 -14.55
CA VAL J 223 -0.32 2.61 -15.48
C VAL J 223 -0.03 2.22 -16.92
N ALA J 224 1.19 1.76 -17.20
CA ALA J 224 1.51 1.25 -18.53
C ALA J 224 0.91 -0.13 -18.77
N GLU J 225 0.56 -0.86 -17.72
CA GLU J 225 -0.07 -2.16 -17.87
C GLU J 225 -1.47 -2.20 -17.29
N LEU J 226 -2.02 -1.05 -16.93
CA LEU J 226 -3.45 -0.95 -16.65
C LEU J 226 -4.22 -0.42 -17.84
N LEU J 227 -3.58 0.38 -18.70
CA LEU J 227 -4.21 0.81 -19.94
C LEU J 227 -4.24 -0.30 -20.97
N ALA J 228 -3.26 -1.21 -20.93
CA ALA J 228 -3.28 -2.36 -21.83
C ALA J 228 -4.37 -3.36 -21.45
N LEU J 229 -4.89 -3.28 -20.22
CA LEU J 229 -6.05 -4.05 -19.83
C LEU J 229 -7.35 -3.35 -20.23
N LEU J 230 -7.42 -2.04 -20.08
CA LEU J 230 -8.63 -1.31 -20.43
C LEU J 230 -8.86 -1.24 -21.93
N ASP J 231 -7.81 -1.40 -22.73
CA ASP J 231 -7.96 -1.37 -24.18
C ASP J 231 -8.36 -2.72 -24.78
N VAL J 232 -8.74 -3.68 -23.94
CA VAL J 232 -9.47 -4.85 -24.41
C VAL J 232 -10.97 -4.65 -24.16
N LEU J 233 -11.36 -3.41 -23.89
CA LEU J 233 -12.77 -3.04 -23.79
C LEU J 233 -13.11 -1.82 -24.62
N ARG J 234 -12.15 -0.96 -24.92
CA ARG J 234 -12.39 0.22 -25.74
C ARG J 234 -11.99 0.01 -27.19
N ILE J 235 -11.05 -0.90 -27.47
CA ILE J 235 -10.52 -1.01 -28.82
C ILE J 235 -10.97 -2.30 -29.49
N THR J 236 -10.58 -3.44 -28.92
CA THR J 236 -10.85 -4.70 -29.59
C THR J 236 -12.20 -5.30 -29.21
N ASN J 237 -13.00 -4.59 -28.42
CA ASN J 237 -14.33 -5.06 -28.08
C ASN J 237 -15.39 -3.96 -28.11
N LYS J 238 -15.00 -2.72 -28.41
CA LYS J 238 -15.87 -1.61 -28.78
C LYS J 238 -16.85 -1.19 -27.68
N LYS J 239 -16.65 -1.63 -26.44
CA LYS J 239 -17.58 -1.29 -25.38
C LYS J 239 -17.28 0.11 -24.84
N SER J 240 -18.28 0.73 -24.26
CA SER J 240 -18.16 2.07 -23.70
C SER J 240 -18.83 2.13 -22.34
N GLY J 241 -18.91 3.32 -21.75
CA GLY J 241 -19.63 3.51 -20.52
C GLY J 241 -18.77 3.39 -19.28
N PRO J 242 -19.40 3.46 -18.10
CA PRO J 242 -18.63 3.47 -16.83
C PRO J 242 -18.14 2.07 -16.47
N PHE J 243 -16.84 1.96 -16.19
CA PHE J 243 -16.20 0.70 -15.87
C PHE J 243 -16.02 0.55 -14.36
N GLU J 244 -15.67 -0.67 -13.94
CA GLU J 244 -15.31 -0.95 -12.56
C GLU J 244 -14.11 -1.88 -12.54
N LEU J 245 -13.31 -1.79 -11.48
CA LEU J 245 -12.04 -2.49 -11.36
C LEU J 245 -11.95 -3.20 -10.02
N TYR J 246 -11.47 -4.44 -10.02
CA TYR J 246 -11.39 -5.24 -8.80
C TYR J 246 -10.01 -5.89 -8.72
N ILE J 247 -9.42 -5.85 -7.53
CA ILE J 247 -8.03 -6.25 -7.30
C ILE J 247 -7.99 -7.36 -6.26
N SER J 248 -6.93 -8.17 -6.33
CA SER J 248 -6.60 -9.07 -5.24
C SER J 248 -5.97 -8.28 -4.09
N PRO J 249 -6.13 -8.74 -2.84
CA PRO J 249 -5.47 -8.03 -1.73
C PRO J 249 -3.96 -8.15 -1.72
N GLN J 250 -3.37 -9.09 -2.46
CA GLN J 250 -1.92 -9.11 -2.59
C GLN J 250 -1.38 -8.00 -3.46
N ILE J 251 -2.23 -7.28 -4.19
CA ILE J 251 -1.83 -6.12 -4.97
C ILE J 251 -2.26 -4.82 -4.32
N MET J 252 -3.47 -4.79 -3.74
CA MET J 252 -3.95 -3.62 -3.02
C MET J 252 -3.11 -3.31 -1.79
N SER J 253 -2.48 -4.33 -1.20
CA SER J 253 -1.49 -4.07 -0.17
C SER J 253 -0.19 -3.54 -0.77
N ASN J 254 0.27 -4.14 -1.87
CA ASN J 254 1.51 -3.70 -2.49
C ASN J 254 1.34 -2.42 -3.30
N TRP J 255 0.14 -1.88 -3.42
CA TRP J 255 -0.04 -0.52 -3.95
C TRP J 255 -0.05 0.50 -2.82
N GLN J 256 0.95 0.41 -1.96
CA GLN J 256 1.22 1.41 -0.95
C GLN J 256 2.69 1.72 -0.86
N LYS J 257 3.52 1.15 -1.73
CA LYS J 257 4.96 1.38 -1.70
C LYS J 257 5.28 2.77 -2.27
N LEU J 258 6.57 3.07 -2.38
CA LEU J 258 6.99 4.40 -2.76
C LEU J 258 6.88 4.60 -4.27
N ALA J 259 6.16 5.65 -4.66
CA ALA J 259 6.13 6.09 -6.05
C ALA J 259 7.40 6.84 -6.36
N GLY J 260 8.22 6.30 -7.26
CA GLY J 260 9.52 6.87 -7.53
C GLY J 260 9.49 8.20 -8.25
N ALA J 261 8.42 8.48 -8.99
CA ALA J 261 8.37 9.68 -9.80
C ALA J 261 8.11 10.92 -8.96
N ASN J 262 6.97 10.95 -8.26
CA ASN J 262 6.55 12.15 -7.55
C ASN J 262 7.41 12.40 -6.33
N THR J 263 8.11 13.52 -6.30
CA THR J 263 8.91 13.94 -5.16
C THR J 263 8.38 15.29 -4.66
N ASN J 264 7.32 15.24 -3.88
CA ASN J 264 6.84 16.38 -3.11
C ASN J 264 6.39 15.85 -1.76
N GLY J 265 7.22 14.97 -1.19
CA GLY J 265 6.85 14.19 -0.03
C GLY J 265 6.80 12.72 -0.37
N PHE J 266 5.78 12.03 0.13
CA PHE J 266 5.64 10.61 -0.06
C PHE J 266 4.20 10.30 -0.44
N MET J 267 4.02 9.67 -1.59
CA MET J 267 2.71 9.27 -2.08
C MET J 267 2.79 7.84 -2.59
N ASN J 268 1.67 7.12 -2.50
CA ASN J 268 1.59 5.71 -2.85
C ASN J 268 1.07 5.55 -4.27
N ILE J 269 1.20 4.33 -4.79
CA ILE J 269 0.74 4.03 -6.15
C ILE J 269 -0.77 4.10 -6.23
N MET J 270 -1.47 3.74 -5.15
CA MET J 270 -2.94 3.76 -5.13
C MET J 270 -3.47 5.17 -5.32
N ALA J 271 -2.78 6.18 -4.83
CA ALA J 271 -3.21 7.56 -5.09
C ALA J 271 -2.79 8.05 -6.47
N ALA J 272 -1.99 7.28 -7.19
CA ALA J 272 -1.60 7.63 -8.55
C ALA J 272 -2.46 6.95 -9.60
N VAL J 273 -3.42 6.13 -9.20
CA VAL J 273 -4.40 5.57 -10.11
C VAL J 273 -5.79 6.16 -9.88
N ARG J 274 -6.06 6.69 -8.69
CA ARG J 274 -7.31 7.41 -8.46
C ARG J 274 -7.26 8.86 -8.94
N ALA J 275 -6.21 9.25 -9.66
CA ALA J 275 -6.15 10.57 -10.27
C ALA J 275 -5.81 10.47 -11.76
N LEU J 276 -4.97 9.49 -12.12
CA LEU J 276 -4.57 9.35 -13.52
C LEU J 276 -5.64 8.71 -14.38
N ILE J 277 -6.41 7.77 -13.84
CA ILE J 277 -7.47 7.12 -14.60
C ILE J 277 -8.79 7.50 -13.95
N PRO J 278 -9.41 8.61 -14.34
CA PRO J 278 -10.63 9.04 -13.67
C PRO J 278 -11.85 8.24 -14.10
N GLU J 279 -11.80 7.65 -15.29
CA GLU J 279 -12.88 6.78 -15.78
C GLU J 279 -12.72 5.41 -15.13
N PHE J 280 -13.12 5.36 -13.86
CA PHE J 280 -13.16 4.15 -13.07
C PHE J 280 -14.12 4.47 -11.94
N SER J 281 -15.25 3.77 -11.88
CA SER J 281 -16.26 4.11 -10.89
C SER J 281 -15.80 3.73 -9.49
N VAL J 282 -15.40 2.48 -9.30
CA VAL J 282 -14.84 2.03 -8.04
C VAL J 282 -13.59 1.23 -8.32
N VAL J 283 -12.65 1.26 -7.38
CA VAL J 283 -11.46 0.42 -7.39
C VAL J 283 -11.40 -0.21 -6.01
N GLU J 284 -11.88 -1.44 -5.88
CA GLU J 284 -11.98 -2.10 -4.59
C GLU J 284 -11.17 -3.40 -4.63
N ALA J 285 -11.15 -4.09 -3.50
CA ALA J 285 -10.49 -5.39 -3.40
C ALA J 285 -11.53 -6.47 -3.19
N ASP J 286 -11.23 -7.66 -3.71
CA ASP J 286 -12.10 -8.81 -3.50
C ASP J 286 -11.24 -10.05 -3.37
N SER J 287 -11.41 -10.78 -2.27
CA SER J 287 -10.50 -11.84 -1.87
C SER J 287 -10.65 -13.11 -2.70
N ALA J 288 -11.57 -13.16 -3.65
CA ALA J 288 -11.68 -14.33 -4.52
C ALA J 288 -10.48 -14.41 -5.45
N LEU J 289 -9.99 -13.29 -5.95
CA LEU J 289 -8.69 -13.27 -6.58
C LEU J 289 -7.62 -13.36 -5.51
N GLN J 290 -6.41 -13.73 -5.92
CA GLN J 290 -5.36 -14.08 -4.97
C GLN J 290 -4.01 -13.91 -5.67
N GLY J 291 -3.25 -12.87 -5.31
CA GLY J 291 -1.95 -12.80 -5.96
C GLY J 291 -1.92 -11.76 -7.06
N ASN J 292 -1.43 -12.16 -8.23
CA ASN J 292 -1.31 -11.26 -9.38
C ASN J 292 -2.47 -11.52 -10.34
N GLN J 293 -3.65 -10.99 -9.98
CA GLN J 293 -4.81 -11.11 -10.85
C GLN J 293 -5.78 -9.98 -10.55
N VAL J 294 -6.33 -9.40 -11.63
CA VAL J 294 -7.30 -8.31 -11.54
C VAL J 294 -8.47 -8.61 -12.47
N LEU J 295 -9.48 -7.75 -12.41
CA LEU J 295 -10.67 -7.92 -13.24
C LEU J 295 -11.30 -6.56 -13.46
N CYS J 296 -11.55 -6.22 -14.73
CA CYS J 296 -12.20 -4.98 -15.11
C CYS J 296 -13.38 -5.29 -16.02
N SER J 297 -14.52 -4.68 -15.74
CA SER J 297 -15.74 -4.96 -16.48
C SER J 297 -16.74 -3.84 -16.26
N VAL J 298 -17.90 -3.99 -16.90
CA VAL J 298 -19.04 -3.10 -16.73
C VAL J 298 -20.05 -3.80 -15.85
N VAL J 299 -20.71 -3.05 -14.98
CA VAL J 299 -21.84 -3.56 -14.23
C VAL J 299 -23.09 -2.83 -14.67
N GLY J 300 -24.24 -3.41 -14.38
CA GLY J 300 -25.51 -2.94 -14.86
C GLY J 300 -26.14 -3.92 -15.83
N THR J 301 -27.27 -3.50 -16.40
CA THR J 301 -28.04 -4.37 -17.27
C THR J 301 -27.37 -4.60 -18.62
N ARG J 302 -26.42 -3.76 -18.99
CA ARG J 302 -25.72 -3.88 -20.26
C ARG J 302 -24.41 -4.64 -20.13
N GLY J 303 -24.07 -5.09 -18.93
CA GLY J 303 -22.83 -5.81 -18.71
C GLY J 303 -22.98 -7.00 -17.79
N LEU J 304 -22.16 -7.08 -16.77
CA LEU J 304 -22.28 -8.13 -15.77
C LEU J 304 -23.51 -7.86 -14.91
N HIS J 305 -24.44 -8.79 -14.88
CA HIS J 305 -25.70 -8.60 -14.18
C HIS J 305 -26.13 -9.91 -13.53
N ALA J 306 -27.09 -9.80 -12.62
CA ALA J 306 -27.60 -10.94 -11.88
C ALA J 306 -29.11 -10.89 -11.86
N LYS J 307 -29.73 -12.06 -11.82
CA LYS J 307 -31.18 -12.19 -11.75
C LYS J 307 -31.55 -13.09 -10.59
N ILE J 308 -32.35 -12.57 -9.67
CA ILE J 308 -32.70 -13.27 -8.45
C ILE J 308 -33.97 -14.07 -8.67
N GLY J 309 -33.89 -15.38 -8.46
CA GLY J 309 -35.06 -16.22 -8.54
C GLY J 309 -35.95 -16.04 -7.33
N MET J 310 -35.47 -16.42 -6.16
CA MET J 310 -36.18 -16.22 -4.90
C MET J 310 -35.24 -15.56 -3.91
N MET J 311 -35.72 -14.50 -3.26
CA MET J 311 -34.92 -13.79 -2.27
C MET J 311 -34.72 -14.67 -1.04
N MET J 312 -33.74 -14.28 -0.22
CA MET J 312 -33.30 -15.10 0.89
C MET J 312 -34.35 -15.13 2.00
N SER J 313 -34.94 -16.31 2.22
CA SER J 313 -35.97 -16.48 3.22
C SER J 313 -35.60 -17.62 4.15
N SER J 314 -36.24 -17.64 5.32
CA SER J 314 -35.95 -18.63 6.35
C SER J 314 -37.23 -19.02 7.06
N TYR J 315 -37.26 -20.26 7.54
CA TYR J 315 -38.42 -20.79 8.23
C TYR J 315 -37.95 -21.87 9.19
N GLN J 316 -38.87 -22.33 10.03
CA GLN J 316 -38.59 -23.32 11.05
C GLN J 316 -39.38 -24.59 10.78
N VAL J 317 -38.70 -25.73 10.77
CA VAL J 317 -39.38 -27.02 10.67
C VAL J 317 -40.18 -27.23 11.96
N PRO J 318 -41.48 -27.45 11.87
CA PRO J 318 -42.30 -27.49 13.08
C PRO J 318 -42.10 -28.76 13.87
N ARG J 319 -42.24 -28.64 15.19
CA ARG J 319 -42.01 -29.74 16.12
C ARG J 319 -43.33 -30.45 16.41
N VAL J 320 -43.32 -31.76 16.26
CA VAL J 320 -44.52 -32.58 16.42
C VAL J 320 -44.62 -33.13 17.83
N MET J 321 -43.64 -33.94 18.22
CA MET J 321 -43.62 -34.57 19.54
C MET J 321 -43.05 -33.60 20.56
N HIS J 322 -42.72 -34.11 21.75
CA HIS J 322 -42.11 -33.28 22.78
C HIS J 322 -40.60 -33.28 22.72
N ASN J 323 -39.99 -34.24 22.03
CA ASN J 323 -38.54 -34.33 21.91
C ASN J 323 -38.08 -34.20 20.47
N ASP J 324 -38.80 -33.41 19.68
CA ASP J 324 -38.33 -33.12 18.34
C ASP J 324 -37.24 -32.06 18.38
N PRO J 325 -36.11 -32.29 17.72
CA PRO J 325 -35.03 -31.31 17.75
C PRO J 325 -35.40 -30.05 16.99
N TYR J 326 -34.79 -28.95 17.39
CA TYR J 326 -35.02 -27.66 16.75
C TYR J 326 -34.23 -27.61 15.46
N GLN J 327 -34.88 -27.15 14.38
CA GLN J 327 -34.25 -27.09 13.07
C GLN J 327 -34.75 -25.89 12.31
N PHE J 328 -33.85 -25.24 11.57
CA PHE J 328 -34.17 -24.07 10.77
C PHE J 328 -33.49 -24.20 9.42
N VAL J 329 -34.10 -23.62 8.39
CA VAL J 329 -33.66 -23.79 7.01
C VAL J 329 -33.61 -22.42 6.34
N LYS J 330 -32.50 -22.12 5.67
CA LYS J 330 -32.37 -20.93 4.83
C LYS J 330 -32.04 -21.34 3.40
N TRP J 331 -32.68 -20.69 2.44
CA TRP J 331 -32.52 -21.04 1.03
C TRP J 331 -32.53 -19.79 0.17
N PHE J 332 -32.02 -19.91 -1.05
CA PHE J 332 -31.72 -18.76 -1.90
C PHE J 332 -31.51 -19.24 -3.33
N ALA J 333 -31.85 -18.40 -4.30
CA ALA J 333 -31.75 -18.79 -5.71
C ALA J 333 -31.53 -17.57 -6.60
N ALA J 334 -30.43 -17.57 -7.35
CA ALA J 334 -30.09 -16.51 -8.28
C ALA J 334 -29.07 -17.01 -9.29
N GLY J 335 -28.84 -16.22 -10.33
CA GLY J 335 -27.94 -16.62 -11.40
C GLY J 335 -27.23 -15.44 -12.02
N PHE J 336 -26.13 -15.71 -12.72
CA PHE J 336 -25.24 -14.69 -13.25
C PHE J 336 -24.97 -14.92 -14.73
N GLN J 337 -24.75 -13.81 -15.46
CA GLN J 337 -24.33 -13.89 -16.87
C GLN J 337 -23.73 -12.56 -17.29
N SER J 338 -22.63 -12.62 -18.04
CA SER J 338 -22.05 -11.44 -18.66
C SER J 338 -22.64 -11.22 -20.04
N ASN J 339 -22.69 -9.95 -20.45
CA ASN J 339 -23.33 -9.57 -21.69
C ASN J 339 -22.49 -9.98 -22.90
N ASN J 340 -23.13 -9.99 -24.06
CA ASN J 340 -22.46 -10.33 -25.32
C ASN J 340 -23.32 -9.75 -26.44
N SER J 341 -22.76 -8.81 -27.20
CA SER J 341 -23.54 -8.14 -28.23
C SER J 341 -23.78 -9.06 -29.42
N PHE J 342 -24.60 -8.58 -30.36
CA PHE J 342 -25.06 -9.41 -31.48
C PHE J 342 -23.93 -9.82 -32.39
N SER J 343 -22.98 -8.91 -32.63
CA SER J 343 -21.80 -9.25 -33.40
C SER J 343 -20.81 -10.10 -32.62
N GLY J 344 -20.97 -10.20 -31.30
CA GLY J 344 -20.08 -10.98 -30.49
C GLY J 344 -18.94 -10.19 -29.89
N LEU J 345 -19.24 -9.13 -29.17
CA LEU J 345 -18.25 -8.28 -28.52
C LEU J 345 -18.40 -8.43 -27.01
N LYS J 346 -17.40 -9.03 -26.37
CA LYS J 346 -17.45 -9.34 -24.95
C LYS J 346 -17.39 -8.08 -24.11
N SER J 347 -17.62 -8.23 -22.80
CA SER J 347 -17.76 -7.05 -21.96
C SER J 347 -17.02 -7.14 -20.63
N THR J 348 -16.38 -8.25 -20.31
CA THR J 348 -15.62 -8.40 -19.08
C THR J 348 -14.22 -8.90 -19.42
N VAL J 349 -13.22 -8.37 -18.73
CA VAL J 349 -11.84 -8.81 -18.90
C VAL J 349 -11.30 -9.28 -17.55
N TYR J 350 -10.75 -10.49 -17.53
CA TYR J 350 -10.13 -11.07 -16.34
C TYR J 350 -8.63 -11.08 -16.54
N GLY J 351 -7.91 -10.33 -15.71
CA GLY J 351 -6.48 -10.19 -15.85
C GLY J 351 -5.70 -11.32 -15.23
N SER J 352 -5.11 -12.15 -16.09
CA SER J 352 -4.27 -13.30 -15.71
C SER J 352 -4.94 -14.29 -14.79
N MET K 59 38.92 17.34 61.82
CA MET K 59 37.68 16.91 61.21
C MET K 59 37.99 15.91 60.11
N GLN K 60 39.28 15.65 59.94
CA GLN K 60 39.78 14.69 58.97
C GLN K 60 41.18 14.29 59.41
N ARG K 61 41.58 13.07 59.05
CA ARG K 61 42.91 12.59 59.38
C ARG K 61 43.96 13.37 58.59
N VAL K 62 44.99 13.86 59.29
CA VAL K 62 45.94 14.79 58.69
C VAL K 62 46.86 14.12 57.67
N ASP K 63 46.96 12.79 57.71
CA ASP K 63 47.65 12.08 56.62
C ASP K 63 46.89 12.18 55.32
N GLU K 64 45.58 12.42 55.36
CA GLU K 64 44.73 12.54 54.18
C GLU K 64 43.94 13.83 54.30
N MET K 65 44.57 14.94 53.93
CA MET K 65 43.93 16.25 53.91
C MET K 65 43.92 16.86 52.52
N TYR K 66 44.69 16.28 51.59
CA TYR K 66 44.78 16.75 50.21
C TYR K 66 43.49 16.56 49.42
N ARG K 67 42.53 15.79 49.92
CA ARG K 67 41.36 15.42 49.14
C ARG K 67 40.09 16.05 49.70
N LEU K 68 38.99 15.82 49.00
CA LEU K 68 37.67 16.30 49.39
C LEU K 68 36.64 15.25 48.99
N VAL K 69 35.56 15.18 49.75
CA VAL K 69 34.52 14.17 49.56
C VAL K 69 33.19 14.87 49.39
N ASP K 70 32.53 14.61 48.25
CA ASP K 70 31.27 15.24 47.86
C ASP K 70 30.33 14.18 47.29
N SER K 71 30.08 13.12 48.08
CA SER K 71 29.55 11.85 47.58
C SER K 71 28.22 11.88 46.84
N THR K 72 27.10 12.05 47.58
CA THR K 72 25.74 12.25 47.07
C THR K 72 25.22 11.30 45.97
N GLY K 73 25.91 10.20 45.72
CA GLY K 73 25.38 9.12 44.89
C GLY K 73 25.27 9.31 43.39
N THR K 74 24.38 10.21 42.96
CA THR K 74 24.02 10.57 41.57
C THR K 74 23.31 9.45 40.80
N GLY K 75 23.20 8.26 41.36
CA GLY K 75 22.35 7.25 40.78
C GLY K 75 22.92 6.56 39.56
N GLU K 76 22.00 6.12 38.69
CA GLU K 76 22.27 5.32 37.50
C GLU K 76 21.03 5.33 36.62
N ASP K 77 21.17 5.65 35.34
CA ASP K 77 20.03 5.73 34.45
C ASP K 77 19.93 4.46 33.61
N ARG K 78 18.70 4.18 33.15
CA ARG K 78 18.36 2.79 32.80
C ARG K 78 18.81 2.38 31.42
N ASP K 79 18.19 2.94 30.38
CA ASP K 79 18.31 2.41 29.02
C ASP K 79 17.58 3.33 28.06
N TRP K 80 17.87 3.17 26.76
CA TRP K 80 17.03 3.73 25.72
C TRP K 80 15.94 2.74 25.41
N GLY K 81 14.73 3.16 25.68
CA GLY K 81 13.51 2.43 25.38
C GLY K 81 13.37 1.19 26.24
N ASN K 82 13.41 1.36 27.56
CA ASN K 82 13.48 0.20 28.44
C ASN K 82 12.13 -0.50 28.58
N GLN K 83 11.12 0.22 29.06
CA GLN K 83 9.83 -0.38 29.40
C GLN K 83 8.70 0.34 28.69
N THR K 84 8.85 0.53 27.38
CA THR K 84 7.84 1.26 26.63
C THR K 84 6.58 0.43 26.42
N LEU K 85 6.73 -0.87 26.13
CA LEU K 85 5.56 -1.71 25.92
C LEU K 85 4.85 -2.00 27.22
N LEU K 86 5.61 -2.37 28.26
CA LEU K 86 5.01 -2.69 29.55
C LEU K 86 4.40 -1.46 30.22
N GLY K 87 4.90 -0.27 29.90
CA GLY K 87 4.28 0.95 30.40
C GLY K 87 2.92 1.22 29.80
N ARG K 88 2.63 0.64 28.63
CA ARG K 88 1.32 0.80 28.03
C ARG K 88 0.35 -0.28 28.46
N LEU K 89 0.85 -1.50 28.69
CA LEU K 89 -0.03 -2.59 29.10
C LEU K 89 -0.54 -2.40 30.52
N LEU K 90 0.35 -2.01 31.44
CA LEU K 90 -0.04 -1.84 32.83
C LEU K 90 -0.81 -0.56 33.09
N SER K 91 -1.00 0.29 32.09
CA SER K 91 -1.84 1.46 32.25
C SER K 91 -3.25 1.24 31.74
N GLN K 92 -3.46 0.22 30.92
CA GLN K 92 -4.79 -0.13 30.44
C GLN K 92 -5.30 -1.43 31.05
N ALA K 93 -4.70 -1.87 32.14
CA ALA K 93 -4.98 -3.19 32.67
C ALA K 93 -6.26 -3.20 33.48
N GLN K 94 -6.92 -4.36 33.48
CA GLN K 94 -8.09 -4.59 34.33
C GLN K 94 -7.63 -5.20 35.65
N THR K 95 -8.24 -4.74 36.74
CA THR K 95 -7.87 -5.18 38.06
C THR K 95 -8.83 -6.26 38.54
N VAL K 96 -8.30 -7.44 38.84
CA VAL K 96 -9.09 -8.54 39.37
C VAL K 96 -8.68 -8.77 40.82
N SER K 97 -9.42 -9.62 41.51
CA SER K 97 -9.12 -9.91 42.90
C SER K 97 -7.99 -10.93 42.99
N ILE K 98 -7.25 -10.87 44.09
CA ILE K 98 -6.15 -11.81 44.32
C ILE K 98 -6.74 -13.16 44.72
N GLY K 99 -6.08 -14.23 44.28
CA GLY K 99 -6.56 -15.59 44.48
C GLY K 99 -7.07 -16.23 43.21
N LYS K 100 -7.62 -15.42 42.31
CA LYS K 100 -8.05 -15.91 41.01
C LYS K 100 -6.83 -16.22 40.18
N LYS K 101 -6.46 -17.50 40.11
CA LYS K 101 -5.24 -17.88 39.41
C LYS K 101 -5.43 -17.94 37.90
N VAL K 102 -6.60 -18.36 37.43
CA VAL K 102 -6.88 -18.51 36.01
C VAL K 102 -8.07 -17.62 35.67
N ILE K 103 -8.02 -16.94 34.52
CA ILE K 103 -9.17 -16.24 33.96
C ILE K 103 -9.35 -16.71 32.52
N GLU K 104 -10.60 -16.99 32.14
CA GLU K 104 -10.88 -17.56 30.83
C GLU K 104 -12.20 -17.01 30.29
N SER K 105 -12.35 -17.06 28.96
CA SER K 105 -13.58 -16.65 28.30
C SER K 105 -13.74 -17.47 27.01
N ARG K 106 -14.85 -17.21 26.30
CA ARG K 106 -15.38 -18.11 25.28
C ARG K 106 -15.35 -17.48 23.90
N ARG K 107 -15.28 -18.33 22.88
CA ARG K 107 -15.32 -17.92 21.48
C ARG K 107 -16.14 -18.94 20.68
N TYR K 108 -16.72 -18.47 19.56
CA TYR K 108 -17.59 -19.31 18.73
C TYR K 108 -16.81 -20.30 17.88
N SER K 109 -17.48 -20.89 16.91
CA SER K 109 -16.84 -21.66 15.86
C SER K 109 -17.39 -21.22 14.51
N GLU K 110 -16.90 -21.86 13.46
CA GLU K 110 -17.31 -21.57 12.08
C GLU K 110 -18.01 -22.81 11.54
N ALA K 111 -19.32 -22.71 11.33
CA ALA K 111 -20.15 -23.86 11.03
C ALA K 111 -20.99 -23.62 9.79
N GLY K 112 -21.42 -24.69 9.17
CA GLY K 112 -22.24 -24.62 7.98
C GLY K 112 -21.91 -25.75 7.03
N ARG K 113 -22.91 -26.18 6.28
CA ARG K 113 -22.76 -27.25 5.31
C ARG K 113 -23.79 -27.01 4.21
N ILE K 114 -23.33 -26.54 3.06
CA ILE K 114 -24.20 -26.02 2.01
C ILE K 114 -24.18 -26.97 0.82
N ASN K 115 -25.35 -27.39 0.38
CA ASN K 115 -25.53 -28.13 -0.86
C ASN K 115 -26.19 -27.24 -1.91
N ARG K 116 -25.85 -27.51 -3.17
CA ARG K 116 -26.40 -26.78 -4.30
C ARG K 116 -26.88 -27.79 -5.34
N SER K 117 -28.03 -27.51 -5.95
CA SER K 117 -28.60 -28.46 -6.89
C SER K 117 -29.54 -27.73 -7.85
N MET K 118 -30.00 -28.47 -8.86
CA MET K 118 -30.86 -27.90 -9.88
C MET K 118 -32.32 -27.89 -9.46
N SER K 119 -32.83 -29.04 -9.02
CA SER K 119 -34.24 -29.18 -8.70
C SER K 119 -34.59 -28.68 -7.31
N GLY K 120 -33.65 -28.75 -6.37
CA GLY K 120 -33.94 -28.36 -5.00
C GLY K 120 -34.60 -29.44 -4.17
N GLN K 121 -34.74 -30.65 -4.69
CA GLN K 121 -35.38 -31.74 -3.98
C GLN K 121 -34.41 -32.56 -3.14
N THR K 122 -33.12 -32.26 -3.18
CA THR K 122 -32.15 -33.03 -2.44
C THR K 122 -32.20 -32.69 -0.96
N ASP K 123 -31.34 -33.34 -0.17
CA ASP K 123 -31.37 -33.21 1.28
C ASP K 123 -30.55 -32.03 1.75
N ILE K 124 -31.11 -31.28 2.70
CA ILE K 124 -30.43 -30.16 3.35
C ILE K 124 -29.63 -30.73 4.50
N ASP K 125 -28.72 -29.93 5.06
CA ASP K 125 -27.80 -30.39 6.09
C ASP K 125 -27.72 -29.39 7.24
N MET K 126 -27.66 -29.92 8.46
CA MET K 126 -27.59 -29.09 9.66
C MET K 126 -26.20 -29.15 10.28
N ASP K 127 -25.83 -28.07 10.95
CA ASP K 127 -24.55 -27.98 11.65
C ASP K 127 -24.73 -27.09 12.86
N LYS K 128 -24.22 -27.53 14.00
CA LYS K 128 -24.19 -26.72 15.20
C LYS K 128 -22.81 -26.07 15.36
N THR K 129 -22.69 -25.19 16.34
CA THR K 129 -21.46 -24.48 16.59
C THR K 129 -20.84 -24.95 17.90
N LYS K 130 -19.55 -25.25 17.87
CA LYS K 130 -18.84 -25.54 19.10
C LYS K 130 -18.57 -24.25 19.87
N SER K 131 -18.06 -24.41 21.09
CA SER K 131 -17.58 -23.28 21.86
C SER K 131 -16.44 -23.77 22.73
N SER K 132 -15.35 -23.02 22.75
CA SER K 132 -14.15 -23.40 23.47
C SER K 132 -13.77 -22.27 24.43
N TYR K 133 -12.66 -22.46 25.14
CA TYR K 133 -12.23 -21.49 26.13
C TYR K 133 -10.72 -21.29 26.07
N GLN K 134 -10.31 -20.03 26.18
CA GLN K 134 -8.90 -19.65 26.17
C GLN K 134 -8.58 -18.96 27.49
N LYS K 135 -7.54 -19.43 28.17
CA LYS K 135 -7.25 -19.03 29.55
C LYS K 135 -5.92 -18.31 29.63
N MET K 136 -5.75 -17.58 30.74
CA MET K 136 -4.48 -16.96 31.12
C MET K 136 -4.14 -17.38 32.54
N VAL K 137 -3.10 -16.78 33.12
CA VAL K 137 -2.62 -17.16 34.44
C VAL K 137 -2.08 -15.92 35.15
N ILE K 138 -2.16 -15.91 36.47
CA ILE K 138 -1.74 -14.76 37.28
C ILE K 138 -0.70 -15.22 38.30
N PRO K 139 0.59 -15.02 38.05
CA PRO K 139 1.60 -15.32 39.08
C PRO K 139 1.96 -14.13 39.94
N VAL K 140 2.78 -14.34 40.96
CA VAL K 140 3.13 -13.32 41.95
C VAL K 140 4.64 -13.12 41.95
N PHE K 141 5.08 -11.87 41.86
CA PHE K 141 6.48 -11.48 41.92
C PHE K 141 6.74 -10.77 43.25
N ASP K 142 7.97 -10.88 43.75
CA ASP K 142 8.31 -10.26 45.03
C ASP K 142 9.82 -10.04 45.12
N GLY K 143 10.19 -9.11 45.99
CA GLY K 143 11.59 -8.80 46.24
C GLY K 143 11.76 -8.02 47.52
N ALA K 144 12.96 -8.08 48.09
CA ALA K 144 13.21 -7.46 49.39
C ALA K 144 14.62 -6.90 49.44
N TYR K 145 14.89 -6.14 50.50
CA TYR K 145 16.19 -5.52 50.72
C TYR K 145 16.33 -5.19 52.19
N GLY K 146 17.58 -5.12 52.66
CA GLY K 146 17.80 -4.82 54.07
C GLY K 146 19.23 -4.68 54.55
N ARG K 147 19.43 -3.87 55.58
CA ARG K 147 20.73 -3.59 56.18
C ARG K 147 20.73 -4.03 57.65
N ASP K 148 21.89 -3.92 58.27
CA ASP K 148 22.07 -4.36 59.65
C ASP K 148 21.73 -3.22 60.62
N PHE K 149 22.06 -3.40 61.89
CA PHE K 149 21.69 -2.45 62.93
C PHE K 149 22.77 -1.42 63.21
N ARG K 150 24.02 -1.85 63.30
CA ARG K 150 25.11 -0.92 63.60
C ARG K 150 25.41 -0.01 62.42
N ASP K 151 25.16 -0.48 61.20
CA ASP K 151 25.44 0.32 60.02
C ASP K 151 24.43 1.44 59.86
N TYR K 152 23.13 1.12 59.92
CA TYR K 152 22.11 2.11 59.61
C TYR K 152 22.03 3.20 60.67
N GLU K 153 22.36 2.88 61.91
CA GLU K 153 22.45 3.94 62.91
C GLU K 153 23.68 4.80 62.71
N ALA K 154 24.72 4.28 62.07
CA ALA K 154 25.88 5.10 61.75
C ALA K 154 25.58 6.00 60.56
N MET K 155 24.91 5.47 59.54
CA MET K 155 24.61 6.26 58.36
C MET K 155 23.44 7.23 58.58
N ARG K 156 22.75 7.13 59.72
CA ARG K 156 21.92 8.22 60.19
C ARG K 156 22.74 9.38 60.76
N SER K 157 24.05 9.21 60.97
CA SER K 157 24.89 10.31 61.40
C SER K 157 25.64 10.96 60.25
N GLU K 158 26.03 10.20 59.22
CA GLU K 158 26.58 10.77 58.01
C GLU K 158 25.49 11.29 57.07
N MET K 159 24.22 11.06 57.41
CA MET K 159 23.02 11.46 56.65
C MET K 159 22.99 10.87 55.23
N LEU K 160 23.76 9.81 55.00
CA LEU K 160 23.69 9.09 53.73
C LEU K 160 22.44 8.24 53.72
N PRO K 161 21.61 8.31 52.66
CA PRO K 161 20.28 7.69 52.72
C PRO K 161 20.28 6.17 52.80
N ALA K 162 20.86 5.51 51.79
CA ALA K 162 21.09 4.06 51.70
C ALA K 162 19.85 3.17 51.79
N LEU K 163 18.66 3.77 51.91
CA LEU K 163 17.39 3.08 51.81
C LEU K 163 16.54 3.65 50.69
N ALA K 164 16.43 4.97 50.62
CA ALA K 164 15.76 5.60 49.49
C ALA K 164 16.54 5.43 48.20
N GLU K 165 17.83 5.13 48.28
CA GLU K 165 18.61 4.69 47.14
C GLU K 165 18.54 3.18 46.94
N ASP K 166 17.72 2.48 47.72
CA ASP K 166 17.42 1.08 47.47
C ASP K 166 15.93 0.78 47.41
N SER K 167 15.08 1.69 47.89
CA SER K 167 13.65 1.59 47.60
C SER K 167 13.36 1.91 46.15
N GLU K 168 14.26 2.63 45.47
CA GLU K 168 14.12 2.95 44.06
C GLU K 168 15.08 2.13 43.22
N GLU K 169 15.59 1.03 43.76
CA GLU K 169 16.41 0.11 42.99
C GLU K 169 15.89 -1.31 43.03
N ILE K 170 14.87 -1.58 43.84
CA ILE K 170 14.07 -2.78 43.72
C ILE K 170 12.81 -2.51 42.91
N GLU K 171 12.18 -1.35 43.16
CA GLU K 171 11.02 -0.90 42.41
C GLU K 171 11.30 -0.75 40.93
N PHE K 172 12.56 -0.54 40.54
CA PHE K 172 12.94 -0.69 39.15
C PHE K 172 13.13 -2.16 38.78
N THR K 173 13.83 -2.92 39.63
CA THR K 173 14.15 -4.30 39.29
C THR K 173 12.94 -5.21 39.37
N LEU K 174 11.91 -4.81 40.11
CA LEU K 174 10.66 -5.56 40.11
C LEU K 174 10.01 -5.49 38.73
N LEU K 175 9.99 -4.31 38.12
CA LEU K 175 9.39 -4.11 36.82
C LEU K 175 10.34 -4.39 35.67
N ASP K 176 11.36 -5.20 35.89
CA ASP K 176 12.20 -5.70 34.81
C ASP K 176 12.31 -7.21 34.80
N ASP K 177 11.79 -7.89 35.81
CA ASP K 177 11.58 -9.33 35.74
C ASP K 177 10.10 -9.68 35.74
N VAL K 178 9.24 -8.67 35.74
CA VAL K 178 7.93 -8.79 35.11
C VAL K 178 8.08 -8.69 33.59
N ASN K 179 8.92 -7.76 33.16
CA ASN K 179 9.12 -7.53 31.73
C ASN K 179 9.85 -8.69 31.07
N ASP K 180 10.72 -9.39 31.79
CA ASP K 180 11.36 -10.56 31.20
C ASP K 180 10.41 -11.73 31.12
N TYR K 181 9.43 -11.80 32.02
CA TYR K 181 8.40 -12.83 31.94
C TYR K 181 7.52 -12.65 30.72
N LEU K 182 7.33 -11.40 30.29
CA LEU K 182 6.56 -11.11 29.09
C LEU K 182 7.35 -11.42 27.82
N TRP K 183 8.67 -11.23 27.84
CA TRP K 183 9.46 -11.37 26.64
C TRP K 183 10.16 -12.71 26.50
N ASN K 184 10.23 -13.52 27.55
CA ASN K 184 10.78 -14.85 27.38
C ASN K 184 9.99 -15.97 28.04
N GLY K 185 9.18 -15.68 29.05
CA GLY K 185 8.25 -16.67 29.57
C GLY K 185 8.86 -17.74 30.45
N ASP K 186 8.06 -18.30 31.35
CA ASP K 186 8.51 -19.36 32.24
C ASP K 186 7.62 -20.59 32.09
N ALA K 187 8.25 -21.75 31.99
CA ALA K 187 7.56 -23.03 31.93
C ALA K 187 7.22 -23.56 33.32
N LYS K 188 7.54 -22.81 34.37
CA LYS K 188 7.22 -23.24 35.72
C LYS K 188 5.75 -23.08 36.02
N LEU K 189 5.15 -21.99 35.59
CA LEU K 189 3.90 -21.53 36.19
C LEU K 189 2.75 -21.95 35.29
N LYS K 190 2.18 -23.12 35.57
CA LYS K 190 1.11 -23.68 34.76
C LYS K 190 0.06 -24.30 35.67
N VAL K 191 -1.19 -23.89 35.52
CA VAL K 191 -2.24 -24.41 36.39
C VAL K 191 -2.89 -25.64 35.77
N ASP K 192 -3.56 -25.47 34.64
CA ASP K 192 -4.09 -26.62 33.90
C ASP K 192 -3.47 -26.71 32.51
N THR K 193 -3.66 -25.67 31.69
CA THR K 193 -3.03 -25.56 30.39
C THR K 193 -2.62 -24.13 30.12
N ALA K 194 -2.64 -23.26 31.14
CA ALA K 194 -2.45 -21.82 30.94
C ALA K 194 -0.99 -21.44 31.21
N VAL K 195 -0.11 -21.92 30.33
CA VAL K 195 1.26 -21.43 30.28
C VAL K 195 1.25 -20.09 29.58
N TRP K 196 2.36 -19.37 29.64
CA TRP K 196 2.50 -18.17 28.82
C TRP K 196 3.58 -18.31 27.75
N GLY K 197 4.75 -18.82 28.09
CA GLY K 197 5.74 -19.14 27.08
C GLY K 197 6.58 -17.98 26.59
N GLY K 198 6.04 -16.77 26.56
CA GLY K 198 6.79 -15.62 26.14
C GLY K 198 6.37 -15.11 24.78
N LEU K 199 6.58 -13.81 24.55
CA LEU K 199 6.15 -13.16 23.32
C LEU K 199 6.95 -13.56 22.10
N LYS K 200 8.01 -14.35 22.25
CA LYS K 200 8.76 -14.82 21.09
C LYS K 200 8.84 -16.35 21.03
N ALA K 201 8.03 -17.05 21.81
CA ALA K 201 7.97 -18.51 21.68
C ALA K 201 6.58 -19.08 21.86
N ASP K 202 5.55 -18.24 22.02
CA ASP K 202 4.22 -18.74 22.33
C ASP K 202 3.55 -19.29 21.07
N ALA K 203 2.55 -20.14 21.31
CA ALA K 203 1.68 -20.62 20.24
C ALA K 203 0.50 -19.69 20.00
N SER K 204 0.38 -18.61 20.76
CA SER K 204 -0.62 -17.59 20.52
C SER K 204 -0.05 -16.37 19.81
N VAL K 205 1.15 -16.50 19.25
CA VAL K 205 1.85 -15.41 18.57
C VAL K 205 2.25 -15.90 17.19
N ALA K 206 1.88 -15.15 16.16
CA ALA K 206 2.18 -15.54 14.79
C ALA K 206 3.66 -15.33 14.49
N ALA K 207 4.33 -16.40 14.08
CA ALA K 207 5.75 -16.34 13.76
C ALA K 207 5.92 -16.06 12.27
N TYR K 208 6.71 -15.04 11.97
CA TYR K 208 6.97 -14.65 10.59
C TYR K 208 8.46 -14.38 10.43
N SER K 209 9.08 -15.06 9.47
CA SER K 209 10.51 -14.96 9.25
C SER K 209 10.81 -13.84 8.28
N LEU K 210 11.69 -12.92 8.68
CA LEU K 210 12.14 -11.86 7.80
C LEU K 210 13.16 -12.40 6.81
N GLY K 211 13.16 -11.83 5.61
CA GLY K 211 14.09 -12.26 4.59
C GLY K 211 15.30 -11.37 4.47
N ALA K 212 15.08 -10.05 4.47
CA ALA K 212 16.15 -9.08 4.33
C ALA K 212 16.51 -8.50 5.69
N ASP K 213 17.81 -8.34 5.92
CA ASP K 213 18.30 -7.78 7.18
C ASP K 213 17.96 -6.30 7.25
N LEU K 214 17.21 -5.91 8.28
CA LEU K 214 16.75 -4.53 8.41
C LEU K 214 17.80 -3.60 9.00
N THR K 215 19.02 -4.08 9.26
CA THR K 215 20.08 -3.23 9.76
C THR K 215 20.99 -2.71 8.65
N THR K 216 20.99 -3.36 7.49
CA THR K 216 21.87 -2.96 6.38
C THR K 216 21.10 -2.64 5.12
N ALA K 217 19.79 -2.80 5.10
CA ALA K 217 19.02 -2.61 3.88
C ALA K 217 18.82 -1.13 3.59
N THR K 218 18.37 -0.85 2.38
CA THR K 218 18.16 0.51 1.91
C THR K 218 16.80 1.01 2.37
N GLU K 219 16.34 2.15 1.83
CA GLU K 219 15.02 2.64 2.18
C GLU K 219 13.92 1.85 1.49
N ALA K 220 14.20 1.32 0.30
CA ALA K 220 13.15 0.65 -0.47
C ALA K 220 12.83 -0.74 0.07
N GLN K 221 13.84 -1.46 0.54
CA GLN K 221 13.60 -2.80 1.06
C GLN K 221 12.99 -2.78 2.46
N VAL K 222 12.95 -1.63 3.11
CA VAL K 222 12.33 -1.55 4.43
C VAL K 222 10.81 -1.58 4.30
N VAL K 223 10.25 -0.69 3.47
CA VAL K 223 8.80 -0.65 3.31
C VAL K 223 8.30 -1.85 2.52
N ALA K 224 9.15 -2.46 1.70
CA ALA K 224 8.77 -3.67 1.00
C ALA K 224 8.75 -4.89 1.92
N GLU K 225 9.43 -4.83 3.07
CA GLU K 225 9.40 -5.91 4.03
C GLU K 225 8.79 -5.50 5.36
N LEU K 226 8.16 -4.33 5.41
CA LEU K 226 7.31 -4.00 6.54
C LEU K 226 5.84 -4.22 6.23
N LEU K 227 5.47 -4.14 4.96
CA LEU K 227 4.12 -4.49 4.55
C LEU K 227 3.91 -6.00 4.52
N ALA K 228 4.96 -6.77 4.25
CA ALA K 228 4.86 -8.21 4.32
C ALA K 228 4.73 -8.71 5.76
N LEU K 229 5.07 -7.89 6.73
CA LEU K 229 4.79 -8.19 8.13
C LEU K 229 3.38 -7.79 8.53
N LEU K 230 2.91 -6.64 8.06
CA LEU K 230 1.56 -6.18 8.40
C LEU K 230 0.48 -7.01 7.74
N ASP K 231 0.79 -7.69 6.64
CA ASP K 231 -0.20 -8.51 5.96
C ASP K 231 -0.31 -9.91 6.55
N VAL K 232 0.31 -10.17 7.70
CA VAL K 232 -0.04 -11.34 8.51
C VAL K 232 -0.99 -10.92 9.61
N LEU K 233 -1.59 -9.74 9.48
CA LEU K 233 -2.66 -9.29 10.37
C LEU K 233 -3.88 -8.80 9.62
N ARG K 234 -3.71 -8.34 8.37
CA ARG K 234 -4.85 -7.89 7.58
C ARG K 234 -5.36 -8.94 6.61
N ILE K 235 -4.52 -9.89 6.21
CA ILE K 235 -4.91 -10.82 5.16
C ILE K 235 -5.12 -12.22 5.71
N THR K 236 -4.06 -12.83 6.26
CA THR K 236 -4.16 -14.22 6.68
C THR K 236 -4.64 -14.37 8.11
N ASN K 237 -5.00 -13.27 8.78
CA ASN K 237 -5.54 -13.36 10.13
C ASN K 237 -6.72 -12.43 10.36
N LYS K 238 -7.11 -11.64 9.36
CA LYS K 238 -8.38 -10.91 9.29
C LYS K 238 -8.55 -9.87 10.38
N LYS K 239 -7.51 -9.48 11.09
CA LYS K 239 -7.65 -8.52 12.16
C LYS K 239 -7.66 -7.11 11.60
N SER K 240 -8.26 -6.19 12.35
CA SER K 240 -8.36 -4.80 11.94
C SER K 240 -8.02 -3.90 13.11
N GLY K 241 -8.31 -2.61 12.94
CA GLY K 241 -8.11 -1.66 14.00
C GLY K 241 -6.71 -1.09 13.94
N PRO K 242 -6.46 -0.04 14.73
CA PRO K 242 -5.13 0.58 14.72
C PRO K 242 -4.08 -0.37 15.30
N PHE K 243 -3.11 -0.73 14.47
CA PHE K 243 -2.00 -1.57 14.89
C PHE K 243 -0.89 -0.72 15.49
N GLU K 244 -0.03 -1.36 16.27
CA GLU K 244 1.07 -0.68 16.93
C GLU K 244 2.35 -1.50 16.75
N LEU K 245 3.44 -0.80 16.45
CA LEU K 245 4.70 -1.42 16.07
C LEU K 245 5.80 -1.01 17.05
N TYR K 246 6.68 -1.95 17.39
CA TYR K 246 7.75 -1.70 18.35
C TYR K 246 9.09 -2.09 17.75
N ILE K 247 10.09 -1.24 17.96
CA ILE K 247 11.27 -1.14 17.11
C ILE K 247 12.52 -1.42 17.94
N SER K 248 13.42 -2.21 17.40
CA SER K 248 14.74 -2.40 18.01
C SER K 248 15.51 -1.09 18.00
N PRO K 249 16.34 -0.83 19.03
CA PRO K 249 17.04 0.46 19.09
C PRO K 249 18.06 0.66 17.99
N GLN K 250 18.61 -0.40 17.41
CA GLN K 250 19.42 -0.24 16.21
C GLN K 250 18.57 0.13 15.01
N ILE K 251 17.29 -0.22 15.04
CA ILE K 251 16.41 0.03 13.89
C ILE K 251 15.81 1.43 13.98
N MET K 252 15.58 1.94 15.18
CA MET K 252 15.20 3.35 15.30
C MET K 252 16.37 4.28 14.98
N SER K 253 17.59 3.77 15.03
CA SER K 253 18.75 4.51 14.51
C SER K 253 18.66 4.65 13.00
N ASN K 254 18.62 3.52 12.29
CA ASN K 254 18.63 3.49 10.83
C ASN K 254 17.39 4.14 10.23
N TRP K 255 16.31 4.31 11.00
CA TRP K 255 15.13 5.04 10.56
C TRP K 255 15.22 6.52 10.91
N GLN K 256 16.42 7.08 11.01
CA GLN K 256 16.58 8.51 11.17
C GLN K 256 17.59 9.07 10.17
N LYS K 257 18.06 8.25 9.24
CA LYS K 257 18.97 8.67 8.19
C LYS K 257 18.22 9.43 7.11
N LEU K 258 18.94 9.83 6.06
CA LEU K 258 18.34 10.61 4.99
C LEU K 258 17.49 9.72 4.09
N ALA K 259 16.41 10.30 3.58
CA ALA K 259 15.46 9.54 2.77
C ALA K 259 16.04 9.18 1.41
N GLY K 260 16.40 10.19 0.62
CA GLY K 260 16.86 9.99 -0.72
C GLY K 260 15.78 10.02 -1.77
N ALA K 261 14.52 9.87 -1.37
CA ALA K 261 13.39 9.97 -2.27
C ALA K 261 12.77 11.35 -2.31
N ASN K 262 12.63 12.00 -1.17
CA ASN K 262 12.11 13.36 -1.13
C ASN K 262 13.18 14.34 -1.55
N THR K 263 12.78 15.34 -2.33
CA THR K 263 13.66 16.43 -2.70
C THR K 263 13.03 17.80 -2.45
N ASN K 264 11.87 17.85 -1.81
CA ASN K 264 11.29 19.12 -1.40
C ASN K 264 12.05 19.74 -0.24
N GLY K 265 12.75 18.92 0.55
CA GLY K 265 13.49 19.39 1.70
C GLY K 265 14.36 18.28 2.26
N PHE K 266 14.37 18.15 3.58
CA PHE K 266 15.05 17.03 4.24
C PHE K 266 14.05 16.31 5.12
N MET K 267 13.85 15.03 4.85
CA MET K 267 12.99 14.20 5.68
C MET K 267 13.66 12.85 5.90
N ASN K 268 13.28 12.20 7.00
CA ASN K 268 13.86 10.93 7.38
C ASN K 268 12.89 9.79 7.09
N ILE K 269 13.38 8.57 7.30
CA ILE K 269 12.60 7.36 7.00
C ILE K 269 11.42 7.22 7.95
N MET K 270 11.58 7.64 9.21
CA MET K 270 10.50 7.50 10.19
C MET K 270 9.31 8.38 9.86
N ALA K 271 9.55 9.57 9.29
CA ALA K 271 8.44 10.36 8.82
C ALA K 271 7.90 9.91 7.47
N ALA K 272 8.61 9.00 6.80
CA ALA K 272 8.12 8.41 5.55
C ALA K 272 7.23 7.21 5.81
N VAL K 273 7.58 6.38 6.78
CA VAL K 273 6.74 5.23 7.14
C VAL K 273 5.44 5.70 7.76
N ARG K 274 5.49 6.70 8.62
CA ARG K 274 4.30 7.18 9.32
C ARG K 274 3.37 8.02 8.44
N ALA K 275 3.68 8.21 7.16
CA ALA K 275 2.79 8.89 6.24
C ALA K 275 2.29 8.02 5.11
N LEU K 276 2.95 6.90 4.81
CA LEU K 276 2.51 6.00 3.76
C LEU K 276 1.60 4.89 4.27
N ILE K 277 1.84 4.40 5.48
CA ILE K 277 1.04 3.33 6.07
C ILE K 277 0.33 3.89 7.29
N PRO K 278 -0.81 4.58 7.15
CA PRO K 278 -1.45 5.22 8.29
C PRO K 278 -2.23 4.29 9.20
N GLU K 279 -2.07 2.96 9.07
CA GLU K 279 -2.68 2.05 10.02
C GLU K 279 -1.94 2.01 11.34
N PHE K 280 -0.62 2.18 11.31
CA PHE K 280 0.19 2.22 12.52
C PHE K 280 -0.15 3.47 13.32
N SER K 281 -0.81 3.29 14.45
CA SER K 281 -1.21 4.45 15.25
C SER K 281 -0.04 5.02 16.03
N VAL K 282 0.79 4.15 16.60
CA VAL K 282 1.92 4.57 17.44
C VAL K 282 3.13 3.73 17.09
N VAL K 283 4.23 4.37 16.74
CA VAL K 283 5.52 3.72 16.55
C VAL K 283 6.45 4.15 17.67
N GLU K 284 7.06 3.18 18.34
CA GLU K 284 7.99 3.45 19.43
C GLU K 284 9.07 2.38 19.43
N ALA K 285 10.02 2.50 20.35
CA ALA K 285 11.11 1.56 20.48
C ALA K 285 10.94 0.75 21.76
N ASP K 286 11.69 -0.34 21.87
CA ASP K 286 11.70 -1.16 23.07
C ASP K 286 12.99 -1.97 23.11
N SER K 287 13.70 -1.91 24.25
CA SER K 287 15.06 -2.44 24.37
C SER K 287 15.14 -3.96 24.33
N ALA K 288 14.01 -4.67 24.40
CA ALA K 288 14.07 -6.12 24.46
C ALA K 288 14.45 -6.76 23.12
N LEU K 289 14.46 -5.99 22.04
CA LEU K 289 14.84 -6.47 20.72
C LEU K 289 16.28 -6.08 20.44
N GLN K 290 17.18 -7.06 20.39
CA GLN K 290 18.61 -6.83 20.23
C GLN K 290 19.08 -7.49 18.96
N GLY K 291 18.94 -6.77 17.86
CA GLY K 291 19.42 -7.19 16.55
C GLY K 291 18.37 -7.02 15.47
N ASN K 292 18.17 -8.07 14.67
CA ASN K 292 17.22 -8.04 13.58
C ASN K 292 15.93 -8.73 14.01
N GLN K 293 15.12 -8.03 14.80
CA GLN K 293 13.84 -8.56 15.22
C GLN K 293 12.88 -7.42 15.56
N VAL K 294 11.63 -7.55 15.12
CA VAL K 294 10.59 -6.57 15.36
C VAL K 294 9.34 -7.28 15.85
N LEU K 295 8.32 -6.50 16.21
CA LEU K 295 7.06 -7.04 16.68
C LEU K 295 5.94 -6.04 16.41
N CYS K 296 4.89 -6.52 15.75
CA CYS K 296 3.71 -5.70 15.45
C CYS K 296 2.47 -6.42 15.95
N SER K 297 1.60 -5.68 16.64
CA SER K 297 0.42 -6.27 17.25
C SER K 297 -0.59 -5.18 17.57
N VAL K 298 -1.71 -5.60 18.12
CA VAL K 298 -2.75 -4.71 18.62
C VAL K 298 -2.65 -4.68 20.13
N VAL K 299 -2.89 -3.51 20.72
CA VAL K 299 -3.02 -3.40 22.17
C VAL K 299 -4.44 -2.99 22.49
N GLY K 300 -4.83 -3.22 23.73
CA GLY K 300 -6.20 -3.03 24.16
C GLY K 300 -6.84 -4.35 24.55
N THR K 301 -8.13 -4.28 24.85
CA THR K 301 -8.84 -5.45 25.34
C THR K 301 -9.10 -6.48 24.26
N ARG K 302 -9.02 -6.07 22.99
CA ARG K 302 -9.22 -6.95 21.85
C ARG K 302 -7.95 -7.66 21.42
N GLY K 303 -6.80 -7.29 21.96
CA GLY K 303 -5.53 -7.80 21.51
C GLY K 303 -4.61 -8.20 22.65
N LEU K 304 -3.39 -7.70 22.65
CA LEU K 304 -2.47 -7.94 23.74
C LEU K 304 -2.90 -7.13 24.95
N HIS K 305 -3.18 -7.81 26.06
CA HIS K 305 -3.70 -7.14 27.24
C HIS K 305 -3.11 -7.78 28.49
N ALA K 306 -3.27 -7.08 29.61
CA ALA K 306 -2.73 -7.51 30.88
C ALA K 306 -3.79 -7.36 31.96
N LYS K 307 -3.74 -8.24 32.96
CA LYS K 307 -4.66 -8.19 34.08
C LYS K 307 -3.86 -8.20 35.37
N ILE K 308 -4.08 -7.18 36.19
CA ILE K 308 -3.31 -6.99 37.41
C ILE K 308 -4.01 -7.69 38.56
N GLY K 309 -3.31 -8.61 39.22
CA GLY K 309 -3.84 -9.25 40.40
C GLY K 309 -3.81 -8.32 41.59
N MET K 310 -2.62 -7.96 42.04
CA MET K 310 -2.44 -7.01 43.13
C MET K 310 -1.45 -5.94 42.68
N MET K 311 -1.81 -4.69 42.93
CA MET K 311 -0.99 -3.52 42.64
C MET K 311 0.32 -3.57 43.44
N MET K 312 1.31 -2.82 42.98
CA MET K 312 2.62 -2.84 43.63
C MET K 312 2.56 -2.13 44.98
N SER K 313 2.75 -2.90 46.06
CA SER K 313 2.69 -2.38 47.41
C SER K 313 3.96 -2.76 48.16
N SER K 314 4.22 -2.04 49.25
CA SER K 314 5.43 -2.23 50.02
C SER K 314 5.12 -2.03 51.50
N TYR K 315 5.87 -2.74 52.35
CA TYR K 315 5.69 -2.67 53.78
C TYR K 315 7.02 -3.00 54.45
N GLN K 316 7.07 -2.80 55.76
CA GLN K 316 8.27 -3.01 56.56
C GLN K 316 8.03 -4.12 57.55
N VAL K 317 8.95 -5.09 57.58
CA VAL K 317 8.94 -6.13 58.60
C VAL K 317 9.22 -5.48 59.95
N PRO K 318 8.35 -5.61 60.94
CA PRO K 318 8.52 -4.87 62.19
C PRO K 318 9.64 -5.44 63.05
N ARG K 319 10.29 -4.54 63.79
CA ARG K 319 11.44 -4.88 64.61
C ARG K 319 10.98 -5.18 66.03
N VAL K 320 11.40 -6.34 66.55
CA VAL K 320 10.97 -6.80 67.86
C VAL K 320 11.97 -6.40 68.93
N MET K 321 13.21 -6.88 68.81
CA MET K 321 14.25 -6.61 69.77
C MET K 321 14.89 -5.25 69.47
N HIS K 322 16.04 -4.97 70.09
CA HIS K 322 16.75 -3.74 69.83
C HIS K 322 17.78 -3.88 68.71
N ASN K 323 18.16 -5.09 68.36
CA ASN K 323 19.14 -5.34 67.30
C ASN K 323 18.53 -6.12 66.15
N ASP K 324 17.25 -5.91 65.88
CA ASP K 324 16.65 -6.51 64.70
C ASP K 324 17.02 -5.71 63.47
N PRO K 325 17.51 -6.36 62.41
CA PRO K 325 17.89 -5.63 61.21
C PRO K 325 16.68 -5.06 60.48
N TYR K 326 16.92 -3.97 59.77
CA TYR K 326 15.87 -3.31 59.01
C TYR K 326 15.62 -4.09 57.73
N GLN K 327 14.35 -4.33 57.42
CA GLN K 327 13.97 -5.10 56.24
C GLN K 327 12.69 -4.56 55.65
N PHE K 328 12.63 -4.54 54.31
CA PHE K 328 11.46 -4.06 53.58
C PHE K 328 11.17 -5.02 52.44
N VAL K 329 9.90 -5.13 52.07
CA VAL K 329 9.44 -6.11 51.10
C VAL K 329 8.54 -5.43 50.08
N LYS K 330 8.79 -5.66 48.79
CA LYS K 330 7.92 -5.22 47.72
C LYS K 330 7.44 -6.42 46.91
N TRP K 331 6.16 -6.44 46.56
CA TRP K 331 5.57 -7.57 45.86
C TRP K 331 4.54 -7.07 44.85
N PHE K 332 4.22 -7.93 43.89
CA PHE K 332 3.46 -7.54 42.70
C PHE K 332 2.93 -8.80 42.00
N ALA K 333 1.78 -8.67 41.35
CA ALA K 333 1.15 -9.84 40.71
C ALA K 333 0.31 -9.41 39.52
N ALA K 334 0.62 -9.93 38.34
CA ALA K 334 -0.13 -9.65 37.11
C ALA K 334 0.17 -10.73 36.08
N GLY K 335 -0.60 -10.74 35.00
CA GLY K 335 -0.46 -11.75 33.97
C GLY K 335 -0.81 -11.22 32.59
N PHE K 336 -0.34 -11.94 31.57
CA PHE K 336 -0.45 -11.49 30.18
C PHE K 336 -1.06 -12.57 29.30
N GLN K 337 -1.75 -12.13 28.25
CA GLN K 337 -2.45 -13.01 27.33
C GLN K 337 -2.71 -12.29 26.02
N SER K 338 -2.39 -12.94 24.90
CA SER K 338 -2.70 -12.40 23.58
C SER K 338 -3.95 -13.10 23.05
N ASN K 339 -4.84 -12.31 22.46
CA ASN K 339 -6.17 -12.79 22.10
C ASN K 339 -6.12 -13.76 20.92
N ASN K 340 -7.03 -14.73 20.93
CA ASN K 340 -7.05 -15.78 19.93
C ASN K 340 -8.49 -16.03 19.48
N SER K 341 -8.64 -16.98 18.56
CA SER K 341 -9.95 -17.45 18.13
C SER K 341 -9.84 -18.93 17.78
N PHE K 342 -10.99 -19.59 17.74
CA PHE K 342 -11.07 -21.04 17.92
C PHE K 342 -10.38 -21.82 16.80
N SER K 343 -10.35 -21.28 15.58
CA SER K 343 -9.60 -21.96 14.53
C SER K 343 -8.10 -21.78 14.69
N GLY K 344 -7.68 -20.68 15.31
CA GLY K 344 -6.25 -20.41 15.43
C GLY K 344 -5.82 -19.14 14.75
N LEU K 345 -6.69 -18.13 14.72
CA LEU K 345 -6.38 -16.84 14.11
C LEU K 345 -5.76 -15.94 15.18
N LYS K 346 -4.52 -15.52 14.96
CA LYS K 346 -3.77 -14.80 15.97
C LYS K 346 -3.79 -13.30 15.70
N SER K 347 -3.42 -12.54 16.73
CA SER K 347 -3.47 -11.08 16.73
C SER K 347 -2.12 -10.40 16.96
N THR K 348 -1.04 -11.15 17.17
CA THR K 348 0.29 -10.58 17.34
C THR K 348 1.25 -11.28 16.39
N VAL K 349 2.16 -10.51 15.81
CA VAL K 349 3.19 -11.05 14.92
C VAL K 349 4.55 -10.67 15.48
N TYR K 350 5.43 -11.66 15.64
CA TYR K 350 6.79 -11.46 16.10
C TYR K 350 7.74 -11.68 14.93
N GLY K 351 8.42 -10.63 14.51
CA GLY K 351 9.28 -10.70 13.35
C GLY K 351 10.65 -11.29 13.63
N SER K 352 10.87 -12.50 13.13
CA SER K 352 12.13 -13.25 13.25
C SER K 352 12.61 -13.45 14.69
N MET L 59 63.99 63.68 17.31
CA MET L 59 62.85 64.09 16.50
C MET L 59 63.28 64.64 15.15
N GLN L 60 63.16 63.79 14.13
CA GLN L 60 63.31 64.14 12.71
C GLN L 60 64.70 64.69 12.40
N ARG L 61 65.67 63.78 12.48
CA ARG L 61 66.96 63.98 11.83
C ARG L 61 66.73 64.20 10.34
N VAL L 62 67.43 65.21 9.78
CA VAL L 62 67.07 65.80 8.50
C VAL L 62 67.23 64.86 7.31
N ASP L 63 68.06 63.82 7.44
CA ASP L 63 68.13 62.79 6.41
C ASP L 63 67.01 61.77 6.51
N GLU L 64 66.03 61.98 7.39
CA GLU L 64 64.89 61.11 7.55
C GLU L 64 63.62 61.94 7.70
N MET L 65 63.49 63.00 6.92
CA MET L 65 62.29 63.82 6.95
C MET L 65 61.29 63.43 5.89
N TYR L 66 61.62 62.46 5.03
CA TYR L 66 60.65 62.02 4.05
C TYR L 66 59.58 61.15 4.66
N ARG L 67 59.90 60.41 5.72
CA ARG L 67 59.00 59.37 6.17
C ARG L 67 58.09 59.86 7.28
N LEU L 68 56.91 59.27 7.36
CA LEU L 68 55.91 59.55 8.38
C LEU L 68 55.63 58.26 9.12
N VAL L 69 56.01 58.19 10.38
CA VAL L 69 56.06 56.93 11.13
C VAL L 69 54.88 56.90 12.09
N ASP L 70 54.00 55.91 11.89
CA ASP L 70 52.87 55.66 12.77
C ASP L 70 53.17 54.46 13.65
N SER L 71 52.46 54.39 14.78
CA SER L 71 52.75 53.36 15.77
C SER L 71 51.49 52.94 16.49
N THR L 72 51.53 51.70 17.02
CA THR L 72 50.65 51.10 18.01
C THR L 72 49.22 50.82 17.57
N GLY L 73 48.79 51.23 16.39
CA GLY L 73 47.44 50.87 16.04
C GLY L 73 47.39 49.60 15.22
N THR L 74 47.31 48.47 15.93
CA THR L 74 47.43 47.12 15.35
C THR L 74 47.04 46.12 16.42
N GLY L 75 47.37 44.85 16.16
CA GLY L 75 47.30 43.80 17.15
C GLY L 75 47.90 42.53 16.59
N GLU L 76 47.24 41.41 16.87
CA GLU L 76 47.56 40.13 16.24
C GLU L 76 46.32 39.27 16.32
N ASP L 77 46.00 38.59 15.22
CA ASP L 77 44.74 37.87 15.13
C ASP L 77 44.80 36.55 15.89
N ARG L 78 43.65 36.14 16.41
CA ARG L 78 43.47 34.83 17.01
C ARG L 78 43.18 33.81 15.91
N ASP L 79 42.77 32.60 16.27
CA ASP L 79 42.41 31.63 15.26
C ASP L 79 40.90 31.65 15.05
N TRP L 80 40.42 30.82 14.13
CA TRP L 80 39.00 30.63 13.95
C TRP L 80 38.55 29.40 14.73
N GLY L 81 37.82 29.66 15.80
CA GLY L 81 37.31 28.71 16.77
C GLY L 81 38.38 28.25 17.73
N ASN L 82 39.04 29.19 18.40
CA ASN L 82 40.22 28.83 19.18
C ASN L 82 39.85 28.14 20.49
N GLN L 83 39.09 28.81 21.34
CA GLN L 83 38.83 28.35 22.70
C GLN L 83 37.33 28.29 22.95
N THR L 84 36.59 27.66 22.03
CA THR L 84 35.15 27.62 22.17
C THR L 84 34.71 26.63 23.24
N LEU L 85 35.38 25.48 23.34
CA LEU L 85 35.01 24.50 24.35
C LEU L 85 35.45 24.94 25.74
N LEU L 86 36.70 25.41 25.85
CA LEU L 86 37.22 25.84 27.14
C LEU L 86 36.51 27.10 27.65
N GLY L 87 35.99 27.92 26.74
CA GLY L 87 35.19 29.06 27.16
C GLY L 87 33.86 28.69 27.78
N ARG L 88 33.37 27.48 27.50
CA ARG L 88 32.13 27.03 28.12
C ARG L 88 32.38 26.27 29.41
N LEU L 89 33.50 25.55 29.51
CA LEU L 89 33.79 24.81 30.73
C LEU L 89 34.15 25.74 31.88
N LEU L 90 34.99 26.74 31.61
CA LEU L 90 35.42 27.65 32.66
C LEU L 90 34.38 28.68 33.04
N SER L 91 33.23 28.70 32.36
CA SER L 91 32.14 29.57 32.77
C SER L 91 31.11 28.86 33.62
N GLN L 92 31.09 27.53 33.62
CA GLN L 92 30.21 26.74 34.45
C GLN L 92 30.95 26.02 35.56
N ALA L 93 32.18 26.43 35.85
CA ALA L 93 33.04 25.68 36.74
C ALA L 93 32.70 25.95 38.21
N GLN L 94 32.93 24.94 39.04
CA GLN L 94 32.81 25.08 40.48
C GLN L 94 34.16 25.49 41.06
N THR L 95 34.13 26.40 42.02
CA THR L 95 35.34 26.93 42.63
C THR L 95 35.61 26.23 43.95
N VAL L 96 36.75 25.57 44.05
CA VAL L 96 37.17 24.91 45.27
C VAL L 96 38.35 25.67 45.85
N SER L 97 38.76 25.30 47.06
CA SER L 97 39.88 25.97 47.70
C SER L 97 41.20 25.42 47.17
N ILE L 98 42.23 26.26 47.24
CA ILE L 98 43.58 25.87 46.87
C ILE L 98 44.04 24.80 47.84
N GLY L 99 44.95 23.95 47.39
CA GLY L 99 45.52 22.94 48.26
C GLY L 99 44.86 21.59 48.10
N LYS L 100 43.57 21.58 47.78
CA LYS L 100 42.87 20.34 47.51
C LYS L 100 43.34 19.79 46.17
N LYS L 101 44.24 18.82 46.21
CA LYS L 101 44.82 18.30 44.98
C LYS L 101 43.91 17.31 44.28
N VAL L 102 43.17 16.50 45.03
CA VAL L 102 42.29 15.48 44.47
C VAL L 102 40.87 15.77 44.93
N ILE L 103 39.88 15.55 44.07
CA ILE L 103 38.47 15.68 44.47
C ILE L 103 37.73 14.39 44.13
N GLU L 104 36.91 13.90 45.08
CA GLU L 104 36.21 12.63 44.96
C GLU L 104 34.70 12.83 44.87
N SER L 105 34.01 11.75 44.49
CA SER L 105 32.56 11.69 44.33
C SER L 105 32.15 10.23 44.19
N ARG L 106 30.99 9.88 44.75
CA ARG L 106 30.56 8.48 44.89
C ARG L 106 29.54 8.10 43.82
N ARG L 107 29.75 6.95 43.18
CA ARG L 107 28.82 6.38 42.21
C ARG L 107 28.44 4.99 42.70
N TYR L 108 27.14 4.72 42.84
CA TYR L 108 26.71 3.44 43.37
C TYR L 108 26.11 2.55 42.28
N SER L 109 25.58 1.41 42.70
CA SER L 109 25.21 0.32 41.79
C SER L 109 23.74 -0.03 41.96
N GLU L 110 23.33 -1.09 41.25
CA GLU L 110 21.96 -1.58 41.27
C GLU L 110 21.95 -3.07 41.55
N ALA L 111 20.91 -3.53 42.23
CA ALA L 111 20.85 -4.92 42.66
C ALA L 111 19.41 -5.33 42.89
N GLY L 112 19.16 -6.62 42.78
CA GLY L 112 17.85 -7.19 42.99
C GLY L 112 17.86 -8.70 42.92
N ARG L 113 16.96 -9.36 43.65
CA ARG L 113 16.92 -10.81 43.72
C ARG L 113 15.48 -11.29 43.62
N ILE L 114 14.76 -10.82 42.62
CA ILE L 114 13.31 -11.04 42.56
C ILE L 114 13.03 -12.48 42.16
N ASN L 115 12.28 -13.19 43.01
CA ASN L 115 11.81 -14.54 42.76
C ASN L 115 10.31 -14.51 42.45
N ARG L 116 9.84 -15.57 41.79
CA ARG L 116 8.47 -15.61 41.33
C ARG L 116 7.91 -17.02 41.44
N SER L 117 6.65 -17.11 41.83
CA SER L 117 5.95 -18.37 42.03
C SER L 117 4.46 -18.09 42.06
N MET L 118 3.66 -19.15 42.23
CA MET L 118 2.21 -19.07 42.06
C MET L 118 1.49 -18.62 43.33
N SER L 119 1.89 -19.15 44.47
CA SER L 119 1.29 -18.79 45.75
C SER L 119 2.19 -17.81 46.50
N GLY L 120 1.56 -17.03 47.39
CA GLY L 120 2.31 -16.08 48.19
C GLY L 120 3.21 -16.72 49.23
N GLN L 121 2.93 -17.97 49.59
CA GLN L 121 3.79 -18.73 50.51
C GLN L 121 5.01 -19.16 49.73
N THR L 122 6.02 -18.29 49.73
CA THR L 122 7.32 -18.59 49.13
C THR L 122 8.34 -17.68 49.79
N ASP L 123 9.61 -17.85 49.42
CA ASP L 123 10.70 -17.17 50.10
C ASP L 123 11.12 -15.93 49.33
N ILE L 124 10.82 -14.77 49.90
CA ILE L 124 11.30 -13.51 49.36
C ILE L 124 12.80 -13.38 49.63
N ASP L 125 13.47 -12.55 48.83
CA ASP L 125 14.92 -12.49 48.82
C ASP L 125 15.41 -11.06 49.00
N MET L 126 16.49 -10.92 49.78
CA MET L 126 17.04 -9.61 50.12
C MET L 126 18.35 -9.34 49.39
N ASP L 127 18.68 -8.06 49.25
CA ASP L 127 19.95 -7.62 48.68
C ASP L 127 20.19 -6.18 49.10
N LYS L 128 21.33 -5.63 48.67
CA LYS L 128 21.67 -4.24 48.94
C LYS L 128 22.64 -3.75 47.88
N THR L 129 22.94 -2.45 47.91
CA THR L 129 23.73 -1.79 46.88
C THR L 129 25.11 -1.41 47.39
N LYS L 130 26.11 -1.55 46.52
CA LYS L 130 27.51 -1.29 46.85
C LYS L 130 27.83 0.19 46.59
N SER L 131 29.12 0.53 46.56
CA SER L 131 29.55 1.89 46.25
C SER L 131 30.97 1.86 45.69
N SER L 132 31.30 2.90 44.92
CA SER L 132 32.64 3.08 44.38
C SER L 132 32.89 4.57 44.20
N TYR L 133 34.08 4.91 43.72
CA TYR L 133 34.53 6.29 43.67
C TYR L 133 35.38 6.55 42.43
N GLN L 134 35.33 7.79 41.93
CA GLN L 134 36.20 8.27 40.87
C GLN L 134 36.71 9.66 41.22
N LYS L 135 37.83 10.05 40.62
CA LYS L 135 38.62 11.14 41.16
C LYS L 135 39.31 11.92 40.05
N MET L 136 39.58 13.20 40.31
CA MET L 136 40.22 14.12 39.38
C MET L 136 41.45 14.71 40.05
N VAL L 137 42.07 15.70 39.41
CA VAL L 137 43.31 16.29 39.92
C VAL L 137 43.34 17.77 39.54
N ILE L 138 44.01 18.57 40.38
CA ILE L 138 44.07 20.02 40.19
C ILE L 138 45.53 20.46 40.11
N PRO L 139 46.08 20.67 38.92
CA PRO L 139 47.43 21.22 38.82
C PRO L 139 47.46 22.74 38.69
N VAL L 140 48.66 23.33 38.70
CA VAL L 140 48.85 24.78 38.72
C VAL L 140 49.67 25.19 37.50
N PHE L 141 49.17 26.19 36.76
CA PHE L 141 49.87 26.75 35.61
C PHE L 141 50.35 28.15 35.97
N ASP L 142 51.45 28.58 35.35
CA ASP L 142 52.02 29.89 35.65
C ASP L 142 52.88 30.37 34.48
N GLY L 143 53.07 31.68 34.43
CA GLY L 143 53.90 32.31 33.40
C GLY L 143 54.26 33.73 33.78
N ALA L 144 55.35 34.22 33.21
CA ALA L 144 55.88 35.52 33.58
C ALA L 144 56.46 36.23 32.37
N TYR L 145 56.79 37.51 32.56
CA TYR L 145 57.37 38.34 31.51
C TYR L 145 58.08 39.51 32.16
N GLY L 146 59.07 40.06 31.46
CA GLY L 146 59.80 41.18 32.00
C GLY L 146 60.88 41.83 31.14
N ARG L 147 61.11 43.12 31.36
CA ARG L 147 62.09 43.90 30.62
C ARG L 147 63.14 44.46 31.59
N ASP L 148 64.15 45.11 31.03
CA ASP L 148 65.26 45.64 31.80
C ASP L 148 64.94 47.05 32.29
N PHE L 149 65.94 47.73 32.82
CA PHE L 149 65.75 49.05 33.44
C PHE L 149 65.99 50.20 32.47
N ARG L 150 67.07 50.13 31.68
CA ARG L 150 67.38 51.21 30.76
C ARG L 150 66.41 51.25 29.60
N ASP L 151 65.84 50.10 29.22
CA ASP L 151 64.92 50.06 28.09
C ASP L 151 63.57 50.67 28.46
N TYR L 152 62.99 50.24 29.58
CA TYR L 152 61.63 50.65 29.91
C TYR L 152 61.56 52.11 30.27
N GLU L 153 62.62 52.68 30.82
CA GLU L 153 62.62 54.13 31.03
C GLU L 153 62.79 54.89 29.73
N ALA L 154 63.38 54.25 28.71
CA ALA L 154 63.45 54.89 27.40
C ALA L 154 62.12 54.83 26.68
N MET L 155 61.44 53.69 26.77
CA MET L 155 60.15 53.54 26.09
C MET L 155 59.01 54.22 26.85
N ARG L 156 59.25 54.57 28.11
CA ARG L 156 58.32 55.41 28.85
C ARG L 156 58.29 56.82 28.29
N SER L 157 59.44 57.31 27.81
CA SER L 157 59.58 58.70 27.42
C SER L 157 58.76 59.01 26.17
N GLU L 158 58.77 58.10 25.20
CA GLU L 158 57.98 58.26 23.99
C GLU L 158 56.58 57.67 24.12
N MET L 159 56.20 57.25 25.33
CA MET L 159 54.87 56.72 25.65
C MET L 159 54.50 55.51 24.81
N LEU L 160 55.45 54.60 24.63
CA LEU L 160 55.23 53.39 23.86
C LEU L 160 54.67 52.32 24.80
N PRO L 161 53.42 51.88 24.64
CA PRO L 161 52.85 50.92 25.59
C PRO L 161 53.41 49.52 25.41
N ALA L 162 54.59 49.28 25.96
CA ALA L 162 55.28 48.00 25.80
C ALA L 162 55.10 47.05 26.96
N LEU L 163 54.21 47.37 27.90
CA LEU L 163 53.80 46.43 28.93
C LEU L 163 52.40 45.89 28.69
N ALA L 164 51.44 46.77 28.41
CA ALA L 164 50.07 46.36 28.15
C ALA L 164 49.91 45.65 26.81
N GLU L 165 50.92 45.66 25.95
CA GLU L 165 50.93 44.79 24.79
C GLU L 165 51.57 43.46 25.08
N ASP L 166 51.93 43.20 26.33
CA ASP L 166 52.39 41.89 26.78
C ASP L 166 51.48 41.28 27.82
N SER L 167 50.92 42.10 28.72
CA SER L 167 49.95 41.58 29.68
C SER L 167 48.68 41.14 28.99
N GLU L 168 48.30 41.83 27.91
CA GLU L 168 47.20 41.40 27.06
C GLU L 168 47.60 40.25 26.14
N GLU L 169 48.87 39.90 26.11
CA GLU L 169 49.39 38.83 25.25
C GLU L 169 49.56 37.52 26.00
N ILE L 170 50.13 37.57 27.22
CA ILE L 170 50.29 36.35 28.00
C ILE L 170 48.95 35.89 28.55
N GLU L 171 48.01 36.81 28.74
CA GLU L 171 46.66 36.46 29.18
C GLU L 171 45.95 35.60 28.16
N PHE L 172 46.23 35.79 26.87
CA PHE L 172 45.71 34.89 25.85
C PHE L 172 46.43 33.54 25.90
N THR L 173 47.76 33.53 25.92
CA THR L 173 48.48 32.27 25.88
C THR L 173 48.48 31.53 27.21
N LEU L 174 47.97 32.14 28.28
CA LEU L 174 47.74 31.38 29.50
C LEU L 174 46.57 30.44 29.34
N LEU L 175 45.45 30.95 28.80
CA LEU L 175 44.28 30.10 28.61
C LEU L 175 44.50 29.06 27.52
N ASP L 176 45.44 29.31 26.60
CA ASP L 176 45.62 28.40 25.48
C ASP L 176 46.36 27.14 25.89
N ASP L 177 47.29 27.21 26.83
CA ASP L 177 47.91 25.97 27.26
C ASP L 177 47.10 25.24 28.31
N VAL L 178 45.97 25.83 28.75
CA VAL L 178 44.97 25.03 29.43
C VAL L 178 44.26 24.12 28.42
N ASN L 179 44.10 24.58 27.18
CA ASN L 179 43.46 23.78 26.15
C ASN L 179 44.29 22.58 25.74
N ASP L 180 45.60 22.75 25.61
CA ASP L 180 46.43 21.61 25.21
C ASP L 180 46.51 20.56 26.30
N TYR L 181 46.23 20.94 27.55
CA TYR L 181 45.94 19.96 28.57
C TYR L 181 44.48 19.52 28.53
N LEU L 182 43.57 20.35 28.05
CA LEU L 182 42.18 19.94 27.96
C LEU L 182 41.99 18.90 26.87
N TRP L 183 42.44 19.20 25.65
CA TRP L 183 42.30 18.24 24.58
C TRP L 183 43.38 17.17 24.63
N ASN L 184 44.64 17.57 24.50
CA ASN L 184 45.70 16.58 24.35
C ASN L 184 46.15 15.98 25.68
N GLY L 185 46.25 16.79 26.73
CA GLY L 185 46.50 16.28 28.06
C GLY L 185 47.95 15.93 28.31
N ASP L 186 48.23 15.64 29.59
CA ASP L 186 49.60 15.36 30.04
C ASP L 186 49.55 14.34 31.16
N ALA L 187 50.21 13.21 30.96
CA ALA L 187 50.24 12.13 31.95
C ALA L 187 51.55 12.12 32.74
N LYS L 188 51.79 13.18 33.51
CA LYS L 188 52.85 13.21 34.50
C LYS L 188 52.38 13.58 35.89
N LEU L 189 51.45 14.53 35.97
CA LEU L 189 50.76 15.04 37.15
C LEU L 189 49.79 13.98 37.63
N LYS L 190 50.24 13.14 38.56
CA LYS L 190 49.45 12.02 39.08
C LYS L 190 49.65 11.93 40.58
N VAL L 191 48.56 11.95 41.34
CA VAL L 191 48.69 11.90 42.79
C VAL L 191 48.64 10.46 43.29
N ASP L 192 47.50 9.78 43.11
CA ASP L 192 47.41 8.36 43.41
C ASP L 192 47.08 7.55 42.16
N THR L 193 45.93 7.82 41.56
CA THR L 193 45.54 7.23 40.28
C THR L 193 44.84 8.25 39.41
N ALA L 194 44.90 9.54 39.76
CA ALA L 194 44.11 10.56 39.10
C ALA L 194 44.93 11.27 38.02
N VAL L 195 45.28 10.51 36.98
CA VAL L 195 45.82 11.09 35.75
C VAL L 195 44.67 11.70 34.97
N TRP L 196 44.99 12.49 33.95
CA TRP L 196 43.95 12.94 33.04
C TRP L 196 44.11 12.37 31.64
N GLY L 197 45.31 12.38 31.08
CA GLY L 197 45.55 11.68 29.83
C GLY L 197 45.14 12.42 28.57
N GLY L 198 44.11 13.26 28.63
CA GLY L 198 43.70 14.02 27.47
C GLY L 198 42.40 13.51 26.88
N LEU L 199 41.68 14.43 26.22
CA LEU L 199 40.37 14.12 25.65
C LEU L 199 40.42 13.19 24.46
N LYS L 200 41.60 12.84 23.95
CA LYS L 200 41.70 11.90 22.84
C LYS L 200 42.56 10.70 23.18
N ALA L 201 42.89 10.49 24.45
CA ALA L 201 43.60 9.26 24.83
C ALA L 201 43.15 8.70 26.17
N ASP L 202 42.14 9.27 26.81
CA ASP L 202 41.76 8.86 28.15
C ASP L 202 40.96 7.56 28.11
N ALA L 203 40.96 6.85 29.25
CA ALA L 203 40.10 5.71 29.44
C ALA L 203 38.72 6.08 29.94
N SER L 204 38.46 7.36 30.16
CA SER L 204 37.12 7.85 30.51
C SER L 204 36.41 8.46 29.31
N VAL L 205 36.91 8.21 28.11
CA VAL L 205 36.36 8.77 26.87
C VAL L 205 36.13 7.62 25.91
N ALA L 206 34.91 7.52 25.38
CA ALA L 206 34.56 6.43 24.49
C ALA L 206 35.19 6.66 23.12
N ALA L 207 35.99 5.69 22.67
CA ALA L 207 36.65 5.77 21.38
C ALA L 207 35.78 5.13 20.31
N TYR L 208 35.52 5.86 19.24
CA TYR L 208 34.71 5.38 18.13
C TYR L 208 35.40 5.72 16.83
N SER L 209 35.64 4.72 16.00
CA SER L 209 36.34 4.90 14.74
C SER L 209 35.36 5.24 13.63
N LEU L 210 35.62 6.34 12.93
CA LEU L 210 34.81 6.71 11.78
C LEU L 210 35.20 5.87 10.57
N GLY L 211 34.22 5.58 9.72
CA GLY L 211 34.48 4.77 8.55
C GLY L 211 34.66 5.61 7.29
N ALA L 212 33.78 6.59 7.10
CA ALA L 212 33.82 7.43 5.92
C ALA L 212 34.47 8.77 6.25
N ASP L 213 35.30 9.26 5.33
CA ASP L 213 35.98 10.53 5.53
C ASP L 213 34.99 11.68 5.41
N LEU L 214 34.88 12.47 6.46
CA LEU L 214 33.89 13.54 6.51
C LEU L 214 34.34 14.81 5.78
N THR L 215 35.50 14.78 5.13
CA THR L 215 35.96 15.93 4.36
C THR L 215 35.61 15.81 2.88
N THR L 216 35.35 14.60 2.38
CA THR L 216 35.06 14.38 0.97
C THR L 216 33.70 13.74 0.74
N ALA L 217 32.97 13.39 1.78
CA ALA L 217 31.72 12.67 1.63
C ALA L 217 30.61 13.61 1.18
N THR L 218 29.50 13.02 0.75
CA THR L 218 28.35 13.76 0.26
C THR L 218 27.48 14.20 1.43
N GLU L 219 26.26 14.64 1.12
CA GLU L 219 25.29 15.09 2.10
C GLU L 219 24.44 13.97 2.69
N ALA L 220 24.55 12.75 2.16
CA ALA L 220 23.86 11.60 2.71
C ALA L 220 24.74 10.79 3.65
N GLN L 221 26.04 10.68 3.35
CA GLN L 221 26.93 9.91 4.22
C GLN L 221 27.30 10.67 5.48
N VAL L 222 26.99 11.96 5.56
CA VAL L 222 27.28 12.71 6.78
C VAL L 222 26.29 12.36 7.87
N VAL L 223 25.00 12.45 7.58
CA VAL L 223 23.98 12.15 8.59
C VAL L 223 23.92 10.65 8.86
N ALA L 224 24.33 9.83 7.90
CA ALA L 224 24.39 8.39 8.14
C ALA L 224 25.57 8.00 9.03
N GLU L 225 26.59 8.86 9.15
CA GLU L 225 27.70 8.58 10.03
C GLU L 225 27.83 9.61 11.14
N LEU L 226 26.82 10.46 11.33
CA LEU L 226 26.72 11.26 12.53
C LEU L 226 25.77 10.65 13.54
N LEU L 227 24.78 9.88 13.07
CA LEU L 227 23.93 9.13 13.98
C LEU L 227 24.63 7.91 14.54
N ALA L 228 25.56 7.33 13.80
CA ALA L 228 26.34 6.23 14.34
C ALA L 228 27.34 6.68 15.41
N LEU L 229 27.63 7.98 15.46
CA LEU L 229 28.39 8.54 16.57
C LEU L 229 27.51 8.86 17.77
N LEU L 230 26.31 9.39 17.53
CA LEU L 230 25.42 9.73 18.63
C LEU L 230 24.85 8.50 19.33
N ASP L 231 24.81 7.36 18.65
CA ASP L 231 24.30 6.14 19.25
C ASP L 231 25.33 5.39 20.06
N VAL L 232 26.49 5.99 20.33
CA VAL L 232 27.38 5.52 21.38
C VAL L 232 27.16 6.35 22.63
N LEU L 233 26.05 7.10 22.69
CA LEU L 233 25.63 7.80 23.89
C LEU L 233 24.18 7.53 24.25
N ARG L 234 23.34 7.16 23.29
CA ARG L 234 21.96 6.84 23.57
C ARG L 234 21.69 5.35 23.70
N ILE L 235 22.53 4.50 23.10
CA ILE L 235 22.23 3.08 23.06
C ILE L 235 23.19 2.29 23.93
N THR L 236 24.49 2.33 23.61
CA THR L 236 25.43 1.48 24.32
C THR L 236 26.01 2.15 25.56
N ASN L 237 25.55 3.35 25.90
CA ASN L 237 26.01 4.01 27.11
C ASN L 237 24.88 4.67 27.89
N LYS L 238 23.64 4.63 27.40
CA LYS L 238 22.41 4.94 28.12
C LYS L 238 22.30 6.38 28.58
N LYS L 239 23.14 7.28 28.08
CA LYS L 239 23.09 8.66 28.54
C LYS L 239 21.99 9.42 27.81
N SER L 240 21.52 10.49 28.44
CA SER L 240 20.44 11.30 27.90
C SER L 240 20.79 12.78 28.05
N GLY L 241 19.84 13.62 27.67
CA GLY L 241 20.05 15.05 27.69
C GLY L 241 20.53 15.58 26.36
N PRO L 242 20.52 16.89 26.19
CA PRO L 242 20.91 17.46 24.91
C PRO L 242 22.41 17.46 24.69
N PHE L 243 22.88 16.58 23.82
CA PHE L 243 24.28 16.42 23.51
C PHE L 243 24.75 17.57 22.63
N GLU L 244 26.07 17.75 22.56
CA GLU L 244 26.66 18.85 21.79
C GLU L 244 27.77 18.30 20.90
N LEU L 245 28.00 19.00 19.78
CA LEU L 245 28.94 18.55 18.76
C LEU L 245 29.92 19.66 18.44
N TYR L 246 31.22 19.33 18.43
CA TYR L 246 32.28 20.28 18.11
C TYR L 246 33.13 19.70 16.98
N ILE L 247 33.39 20.52 15.96
CA ILE L 247 33.96 20.05 14.71
C ILE L 247 35.18 20.89 14.33
N SER L 248 36.07 20.29 13.56
CA SER L 248 37.22 21.00 13.02
C SER L 248 36.74 22.03 11.99
N PRO L 249 37.43 23.16 11.87
CA PRO L 249 37.02 24.18 10.88
C PRO L 249 37.19 23.73 9.45
N GLN L 250 38.09 22.81 9.16
CA GLN L 250 38.17 22.22 7.83
C GLN L 250 36.96 21.35 7.52
N ILE L 251 36.30 20.81 8.54
CA ILE L 251 35.06 20.09 8.32
C ILE L 251 33.91 21.07 8.11
N MET L 252 33.82 22.11 8.94
CA MET L 252 32.72 23.06 8.81
C MET L 252 32.83 23.90 7.54
N SER L 253 34.02 24.05 6.97
CA SER L 253 34.11 24.68 5.67
C SER L 253 33.58 23.76 4.58
N ASN L 254 33.73 22.44 4.76
CA ASN L 254 33.17 21.49 3.82
C ASN L 254 31.65 21.44 3.91
N TRP L 255 31.11 21.72 5.09
CA TRP L 255 29.66 21.69 5.31
C TRP L 255 28.97 22.97 4.91
N GLN L 256 29.58 23.81 4.08
CA GLN L 256 28.90 24.99 3.57
C GLN L 256 28.61 24.89 2.08
N LYS L 257 28.97 23.78 1.44
CA LYS L 257 28.71 23.60 0.02
C LYS L 257 27.22 23.38 -0.23
N LEU L 258 26.87 23.22 -1.50
CA LEU L 258 25.49 22.96 -1.86
C LEU L 258 25.13 21.52 -1.54
N ALA L 259 23.93 21.33 -0.99
CA ALA L 259 23.50 20.01 -0.55
C ALA L 259 23.30 19.06 -1.73
N GLY L 260 22.37 19.40 -2.63
CA GLY L 260 22.15 18.58 -3.79
C GLY L 260 20.95 17.68 -3.67
N ALA L 261 20.77 17.06 -2.51
CA ALA L 261 19.65 16.18 -2.28
C ALA L 261 18.35 16.90 -1.98
N ASN L 262 18.37 18.24 -1.94
CA ASN L 262 17.16 19.05 -1.84
C ASN L 262 17.20 20.08 -2.95
N THR L 263 16.18 20.08 -3.80
CA THR L 263 16.05 21.08 -4.85
C THR L 263 14.73 21.81 -4.62
N ASN L 264 14.77 22.79 -3.74
CA ASN L 264 13.66 23.72 -3.54
C ASN L 264 14.17 25.14 -3.33
N GLY L 265 15.48 25.34 -3.43
CA GLY L 265 16.14 26.58 -3.08
C GLY L 265 17.61 26.26 -3.08
N PHE L 266 18.34 26.68 -2.06
CA PHE L 266 19.73 26.25 -1.87
C PHE L 266 19.98 26.07 -0.38
N MET L 267 20.44 24.89 0.00
CA MET L 267 20.62 24.56 1.40
C MET L 267 22.02 24.02 1.64
N ASN L 268 22.50 24.22 2.86
CA ASN L 268 23.81 23.77 3.29
C ASN L 268 23.72 22.39 3.92
N ILE L 269 24.85 21.68 3.89
CA ILE L 269 24.97 20.46 4.69
C ILE L 269 24.97 20.80 6.17
N MET L 270 25.46 21.99 6.53
CA MET L 270 25.34 22.47 7.90
C MET L 270 23.88 22.65 8.30
N ALA L 271 23.06 23.19 7.39
CA ALA L 271 21.65 23.33 7.68
C ALA L 271 20.87 22.03 7.46
N ALA L 272 21.52 20.96 7.00
CA ALA L 272 20.85 19.67 6.93
C ALA L 272 20.77 19.04 8.31
N VAL L 273 21.90 18.99 9.03
CA VAL L 273 21.93 18.36 10.34
C VAL L 273 21.30 19.21 11.42
N ARG L 274 21.01 20.48 11.16
CA ARG L 274 20.27 21.27 12.13
C ARG L 274 18.80 20.88 12.16
N ALA L 275 18.24 20.49 11.02
CA ALA L 275 16.83 20.13 10.94
C ALA L 275 16.58 18.64 11.13
N LEU L 276 17.58 17.79 10.90
CA LEU L 276 17.37 16.36 11.02
C LEU L 276 17.52 15.89 12.47
N ILE L 277 18.58 16.34 13.14
CA ILE L 277 18.89 15.87 14.49
C ILE L 277 18.79 17.04 15.45
N PRO L 278 17.63 17.30 16.06
CA PRO L 278 17.48 18.47 16.92
C PRO L 278 17.92 18.27 18.36
N GLU L 279 18.37 17.08 18.76
CA GLU L 279 18.91 16.91 20.10
C GLU L 279 20.30 17.52 20.24
N PHE L 280 21.01 17.73 19.13
CA PHE L 280 22.20 18.55 19.14
C PHE L 280 21.80 19.98 19.48
N SER L 281 22.10 20.41 20.70
CA SER L 281 21.69 21.75 21.12
C SER L 281 22.56 22.82 20.51
N VAL L 282 23.88 22.63 20.54
CA VAL L 282 24.84 23.61 20.05
C VAL L 282 25.81 22.89 19.12
N VAL L 283 25.87 23.33 17.86
CA VAL L 283 26.82 22.82 16.89
C VAL L 283 27.70 23.98 16.47
N GLU L 284 28.94 23.99 16.92
CA GLU L 284 29.91 25.03 16.60
C GLU L 284 31.25 24.37 16.33
N ALA L 285 32.27 25.20 16.08
CA ALA L 285 33.56 24.70 15.66
C ALA L 285 34.62 24.95 16.73
N ASP L 286 35.72 24.21 16.61
CA ASP L 286 36.85 24.35 17.52
C ASP L 286 38.13 24.02 16.78
N SER L 287 39.16 24.86 16.94
CA SER L 287 40.38 24.70 16.18
C SER L 287 41.33 23.66 16.74
N ALA L 288 41.01 23.03 17.86
CA ALA L 288 41.90 22.03 18.43
C ALA L 288 41.90 20.74 17.62
N LEU L 289 40.95 20.56 16.72
CA LEU L 289 40.90 19.40 15.84
C LEU L 289 41.41 19.78 14.46
N GLN L 290 42.28 18.95 13.90
CA GLN L 290 42.86 19.17 12.58
C GLN L 290 42.68 17.90 11.77
N GLY L 291 41.69 17.90 10.88
CA GLY L 291 41.50 16.86 9.89
C GLY L 291 40.17 16.16 10.01
N ASN L 292 40.19 14.83 10.02
CA ASN L 292 38.98 14.02 10.11
C ASN L 292 38.82 13.54 11.55
N GLN L 293 38.35 14.43 12.43
CA GLN L 293 38.09 14.06 13.80
C GLN L 293 37.05 14.99 14.41
N VAL L 294 36.11 14.41 15.15
CA VAL L 294 35.04 15.15 15.81
C VAL L 294 34.93 14.68 17.26
N LEU L 295 34.07 15.34 18.02
CA LEU L 295 33.85 15.00 19.41
C LEU L 295 32.46 15.42 19.83
N CYS L 296 31.70 14.48 20.40
CA CYS L 296 30.36 14.74 20.90
C CYS L 296 30.26 14.27 22.34
N SER L 297 29.69 15.12 23.19
CA SER L 297 29.62 14.83 24.62
C SER L 297 28.57 15.71 25.27
N VAL L 298 28.41 15.53 26.57
CA VAL L 298 27.54 16.35 27.40
C VAL L 298 28.42 17.31 28.18
N VAL L 299 27.93 18.54 28.37
CA VAL L 299 28.59 19.48 29.26
C VAL L 299 27.65 19.75 30.43
N GLY L 300 28.22 20.26 31.50
CA GLY L 300 27.52 20.44 32.75
C GLY L 300 28.08 19.55 33.83
N THR L 301 27.41 19.58 34.99
CA THR L 301 27.89 18.84 36.14
C THR L 301 27.71 17.34 36.02
N ARG L 302 26.84 16.87 35.12
CA ARG L 302 26.66 15.44 34.93
C ARG L 302 27.43 14.91 33.73
N GLY L 303 28.32 15.70 33.16
CA GLY L 303 29.15 15.24 32.07
C GLY L 303 30.56 15.77 32.14
N LEU L 304 31.04 16.36 31.05
CA LEU L 304 32.35 16.99 31.04
C LEU L 304 32.29 18.29 31.84
N HIS L 305 33.10 18.38 32.88
CA HIS L 305 33.05 19.53 33.78
C HIS L 305 34.46 19.89 34.21
N ALA L 306 34.59 21.09 34.78
CA ALA L 306 35.88 21.61 35.22
C ALA L 306 35.72 22.21 36.61
N LYS L 307 36.79 22.14 37.38
CA LYS L 307 36.82 22.71 38.73
C LYS L 307 38.02 23.61 38.86
N ILE L 308 37.77 24.87 39.21
CA ILE L 308 38.82 25.89 39.26
C ILE L 308 39.40 25.93 40.67
N GLY L 309 40.71 25.72 40.76
CA GLY L 309 41.39 25.85 42.03
C GLY L 309 41.54 27.30 42.43
N MET L 310 42.32 28.05 41.66
CA MET L 310 42.49 29.48 41.88
C MET L 310 42.27 30.20 40.57
N MET L 311 41.47 31.26 40.61
CA MET L 311 41.17 32.06 39.44
C MET L 311 42.43 32.79 38.96
N MET L 312 42.39 33.27 37.73
CA MET L 312 43.57 33.86 37.11
C MET L 312 43.88 35.22 37.73
N SER L 313 45.01 35.31 38.41
CA SER L 313 45.43 36.54 39.09
C SER L 313 46.85 36.90 38.65
N SER L 314 47.19 38.16 38.87
CA SER L 314 48.48 38.69 38.45
C SER L 314 48.99 39.68 39.47
N TYR L 315 50.32 39.77 39.57
CA TYR L 315 50.95 40.67 40.53
C TYR L 315 52.33 41.04 39.99
N GLN L 316 52.97 41.99 40.65
CA GLN L 316 54.26 42.51 40.24
C GLN L 316 55.29 42.20 41.30
N VAL L 317 56.42 41.63 40.89
CA VAL L 317 57.55 41.43 41.79
C VAL L 317 58.11 42.80 42.15
N PRO L 318 58.19 43.16 43.43
CA PRO L 318 58.57 44.53 43.80
C PRO L 318 60.04 44.79 43.60
N ARG L 319 60.35 46.04 43.28
CA ARG L 319 61.70 46.47 42.97
C ARG L 319 62.37 47.02 44.22
N VAL L 320 63.56 46.51 44.52
CA VAL L 320 64.28 46.86 45.73
C VAL L 320 65.27 47.99 45.46
N MET L 321 66.23 47.75 44.58
CA MET L 321 67.26 48.73 44.25
C MET L 321 66.73 49.71 43.20
N HIS L 322 67.61 50.49 42.61
CA HIS L 322 67.23 51.41 41.55
C HIS L 322 67.32 50.80 40.17
N ASN L 323 68.05 49.70 40.01
CA ASN L 323 68.20 49.03 38.73
C ASN L 323 67.63 47.62 38.75
N ASP L 324 66.58 47.41 39.51
CA ASP L 324 65.89 46.13 39.47
C ASP L 324 65.00 46.06 38.25
N PRO L 325 65.08 44.99 37.46
CA PRO L 325 64.24 44.90 36.26
C PRO L 325 62.78 44.70 36.61
N TYR L 326 61.92 45.15 35.71
CA TYR L 326 60.48 45.04 35.90
C TYR L 326 60.06 43.61 35.57
N GLN L 327 59.24 43.01 36.44
CA GLN L 327 58.80 41.64 36.27
C GLN L 327 57.37 41.49 36.76
N PHE L 328 56.59 40.69 36.04
CA PHE L 328 55.20 40.43 36.38
C PHE L 328 54.93 38.94 36.22
N VAL L 329 53.99 38.41 37.01
CA VAL L 329 53.73 36.98 37.08
C VAL L 329 52.23 36.75 37.01
N LYS L 330 51.81 35.83 36.13
CA LYS L 330 50.43 35.37 36.06
C LYS L 330 50.37 33.88 36.30
N TRP L 331 49.38 33.44 37.08
CA TRP L 331 49.27 32.04 37.47
C TRP L 331 47.80 31.63 37.52
N PHE L 332 47.55 30.33 37.47
CA PHE L 332 46.21 29.78 37.25
C PHE L 332 46.21 28.30 37.62
N ALA L 333 45.07 27.81 38.09
CA ALA L 333 44.98 26.41 38.53
C ALA L 333 43.56 25.88 38.38
N ALA L 334 43.39 24.81 37.61
CA ALA L 334 42.10 24.16 37.41
C ALA L 334 42.33 22.75 36.88
N GLY L 335 41.26 21.96 36.86
CA GLY L 335 41.35 20.56 36.45
C GLY L 335 40.08 20.09 35.77
N PHE L 336 40.21 18.99 35.04
CA PHE L 336 39.13 18.48 34.19
C PHE L 336 38.87 17.00 34.47
N GLN L 337 37.60 16.61 34.29
CA GLN L 337 37.16 15.23 34.44
C GLN L 337 35.80 15.06 33.77
N SER L 338 35.61 13.93 33.09
CA SER L 338 34.31 13.53 32.58
C SER L 338 33.66 12.55 33.55
N ASN L 339 32.33 12.52 33.53
CA ASN L 339 31.58 11.66 34.43
C ASN L 339 31.72 10.20 34.02
N ASN L 340 31.35 9.31 34.94
CA ASN L 340 31.36 7.88 34.68
C ASN L 340 30.17 7.25 35.41
N SER L 341 30.18 5.93 35.50
CA SER L 341 29.22 5.21 36.32
C SER L 341 29.90 3.98 36.90
N PHE L 342 29.10 3.14 37.56
CA PHE L 342 29.64 2.05 38.37
C PHE L 342 30.34 0.99 37.53
N SER L 343 29.90 0.79 36.30
CA SER L 343 30.49 -0.23 35.44
C SER L 343 31.32 0.34 34.30
N GLY L 344 31.24 1.64 34.04
CA GLY L 344 31.99 2.21 32.94
C GLY L 344 31.10 2.73 31.83
N LEU L 345 29.91 3.21 32.19
CA LEU L 345 29.02 3.85 31.22
C LEU L 345 29.52 5.26 31.00
N LYS L 346 30.26 5.47 29.92
CA LYS L 346 30.95 6.73 29.69
C LYS L 346 29.97 7.80 29.21
N SER L 347 30.48 9.01 29.04
CA SER L 347 29.63 10.14 28.67
C SER L 347 30.21 11.02 27.57
N THR L 348 31.41 10.75 27.08
CA THR L 348 32.01 11.52 26.00
C THR L 348 32.47 10.56 24.91
N VAL L 349 32.28 10.95 23.65
CA VAL L 349 32.74 10.16 22.51
C VAL L 349 33.67 11.03 21.67
N TYR L 350 34.86 10.50 21.37
CA TYR L 350 35.83 11.17 20.53
C TYR L 350 35.90 10.43 19.20
N GLY L 351 35.51 11.12 18.13
CA GLY L 351 35.45 10.50 16.82
C GLY L 351 36.78 10.45 16.10
N SER L 352 37.32 9.24 15.98
CA SER L 352 38.59 8.94 15.30
C SER L 352 39.78 9.73 15.82
N MET M 59 27.26 80.77 -43.08
CA MET M 59 26.00 80.07 -42.86
C MET M 59 25.41 79.58 -44.18
N GLN M 60 25.53 78.27 -44.41
CA GLN M 60 24.80 77.54 -45.45
C GLN M 60 25.10 78.07 -46.85
N ARG M 61 26.33 77.81 -47.29
CA ARG M 61 26.71 78.01 -48.68
C ARG M 61 25.77 77.24 -49.60
N VAL M 62 25.26 77.91 -50.63
CA VAL M 62 24.18 77.37 -51.46
C VAL M 62 24.71 76.36 -52.47
N ASP M 63 26.03 76.15 -52.49
CA ASP M 63 26.56 75.05 -53.28
C ASP M 63 26.18 73.72 -52.67
N GLU M 64 26.16 73.65 -51.34
CA GLU M 64 25.72 72.45 -50.62
C GLU M 64 24.80 72.90 -49.50
N MET M 65 23.52 73.04 -49.81
CA MET M 65 22.50 73.39 -48.83
C MET M 65 21.54 72.24 -48.58
N TYR M 66 21.86 71.04 -49.07
CA TYR M 66 21.02 69.90 -48.80
C TYR M 66 21.26 69.33 -47.42
N ARG M 67 22.50 69.37 -46.94
CA ARG M 67 22.82 68.66 -45.72
C ARG M 67 22.39 69.44 -44.48
N LEU M 68 22.28 68.73 -43.38
CA LEU M 68 21.93 69.32 -42.09
C LEU M 68 22.88 68.75 -41.05
N VAL M 69 23.48 69.62 -40.26
CA VAL M 69 24.40 69.20 -39.22
C VAL M 69 23.88 69.69 -37.87
N ASP M 70 24.20 68.95 -36.82
CA ASP M 70 23.93 69.40 -35.45
C ASP M 70 25.17 69.02 -34.62
N SER M 71 26.14 69.93 -34.59
CA SER M 71 27.38 69.66 -33.88
C SER M 71 27.12 69.84 -32.39
N THR M 72 26.87 68.74 -31.71
CA THR M 72 26.68 68.77 -30.26
C THR M 72 27.53 67.66 -29.64
N GLY M 73 27.80 66.61 -30.40
CA GLY M 73 28.74 65.59 -29.98
C GLY M 73 28.20 64.59 -28.98
N THR M 74 28.70 63.36 -29.04
CA THR M 74 28.35 62.34 -28.07
C THR M 74 29.56 61.90 -27.24
N GLY M 75 30.61 61.44 -27.89
CA GLY M 75 31.77 61.00 -27.14
C GLY M 75 31.90 59.49 -27.10
N GLU M 76 32.23 58.95 -25.93
CA GLU M 76 32.38 57.50 -25.79
C GLU M 76 32.14 57.12 -24.34
N ASP M 77 31.35 56.07 -24.12
CA ASP M 77 31.10 55.54 -22.79
C ASP M 77 32.19 54.53 -22.40
N ARG M 78 32.36 54.36 -21.09
CA ARG M 78 33.66 53.90 -20.60
C ARG M 78 33.84 52.39 -20.70
N ASP M 79 33.14 51.64 -19.85
CA ASP M 79 33.24 50.18 -19.75
C ASP M 79 32.24 49.69 -18.72
N TRP M 80 32.17 48.38 -18.58
CA TRP M 80 31.27 47.70 -17.66
C TRP M 80 32.05 47.31 -16.40
N GLY M 81 31.82 48.03 -15.31
CA GLY M 81 32.57 47.83 -14.08
C GLY M 81 33.98 48.36 -14.16
N ASN M 82 34.12 49.64 -14.51
CA ASN M 82 35.45 50.17 -14.81
C ASN M 82 36.27 50.40 -13.55
N GLN M 83 35.79 51.26 -12.66
CA GLN M 83 36.55 51.70 -11.50
C GLN M 83 35.78 51.46 -10.21
N THR M 84 35.28 50.24 -10.05
CA THR M 84 34.47 49.94 -8.87
C THR M 84 35.33 49.79 -7.63
N LEU M 85 36.51 49.17 -7.76
CA LEU M 85 37.37 49.01 -6.59
C LEU M 85 38.03 50.32 -6.21
N LEU M 86 38.57 51.05 -7.19
CA LEU M 86 39.23 52.31 -6.91
C LEU M 86 38.26 53.37 -6.43
N GLY M 87 36.99 53.27 -6.82
CA GLY M 87 35.98 54.17 -6.29
C GLY M 87 35.69 53.97 -4.82
N ARG M 88 36.00 52.78 -4.29
CA ARG M 88 35.80 52.54 -2.87
C ARG M 88 37.04 52.88 -2.05
N LEU M 89 38.24 52.69 -2.62
CA LEU M 89 39.46 52.98 -1.90
C LEU M 89 39.66 54.49 -1.72
N LEU M 90 39.42 55.26 -2.78
CA LEU M 90 39.64 56.70 -2.73
C LEU M 90 38.52 57.43 -2.01
N SER M 91 37.47 56.74 -1.56
CA SER M 91 36.44 57.37 -0.75
C SER M 91 36.66 57.13 0.74
N GLN M 92 37.47 56.15 1.11
CA GLN M 92 37.81 55.89 2.50
C GLN M 92 39.25 56.25 2.82
N ALA M 93 39.89 57.04 1.96
CA ALA M 93 41.32 57.26 2.08
C ALA M 93 41.64 58.31 3.13
N GLN M 94 42.81 58.16 3.75
CA GLN M 94 43.33 59.15 4.68
C GLN M 94 44.19 60.14 3.92
N THR M 95 44.07 61.42 4.27
CA THR M 95 44.78 62.49 3.59
C THR M 95 46.02 62.88 4.39
N VAL M 96 47.18 62.74 3.77
CA VAL M 96 48.43 63.13 4.38
C VAL M 96 48.97 64.36 3.64
N SER M 97 50.02 64.95 4.18
CA SER M 97 50.61 66.13 3.55
C SER M 97 51.52 65.70 2.41
N ILE M 98 51.70 66.62 1.45
CA ILE M 98 52.53 66.36 0.28
C ILE M 98 53.99 66.58 0.64
N GLY M 99 54.86 65.69 0.15
CA GLY M 99 56.26 65.64 0.53
C GLY M 99 56.62 64.39 1.30
N LYS M 100 55.67 63.86 2.07
CA LYS M 100 55.87 62.61 2.78
C LYS M 100 55.88 61.48 1.76
N LYS M 101 57.06 61.01 1.38
CA LYS M 101 57.16 60.00 0.35
C LYS M 101 56.87 58.60 0.88
N VAL M 102 57.27 58.30 2.11
CA VAL M 102 57.10 56.99 2.71
C VAL M 102 56.26 57.15 3.97
N ILE M 103 55.34 56.18 4.21
CA ILE M 103 54.62 56.06 5.48
C ILE M 103 55.01 54.73 6.13
N GLU M 104 54.91 54.64 7.46
CA GLU M 104 55.31 53.47 8.23
C GLU M 104 54.22 53.08 9.24
N SER M 105 54.28 51.83 9.71
CA SER M 105 53.38 51.31 10.75
C SER M 105 53.99 50.07 11.38
N ARG M 106 53.58 49.77 12.63
CA ARG M 106 54.20 48.73 13.45
C ARG M 106 53.22 47.60 13.77
N ARG M 107 53.73 46.37 13.81
CA ARG M 107 52.96 45.18 14.16
C ARG M 107 53.77 44.32 15.13
N TYR M 108 53.29 44.18 16.37
CA TYR M 108 54.03 43.41 17.37
C TYR M 108 53.66 41.94 17.29
N SER M 109 54.17 41.13 18.21
CA SER M 109 54.18 39.68 18.08
C SER M 109 53.49 39.01 19.27
N GLU M 110 53.59 37.68 19.30
CA GLU M 110 53.09 36.85 20.38
C GLU M 110 54.21 35.95 20.88
N ALA M 111 54.29 35.76 22.20
CA ALA M 111 55.31 34.90 22.80
C ALA M 111 54.82 34.42 24.15
N GLY M 112 55.70 33.74 24.88
CA GLY M 112 55.36 33.28 26.20
C GLY M 112 55.40 31.78 26.36
N ARG M 113 56.34 31.30 27.18
CA ARG M 113 56.47 29.90 27.51
C ARG M 113 55.84 29.66 28.87
N ILE M 114 55.24 28.47 29.05
CA ILE M 114 54.43 28.19 30.22
C ILE M 114 54.70 26.77 30.70
N ASN M 115 54.96 26.61 31.99
CA ASN M 115 55.15 25.32 32.62
C ASN M 115 53.98 24.99 33.54
N ARG M 116 53.92 23.71 33.94
CA ARG M 116 52.85 23.21 34.77
C ARG M 116 53.37 22.15 35.71
N SER M 117 52.91 22.18 36.96
CA SER M 117 53.24 21.14 37.92
C SER M 117 52.11 21.01 38.92
N MET M 118 52.24 20.03 39.80
CA MET M 118 51.25 19.81 40.86
C MET M 118 51.50 20.72 42.05
N SER M 119 52.76 20.89 42.43
CA SER M 119 53.11 21.67 43.60
C SER M 119 53.03 23.17 43.31
N GLY M 120 53.83 23.63 42.36
CA GLY M 120 53.92 25.05 42.01
C GLY M 120 55.34 25.57 42.04
N GLN M 121 56.21 24.93 42.83
CA GLN M 121 57.58 25.37 42.99
C GLN M 121 58.43 24.87 41.82
N THR M 122 58.29 25.56 40.69
CA THR M 122 59.09 25.28 39.52
C THR M 122 59.54 26.61 38.91
N ASP M 123 60.56 26.53 38.05
CA ASP M 123 61.12 27.74 37.47
C ASP M 123 60.17 28.29 36.41
N ILE M 124 59.47 29.37 36.75
CA ILE M 124 58.63 30.08 35.80
C ILE M 124 59.52 30.71 34.72
N ASP M 125 59.06 30.64 33.47
CA ASP M 125 59.82 31.17 32.35
C ASP M 125 59.26 32.53 31.92
N MET M 126 59.97 33.17 31.00
CA MET M 126 59.61 34.52 30.59
C MET M 126 60.10 34.79 29.18
N ASP M 127 59.35 35.64 28.47
CA ASP M 127 59.74 36.13 27.16
C ASP M 127 58.98 37.42 26.90
N LYS M 128 59.32 38.07 25.78
CA LYS M 128 58.76 39.36 25.42
C LYS M 128 58.43 39.35 23.93
N THR M 129 57.95 40.48 23.43
CA THR M 129 57.41 40.59 22.10
C THR M 129 58.26 41.53 21.24
N LYS M 130 58.64 41.06 20.06
CA LYS M 130 59.45 41.84 19.13
C LYS M 130 58.55 42.80 18.36
N SER M 131 59.10 43.43 17.33
CA SER M 131 58.32 44.33 16.48
C SER M 131 58.98 44.40 15.10
N SER M 132 58.21 44.88 14.13
CA SER M 132 58.69 45.11 12.78
C SER M 132 57.80 46.15 12.13
N TYR M 133 58.31 46.75 11.06
CA TYR M 133 57.65 47.87 10.42
C TYR M 133 57.32 47.58 8.96
N GLN M 134 56.23 48.19 8.49
CA GLN M 134 55.73 48.01 7.14
C GLN M 134 55.56 49.36 6.48
N LYS M 135 55.96 49.47 5.20
CA LYS M 135 56.06 50.75 4.53
C LYS M 135 55.24 50.78 3.24
N MET M 136 54.85 52.00 2.84
CA MET M 136 54.23 52.24 1.54
C MET M 136 54.95 53.41 0.87
N VAL M 137 54.41 53.88 -0.25
CA VAL M 137 55.06 54.93 -1.03
C VAL M 137 53.98 55.78 -1.70
N ILE M 138 54.29 57.06 -1.92
CA ILE M 138 53.34 58.02 -2.48
C ILE M 138 53.92 58.65 -3.73
N PRO M 139 53.57 58.18 -4.92
CA PRO M 139 54.02 58.86 -6.15
C PRO M 139 53.03 59.90 -6.66
N VAL M 140 53.41 60.63 -7.71
CA VAL M 140 52.63 61.75 -8.24
C VAL M 140 52.31 61.47 -9.70
N PHE M 141 51.04 61.60 -10.07
CA PHE M 141 50.57 61.46 -11.44
C PHE M 141 50.17 62.83 -11.98
N ASP M 142 50.29 63.02 -13.29
CA ASP M 142 49.96 64.30 -13.90
C ASP M 142 49.64 64.13 -15.37
N GLY M 143 48.91 65.10 -15.91
CA GLY M 143 48.55 65.11 -17.32
C GLY M 143 48.09 66.48 -17.76
N ALA M 144 48.18 66.75 -19.06
CA ALA M 144 47.88 68.07 -19.58
C ALA M 144 47.22 67.96 -20.95
N TYR M 145 46.71 69.09 -21.43
CA TYR M 145 46.05 69.17 -22.73
C TYR M 145 46.08 70.62 -23.20
N GLY M 146 46.01 70.81 -24.51
CA GLY M 146 46.03 72.17 -25.04
C GLY M 146 45.89 72.35 -26.54
N ARG M 147 45.33 73.49 -26.94
CA ARG M 147 45.11 73.84 -28.33
C ARG M 147 45.86 75.11 -28.69
N ASP M 148 45.82 75.48 -29.96
CA ASP M 148 46.55 76.64 -30.47
C ASP M 148 45.71 77.90 -30.31
N PHE M 149 46.15 78.99 -30.93
CA PHE M 149 45.52 80.30 -30.78
C PHE M 149 44.48 80.58 -31.86
N ARG M 150 44.82 80.30 -33.12
CA ARG M 150 43.90 80.58 -34.22
C ARG M 150 42.72 79.62 -34.21
N ASP M 151 42.91 78.41 -33.71
CA ASP M 151 41.82 77.44 -33.68
C ASP M 151 40.78 77.79 -32.63
N TYR M 152 41.22 78.03 -31.40
CA TYR M 152 40.28 78.21 -30.30
C TYR M 152 39.48 79.50 -30.42
N GLU M 153 40.06 80.52 -31.04
CA GLU M 153 39.27 81.71 -31.32
C GLU M 153 38.27 81.48 -32.45
N ALA M 154 38.54 80.52 -33.34
CA ALA M 154 37.57 80.17 -34.36
C ALA M 154 36.44 79.34 -33.77
N MET M 155 36.77 78.39 -32.90
CA MET M 155 35.74 77.55 -32.32
C MET M 155 34.97 78.23 -31.21
N ARG M 156 35.47 79.36 -30.71
CA ARG M 156 34.72 80.19 -29.78
C ARG M 156 33.61 80.95 -30.50
N SER M 157 33.74 81.16 -31.81
CA SER M 157 32.75 81.92 -32.56
C SER M 157 31.47 81.12 -32.73
N GLU M 158 31.58 79.88 -33.20
CA GLU M 158 30.42 79.02 -33.42
C GLU M 158 29.94 78.32 -32.15
N MET M 159 30.49 78.71 -30.99
CA MET M 159 30.09 78.22 -29.66
C MET M 159 30.19 76.71 -29.55
N LEU M 160 31.33 76.17 -30.00
CA LEU M 160 31.64 74.76 -29.83
C LEU M 160 32.43 74.60 -28.54
N PRO M 161 31.89 73.91 -27.53
CA PRO M 161 32.67 73.71 -26.30
C PRO M 161 33.77 72.69 -26.49
N ALA M 162 34.91 73.12 -27.01
CA ALA M 162 36.03 72.25 -27.32
C ALA M 162 37.09 72.24 -26.23
N LEU M 163 36.84 72.87 -25.09
CA LEU M 163 37.72 72.76 -23.94
C LEU M 163 37.12 71.95 -22.81
N ALA M 164 35.83 72.14 -22.54
CA ALA M 164 35.14 71.32 -21.55
C ALA M 164 34.96 69.88 -22.01
N GLU M 165 35.13 69.61 -23.30
CA GLU M 165 35.22 68.25 -23.80
C GLU M 165 36.65 67.73 -23.81
N ASP M 166 37.51 68.30 -23.01
CA ASP M 166 38.83 67.80 -22.67
C ASP M 166 39.03 67.68 -21.17
N SER M 167 38.51 68.65 -20.40
CA SER M 167 38.63 68.59 -18.95
C SER M 167 37.77 67.47 -18.37
N GLU M 168 36.70 67.09 -19.06
CA GLU M 168 35.98 65.88 -18.73
C GLU M 168 36.52 64.66 -19.46
N GLU M 169 37.69 64.77 -20.05
CA GLU M 169 38.21 63.66 -20.84
C GLU M 169 39.63 63.27 -20.46
N ILE M 170 40.48 64.24 -20.13
CA ILE M 170 41.80 63.87 -19.62
C ILE M 170 41.69 63.41 -18.17
N GLU M 171 40.72 63.97 -17.45
CA GLU M 171 40.44 63.59 -16.07
C GLU M 171 40.04 62.13 -15.95
N PHE M 172 39.40 61.58 -16.97
CA PHE M 172 39.15 60.16 -16.98
C PHE M 172 40.43 59.36 -17.20
N THR M 173 41.29 59.83 -18.10
CA THR M 173 42.52 59.10 -18.38
C THR M 173 43.51 59.19 -17.24
N LEU M 174 43.42 60.25 -16.42
CA LEU M 174 44.27 60.37 -15.25
C LEU M 174 43.96 59.30 -14.21
N LEU M 175 42.68 59.06 -13.96
CA LEU M 175 42.29 58.00 -13.05
C LEU M 175 42.55 56.62 -13.66
N ASP M 176 42.47 56.51 -14.98
CA ASP M 176 42.57 55.20 -15.61
C ASP M 176 43.99 54.67 -15.66
N ASP M 177 45.01 55.51 -15.46
CA ASP M 177 46.37 55.02 -15.35
C ASP M 177 46.83 54.96 -13.90
N VAL M 178 45.91 55.17 -12.96
CA VAL M 178 46.12 54.68 -11.60
C VAL M 178 45.80 53.19 -11.54
N ASN M 179 44.83 52.74 -12.35
CA ASN M 179 44.49 51.32 -12.43
C ASN M 179 45.65 50.49 -12.97
N ASP M 180 46.43 51.04 -13.90
CA ASP M 180 47.63 50.36 -14.32
C ASP M 180 48.71 50.34 -13.25
N TYR M 181 48.58 51.17 -12.22
CA TYR M 181 49.46 51.10 -11.06
C TYR M 181 48.86 50.26 -9.94
N LEU M 182 47.55 50.37 -9.72
CA LEU M 182 46.91 49.59 -8.67
C LEU M 182 46.90 48.11 -9.01
N TRP M 183 46.61 47.76 -10.25
CA TRP M 183 46.44 46.36 -10.62
C TRP M 183 47.68 45.74 -11.25
N ASN M 184 48.64 46.54 -11.69
CA ASN M 184 49.85 45.97 -12.29
C ASN M 184 51.13 46.44 -11.65
N GLY M 185 51.14 47.61 -11.01
CA GLY M 185 52.32 48.07 -10.31
C GLY M 185 53.42 48.53 -11.23
N ASP M 186 54.54 48.89 -10.62
CA ASP M 186 55.67 49.44 -11.36
C ASP M 186 56.93 49.26 -10.54
N ALA M 187 57.96 48.68 -11.16
CA ALA M 187 59.29 48.59 -10.53
C ALA M 187 60.16 49.77 -10.96
N LYS M 188 59.62 50.96 -10.71
CA LYS M 188 60.27 52.22 -11.08
C LYS M 188 60.24 53.26 -9.97
N LEU M 189 59.33 53.13 -9.01
CA LEU M 189 59.14 54.09 -7.92
C LEU M 189 59.43 53.38 -6.61
N LYS M 190 60.68 53.47 -6.15
CA LYS M 190 61.13 52.79 -4.94
C LYS M 190 62.02 53.72 -4.15
N VAL M 191 61.69 53.95 -2.88
CA VAL M 191 62.50 54.86 -2.08
C VAL M 191 63.59 54.11 -1.35
N ASP M 192 63.23 53.23 -0.41
CA ASP M 192 64.21 52.36 0.23
C ASP M 192 63.91 50.89 -0.05
N THR M 193 62.73 50.42 0.35
CA THR M 193 62.25 49.08 0.04
C THR M 193 60.76 49.10 -0.26
N ALA M 194 60.17 50.28 -0.45
CA ALA M 194 58.72 50.42 -0.55
C ALA M 194 58.29 50.45 -2.01
N VAL M 195 58.47 49.32 -2.68
CA VAL M 195 57.87 49.10 -3.99
C VAL M 195 56.39 48.76 -3.78
N TRP M 196 55.62 48.77 -4.85
CA TRP M 196 54.26 48.27 -4.77
C TRP M 196 54.05 47.00 -5.57
N GLY M 197 54.51 46.94 -6.80
CA GLY M 197 54.50 45.70 -7.55
C GLY M 197 53.19 45.33 -8.22
N GLY M 198 52.06 45.73 -7.65
CA GLY M 198 50.78 45.46 -8.25
C GLY M 198 50.00 44.39 -7.50
N LEU M 199 48.67 44.46 -7.62
CA LEU M 199 47.78 43.55 -6.90
C LEU M 199 47.82 42.13 -7.41
N LYS M 200 48.52 41.85 -8.50
CA LYS M 200 48.64 40.47 -8.98
C LYS M 200 50.09 40.01 -9.09
N ALA M 201 51.04 40.74 -8.50
CA ALA M 201 52.42 40.27 -8.46
C ALA M 201 53.12 40.60 -7.15
N ASP M 202 52.45 41.18 -6.17
CA ASP M 202 53.11 41.63 -4.96
C ASP M 202 53.41 40.46 -4.03
N ALA M 203 54.37 40.67 -3.15
CA ALA M 203 54.66 39.74 -2.07
C ALA M 203 53.80 39.99 -0.83
N SER M 204 52.94 41.00 -0.87
CA SER M 204 51.99 41.26 0.20
C SER M 204 50.60 40.77 -0.16
N VAL M 205 50.48 39.95 -1.20
CA VAL M 205 49.21 39.43 -1.70
C VAL M 205 49.31 37.91 -1.79
N ALA M 206 48.37 37.21 -1.17
CA ALA M 206 48.40 35.75 -1.16
C ALA M 206 48.00 35.21 -2.52
N ALA M 207 48.88 34.41 -3.12
CA ALA M 207 48.64 33.82 -4.42
C ALA M 207 47.98 32.46 -4.23
N TYR M 208 46.86 32.25 -4.90
CA TYR M 208 46.13 30.99 -4.84
C TYR M 208 45.71 30.59 -6.23
N SER M 209 46.09 29.38 -6.63
CA SER M 209 45.82 28.88 -7.98
C SER M 209 44.47 28.19 -8.01
N LEU M 210 43.61 28.61 -8.93
CA LEU M 210 42.33 27.94 -9.14
C LEU M 210 42.53 26.66 -9.92
N GLY M 211 41.68 25.67 -9.63
CA GLY M 211 41.78 24.39 -10.31
C GLY M 211 40.78 24.25 -11.44
N ALA M 212 39.54 24.63 -11.18
CA ALA M 212 38.47 24.51 -12.16
C ALA M 212 38.20 25.86 -12.81
N ASP M 213 37.97 25.84 -14.12
CA ASP M 213 37.71 27.05 -14.86
C ASP M 213 36.31 27.57 -14.52
N LEU M 214 36.24 28.80 -14.01
CA LEU M 214 34.98 29.37 -13.54
C LEU M 214 34.14 29.94 -14.67
N THR M 215 34.56 29.81 -15.92
CA THR M 215 33.76 30.26 -17.05
C THR M 215 32.92 29.15 -17.66
N THR M 216 33.27 27.88 -17.42
CA THR M 216 32.55 26.76 -18.00
C THR M 216 32.00 25.79 -16.96
N ALA M 217 32.27 26.03 -15.69
CA ALA M 217 31.86 25.09 -14.65
C ALA M 217 30.38 25.23 -14.35
N THR M 218 29.85 24.24 -13.62
CA THR M 218 28.44 24.20 -13.27
C THR M 218 28.18 25.05 -12.03
N GLU M 219 27.00 24.92 -11.45
CA GLU M 219 26.71 25.66 -10.23
C GLU M 219 27.37 25.03 -9.01
N ALA M 220 27.62 23.73 -9.03
CA ALA M 220 28.16 23.07 -7.85
C ALA M 220 29.66 23.29 -7.70
N GLN M 221 30.40 23.34 -8.82
CA GLN M 221 31.83 23.55 -8.74
C GLN M 221 32.20 25.00 -8.47
N VAL M 222 31.24 25.92 -8.54
CA VAL M 222 31.53 27.31 -8.24
C VAL M 222 31.66 27.51 -6.73
N VAL M 223 30.66 27.06 -5.97
CA VAL M 223 30.70 27.24 -4.53
C VAL M 223 31.72 26.30 -3.89
N ALA M 224 32.03 25.18 -4.55
CA ALA M 224 33.09 24.31 -4.06
C ALA M 224 34.47 24.88 -4.28
N GLU M 225 34.63 25.83 -5.20
CA GLU M 225 35.91 26.47 -5.43
C GLU M 225 35.88 27.96 -5.13
N LEU M 226 34.81 28.44 -4.50
CA LEU M 226 34.83 29.77 -3.92
C LEU M 226 35.10 29.73 -2.42
N LEU M 227 34.75 28.63 -1.76
CA LEU M 227 35.11 28.45 -0.36
C LEU M 227 36.57 28.09 -0.21
N ALA M 228 37.17 27.41 -1.19
CA ALA M 228 38.59 27.14 -1.15
C ALA M 228 39.43 28.39 -1.36
N LEU M 229 38.83 29.45 -1.90
CA LEU M 229 39.48 30.76 -1.96
C LEU M 229 39.31 31.54 -0.66
N LEU M 230 38.12 31.47 -0.05
CA LEU M 230 37.88 32.21 1.18
C LEU M 230 38.62 31.60 2.36
N ASP M 231 38.98 30.34 2.30
CA ASP M 231 39.71 29.70 3.39
C ASP M 231 41.21 29.93 3.32
N VAL M 232 41.68 30.82 2.45
CA VAL M 232 43.03 31.35 2.56
C VAL M 232 42.98 32.71 3.26
N LEU M 233 41.86 33.01 3.90
CA LEU M 233 41.72 34.19 4.74
C LEU M 233 41.16 33.86 6.13
N ARG M 234 40.42 32.78 6.26
CA ARG M 234 39.88 32.38 7.56
C ARG M 234 40.71 31.31 8.24
N ILE M 235 41.47 30.51 7.50
CA ILE M 235 42.15 29.37 8.09
C ILE M 235 43.66 29.60 8.12
N THR M 236 44.29 29.72 6.95
CA THR M 236 45.73 29.80 6.91
C THR M 236 46.27 31.22 7.05
N ASN M 237 45.40 32.20 7.27
CA ASN M 237 45.85 33.56 7.49
C ASN M 237 45.10 34.26 8.60
N LYS M 238 44.14 33.60 9.25
CA LYS M 238 43.53 33.99 10.52
C LYS M 238 42.77 35.32 10.47
N LYS M 239 42.49 35.86 9.29
CA LYS M 239 41.83 37.15 9.22
C LYS M 239 40.32 36.98 9.39
N SER M 240 39.66 38.04 9.83
CA SER M 240 38.23 38.02 10.07
C SER M 240 37.61 39.29 9.50
N GLY M 241 36.30 39.43 9.71
CA GLY M 241 35.57 40.57 9.25
C GLY M 241 34.89 40.33 7.92
N PRO M 242 34.05 41.29 7.49
CA PRO M 242 33.31 41.12 6.24
C PRO M 242 34.19 41.28 5.00
N PHE M 243 34.23 40.23 4.19
CA PHE M 243 35.02 40.23 2.97
C PHE M 243 34.22 40.82 1.83
N GLU M 244 34.89 41.03 0.70
CA GLU M 244 34.21 41.43 -0.52
C GLU M 244 34.98 40.93 -1.72
N LEU M 245 34.26 40.68 -2.80
CA LEU M 245 34.75 39.94 -3.96
C LEU M 245 34.63 40.80 -5.21
N TYR M 246 35.59 40.64 -6.12
CA TYR M 246 35.59 41.35 -7.39
C TYR M 246 35.88 40.36 -8.52
N ILE M 247 35.04 40.39 -9.55
CA ILE M 247 35.06 39.38 -10.60
C ILE M 247 35.40 40.02 -11.93
N SER M 248 35.74 39.16 -12.89
CA SER M 248 35.95 39.57 -14.27
C SER M 248 34.63 40.00 -14.90
N PRO M 249 34.66 40.75 -16.00
CA PRO M 249 33.42 40.96 -16.76
C PRO M 249 32.90 39.69 -17.39
N GLN M 250 33.79 38.79 -17.79
CA GLN M 250 33.36 37.57 -18.45
C GLN M 250 32.72 36.59 -17.48
N ILE M 251 33.20 36.53 -16.25
CA ILE M 251 32.63 35.61 -15.27
C ILE M 251 31.28 36.12 -14.79
N MET M 252 31.10 37.44 -14.70
CA MET M 252 29.79 37.99 -14.36
C MET M 252 28.75 37.71 -15.43
N SER M 253 29.17 37.51 -16.68
CA SER M 253 28.25 37.05 -17.72
C SER M 253 27.81 35.62 -17.45
N ASN M 254 28.77 34.71 -17.29
CA ASN M 254 28.47 33.29 -17.12
C ASN M 254 27.82 32.96 -15.80
N TRP M 255 27.83 33.86 -14.82
CA TRP M 255 27.10 33.65 -13.59
C TRP M 255 25.69 34.19 -13.65
N GLN M 256 25.11 34.26 -14.84
CA GLN M 256 23.73 34.65 -15.02
C GLN M 256 22.89 33.54 -15.62
N LYS M 257 23.51 32.47 -16.11
CA LYS M 257 22.84 31.44 -16.89
C LYS M 257 22.09 30.47 -15.98
N LEU M 258 21.68 29.34 -16.54
CA LEU M 258 20.85 28.38 -15.83
C LEU M 258 21.64 27.67 -14.74
N ALA M 259 20.96 27.37 -13.63
CA ALA M 259 21.63 26.81 -12.45
C ALA M 259 22.09 25.37 -12.71
N GLY M 260 21.14 24.48 -12.97
CA GLY M 260 21.44 23.07 -13.13
C GLY M 260 21.16 22.23 -11.91
N ALA M 261 20.83 22.84 -10.78
CA ALA M 261 20.48 22.11 -9.57
C ALA M 261 19.09 22.41 -9.06
N ASN M 262 18.72 23.69 -8.95
CA ASN M 262 17.43 24.06 -8.37
C ASN M 262 16.34 23.77 -9.37
N THR M 263 15.65 22.65 -9.18
CA THR M 263 14.57 22.24 -10.08
C THR M 263 13.22 22.69 -9.52
N ASN M 264 13.10 24.01 -9.35
CA ASN M 264 11.82 24.63 -9.01
C ASN M 264 11.91 26.06 -9.53
N GLY M 265 11.25 26.31 -10.66
CA GLY M 265 11.39 27.62 -11.25
C GLY M 265 12.76 27.75 -11.91
N PHE M 266 13.17 29.00 -12.09
CA PHE M 266 14.45 29.31 -12.73
C PHE M 266 15.19 30.33 -11.87
N MET M 267 16.39 29.95 -11.43
CA MET M 267 17.25 30.87 -10.72
C MET M 267 18.67 30.73 -11.25
N ASN M 268 19.45 31.79 -11.10
CA ASN M 268 20.78 31.91 -11.69
C ASN M 268 21.86 31.67 -10.64
N ILE M 269 23.09 31.51 -11.12
CA ILE M 269 24.21 31.15 -10.26
C ILE M 269 24.55 32.27 -9.27
N MET M 270 24.37 33.52 -9.69
CA MET M 270 24.62 34.65 -8.79
C MET M 270 23.61 34.67 -7.64
N ALA M 271 22.40 34.16 -7.86
CA ALA M 271 21.45 34.01 -6.77
C ALA M 271 21.72 32.80 -5.89
N ALA M 272 22.72 31.98 -6.25
CA ALA M 272 23.16 30.89 -5.39
C ALA M 272 24.40 31.24 -4.58
N VAL M 273 25.31 32.03 -5.15
CA VAL M 273 26.52 32.42 -4.45
C VAL M 273 26.19 33.36 -3.30
N ARG M 274 25.33 34.35 -3.54
CA ARG M 274 24.91 35.25 -2.47
C ARG M 274 23.71 34.71 -1.70
N ALA M 275 23.45 33.41 -1.78
CA ALA M 275 22.56 32.73 -0.87
C ALA M 275 23.24 31.67 -0.03
N LEU M 276 24.29 31.04 -0.55
CA LEU M 276 25.07 30.07 0.21
C LEU M 276 26.20 30.71 1.01
N ILE M 277 26.83 31.75 0.48
CA ILE M 277 27.96 32.40 1.14
C ILE M 277 27.59 33.83 1.49
N PRO M 278 27.01 34.08 2.66
CA PRO M 278 26.72 35.46 3.06
C PRO M 278 27.92 36.19 3.67
N GLU M 279 29.11 35.57 3.62
CA GLU M 279 30.31 36.25 4.08
C GLU M 279 30.65 37.41 3.16
N PHE M 280 30.43 37.25 1.86
CA PHE M 280 30.74 38.28 0.88
C PHE M 280 29.77 39.45 1.05
N SER M 281 30.27 40.54 1.61
CA SER M 281 29.42 41.69 1.84
C SER M 281 29.09 42.41 0.55
N VAL M 282 30.04 42.47 -0.38
CA VAL M 282 29.89 43.19 -1.63
C VAL M 282 30.49 42.34 -2.75
N VAL M 283 29.69 42.04 -3.77
CA VAL M 283 30.15 41.33 -4.95
C VAL M 283 29.86 42.23 -6.15
N GLU M 284 30.91 42.75 -6.77
CA GLU M 284 30.81 43.59 -7.95
C GLU M 284 31.70 43.04 -9.04
N ALA M 285 31.53 43.58 -10.24
CA ALA M 285 32.42 43.28 -11.35
C ALA M 285 33.45 44.39 -11.50
N ASP M 286 34.63 44.01 -12.00
CA ASP M 286 35.66 45.01 -12.25
C ASP M 286 36.40 44.66 -13.53
N SER M 287 36.60 45.66 -14.38
CA SER M 287 37.15 45.46 -15.71
C SER M 287 38.65 45.22 -15.72
N ALA M 288 39.33 45.38 -14.59
CA ALA M 288 40.78 45.21 -14.57
C ALA M 288 41.18 43.75 -14.68
N LEU M 289 40.31 42.85 -14.23
CA LEU M 289 40.53 41.42 -14.46
C LEU M 289 39.97 41.03 -15.82
N GLN M 290 40.56 39.99 -16.41
CA GLN M 290 40.06 39.50 -17.69
C GLN M 290 40.29 38.01 -17.79
N GLY M 291 39.21 37.25 -17.91
CA GLY M 291 39.26 35.81 -18.08
C GLY M 291 38.93 35.06 -16.81
N ASN M 292 39.77 34.10 -16.47
CA ASN M 292 39.57 33.27 -15.28
C ASN M 292 40.46 33.78 -14.15
N GLN M 293 40.03 34.88 -13.53
CA GLN M 293 40.75 35.42 -12.39
C GLN M 293 39.81 36.22 -11.51
N VAL M 294 39.94 36.05 -10.19
CA VAL M 294 39.14 36.74 -9.20
C VAL M 294 40.06 37.29 -8.12
N LEU M 295 39.46 38.05 -7.19
CA LEU M 295 40.21 38.63 -6.09
C LEU M 295 39.28 38.86 -4.91
N CYS M 296 39.66 38.35 -3.74
CA CYS M 296 38.91 38.53 -2.51
C CYS M 296 39.83 39.08 -1.44
N SER M 297 39.35 40.10 -0.73
CA SER M 297 40.17 40.78 0.27
C SER M 297 39.27 41.57 1.21
N VAL M 298 39.91 42.23 2.17
CA VAL M 298 39.25 43.15 3.09
C VAL M 298 39.58 44.57 2.64
N VAL M 299 38.61 45.46 2.77
CA VAL M 299 38.85 46.88 2.56
C VAL M 299 38.66 47.59 3.89
N GLY M 300 39.20 48.79 3.98
CA GLY M 300 39.25 49.54 5.21
C GLY M 300 40.67 49.71 5.70
N THR M 301 40.79 50.30 6.90
CA THR M 301 42.10 50.62 7.44
C THR M 301 42.85 49.39 7.92
N ARG M 302 42.17 48.27 8.12
CA ARG M 302 42.79 47.03 8.57
C ARG M 302 43.04 46.07 7.41
N GLY M 303 42.89 46.52 6.18
CA GLY M 303 43.18 45.69 5.03
C GLY M 303 43.76 46.48 3.87
N LEU M 304 43.17 46.33 2.70
CA LEU M 304 43.58 47.11 1.54
C LEU M 304 43.12 48.55 1.70
N HIS M 305 44.06 49.48 1.70
CA HIS M 305 43.74 50.88 1.97
C HIS M 305 44.59 51.77 1.08
N ALA M 306 44.21 53.04 1.00
CA ALA M 306 44.89 54.01 0.16
C ALA M 306 45.08 55.30 0.96
N LYS M 307 46.16 56.01 0.65
CA LYS M 307 46.46 57.27 1.29
C LYS M 307 46.71 58.32 0.22
N ILE M 308 45.94 59.40 0.27
CA ILE M 308 45.97 60.44 -0.76
C ILE M 308 46.99 61.49 -0.35
N GLY M 309 47.98 61.73 -1.20
CA GLY M 309 48.92 62.80 -0.98
C GLY M 309 48.30 64.16 -1.25
N MET M 310 47.95 64.41 -2.51
CA MET M 310 47.28 65.64 -2.90
C MET M 310 46.06 65.27 -3.74
N MET M 311 44.92 65.86 -3.40
CA MET M 311 43.70 65.57 -4.14
C MET M 311 43.77 66.19 -5.53
N MET M 312 42.87 65.74 -6.40
CA MET M 312 42.94 66.07 -7.82
C MET M 312 42.58 67.54 -8.04
N SER M 313 43.56 68.32 -8.50
CA SER M 313 43.38 69.74 -8.75
C SER M 313 43.82 70.08 -10.15
N SER M 314 43.36 71.23 -10.64
CA SER M 314 43.62 71.65 -12.00
C SER M 314 43.81 73.17 -12.03
N TYR M 315 44.63 73.62 -12.98
CA TYR M 315 44.92 75.04 -13.14
C TYR M 315 45.29 75.30 -14.58
N GLN M 316 45.40 76.58 -14.92
CA GLN M 316 45.68 77.01 -16.28
C GLN M 316 47.03 77.72 -16.32
N VAL M 317 47.89 77.31 -17.24
CA VAL M 317 49.14 78.02 -17.50
C VAL M 317 48.81 79.39 -18.07
N PRO M 318 49.25 80.48 -17.44
CA PRO M 318 48.81 81.81 -17.88
C PRO M 318 49.46 82.23 -19.18
N ARG M 319 48.72 83.02 -19.95
CA ARG M 319 49.14 83.47 -21.26
C ARG M 319 49.82 84.83 -21.15
N VAL M 320 51.02 84.94 -21.72
CA VAL M 320 51.81 86.16 -21.62
C VAL M 320 51.60 87.05 -22.82
N MET M 321 51.93 86.55 -24.01
CA MET M 321 51.79 87.31 -25.25
C MET M 321 50.36 87.22 -25.76
N HIS M 322 50.14 87.63 -27.00
CA HIS M 322 48.82 87.53 -27.61
C HIS M 322 48.60 86.24 -28.35
N ASN M 323 49.67 85.51 -28.68
CA ASN M 323 49.56 84.25 -29.39
C ASN M 323 50.10 83.09 -28.55
N ASP M 324 49.94 83.15 -27.25
CA ASP M 324 50.30 82.03 -26.41
C ASP M 324 49.19 80.98 -26.47
N PRO M 325 49.53 79.72 -26.72
CA PRO M 325 48.50 78.68 -26.79
C PRO M 325 47.89 78.40 -25.43
N TYR M 326 46.64 77.95 -25.46
CA TYR M 326 45.92 77.62 -24.25
C TYR M 326 46.38 76.28 -23.74
N GLN M 327 46.65 76.19 -22.43
CA GLN M 327 47.16 74.97 -21.83
C GLN M 327 46.59 74.82 -20.43
N PHE M 328 46.27 73.59 -20.05
CA PHE M 328 45.73 73.27 -18.74
C PHE M 328 46.41 72.01 -18.22
N VAL M 329 46.54 71.90 -16.91
CA VAL M 329 47.30 70.83 -16.27
C VAL M 329 46.46 70.24 -15.13
N LYS M 330 46.37 68.91 -15.10
CA LYS M 330 45.75 68.20 -13.98
C LYS M 330 46.77 67.24 -13.37
N TRP M 331 46.81 67.17 -12.04
CA TRP M 331 47.79 66.36 -11.34
C TRP M 331 47.15 65.74 -10.10
N PHE M 332 47.79 64.69 -9.58
CA PHE M 332 47.19 63.82 -8.57
C PHE M 332 48.29 62.98 -7.93
N ALA M 333 48.11 62.63 -6.66
CA ALA M 333 49.13 61.87 -5.94
C ALA M 333 48.51 61.05 -4.82
N ALA M 334 48.71 59.73 -4.87
CA ALA M 334 48.21 58.81 -3.85
C ALA M 334 48.99 57.49 -3.95
N GLY M 335 48.80 56.64 -2.94
CA GLY M 335 49.52 55.37 -2.88
C GLY M 335 48.71 54.29 -2.21
N PHE M 336 49.12 53.04 -2.45
CA PHE M 336 48.37 51.86 -2.02
C PHE M 336 49.25 50.90 -1.25
N GLN M 337 48.63 50.18 -0.31
CA GLN M 337 49.28 49.16 0.51
C GLN M 337 48.21 48.29 1.15
N SER M 338 48.51 47.00 1.29
CA SER M 338 47.65 46.04 1.97
C SER M 338 48.27 45.65 3.30
N ASN M 339 47.42 45.42 4.31
CA ASN M 339 47.92 45.16 5.65
C ASN M 339 48.48 43.76 5.80
N ASN M 340 49.59 43.65 6.51
CA ASN M 340 50.18 42.37 6.87
C ASN M 340 50.35 42.31 8.38
N SER M 341 50.36 41.09 8.91
CA SER M 341 50.66 40.89 10.32
C SER M 341 52.16 40.80 10.49
N PHE M 342 52.60 40.62 11.75
CA PHE M 342 54.03 40.54 12.03
C PHE M 342 54.64 39.27 11.47
N SER M 343 54.00 38.12 11.72
CA SER M 343 54.56 36.85 11.29
C SER M 343 54.45 36.66 9.79
N GLY M 344 53.54 37.36 9.12
CA GLY M 344 53.38 37.20 7.69
C GLY M 344 52.02 36.65 7.31
N LEU M 345 51.01 37.01 8.09
CA LEU M 345 49.64 36.62 7.78
C LEU M 345 49.04 37.69 6.88
N LYS M 346 48.83 37.34 5.61
CA LYS M 346 48.41 38.30 4.60
C LYS M 346 46.93 38.64 4.78
N SER M 347 46.43 39.55 3.93
CA SER M 347 45.03 39.92 4.03
C SER M 347 44.31 40.02 2.69
N THR M 348 45.00 39.80 1.56
CA THR M 348 44.37 39.82 0.25
C THR M 348 44.74 38.54 -0.49
N VAL M 349 43.78 37.98 -1.22
CA VAL M 349 44.00 36.80 -2.04
C VAL M 349 43.65 37.13 -3.48
N TYR M 350 44.57 36.83 -4.39
CA TYR M 350 44.36 37.02 -5.83
C TYR M 350 44.23 35.66 -6.47
N GLY M 351 43.05 35.39 -7.03
CA GLY M 351 42.76 34.09 -7.59
C GLY M 351 43.28 33.91 -9.01
N SER M 352 44.32 33.09 -9.15
CA SER M 352 44.97 32.74 -10.43
C SER M 352 45.46 33.94 -11.21
N MET N 59 -35.42 42.16 -59.83
CA MET N 59 -34.78 41.45 -58.74
C MET N 59 -33.74 40.46 -59.27
N GLN N 60 -34.16 39.20 -59.40
CA GLN N 60 -33.28 38.13 -59.76
C GLN N 60 -33.29 37.92 -61.27
N ARG N 61 -32.71 36.79 -61.70
CA ARG N 61 -32.51 36.44 -63.10
C ARG N 61 -32.92 34.99 -63.28
N VAL N 62 -34.20 34.68 -63.00
CA VAL N 62 -34.79 33.41 -62.56
C VAL N 62 -34.21 32.13 -63.17
N ASP N 63 -33.64 32.23 -64.37
CA ASP N 63 -32.71 31.22 -64.87
C ASP N 63 -31.54 30.97 -63.91
N GLU N 64 -31.14 31.98 -63.14
CA GLU N 64 -30.11 31.86 -62.13
C GLU N 64 -30.67 32.11 -60.72
N MET N 65 -31.84 31.54 -60.42
CA MET N 65 -32.43 31.64 -59.09
C MET N 65 -32.03 30.48 -58.20
N TYR N 66 -30.92 29.82 -58.48
CA TYR N 66 -30.51 28.63 -57.77
C TYR N 66 -29.38 28.87 -56.79
N ARG N 67 -28.90 30.10 -56.63
CA ARG N 67 -27.78 30.35 -55.74
C ARG N 67 -28.06 31.60 -54.90
N LEU N 68 -27.33 31.68 -53.78
CA LEU N 68 -27.47 32.77 -52.82
C LEU N 68 -26.10 33.36 -52.57
N VAL N 69 -25.99 34.68 -52.66
CA VAL N 69 -24.72 35.37 -52.49
C VAL N 69 -24.74 36.19 -51.22
N ASP N 70 -23.56 36.41 -50.66
CA ASP N 70 -23.36 37.23 -49.47
C ASP N 70 -22.17 38.14 -49.74
N SER N 71 -22.45 39.37 -50.17
CA SER N 71 -21.42 40.28 -50.64
C SER N 71 -20.93 41.12 -49.46
N THR N 72 -19.93 40.60 -48.76
CA THR N 72 -19.31 41.32 -47.66
C THR N 72 -17.80 41.47 -47.80
N GLY N 73 -17.12 40.50 -48.40
CA GLY N 73 -15.68 40.59 -48.59
C GLY N 73 -14.90 40.20 -47.35
N THR N 74 -13.75 39.55 -47.53
CA THR N 74 -12.94 39.12 -46.40
C THR N 74 -11.59 39.82 -46.36
N GLY N 75 -10.77 39.67 -47.38
CA GLY N 75 -9.42 40.16 -47.34
C GLY N 75 -8.47 39.16 -46.72
N GLU N 76 -7.21 39.55 -46.62
CA GLU N 76 -6.17 38.72 -46.05
C GLU N 76 -5.60 39.40 -44.81
N ASP N 77 -5.20 38.59 -43.83
CA ASP N 77 -4.43 39.12 -42.73
C ASP N 77 -2.95 39.06 -43.09
N ARG N 78 -2.16 39.89 -42.44
CA ARG N 78 -0.84 40.21 -42.98
C ARG N 78 0.17 39.12 -42.63
N ASP N 79 0.51 39.01 -41.35
CA ASP N 79 1.49 38.03 -40.85
C ASP N 79 1.44 38.05 -39.33
N TRP N 80 2.36 37.32 -38.72
CA TRP N 80 2.49 37.24 -37.27
C TRP N 80 3.71 38.06 -36.86
N GLY N 81 3.49 39.18 -36.15
CA GLY N 81 4.62 40.04 -35.86
C GLY N 81 5.13 40.74 -37.10
N ASN N 82 4.25 41.47 -37.79
CA ASN N 82 4.62 42.01 -39.09
C ASN N 82 5.53 43.23 -38.97
N GLN N 83 5.07 44.28 -38.30
CA GLN N 83 5.77 45.56 -38.26
C GLN N 83 5.99 46.01 -36.83
N THR N 84 6.53 45.10 -36.01
CA THR N 84 6.72 45.44 -34.60
C THR N 84 7.90 46.38 -34.40
N LEU N 85 8.99 46.18 -35.15
CA LEU N 85 10.14 47.06 -35.00
C LEU N 85 9.88 48.43 -35.61
N LEU N 86 9.33 48.45 -36.83
CA LEU N 86 9.05 49.71 -37.51
C LEU N 86 7.96 50.50 -36.81
N GLY N 87 7.06 49.83 -36.10
CA GLY N 87 6.07 50.54 -35.31
C GLY N 87 6.65 51.26 -34.12
N ARG N 88 7.84 50.86 -33.66
CA ARG N 88 8.49 51.55 -32.56
C ARG N 88 9.41 52.65 -33.05
N LEU N 89 10.04 52.48 -34.21
CA LEU N 89 10.94 53.50 -34.73
C LEU N 89 10.16 54.73 -35.20
N LEU N 90 9.07 54.53 -35.92
CA LEU N 90 8.29 55.64 -36.45
C LEU N 90 7.44 56.33 -35.41
N SER N 91 7.40 55.84 -34.18
CA SER N 91 6.70 56.51 -33.11
C SER N 91 7.63 57.38 -32.26
N GLN N 92 8.94 57.15 -32.34
CA GLN N 92 9.92 57.96 -31.64
C GLN N 92 10.74 58.82 -32.58
N ALA N 93 10.27 59.00 -33.81
CA ALA N 93 11.08 59.63 -34.84
C ALA N 93 11.06 61.15 -34.70
N GLN N 94 12.16 61.77 -35.13
CA GLN N 94 12.27 63.21 -35.22
C GLN N 94 11.84 63.66 -36.60
N THR N 95 11.10 64.75 -36.66
CA THR N 95 10.56 65.27 -37.92
C THR N 95 11.43 66.40 -38.42
N VAL N 96 12.00 66.23 -39.61
CA VAL N 96 12.80 67.25 -40.25
C VAL N 96 12.04 67.78 -41.45
N SER N 97 12.55 68.85 -42.06
CA SER N 97 11.90 69.42 -43.22
C SER N 97 12.25 68.65 -44.47
N ILE N 98 11.33 68.69 -45.45
CA ILE N 98 11.53 68.03 -46.73
C ILE N 98 12.57 68.81 -47.53
N GLY N 99 13.40 68.09 -48.30
CA GLY N 99 14.48 68.69 -49.05
C GLY N 99 15.84 68.40 -48.46
N LYS N 100 15.91 68.27 -47.15
CA LYS N 100 17.15 67.89 -46.49
C LYS N 100 17.45 66.43 -46.79
N LYS N 101 18.32 66.18 -47.75
CA LYS N 101 18.59 64.82 -48.18
C LYS N 101 19.54 64.10 -47.23
N VAL N 102 20.51 64.79 -46.66
CA VAL N 102 21.51 64.20 -45.77
C VAL N 102 21.43 64.89 -44.42
N ILE N 103 21.53 64.12 -43.34
CA ILE N 103 21.63 64.65 -41.99
C ILE N 103 22.89 64.09 -41.36
N GLU N 104 23.79 64.98 -40.94
CA GLU N 104 25.09 64.60 -40.41
C GLU N 104 25.13 64.80 -38.89
N SER N 105 26.04 64.09 -38.23
CA SER N 105 26.17 64.18 -36.79
C SER N 105 27.62 63.94 -36.40
N ARG N 106 28.05 64.61 -35.33
CA ARG N 106 29.46 64.65 -34.92
C ARG N 106 29.71 63.72 -33.75
N ARG N 107 30.73 62.87 -33.88
CA ARG N 107 31.15 61.94 -32.84
C ARG N 107 32.64 62.16 -32.61
N TYR N 108 33.02 62.70 -31.45
CA TYR N 108 34.43 62.99 -31.21
C TYR N 108 35.12 61.78 -30.59
N SER N 109 36.35 61.96 -30.12
CA SER N 109 37.18 60.86 -29.69
C SER N 109 37.72 61.04 -28.27
N GLU N 110 38.67 60.19 -27.88
CA GLU N 110 39.29 60.24 -26.57
C GLU N 110 40.78 60.47 -26.72
N ALA N 111 41.38 61.07 -25.68
CA ALA N 111 42.79 61.42 -25.72
C ALA N 111 43.32 61.55 -24.30
N GLY N 112 44.64 61.72 -24.20
CA GLY N 112 45.28 61.92 -22.92
C GLY N 112 46.51 61.06 -22.73
N ARG N 113 47.64 61.68 -22.39
CA ARG N 113 48.86 60.99 -22.04
C ARG N 113 49.18 61.27 -20.58
N ILE N 114 49.72 60.27 -19.88
CA ILE N 114 50.02 60.39 -18.46
C ILE N 114 51.35 59.71 -18.19
N ASN N 115 52.24 60.41 -17.48
CA ASN N 115 53.49 59.83 -17.00
C ASN N 115 53.49 59.82 -15.48
N ARG N 116 54.03 58.76 -14.91
CA ARG N 116 54.17 58.63 -13.46
C ARG N 116 55.52 59.19 -13.05
N SER N 117 55.53 59.96 -11.98
CA SER N 117 56.75 60.59 -11.50
C SER N 117 56.95 60.28 -10.03
N MET N 118 58.19 60.03 -9.64
CA MET N 118 58.53 59.88 -8.24
C MET N 118 58.85 61.21 -7.59
N SER N 119 59.55 62.09 -8.30
CA SER N 119 59.94 63.39 -7.78
C SER N 119 58.85 64.42 -7.94
N GLY N 120 58.11 64.38 -9.05
CA GLY N 120 57.11 65.38 -9.36
C GLY N 120 57.54 66.39 -10.39
N GLN N 121 58.81 66.41 -10.76
CA GLN N 121 59.34 67.38 -11.72
C GLN N 121 59.97 66.63 -12.87
N THR N 122 59.14 66.25 -13.83
CA THR N 122 59.59 65.85 -15.14
C THR N 122 58.57 66.37 -16.14
N ASP N 123 58.93 66.33 -17.41
CA ASP N 123 58.12 66.99 -18.43
C ASP N 123 56.82 66.24 -18.68
N ILE N 124 55.70 66.95 -18.55
CA ILE N 124 54.40 66.34 -18.65
C ILE N 124 53.84 66.59 -20.05
N ASP N 125 52.75 65.92 -20.38
CA ASP N 125 52.34 65.73 -21.77
C ASP N 125 50.96 66.27 -22.05
N MET N 126 50.76 66.78 -23.26
CA MET N 126 49.53 67.39 -23.72
C MET N 126 48.89 66.58 -24.84
N ASP N 127 47.59 66.77 -25.03
CA ASP N 127 46.86 66.17 -26.15
C ASP N 127 45.62 66.99 -26.43
N LYS N 128 44.84 66.54 -27.41
CA LYS N 128 43.64 67.24 -27.83
C LYS N 128 42.69 66.23 -28.45
N THR N 129 41.44 66.65 -28.63
CA THR N 129 40.37 65.76 -29.07
C THR N 129 40.12 65.93 -30.55
N LYS N 130 40.12 64.83 -31.30
CA LYS N 130 39.81 64.86 -32.73
C LYS N 130 38.30 64.84 -32.91
N SER N 131 37.85 64.78 -34.16
CA SER N 131 36.42 64.68 -34.46
C SER N 131 36.22 64.03 -35.81
N SER N 132 35.02 63.52 -36.01
CA SER N 132 34.62 62.92 -37.28
C SER N 132 33.09 63.00 -37.37
N TYR N 133 32.56 62.60 -38.52
CA TYR N 133 31.14 62.72 -38.78
C TYR N 133 30.58 61.42 -39.34
N GLN N 134 29.27 61.23 -39.17
CA GLN N 134 28.54 60.17 -39.83
C GLN N 134 27.23 60.74 -40.35
N LYS N 135 26.73 60.12 -41.42
CA LYS N 135 25.67 60.73 -42.20
C LYS N 135 24.61 59.70 -42.58
N MET N 136 23.35 60.13 -42.62
CA MET N 136 22.25 59.28 -43.06
C MET N 136 21.65 59.88 -44.33
N VAL N 137 20.52 59.33 -44.78
CA VAL N 137 19.92 59.75 -46.04
C VAL N 137 18.41 59.63 -45.92
N ILE N 138 17.68 60.47 -46.66
CA ILE N 138 16.22 60.53 -46.60
C ILE N 138 15.65 60.32 -48.00
N PRO N 139 15.20 59.11 -48.35
CA PRO N 139 14.53 58.92 -49.64
C PRO N 139 13.01 59.06 -49.54
N VAL N 140 12.34 59.00 -50.69
CA VAL N 140 10.90 59.23 -50.78
C VAL N 140 10.23 57.99 -51.38
N PHE N 141 9.19 57.50 -50.73
CA PHE N 141 8.38 56.38 -51.21
C PHE N 141 7.02 56.89 -51.65
N ASP N 142 6.40 56.21 -52.62
CA ASP N 142 5.11 56.63 -53.14
C ASP N 142 4.39 55.47 -53.77
N GLY N 143 3.06 55.60 -53.87
CA GLY N 143 2.23 54.59 -54.50
C GLY N 143 0.86 55.14 -54.83
N ALA N 144 0.19 54.52 -55.79
CA ALA N 144 -1.08 55.03 -56.28
C ALA N 144 -2.01 53.89 -56.63
N TYR N 145 -3.28 54.24 -56.89
CA TYR N 145 -4.30 53.27 -57.26
C TYR N 145 -5.42 54.00 -57.98
N GLY N 146 -6.16 53.26 -58.82
CA GLY N 146 -7.24 53.89 -59.56
C GLY N 146 -8.10 53.00 -60.45
N ARG N 147 -9.35 53.39 -60.63
CA ARG N 147 -10.33 52.67 -61.44
C ARG N 147 -10.81 53.56 -62.58
N ASP N 148 -11.63 52.97 -63.45
CA ASP N 148 -12.13 53.68 -64.63
C ASP N 148 -13.42 54.43 -64.29
N PHE N 149 -14.10 54.93 -65.32
CA PHE N 149 -15.27 55.78 -65.14
C PHE N 149 -16.57 54.99 -65.16
N ARG N 150 -16.72 54.06 -66.11
CA ARG N 150 -17.96 53.30 -66.21
C ARG N 150 -18.09 52.30 -65.08
N ASP N 151 -16.97 51.81 -64.53
CA ASP N 151 -17.02 50.84 -63.45
C ASP N 151 -17.45 51.49 -62.14
N TYR N 152 -16.80 52.59 -61.76
CA TYR N 152 -17.03 53.17 -60.44
C TYR N 152 -18.42 53.77 -60.33
N GLU N 153 -18.98 54.26 -61.43
CA GLU N 153 -20.37 54.70 -61.38
C GLU N 153 -21.33 53.53 -61.30
N ALA N 154 -20.93 52.35 -61.77
CA ALA N 154 -21.76 51.17 -61.60
C ALA N 154 -21.70 50.65 -60.17
N MET N 155 -20.50 50.64 -59.59
CA MET N 155 -20.34 50.13 -58.23
C MET N 155 -20.80 51.13 -57.18
N ARG N 156 -20.96 52.41 -57.54
CA ARG N 156 -21.45 53.36 -56.55
C ARG N 156 -22.95 53.19 -56.34
N SER N 157 -23.63 52.61 -57.33
CA SER N 157 -25.07 52.41 -57.24
C SER N 157 -25.42 51.32 -56.24
N GLU N 158 -24.80 50.15 -56.36
CA GLU N 158 -25.17 48.98 -55.58
C GLU N 158 -24.46 48.92 -54.23
N MET N 159 -23.82 50.01 -53.82
CA MET N 159 -23.23 50.18 -52.49
C MET N 159 -22.17 49.12 -52.18
N LEU N 160 -21.21 49.00 -53.10
CA LEU N 160 -20.04 48.17 -52.88
C LEU N 160 -18.86 49.07 -52.57
N PRO N 161 -18.23 48.96 -51.41
CA PRO N 161 -17.01 49.75 -51.15
C PRO N 161 -15.84 49.19 -51.93
N ALA N 162 -15.48 49.90 -53.00
CA ALA N 162 -14.30 49.55 -53.79
C ALA N 162 -13.19 50.57 -53.64
N LEU N 163 -13.44 51.68 -52.98
CA LEU N 163 -12.44 52.67 -52.66
C LEU N 163 -12.24 52.86 -51.17
N ALA N 164 -13.29 52.67 -50.36
CA ALA N 164 -13.16 52.81 -48.92
C ALA N 164 -12.33 51.69 -48.30
N GLU N 165 -12.16 50.57 -48.99
CA GLU N 165 -11.24 49.53 -48.56
C GLU N 165 -10.21 49.24 -49.65
N ASP N 166 -9.90 50.26 -50.45
CA ASP N 166 -8.72 50.26 -51.32
C ASP N 166 -7.67 51.23 -50.84
N SER N 167 -8.10 52.36 -50.26
CA SER N 167 -7.17 53.24 -49.57
C SER N 167 -6.57 52.54 -48.36
N GLU N 168 -7.34 51.68 -47.70
CA GLU N 168 -6.87 50.96 -46.53
C GLU N 168 -6.08 49.72 -46.88
N GLU N 169 -5.72 49.54 -48.14
CA GLU N 169 -4.91 48.40 -48.56
C GLU N 169 -3.56 48.81 -49.12
N ILE N 170 -3.50 49.89 -49.91
CA ILE N 170 -2.20 50.32 -50.44
C ILE N 170 -1.36 51.00 -49.38
N GLU N 171 -1.99 51.45 -48.28
CA GLU N 171 -1.25 51.93 -47.12
C GLU N 171 -0.40 50.83 -46.51
N PHE N 172 -0.87 49.58 -46.57
CA PHE N 172 -0.08 48.47 -46.07
C PHE N 172 1.15 48.24 -46.94
N THR N 173 0.96 48.08 -48.25
CA THR N 173 2.09 47.77 -49.11
C THR N 173 3.02 48.95 -49.32
N LEU N 174 2.60 50.16 -48.93
CA LEU N 174 3.53 51.27 -48.83
C LEU N 174 4.47 51.06 -47.66
N LEU N 175 3.91 50.95 -46.45
CA LEU N 175 4.71 50.79 -45.24
C LEU N 175 5.47 49.47 -45.19
N ASP N 176 5.02 48.46 -45.94
CA ASP N 176 5.76 47.22 -46.02
C ASP N 176 6.83 47.26 -47.11
N ASP N 177 6.96 48.38 -47.83
CA ASP N 177 8.09 48.57 -48.71
C ASP N 177 9.15 49.50 -48.14
N VAL N 178 8.78 50.33 -47.16
CA VAL N 178 9.78 50.88 -46.24
C VAL N 178 10.45 49.74 -45.48
N ASN N 179 9.65 48.76 -45.06
CA ASN N 179 10.15 47.61 -44.31
C ASN N 179 11.05 46.71 -45.14
N ASP N 180 10.97 46.79 -46.46
CA ASP N 180 11.97 46.13 -47.28
C ASP N 180 13.29 46.88 -47.23
N TYR N 181 13.23 48.22 -47.18
CA TYR N 181 14.43 49.05 -47.21
C TYR N 181 15.23 48.88 -45.93
N LEU N 182 14.54 48.76 -44.79
CA LEU N 182 15.22 48.64 -43.51
C LEU N 182 15.91 47.30 -43.35
N TRP N 183 15.30 46.23 -43.86
CA TRP N 183 15.86 44.90 -43.69
C TRP N 183 16.67 44.43 -44.89
N ASN N 184 16.60 45.11 -46.02
CA ASN N 184 17.38 44.62 -47.15
C ASN N 184 18.14 45.69 -47.92
N GLY N 185 17.84 46.97 -47.74
CA GLY N 185 18.79 48.00 -48.15
C GLY N 185 19.01 48.21 -49.62
N ASP N 186 18.05 48.83 -50.31
CA ASP N 186 18.21 49.17 -51.72
C ASP N 186 19.44 50.04 -51.96
N ALA N 187 20.44 49.49 -52.62
CA ALA N 187 21.72 50.17 -52.84
C ALA N 187 21.72 50.98 -54.12
N LYS N 188 20.74 51.89 -54.22
CA LYS N 188 20.60 52.79 -55.34
C LYS N 188 20.45 54.24 -54.90
N LEU N 189 20.34 54.48 -53.60
CA LEU N 189 20.07 55.81 -53.07
C LEU N 189 21.28 56.24 -52.24
N LYS N 190 22.21 56.94 -52.88
CA LYS N 190 23.45 57.37 -52.25
C LYS N 190 23.76 58.80 -52.68
N VAL N 191 23.96 59.69 -51.71
CA VAL N 191 24.22 61.08 -52.06
C VAL N 191 25.72 61.33 -52.18
N ASP N 192 26.45 61.20 -51.07
CA ASP N 192 27.91 61.27 -51.12
C ASP N 192 28.54 59.97 -50.65
N THR N 193 28.28 59.58 -49.41
CA THR N 193 28.69 58.29 -48.88
C THR N 193 27.61 57.69 -47.98
N ALA N 194 26.40 58.24 -48.02
CA ALA N 194 25.35 57.88 -47.07
C ALA N 194 24.42 56.83 -47.68
N VAL N 195 24.98 55.65 -47.91
CA VAL N 195 24.17 54.48 -48.22
C VAL N 195 23.55 53.97 -46.93
N TRP N 196 22.59 53.06 -47.04
CA TRP N 196 22.08 52.39 -45.85
C TRP N 196 22.42 50.90 -45.83
N GLY N 197 22.22 50.19 -46.93
CA GLY N 197 22.69 48.82 -47.02
C GLY N 197 21.80 47.77 -46.39
N GLY N 198 21.08 48.11 -45.33
CA GLY N 198 20.18 47.16 -44.70
C GLY N 198 20.70 46.68 -43.36
N LEU N 199 19.76 46.29 -42.49
CA LEU N 199 20.09 45.86 -41.13
C LEU N 199 20.82 44.54 -41.07
N LYS N 200 20.98 43.82 -42.18
CA LYS N 200 21.72 42.57 -42.16
C LYS N 200 22.89 42.57 -43.14
N ALA N 201 23.27 43.74 -43.68
CA ALA N 201 24.46 43.81 -44.50
C ALA N 201 25.26 45.09 -44.30
N ASP N 202 24.89 45.94 -43.36
CA ASP N 202 25.54 47.24 -43.21
C ASP N 202 26.89 47.09 -42.51
N ALA N 203 27.74 48.08 -42.71
CA ALA N 203 28.99 48.19 -41.97
C ALA N 203 28.81 48.94 -40.66
N SER N 204 27.60 49.41 -40.35
CA SER N 204 27.30 50.01 -39.07
C SER N 204 26.58 49.04 -38.15
N VAL N 205 26.58 47.76 -38.47
CA VAL N 205 25.89 46.72 -37.71
C VAL N 205 26.90 45.62 -37.40
N ALA N 206 27.02 45.26 -36.12
CA ALA N 206 27.98 44.25 -35.72
C ALA N 206 27.49 42.86 -36.12
N ALA N 207 28.30 42.15 -36.90
CA ALA N 207 27.96 40.82 -37.35
C ALA N 207 28.51 39.79 -36.38
N TYR N 208 27.64 38.90 -35.92
CA TYR N 208 28.01 37.85 -34.98
C TYR N 208 27.40 36.53 -35.44
N SER N 209 28.25 35.53 -35.61
CA SER N 209 27.81 34.24 -36.11
C SER N 209 27.39 33.34 -34.95
N LEU N 210 26.18 32.80 -35.04
CA LEU N 210 25.71 31.85 -34.04
C LEU N 210 26.33 30.48 -34.30
N GLY N 211 26.56 29.74 -33.22
CA GLY N 211 27.14 28.42 -33.35
C GLY N 211 26.11 27.31 -33.29
N ALA N 212 25.19 27.40 -32.33
CA ALA N 212 24.17 26.39 -32.13
C ALA N 212 22.86 26.84 -32.74
N ASP N 213 22.16 25.92 -33.39
CA ASP N 213 20.88 26.22 -34.01
C ASP N 213 19.82 26.43 -32.94
N LEU N 214 19.20 27.62 -32.93
CA LEU N 214 18.24 27.96 -31.90
C LEU N 214 16.85 27.41 -32.16
N THR N 215 16.67 26.61 -33.21
CA THR N 215 15.38 25.98 -33.48
C THR N 215 15.30 24.56 -32.92
N THR N 216 16.43 23.92 -32.65
CA THR N 216 16.46 22.54 -32.17
C THR N 216 17.17 22.39 -30.84
N ALA N 217 17.74 23.46 -30.30
CA ALA N 217 18.53 23.36 -29.09
C ALA N 217 17.64 23.24 -27.87
N THR N 218 18.25 22.87 -26.74
CA THR N 218 17.54 22.68 -25.49
C THR N 218 17.37 24.00 -24.78
N GLU N 219 16.98 23.95 -23.51
CA GLU N 219 16.80 25.16 -22.71
C GLU N 219 18.09 25.67 -22.10
N ALA N 220 19.16 24.87 -22.09
CA ALA N 220 20.44 25.32 -21.57
C ALA N 220 21.31 25.98 -22.62
N GLN N 221 21.25 25.50 -23.86
CA GLN N 221 22.06 26.08 -24.92
C GLN N 221 21.49 27.40 -25.43
N VAL N 222 20.25 27.74 -25.06
CA VAL N 222 19.68 29.01 -25.48
C VAL N 222 20.28 30.15 -24.69
N VAL N 223 20.26 30.06 -23.37
CA VAL N 223 20.80 31.13 -22.53
C VAL N 223 22.32 31.16 -22.60
N ALA N 224 22.95 30.03 -22.92
CA ALA N 224 24.39 30.02 -23.11
C ALA N 224 24.81 30.66 -24.42
N GLU N 225 23.90 30.78 -25.39
CA GLU N 225 24.20 31.44 -26.64
C GLU N 225 23.35 32.68 -26.87
N LEU N 226 22.64 33.13 -25.85
CA LEU N 226 22.05 34.46 -25.88
C LEU N 226 22.89 35.48 -25.12
N LEU N 227 23.66 35.03 -24.14
CA LEU N 227 24.61 35.91 -23.47
C LEU N 227 25.84 36.16 -24.33
N ALA N 228 26.22 35.21 -25.17
CA ALA N 228 27.32 35.44 -26.11
C ALA N 228 26.95 36.41 -27.21
N LEU N 229 25.66 36.66 -27.42
CA LEU N 229 25.21 37.72 -28.31
C LEU N 229 25.15 39.06 -27.60
N LEU N 230 24.71 39.09 -26.34
CA LEU N 230 24.61 40.34 -25.61
C LEU N 230 25.98 40.89 -25.23
N ASP N 231 27.00 40.05 -25.16
CA ASP N 231 28.34 40.50 -24.82
C ASP N 231 29.11 41.02 -26.01
N VAL N 232 28.46 41.23 -27.16
CA VAL N 232 29.02 42.06 -28.22
C VAL N 232 28.42 43.45 -28.14
N LEU N 233 27.79 43.78 -27.02
CA LEU N 233 27.32 45.12 -26.73
C LEU N 233 27.76 45.63 -25.37
N ARG N 234 28.06 44.74 -24.42
CA ARG N 234 28.52 45.16 -23.11
C ARG N 234 30.04 45.08 -22.97
N ILE N 235 30.70 44.24 -23.76
CA ILE N 235 32.13 44.00 -23.55
C ILE N 235 32.95 44.59 -24.68
N THR N 236 32.76 44.10 -25.91
CA THR N 236 33.61 44.52 -27.00
C THR N 236 33.09 45.76 -27.72
N ASN N 237 32.02 46.36 -27.23
CA ASN N 237 31.51 47.59 -27.83
C ASN N 237 31.07 48.61 -26.79
N LYS N 238 31.16 48.29 -25.50
CA LYS N 238 31.08 49.23 -24.37
C LYS N 238 29.73 49.93 -24.24
N LYS N 239 28.69 49.47 -24.93
CA LYS N 239 27.41 50.16 -24.87
C LYS N 239 26.65 49.73 -23.63
N SER N 240 25.74 50.58 -23.18
CA SER N 240 24.94 50.33 -21.99
C SER N 240 23.48 50.69 -22.27
N GLY N 241 22.67 50.62 -21.22
CA GLY N 241 21.27 50.96 -21.33
C GLY N 241 20.42 49.78 -21.71
N PRO N 242 19.10 49.93 -21.60
CA PRO N 242 18.20 48.80 -21.86
C PRO N 242 18.14 48.45 -23.34
N PHE N 243 18.16 47.16 -23.63
CA PHE N 243 18.20 46.67 -25.00
C PHE N 243 16.80 46.21 -25.42
N GLU N 244 16.70 45.60 -26.59
CA GLU N 244 15.56 44.77 -26.96
C GLU N 244 16.00 43.76 -28.01
N LEU N 245 15.34 42.61 -28.01
CA LEU N 245 15.71 41.47 -28.84
C LEU N 245 14.57 41.13 -29.79
N TYR N 246 14.89 40.78 -31.03
CA TYR N 246 13.88 40.49 -32.04
C TYR N 246 14.14 39.12 -32.63
N ILE N 247 13.06 38.33 -32.73
CA ILE N 247 13.12 36.88 -32.88
C ILE N 247 12.50 36.49 -34.22
N SER N 248 13.17 35.61 -34.94
CA SER N 248 12.57 35.00 -36.13
C SER N 248 11.39 34.14 -35.72
N PRO N 249 10.29 34.16 -36.48
CA PRO N 249 9.08 33.42 -36.06
C PRO N 249 9.24 31.92 -36.05
N GLN N 250 10.25 31.37 -36.71
CA GLN N 250 10.57 29.96 -36.53
C GLN N 250 11.14 29.68 -35.14
N ILE N 251 11.64 30.70 -34.44
CA ILE N 251 12.27 30.49 -33.14
C ILE N 251 11.31 30.75 -31.99
N MET N 252 10.50 31.81 -32.07
CA MET N 252 9.49 32.10 -31.04
C MET N 252 8.45 30.99 -30.95
N SER N 253 8.18 30.30 -32.06
CA SER N 253 7.35 29.11 -32.02
C SER N 253 8.08 27.94 -31.38
N ASN N 254 9.35 27.75 -31.72
CA ASN N 254 10.14 26.68 -31.11
C ASN N 254 10.55 26.98 -29.68
N TRP N 255 10.31 28.20 -29.19
CA TRP N 255 10.45 28.51 -27.77
C TRP N 255 9.15 28.28 -27.01
N GLN N 256 8.30 27.37 -27.49
CA GLN N 256 7.20 26.82 -26.72
C GLN N 256 7.39 25.33 -26.46
N LYS N 257 8.60 24.83 -26.65
CA LYS N 257 8.93 23.45 -26.32
C LYS N 257 9.01 23.28 -24.81
N LEU N 258 9.24 22.04 -24.38
CA LEU N 258 9.33 21.74 -22.97
C LEU N 258 10.72 22.09 -22.45
N ALA N 259 10.77 22.79 -21.32
CA ALA N 259 12.05 23.11 -20.69
C ALA N 259 12.40 21.99 -19.73
N GLY N 260 13.49 21.28 -20.01
CA GLY N 260 13.88 20.14 -19.20
C GLY N 260 14.68 20.49 -17.94
N ALA N 261 14.28 21.55 -17.27
CA ALA N 261 14.89 21.93 -16.00
C ALA N 261 13.86 22.17 -14.91
N ASN N 262 12.71 22.73 -15.24
CA ASN N 262 11.69 23.00 -14.24
C ASN N 262 10.83 21.77 -14.02
N THR N 263 10.50 21.50 -12.75
CA THR N 263 9.68 20.36 -12.38
C THR N 263 8.54 20.77 -11.45
N ASN N 264 8.21 22.06 -11.38
CA ASN N 264 7.10 22.54 -10.55
C ASN N 264 5.85 22.75 -11.37
N GLY N 265 5.66 21.89 -12.36
CA GLY N 265 4.57 22.08 -13.31
C GLY N 265 5.10 21.97 -14.72
N PHE N 266 4.75 22.89 -15.58
CA PHE N 266 5.25 22.90 -16.95
C PHE N 266 5.55 24.33 -17.36
N MET N 267 6.79 24.58 -17.73
CA MET N 267 7.21 25.88 -18.24
C MET N 267 8.00 25.69 -19.52
N ASN N 268 7.90 26.67 -20.40
CA ASN N 268 8.58 26.66 -21.69
C ASN N 268 9.78 27.58 -21.66
N ILE N 269 10.58 27.53 -22.74
CA ILE N 269 11.80 28.30 -22.83
C ILE N 269 11.52 29.80 -22.90
N MET N 270 10.34 30.19 -23.38
CA MET N 270 9.93 31.59 -23.40
C MET N 270 9.82 32.20 -22.02
N ALA N 271 9.60 31.39 -20.99
CA ALA N 271 9.57 31.90 -19.63
C ALA N 271 10.94 31.93 -18.98
N ALA N 272 11.90 31.17 -19.49
CA ALA N 272 13.24 31.20 -18.91
C ALA N 272 13.99 32.47 -19.28
N VAL N 273 13.88 32.89 -20.54
CA VAL N 273 14.59 34.08 -21.01
C VAL N 273 13.97 35.33 -20.41
N ARG N 274 12.67 35.32 -20.11
CA ARG N 274 12.09 36.42 -19.38
C ARG N 274 12.33 36.34 -17.87
N ALA N 275 13.12 35.39 -17.42
CA ALA N 275 13.49 35.30 -16.01
C ALA N 275 14.99 35.27 -15.78
N LEU N 276 15.74 34.57 -16.62
CA LEU N 276 17.19 34.50 -16.44
C LEU N 276 17.90 35.77 -16.91
N ILE N 277 17.42 36.40 -17.97
CA ILE N 277 18.05 37.61 -18.50
C ILE N 277 17.05 38.76 -18.43
N PRO N 278 17.01 39.52 -17.34
CA PRO N 278 16.17 40.73 -17.28
C PRO N 278 16.87 41.97 -17.84
N GLU N 279 17.49 41.81 -19.00
CA GLU N 279 18.10 42.93 -19.73
C GLU N 279 17.45 43.11 -21.09
N PHE N 280 16.32 42.45 -21.32
CA PHE N 280 15.53 42.58 -22.54
C PHE N 280 14.18 43.12 -22.12
N SER N 281 13.93 44.40 -22.39
CA SER N 281 12.63 44.96 -22.05
C SER N 281 11.55 44.49 -23.03
N VAL N 282 11.93 44.22 -24.28
CA VAL N 282 10.99 43.81 -25.33
C VAL N 282 11.63 42.68 -26.11
N VAL N 283 10.96 41.52 -26.16
CA VAL N 283 11.49 40.34 -26.83
C VAL N 283 10.56 39.89 -27.95
N GLU N 284 9.93 40.84 -28.64
CA GLU N 284 8.93 40.52 -29.66
C GLU N 284 9.60 39.92 -30.91
N ALA N 285 8.77 39.61 -31.91
CA ALA N 285 9.21 38.92 -33.11
C ALA N 285 9.02 39.81 -34.33
N ASP N 286 9.62 39.39 -35.45
CA ASP N 286 9.51 40.11 -36.71
C ASP N 286 9.59 39.14 -37.86
N SER N 287 8.60 39.22 -38.77
CA SER N 287 8.49 38.31 -39.89
C SER N 287 9.59 38.48 -40.93
N ALA N 288 10.34 39.58 -40.89
CA ALA N 288 11.42 39.80 -41.84
C ALA N 288 12.58 38.83 -41.64
N LEU N 289 12.76 38.33 -40.42
CA LEU N 289 13.72 37.29 -40.14
C LEU N 289 13.10 35.94 -40.44
N GLN N 290 13.93 35.02 -40.94
CA GLN N 290 13.46 33.75 -41.49
C GLN N 290 14.37 32.64 -41.01
N GLY N 291 13.97 31.89 -39.99
CA GLY N 291 14.84 30.78 -39.72
C GLY N 291 15.66 30.96 -38.46
N ASN N 292 16.98 30.75 -38.57
CA ASN N 292 17.89 30.86 -37.44
C ASN N 292 18.60 32.21 -37.52
N GLN N 293 17.90 33.28 -37.14
CA GLN N 293 18.50 34.60 -37.11
C GLN N 293 17.77 35.48 -36.12
N VAL N 294 18.54 36.25 -35.33
CA VAL N 294 18.01 37.16 -34.34
C VAL N 294 18.70 38.51 -34.48
N LEU N 295 18.24 39.48 -33.70
CA LEU N 295 18.82 40.82 -33.72
C LEU N 295 18.60 41.48 -32.37
N CYS N 296 19.67 41.99 -31.77
CA CYS N 296 19.62 42.70 -30.50
C CYS N 296 20.30 44.05 -30.66
N SER N 297 19.65 45.10 -30.16
CA SER N 297 20.16 46.46 -30.34
C SER N 297 19.50 47.38 -29.33
N VAL N 298 19.89 48.65 -29.38
CA VAL N 298 19.28 49.71 -28.60
C VAL N 298 18.38 50.51 -29.52
N VAL N 299 17.25 50.96 -29.00
CA VAL N 299 16.40 51.90 -29.72
C VAL N 299 16.39 53.22 -28.96
N GLY N 300 16.01 54.28 -29.65
CA GLY N 300 16.09 55.62 -29.12
C GLY N 300 17.08 56.45 -29.90
N THR N 301 17.30 57.67 -29.40
CA THR N 301 18.16 58.62 -30.10
C THR N 301 19.63 58.26 -29.99
N ARG N 302 20.00 57.41 -29.05
CA ARG N 302 21.38 56.99 -28.85
C ARG N 302 21.72 55.71 -29.60
N GLY N 303 20.75 55.11 -30.28
CA GLY N 303 20.97 53.86 -30.96
C GLY N 303 20.33 53.82 -32.34
N LEU N 304 19.54 52.79 -32.60
CA LEU N 304 18.80 52.71 -33.85
C LEU N 304 17.65 53.71 -33.83
N HIS N 305 17.65 54.63 -34.79
CA HIS N 305 16.67 55.70 -34.79
C HIS N 305 16.25 56.00 -36.23
N ALA N 306 15.15 56.73 -36.36
CA ALA N 306 14.60 57.07 -37.67
C ALA N 306 14.24 58.55 -37.68
N LYS N 307 14.33 59.15 -38.87
CA LYS N 307 13.98 60.55 -39.05
C LYS N 307 13.01 60.67 -40.21
N ILE N 308 11.84 61.25 -39.94
CA ILE N 308 10.76 61.33 -40.90
C ILE N 308 10.90 62.62 -41.69
N GLY N 309 11.00 62.50 -43.01
CA GLY N 309 11.00 63.67 -43.86
C GLY N 309 9.63 64.28 -43.99
N MET N 310 8.70 63.55 -44.59
CA MET N 310 7.32 63.97 -44.71
C MET N 310 6.42 62.85 -44.24
N MET N 311 5.46 63.17 -43.38
CA MET N 311 4.53 62.17 -42.87
C MET N 311 3.60 61.69 -43.98
N MET N 312 2.94 60.56 -43.73
CA MET N 312 2.16 59.89 -44.76
C MET N 312 0.90 60.68 -45.08
N SER N 313 0.82 61.22 -46.29
CA SER N 313 -0.31 62.00 -46.73
C SER N 313 -0.87 61.45 -48.03
N SER N 314 -2.10 61.83 -48.33
CA SER N 314 -2.80 61.32 -49.51
C SER N 314 -3.67 62.42 -50.10
N TYR N 315 -3.85 62.36 -51.42
CA TYR N 315 -4.64 63.35 -52.13
C TYR N 315 -5.20 62.69 -53.38
N GLN N 316 -6.10 63.41 -54.06
CA GLN N 316 -6.79 62.91 -55.24
C GLN N 316 -6.40 63.76 -56.44
N VAL N 317 -6.01 63.11 -57.52
CA VAL N 317 -5.77 63.79 -58.79
C VAL N 317 -7.11 64.30 -59.30
N PRO N 318 -7.26 65.60 -59.55
CA PRO N 318 -8.58 66.14 -59.90
C PRO N 318 -9.00 65.77 -61.31
N ARG N 319 -10.31 65.63 -61.48
CA ARG N 319 -10.90 65.21 -62.74
C ARG N 319 -11.30 66.43 -63.56
N VAL N 320 -10.86 66.47 -64.81
CA VAL N 320 -11.09 67.61 -65.67
C VAL N 320 -12.33 67.40 -66.53
N MET N 321 -12.31 66.37 -67.36
CA MET N 321 -13.41 66.08 -68.27
C MET N 321 -14.48 65.28 -67.53
N HIS N 322 -15.43 64.71 -68.27
CA HIS N 322 -16.46 63.88 -67.67
C HIS N 322 -16.08 62.42 -67.59
N ASN N 323 -15.08 61.98 -68.35
CA ASN N 323 -14.65 60.59 -68.35
C ASN N 323 -13.21 60.46 -67.88
N ASP N 324 -12.78 61.32 -66.97
CA ASP N 324 -11.47 61.16 -66.37
C ASP N 324 -11.52 60.08 -65.31
N PRO N 325 -10.60 59.12 -65.34
CA PRO N 325 -10.61 58.05 -64.34
C PRO N 325 -10.24 58.56 -62.97
N TYR N 326 -10.75 57.88 -61.95
CA TYR N 326 -10.48 58.24 -60.57
C TYR N 326 -9.09 57.74 -60.20
N GLN N 327 -8.31 58.60 -59.55
CA GLN N 327 -6.94 58.27 -59.17
C GLN N 327 -6.59 58.91 -57.84
N PHE N 328 -5.85 58.18 -57.02
CA PHE N 328 -5.42 58.67 -55.72
C PHE N 328 -3.96 58.30 -55.52
N VAL N 329 -3.23 59.11 -54.75
CA VAL N 329 -1.78 58.98 -54.59
C VAL N 329 -1.44 59.07 -53.11
N LYS N 330 -0.64 58.13 -52.62
CA LYS N 330 -0.08 58.17 -51.28
C LYS N 330 1.44 58.17 -51.35
N TRP N 331 2.08 59.00 -50.52
CA TRP N 331 3.53 59.15 -50.56
C TRP N 331 4.06 59.35 -49.14
N PHE N 332 5.36 59.11 -48.97
CA PHE N 332 5.98 58.99 -47.65
C PHE N 332 7.49 59.10 -47.80
N ALA N 333 8.15 59.63 -46.77
CA ALA N 333 9.60 59.85 -46.84
C ALA N 333 10.22 59.82 -45.46
N ALA N 334 11.17 58.90 -45.25
CA ALA N 334 11.89 58.77 -43.98
C ALA N 334 13.17 57.99 -44.21
N GLY N 335 14.04 57.98 -43.20
CA GLY N 335 15.34 57.35 -43.32
C GLY N 335 15.81 56.78 -41.99
N PHE N 336 16.77 55.86 -42.08
CA PHE N 336 17.24 55.10 -40.93
C PHE N 336 18.76 55.15 -40.80
N GLN N 337 19.24 55.08 -39.56
CA GLN N 337 20.68 55.01 -39.27
C GLN N 337 20.87 54.50 -37.86
N SER N 338 21.87 53.64 -37.67
CA SER N 338 22.34 53.23 -36.35
C SER N 338 23.56 54.05 -35.95
N ASN N 339 23.74 54.23 -34.64
CA ASN N 339 24.83 55.06 -34.16
C ASN N 339 26.16 54.33 -34.27
N ASN N 340 27.23 55.12 -34.24
CA ASN N 340 28.58 54.60 -34.44
C ASN N 340 29.54 55.59 -33.81
N SER N 341 30.47 55.10 -33.01
CA SER N 341 31.40 55.96 -32.31
C SER N 341 32.60 56.29 -33.20
N PHE N 342 33.58 57.00 -32.63
CA PHE N 342 34.79 57.35 -33.36
C PHE N 342 35.61 56.12 -33.68
N SER N 343 35.79 55.25 -32.70
CA SER N 343 36.65 54.08 -32.87
C SER N 343 35.99 52.99 -33.71
N GLY N 344 34.68 53.07 -33.91
CA GLY N 344 33.95 52.01 -34.55
C GLY N 344 33.23 51.10 -33.60
N LEU N 345 32.93 51.55 -32.39
CA LEU N 345 32.21 50.75 -31.41
C LEU N 345 30.72 50.86 -31.71
N LYS N 346 30.15 49.81 -32.28
CA LYS N 346 28.83 49.85 -32.88
C LYS N 346 27.76 49.76 -31.80
N SER N 347 26.50 49.68 -32.21
CA SER N 347 25.41 49.62 -31.25
C SER N 347 24.31 48.62 -31.60
N THR N 348 24.41 47.93 -32.73
CA THR N 348 23.43 46.92 -33.11
C THR N 348 24.16 45.63 -33.46
N VAL N 349 23.60 44.50 -33.05
CA VAL N 349 24.15 43.20 -33.39
C VAL N 349 23.10 42.39 -34.13
N TYR N 350 23.47 41.85 -35.29
CA TYR N 350 22.59 40.99 -36.08
C TYR N 350 23.10 39.56 -35.99
N GLY N 351 22.29 38.69 -35.41
CA GLY N 351 22.70 37.32 -35.18
C GLY N 351 22.53 36.43 -36.39
N SER N 352 23.65 36.04 -36.99
CA SER N 352 23.74 35.14 -38.15
C SER N 352 22.93 35.62 -39.35
#